data_3B63
#
_entry.id   3B63
#
_cell.length_a   1.000
_cell.length_b   1.000
_cell.length_c   1.000
_cell.angle_alpha   90.00
_cell.angle_beta   90.00
_cell.angle_gamma   90.00
#
_symmetry.space_group_name_H-M   'P 1'
#
loop_
_entity.id
_entity.type
_entity.pdbx_description
1 polymer Actin
2 polymer Actin
3 polymer Actin
4 polymer Actin
5 polymer Actin
6 polymer Actin
7 polymer Actin
#
loop_
_entity_poly.entity_id
_entity_poly.type
_entity_poly.pdbx_seq_one_letter_code
_entity_poly.pdbx_strand_id
1 'polypeptide(L)'
;AALVIDNGSGMCKAGFAGDDAPRAVFPSIVGRPRHQGIMVGMGQKDSYVGDEAQSKRGILTLRYPIEHGIVTNWDDMEKI
WHHTFYNELRVAPEEHPVLLTEAPMNPKSNREKMTQIMFETFNVPAFYVSIQAVLSLYSSGRTTGIVLDSGDGNTHVVPI
YAGFSLPHAILRIDLAGRDLTDYLMKILSERGYSFSTTAEREIVRDIKEKLCYVALDFEQEMQTAAQSSSIEKSYELPDG
QVITIGNERFRAPEALFHPSVLGLESAGIDQTTYNSIMKCDVDVRKELYGNIVMSGGTTMFPGIAERMQKEITALAPSSM
KVKIIAPPERKYSVWIGGSILASLTTFQQMWISKQEYDESGPSIV
;
A,G
2 'polypeptide(L)'
;TALVCDNGSGLVKAGFAGDDAPRAVFPSIVGRPRHQGVMVGMGQKDSYVGDEAQSKRGILTLKYPIEGIITNWDDMEKIW
HHTFYNELRVAPEEHPTLLTEAPLNPKANREKMTQIMFETFNVPAMYVAIQAVLSLYASGRTTGIVLDSGDGVTHNVPIY
EGYALPHAIMRLDLAGRDLTDYLMKILTERGYSFVTTAEREIVRDIKEKLCYVALDFENEMATAASSSSLEKSYELPDGQ
VITIGNERFRCPETLFQPSFIGMESAGIHETTYNSIMKCDIDIRKDLYANNVMSGGTTMYPGIADRMQKEITALAPSTMK
IKIIAPPERKYSVWIGGSILASLSTFQQMWITKQEYDEAGPSIV
;
B
3 'polypeptide(L)'
;AALVIDNGSGMCKAGFAGDDAPRAVFPSIVGRPRHQGIMVGMGQKDSYVGDEAQSKRGILTLRYPIEHGIVTNWDDMEKI
WHHTFYNELRVAPEEHPVLLTEAPMNPKSNREKMTQIMFETFNVPAFYVSIQAVLSLYSSGRTTGIVLDSGDGVTHVVPI
YAGFSLPHAILRIDLAGRDLTDYLMKILSERGYSFSTTAEREIVRDIKEKLCYVALDFEQEMQTAAQSSSIEKSYELPDG
QVITIGNERFRAPEALFHPSVLGLESAGIDQTTYNSIMKCDVDVRKELYGNIVMSGGTTMFPGIAERMQKEITALAPSSM
KVKIIAPPERKYSVWIGGSILASLTTFQQMWISKQEYDESGPSIV
;
C,I
4 'polypeptide(L)'
;ALVCDNGSGLVKAGFAGDDAPRAVFPSIVGRPRHQGVMVGMGQKDSYVGDEAQSKRGILTLKYPIEGIITNWDDMEKIWH
HTFYNELRVAPEEHPTLLTEAPLNPKANREKMTQIMFETFNVPAMYVAIQAVLSLYASGRTTGIVLDSGDGVTHNVPIYE
GYALPHAIMRLDLAGRDLTDYLMKILTERGYSFVTTAEREIVRDIKEKLCYVALDFENEMATAASSSSLEKSYELPDGQV
ITIGNERFRCPETLFQPSFIGMESAGIHETTYNSIMKCDIDIRKDLYANNVMSGGTTMYPGIADRMQKEITALAPSTMKI
KIIAPPERKYSVWIGGSILASLSTFQQMWITKQEYDE
;
D
5 'polypeptide(L)'
;TALVCDNGSGLVKAGFAGDDAPRAVFPSIVGRPRHQGVMVGMGQKDSYVGDEAQSKRGILTLKYPIEHGIITNWDDMEKI
WHHTFYNELRVAPEEHPTLLTEAPLNPKANREKMTQIMFETFNVPAMYVAIQAVLSLYASGRTTGIVLDSGDGVTHNVPI
YEGYALPHAIMRLDLAGRDLTDYLMKILTERGYSFVTTAEREIVRDIKEKLCYVALDFENEMATAASSSSLEKSYELPDG
QVITIGNERFRCPETLFQPSFIGMESAGIHETTYNSIMKCDIDIRKDLYANNVMSGGTTMYPGIADRMQKEITALAPSTM
KIKIIAPPERKYSVWIGGSILASLSTFQQMWITKQEYDEAGPSIV
;
E,H,J,K,N
6 'polypeptide(L)'
;TTALVCDNGSGLVKAGFAGDDAPRAVFPSIVGRPRHQGVMVGMGQKDSYVGDEAQSKRGILTLKYPIEGIITNWDDMEKI
WHHTFYNELRVAPEEHPTLLTEAPLNPKANREKMTQIMFETFNVPAMYVAIQAVLSLYASGRTTGIVLDSGDGVTHNVPI
YEGYALPHAIMRLDLAGRDLTDYLMKILTERGYSFVTTAEREIVRDIKEKLCYVALDFENEMATAASSSSLEKSYELPDG
QVITIGNERFRCPETLFQPSFIGMESAGIHETTYNSIMKCDIDIRKDLYANNVMSGGTTMYPGIADRMQKEITALAPSTM
KIKIIAPPERKYSVWIGGSILASLSTFQQMWITKQEY
;
F
7 'polypeptide(L)'
;AALVVDNGSGMCKAGFAGDDAPRAVFPSIVGRPRHQGVMVGMGQKDSYVGDEAQSKRGILTLKYPIEHGIVTNWDDMEKI
WHHTFYNELRVAPEEHPVLLTEAPLNPKANREKMTQIMFETFNTPAMYVAIQAVLSLYASGRTTGIVMDSGDGVTHTVPI
YEGYALPHAILRLDLAGRDLTDYLMKILTERGYSFTTTAEREIVRDIKEKLCYVALDFEQEMATAASSSSLEKSYELPDG
QVITIGNERFRCPEALFQPSFLGMESCGIHETTFNSIMKCDVDIRKDLYANTVLSGGTTMYPGIADRMQKEITALAPSTM
KIKIIAPPERKYSVWIGGSILASLSTFQQMWISKQEYDESGPSIV
;
L,M
#
# COMPACT_ATOMS: atom_id res chain seq x y z
N ALA A 1 22.65 183.91 -20.42
CA ALA A 1 21.24 183.97 -20.06
C ALA A 1 21.14 183.81 -18.55
N ALA A 2 19.98 184.15 -18.02
CA ALA A 2 19.66 184.08 -16.60
C ALA A 2 18.68 182.94 -16.35
N LEU A 3 18.27 182.70 -15.10
CA LEU A 3 17.32 181.66 -14.76
C LEU A 3 16.16 182.24 -13.97
N VAL A 4 15.01 181.57 -14.02
CA VAL A 4 13.80 181.99 -13.32
C VAL A 4 13.23 180.70 -12.73
N ILE A 5 12.88 180.68 -11.43
CA ILE A 5 12.30 179.53 -10.73
C ILE A 5 11.14 179.87 -9.73
N ASP A 6 9.90 180.01 -10.25
CA ASP A 6 8.68 180.14 -9.45
C ASP A 6 8.41 178.90 -8.61
N ASN A 7 8.89 179.01 -7.36
CA ASN A 7 8.79 177.94 -6.40
C ASN A 7 7.35 177.84 -5.90
N GLY A 8 6.52 177.15 -6.69
CA GLY A 8 5.14 176.94 -6.29
C GLY A 8 5.06 175.98 -5.12
N SER A 9 4.02 176.18 -4.29
CA SER A 9 3.81 175.41 -3.06
C SER A 9 3.44 173.93 -3.27
N GLY A 10 3.26 173.65 -4.55
CA GLY A 10 2.90 172.34 -5.06
C GLY A 10 3.63 172.16 -6.38
N MET A 11 3.61 173.14 -7.30
CA MET A 11 4.33 173.04 -8.55
C MET A 11 5.33 174.16 -8.77
N CYS A 12 6.63 173.83 -8.78
CA CYS A 12 7.69 174.79 -9.04
C CYS A 12 8.02 174.91 -10.53
N LYS A 13 8.29 176.12 -11.04
CA LYS A 13 8.49 176.33 -12.48
C LYS A 13 9.79 177.08 -12.68
N ALA A 14 10.59 176.57 -13.61
CA ALA A 14 11.94 177.03 -13.74
C ALA A 14 12.37 177.14 -15.19
N GLY A 15 13.46 177.83 -15.47
CA GLY A 15 14.00 177.87 -16.81
C GLY A 15 15.03 178.97 -16.86
N PHE A 16 15.34 179.32 -18.12
CA PHE A 16 16.21 180.44 -18.38
C PHE A 16 15.37 181.70 -18.51
N ALA A 17 15.99 182.87 -18.51
CA ALA A 17 15.28 184.11 -18.80
C ALA A 17 15.02 184.22 -20.29
N GLY A 18 13.94 184.86 -20.74
CA GLY A 18 13.77 185.10 -22.16
C GLY A 18 13.23 183.90 -22.93
N ASP A 19 13.02 182.74 -22.30
CA ASP A 19 12.15 181.72 -22.87
C ASP A 19 10.70 182.14 -22.60
N ASP A 20 9.84 181.81 -23.55
CA ASP A 20 8.40 181.97 -23.44
C ASP A 20 7.68 181.08 -22.44
N ALA A 21 8.11 179.83 -22.24
CA ALA A 21 7.38 178.87 -21.41
C ALA A 21 8.31 178.11 -20.45
N PRO A 22 7.92 177.68 -19.23
CA PRO A 22 8.82 177.06 -18.24
C PRO A 22 9.53 175.75 -18.58
N ARG A 23 10.86 175.78 -18.50
CA ARG A 23 11.69 174.64 -18.87
C ARG A 23 11.65 173.53 -17.85
N ALA A 24 11.65 173.81 -16.55
CA ALA A 24 11.52 172.73 -15.58
C ALA A 24 10.28 172.97 -14.74
N VAL A 25 9.27 172.11 -14.88
CA VAL A 25 8.03 172.20 -14.13
C VAL A 25 7.96 170.92 -13.33
N PHE A 26 7.82 171.02 -12.01
CA PHE A 26 7.84 169.86 -11.15
C PHE A 26 7.13 170.15 -9.85
N PRO A 27 6.62 169.15 -9.12
CA PRO A 27 6.14 169.33 -7.77
C PRO A 27 7.23 169.75 -6.78
N SER A 28 6.92 170.55 -5.76
CA SER A 28 7.92 170.86 -4.75
C SER A 28 7.82 169.88 -3.59
N ILE A 29 8.48 168.73 -3.76
CA ILE A 29 8.54 167.70 -2.75
C ILE A 29 10.00 167.29 -2.73
N VAL A 30 10.65 167.09 -1.59
CA VAL A 30 11.87 166.30 -1.55
C VAL A 30 11.53 165.12 -0.63
N GLY A 31 12.03 163.96 -1.05
CA GLY A 31 11.84 162.73 -0.32
C GLY A 31 13.16 162.25 0.24
N ARG A 32 13.13 161.80 1.48
CA ARG A 32 14.30 161.17 2.06
C ARG A 32 13.93 159.70 2.21
N PRO A 33 14.82 158.72 2.42
CA PRO A 33 14.42 157.33 2.67
C PRO A 33 13.89 157.06 4.06
N ARG A 34 13.18 155.93 4.21
CA ARG A 34 12.80 155.41 5.52
C ARG A 34 14.05 154.82 6.18
N HIS A 35 14.75 153.95 5.48
CA HIS A 35 16.15 153.68 5.74
C HIS A 35 16.74 153.44 4.36
N GLN A 36 17.70 154.26 3.95
CA GLN A 36 18.41 154.12 2.68
C GLN A 36 19.11 152.76 2.57
N GLY A 37 19.22 152.11 1.42
CA GLY A 37 20.07 150.94 1.28
C GLY A 37 21.41 151.38 0.72
N ILE A 38 22.07 150.54 -0.09
CA ILE A 38 23.27 150.95 -0.79
C ILE A 38 23.15 150.73 -2.30
N MET A 39 22.28 149.81 -2.69
CA MET A 39 22.29 149.29 -4.05
C MET A 39 21.19 149.90 -4.90
N VAL A 40 21.03 149.33 -6.10
CA VAL A 40 19.99 149.67 -7.05
C VAL A 40 18.60 149.49 -6.43
N GLY A 41 17.78 150.51 -6.70
CA GLY A 41 16.43 150.57 -6.19
C GLY A 41 16.44 151.06 -4.76
N MET A 42 16.98 150.27 -3.85
CA MET A 42 16.93 150.54 -2.41
C MET A 42 17.63 151.80 -1.89
N GLY A 43 17.04 152.98 -2.13
CA GLY A 43 17.38 154.20 -1.40
C GLY A 43 18.78 154.76 -1.60
N GLN A 44 19.56 154.29 -2.57
CA GLN A 44 20.87 154.86 -2.89
C GLN A 44 21.06 156.37 -2.82
N LYS A 45 20.08 157.20 -3.25
CA LYS A 45 20.19 158.65 -3.12
C LYS A 45 19.50 159.16 -1.87
N ASP A 46 20.27 159.81 -0.99
CA ASP A 46 19.76 160.47 0.20
C ASP A 46 18.53 161.35 0.08
N SER A 47 18.19 161.84 -1.10
CA SER A 47 17.15 162.83 -1.28
C SER A 47 16.69 162.77 -2.72
N TYR A 48 15.49 162.24 -2.96
CA TYR A 48 14.89 162.20 -4.29
C TYR A 48 13.93 163.37 -4.42
N VAL A 49 13.93 164.11 -5.54
CA VAL A 49 13.16 165.36 -5.62
C VAL A 49 12.18 165.47 -6.80
N GLY A 50 11.00 166.01 -6.49
CA GLY A 50 9.98 166.29 -7.50
C GLY A 50 9.38 165.01 -8.06
N ASP A 51 9.30 164.87 -9.36
CA ASP A 51 8.62 163.73 -10.00
C ASP A 51 9.20 162.37 -9.63
N GLU A 52 10.52 162.35 -9.51
CA GLU A 52 11.25 161.15 -9.11
C GLU A 52 10.81 160.67 -7.73
N ALA A 53 10.64 161.62 -6.81
CA ALA A 53 10.32 161.33 -5.43
C ALA A 53 8.93 160.71 -5.42
N GLN A 54 8.05 161.34 -6.21
CA GLN A 54 6.64 160.93 -6.33
C GLN A 54 6.49 159.45 -6.68
N SER A 55 7.10 159.02 -7.80
CA SER A 55 7.17 157.61 -8.16
C SER A 55 7.70 156.74 -7.03
N LYS A 56 8.63 157.25 -6.22
CA LYS A 56 9.29 156.45 -5.19
C LYS A 56 8.82 156.71 -3.76
N ARG A 57 7.65 157.33 -3.57
CA ARG A 57 7.18 157.62 -2.22
C ARG A 57 6.78 156.39 -1.42
N GLY A 58 6.81 155.20 -2.04
CA GLY A 58 6.79 153.94 -1.31
C GLY A 58 7.93 153.87 -0.30
N ILE A 59 9.17 153.78 -0.78
CA ILE A 59 10.32 153.64 0.10
C ILE A 59 10.83 154.94 0.72
N LEU A 60 10.21 156.08 0.37
CA LEU A 60 10.63 157.36 0.90
C LEU A 60 9.66 157.95 1.93
N THR A 61 9.96 159.13 2.47
CA THR A 61 8.99 159.98 3.16
C THR A 61 8.98 161.29 2.37
N LEU A 62 7.80 161.81 2.01
CA LEU A 62 7.72 163.06 1.28
C LEU A 62 7.26 164.19 2.19
N ARG A 63 7.66 165.43 1.96
CA ARG A 63 7.05 166.58 2.61
C ARG A 63 6.98 167.67 1.56
N TYR A 64 6.00 168.57 1.62
CA TYR A 64 5.81 169.53 0.55
C TYR A 64 6.25 170.78 1.27
N PRO A 65 7.54 171.19 1.21
CA PRO A 65 8.12 172.18 2.11
C PRO A 65 7.65 173.61 1.98
N ILE A 66 6.52 173.89 1.29
CA ILE A 66 6.15 175.26 0.95
C ILE A 66 4.65 175.33 1.18
N GLU A 67 4.33 176.31 2.02
CA GLU A 67 2.97 176.60 2.43
C GLU A 67 2.58 178.06 2.16
N HIS A 68 1.53 178.21 1.35
CA HIS A 68 0.95 179.51 1.00
C HIS A 68 1.96 180.51 0.41
N GLY A 69 2.82 179.90 -0.42
CA GLY A 69 3.95 180.57 -1.06
C GLY A 69 5.13 180.85 -0.13
N ILE A 70 5.19 180.16 1.03
CA ILE A 70 6.17 180.45 2.06
C ILE A 70 6.79 179.13 2.49
N VAL A 71 8.12 179.06 2.34
CA VAL A 71 8.85 177.83 2.60
C VAL A 71 9.03 177.56 4.10
N THR A 72 8.53 176.43 4.58
CA THR A 72 8.63 176.11 5.99
C THR A 72 9.93 175.43 6.38
N ASN A 73 10.49 174.69 5.41
CA ASN A 73 11.55 173.76 5.71
C ASN A 73 12.74 173.95 4.74
N TRP A 74 13.64 174.86 5.09
CA TRP A 74 14.72 175.28 4.18
C TRP A 74 15.79 174.26 3.77
N ASP A 75 15.80 173.11 4.46
CA ASP A 75 16.61 171.93 4.08
C ASP A 75 16.16 171.39 2.72
N ASP A 76 14.85 171.13 2.65
CA ASP A 76 14.20 170.63 1.45
C ASP A 76 14.27 171.65 0.33
N MET A 77 14.03 172.93 0.66
CA MET A 77 14.16 174.02 -0.30
C MET A 77 15.54 174.11 -0.95
N GLU A 78 16.63 174.18 -0.17
CA GLU A 78 17.99 174.15 -0.72
C GLU A 78 18.23 172.98 -1.67
N LYS A 79 17.68 171.84 -1.29
CA LYS A 79 17.80 170.62 -2.07
C LYS A 79 17.02 170.72 -3.37
N ILE A 80 15.88 171.44 -3.34
CA ILE A 80 15.04 171.65 -4.53
C ILE A 80 15.78 172.51 -5.54
N TRP A 81 16.46 173.56 -5.08
CA TRP A 81 17.22 174.38 -6.02
C TRP A 81 18.39 173.57 -6.59
N HIS A 82 19.10 172.85 -5.70
CA HIS A 82 20.13 171.91 -6.13
C HIS A 82 19.64 170.93 -7.19
N HIS A 83 18.37 170.54 -7.14
CA HIS A 83 17.76 169.66 -8.12
C HIS A 83 17.67 170.39 -9.45
N THR A 84 16.93 171.49 -9.52
CA THR A 84 16.65 172.18 -10.77
C THR A 84 17.88 172.59 -11.55
N PHE A 85 18.97 172.92 -10.87
CA PHE A 85 20.21 173.16 -11.58
C PHE A 85 20.66 171.85 -12.23
N TYR A 86 21.10 170.90 -11.41
CA TYR A 86 21.86 169.74 -11.85
C TYR A 86 21.08 168.62 -12.53
N ASN A 87 19.79 168.54 -12.22
CA ASN A 87 18.94 167.44 -12.63
C ASN A 87 17.92 167.89 -13.67
N GLU A 88 17.26 169.01 -13.40
CA GLU A 88 16.20 169.50 -14.27
C GLU A 88 16.70 170.33 -15.45
N LEU A 89 17.09 171.59 -15.20
CA LEU A 89 17.60 172.49 -16.22
C LEU A 89 18.99 172.14 -16.74
N ARG A 90 19.65 171.26 -15.98
CA ARG A 90 20.93 170.65 -16.32
C ARG A 90 22.01 171.69 -16.56
N VAL A 91 22.22 172.44 -15.47
CA VAL A 91 23.10 173.59 -15.42
C VAL A 91 23.81 173.69 -14.08
N ALA A 92 24.79 174.60 -14.08
CA ALA A 92 25.65 174.90 -12.95
C ALA A 92 25.38 176.32 -12.43
N PRO A 93 24.78 176.46 -11.24
CA PRO A 93 24.35 177.73 -10.66
C PRO A 93 25.30 178.92 -10.79
N GLU A 94 26.56 178.79 -10.39
CA GLU A 94 27.63 179.77 -10.59
C GLU A 94 27.83 180.35 -12.00
N GLU A 95 27.25 179.72 -13.02
CA GLU A 95 27.22 180.26 -14.37
C GLU A 95 26.11 181.31 -14.53
N HIS A 96 25.19 181.39 -13.56
CA HIS A 96 23.85 181.91 -13.78
C HIS A 96 23.30 183.03 -12.90
N PRO A 97 22.78 184.10 -13.49
CA PRO A 97 21.82 184.98 -12.84
C PRO A 97 20.56 184.17 -12.57
N VAL A 98 19.91 184.26 -11.41
CA VAL A 98 18.75 183.46 -11.08
C VAL A 98 17.73 184.46 -10.60
N LEU A 99 16.47 184.17 -10.90
CA LEU A 99 15.34 184.90 -10.36
C LEU A 99 14.46 183.81 -9.78
N LEU A 100 14.00 184.01 -8.55
CA LEU A 100 13.15 183.08 -7.85
C LEU A 100 11.96 183.91 -7.42
N THR A 101 10.90 183.30 -6.94
CA THR A 101 9.78 184.07 -6.42
C THR A 101 9.66 184.05 -4.93
N GLU A 102 8.88 185.02 -4.47
CA GLU A 102 8.24 184.96 -3.17
C GLU A 102 6.81 185.44 -3.31
N ALA A 103 5.96 184.89 -2.43
CA ALA A 103 4.52 185.13 -2.51
C ALA A 103 4.23 186.59 -2.18
N PRO A 104 3.15 187.27 -2.58
CA PRO A 104 2.81 188.61 -2.09
C PRO A 104 2.85 188.68 -0.56
N MET A 105 3.55 189.70 -0.04
CA MET A 105 3.78 189.86 1.39
C MET A 105 4.46 188.67 2.06
N ASN A 106 5.40 188.03 1.37
CA ASN A 106 6.27 187.08 2.05
C ASN A 106 7.23 187.79 3.00
N PRO A 107 7.41 187.25 4.22
CA PRO A 107 8.33 187.77 5.23
C PRO A 107 9.82 187.77 4.91
N LYS A 108 10.45 188.83 5.41
CA LYS A 108 11.83 189.11 5.06
C LYS A 108 12.85 188.18 5.71
N SER A 109 12.57 187.51 6.83
CA SER A 109 13.49 186.51 7.36
C SER A 109 13.57 185.31 6.42
N ASN A 110 12.39 184.84 6.02
CA ASN A 110 12.25 183.87 4.95
C ASN A 110 12.93 184.31 3.66
N ARG A 111 12.74 185.57 3.26
CA ARG A 111 13.38 186.13 2.06
C ARG A 111 14.89 186.00 2.22
N GLU A 112 15.40 186.63 3.26
CA GLU A 112 16.82 186.69 3.58
C GLU A 112 17.42 185.29 3.72
N LYS A 113 16.63 184.31 4.16
CA LYS A 113 17.12 182.96 4.23
C LYS A 113 17.52 182.50 2.83
N MET A 114 16.58 182.69 1.90
CA MET A 114 16.72 182.31 0.51
C MET A 114 17.87 183.10 -0.14
N THR A 115 17.91 184.40 0.19
CA THR A 115 18.84 185.35 -0.39
C THR A 115 20.29 184.92 -0.17
N GLN A 116 20.54 184.43 1.05
CA GLN A 116 21.80 183.80 1.43
C GLN A 116 22.09 182.48 0.71
N ILE A 117 21.16 181.52 0.74
CA ILE A 117 21.44 180.14 0.32
C ILE A 117 21.85 180.01 -1.14
N MET A 118 21.35 180.94 -1.97
CA MET A 118 21.91 181.19 -3.28
C MET A 118 23.38 181.56 -3.18
N PHE A 119 23.73 182.67 -2.55
CA PHE A 119 25.06 183.20 -2.71
C PHE A 119 26.16 182.54 -1.87
N GLU A 120 25.80 181.61 -1.00
CA GLU A 120 26.79 180.88 -0.23
C GLU A 120 26.95 179.41 -0.60
N THR A 121 25.86 178.69 -0.90
CA THR A 121 25.94 177.35 -1.46
C THR A 121 26.05 177.42 -2.99
N PHE A 122 25.06 178.05 -3.63
CA PHE A 122 24.94 177.99 -5.09
C PHE A 122 25.78 178.99 -5.88
N ASN A 123 26.29 179.97 -5.13
CA ASN A 123 27.26 180.97 -5.60
C ASN A 123 26.99 181.59 -6.97
N VAL A 124 25.70 181.75 -7.27
CA VAL A 124 25.21 182.26 -8.53
C VAL A 124 25.75 183.67 -8.75
N PRO A 125 26.21 184.13 -9.93
CA PRO A 125 26.68 185.49 -10.13
C PRO A 125 25.59 186.51 -9.92
N ALA A 126 24.32 186.25 -10.25
CA ALA A 126 23.26 187.18 -9.89
C ALA A 126 22.02 186.46 -9.44
N PHE A 127 21.26 187.19 -8.61
CA PHE A 127 20.02 186.67 -8.08
C PHE A 127 18.98 187.77 -7.91
N TYR A 128 17.71 187.41 -8.07
CA TYR A 128 16.62 188.26 -7.59
C TYR A 128 15.45 187.39 -7.16
N VAL A 129 14.71 187.94 -6.19
CA VAL A 129 13.53 187.30 -5.63
C VAL A 129 12.36 188.20 -6.02
N SER A 130 11.26 187.69 -6.58
CA SER A 130 10.13 188.56 -6.92
C SER A 130 8.73 188.16 -6.50
N ILE A 131 8.00 189.20 -6.08
CA ILE A 131 6.60 189.13 -5.64
C ILE A 131 5.67 188.67 -6.76
N GLN A 132 5.28 187.39 -6.61
CA GLN A 132 4.45 186.65 -7.57
C GLN A 132 3.42 187.45 -8.39
N ALA A 133 2.52 188.14 -7.68
CA ALA A 133 1.47 188.95 -8.29
C ALA A 133 1.94 190.11 -9.17
N VAL A 134 3.03 190.79 -8.81
CA VAL A 134 3.53 191.92 -9.59
C VAL A 134 4.16 191.39 -10.87
N LEU A 135 4.81 190.23 -10.75
CA LEU A 135 5.35 189.52 -11.90
C LEU A 135 4.26 189.07 -12.86
N SER A 136 3.11 188.64 -12.36
CA SER A 136 1.96 188.37 -13.21
C SER A 136 1.49 189.58 -14.00
N LEU A 137 1.54 190.73 -13.34
CA LEU A 137 1.03 191.94 -13.97
C LEU A 137 1.97 192.38 -15.08
N TYR A 138 3.27 192.21 -14.83
CA TYR A 138 4.29 192.41 -15.86
C TYR A 138 3.99 191.54 -17.06
N SER A 139 3.89 190.22 -16.89
CA SER A 139 3.46 189.34 -17.96
C SER A 139 2.05 189.61 -18.50
N SER A 140 1.21 190.47 -17.88
CA SER A 140 -0.09 190.83 -18.46
C SER A 140 0.07 191.96 -19.47
N GLY A 141 1.08 192.82 -19.28
CA GLY A 141 1.19 194.06 -20.02
C GLY A 141 0.51 195.25 -19.33
N ARG A 142 0.69 195.38 -18.01
CA ARG A 142 0.19 196.52 -17.26
C ARG A 142 1.19 197.11 -16.29
N THR A 143 1.04 198.39 -15.99
CA THR A 143 1.72 198.97 -14.84
C THR A 143 0.93 198.68 -13.57
N THR A 144 -0.40 198.71 -13.73
CA THR A 144 -1.37 198.85 -12.67
C THR A 144 -2.41 197.75 -12.86
N GLY A 145 -2.98 197.20 -11.79
CA GLY A 145 -3.87 196.07 -11.90
C GLY A 145 -4.00 195.27 -10.61
N ILE A 146 -5.24 194.95 -10.26
CA ILE A 146 -5.54 194.11 -9.13
C ILE A 146 -5.57 192.63 -9.48
N VAL A 147 -4.47 192.06 -9.00
CA VAL A 147 -4.15 190.66 -9.20
C VAL A 147 -4.72 189.71 -8.15
N LEU A 148 -5.39 188.64 -8.58
CA LEU A 148 -5.70 187.51 -7.72
C LEU A 148 -4.85 186.33 -8.17
N ASP A 149 -3.78 186.13 -7.40
CA ASP A 149 -2.88 185.01 -7.61
C ASP A 149 -3.45 183.84 -6.83
N SER A 150 -4.10 182.87 -7.48
CA SER A 150 -4.73 181.80 -6.74
C SER A 150 -4.24 180.45 -7.24
N GLY A 151 -3.51 179.70 -6.43
CA GLY A 151 -2.86 178.50 -6.89
C GLY A 151 -3.14 177.31 -5.99
N ASP A 152 -2.14 176.44 -5.92
CA ASP A 152 -2.24 175.19 -5.18
C ASP A 152 -2.41 175.44 -3.67
N GLY A 153 -1.68 176.43 -3.16
CA GLY A 153 -1.63 176.71 -1.73
C GLY A 153 -2.25 178.03 -1.32
N ASN A 154 -1.91 179.10 -2.05
CA ASN A 154 -2.36 180.45 -1.74
C ASN A 154 -3.14 181.13 -2.84
N THR A 155 -4.12 181.86 -2.31
CA THR A 155 -5.00 182.76 -3.03
C THR A 155 -4.76 184.18 -2.47
N HIS A 156 -4.12 185.08 -3.24
CA HIS A 156 -3.72 186.43 -2.81
C HIS A 156 -4.19 187.52 -3.79
N VAL A 157 -4.83 188.58 -3.31
CA VAL A 157 -5.38 189.67 -4.10
C VAL A 157 -4.50 190.90 -3.82
N VAL A 158 -3.99 191.56 -4.87
CA VAL A 158 -3.00 192.63 -4.77
C VAL A 158 -3.40 193.77 -5.71
N PRO A 159 -3.69 194.99 -5.24
CA PRO A 159 -3.87 196.17 -6.09
C PRO A 159 -2.54 196.79 -6.52
N ILE A 160 -2.10 196.54 -7.73
CA ILE A 160 -0.91 197.21 -8.20
C ILE A 160 -1.26 198.55 -8.82
N TYR A 161 -0.44 199.56 -8.49
CA TYR A 161 -0.50 200.88 -9.07
C TYR A 161 0.89 201.31 -9.49
N ALA A 162 1.02 201.71 -10.75
CA ALA A 162 2.26 202.16 -11.38
C ALA A 162 3.50 201.27 -11.27
N GLY A 163 3.33 199.96 -11.13
CA GLY A 163 4.44 199.06 -10.82
C GLY A 163 4.70 198.88 -9.33
N PHE A 164 3.69 199.19 -8.51
CA PHE A 164 3.78 198.98 -7.08
C PHE A 164 2.57 198.19 -6.60
N SER A 165 2.82 196.98 -6.11
CA SER A 165 1.89 196.28 -5.26
C SER A 165 1.53 197.09 -4.02
N LEU A 166 0.29 197.55 -3.84
CA LEU A 166 -0.11 198.19 -2.59
C LEU A 166 -0.24 197.20 -1.42
N PRO A 167 0.78 197.11 -0.54
CA PRO A 167 0.90 196.05 0.46
C PRO A 167 -0.18 196.03 1.53
N HIS A 168 -0.70 197.22 1.83
CA HIS A 168 -1.76 197.39 2.82
C HIS A 168 -3.08 196.79 2.35
N ALA A 169 -3.23 196.55 1.05
CA ALA A 169 -4.50 196.08 0.53
C ALA A 169 -4.49 194.62 0.12
N ILE A 170 -3.28 194.02 0.09
CA ILE A 170 -3.11 192.64 -0.34
C ILE A 170 -3.95 191.73 0.54
N LEU A 171 -5.04 191.22 0.00
CA LEU A 171 -5.99 190.44 0.77
C LEU A 171 -5.92 188.98 0.43
N ARG A 172 -6.29 188.16 1.40
CA ARG A 172 -5.81 186.79 1.49
C ARG A 172 -6.99 185.95 1.92
N ILE A 173 -7.14 184.81 1.26
CA ILE A 173 -8.12 183.80 1.61
C ILE A 173 -7.35 182.50 1.66
N ASP A 174 -7.55 181.73 2.74
CA ASP A 174 -6.83 180.47 2.91
C ASP A 174 -7.71 179.24 2.70
N LEU A 175 -8.15 179.18 1.45
CA LEU A 175 -8.49 177.93 0.80
C LEU A 175 -8.01 178.11 -0.62
N ALA A 176 -7.50 177.09 -1.29
CA ALA A 176 -6.92 177.20 -2.61
C ALA A 176 -6.85 175.78 -3.19
N GLY A 177 -6.03 175.50 -4.20
CA GLY A 177 -6.08 174.28 -4.99
C GLY A 177 -6.11 172.97 -4.22
N ARG A 178 -5.29 172.79 -3.19
CA ARG A 178 -5.42 171.57 -2.40
C ARG A 178 -6.66 171.55 -1.53
N ASP A 179 -7.04 172.67 -0.91
CA ASP A 179 -8.20 172.69 -0.01
C ASP A 179 -9.48 172.36 -0.79
N LEU A 180 -9.47 172.86 -2.03
CA LEU A 180 -10.47 172.42 -3.00
C LEU A 180 -10.50 170.91 -3.26
N THR A 181 -9.38 170.20 -3.44
CA THR A 181 -9.37 168.79 -3.81
C THR A 181 -9.96 167.94 -2.70
N ASP A 182 -9.42 168.18 -1.51
CA ASP A 182 -9.69 167.37 -0.35
C ASP A 182 -11.16 167.51 0.10
N TYR A 183 -11.74 168.69 -0.20
CA TYR A 183 -13.20 168.83 -0.21
C TYR A 183 -13.89 167.95 -1.25
N LEU A 184 -13.39 167.95 -2.50
CA LEU A 184 -13.90 167.09 -3.56
C LEU A 184 -13.72 165.59 -3.26
N MET A 185 -12.71 165.18 -2.50
CA MET A 185 -12.51 163.79 -2.11
C MET A 185 -13.62 163.32 -1.17
N LYS A 186 -14.07 164.21 -0.29
CA LYS A 186 -15.21 163.91 0.57
C LYS A 186 -16.47 163.89 -0.29
N ILE A 187 -16.70 164.95 -1.07
CA ILE A 187 -17.89 164.99 -1.91
C ILE A 187 -17.87 163.91 -2.99
N LEU A 188 -16.74 163.29 -3.35
CA LEU A 188 -16.79 162.08 -4.14
C LEU A 188 -17.18 160.85 -3.33
N SER A 189 -16.73 160.78 -2.07
CA SER A 189 -17.13 159.69 -1.19
C SER A 189 -18.56 159.83 -0.66
N GLU A 190 -19.16 161.01 -0.85
CA GLU A 190 -20.54 161.32 -0.49
C GLU A 190 -21.53 160.78 -1.53
N ARG A 191 -21.06 160.72 -2.78
CA ARG A 191 -21.75 160.13 -3.90
C ARG A 191 -21.47 158.64 -3.83
N GLY A 192 -20.19 158.22 -3.76
CA GLY A 192 -19.88 156.86 -3.37
C GLY A 192 -18.54 156.36 -3.90
N TYR A 193 -17.47 157.14 -3.78
CA TYR A 193 -16.17 156.64 -4.18
C TYR A 193 -15.29 156.31 -3.00
N SER A 194 -14.19 155.58 -3.15
CA SER A 194 -13.40 155.27 -1.97
C SER A 194 -11.94 155.67 -2.12
N PHE A 195 -11.85 156.91 -2.63
CA PHE A 195 -10.58 157.52 -2.94
C PHE A 195 -10.00 158.01 -1.63
N SER A 196 -9.04 157.22 -1.19
CA SER A 196 -8.31 157.55 0.02
C SER A 196 -6.80 157.48 -0.05
N THR A 197 -6.12 156.67 -0.89
CA THR A 197 -4.66 156.81 -0.97
C THR A 197 -4.27 158.12 -1.66
N THR A 198 -2.99 158.50 -1.58
CA THR A 198 -2.53 159.76 -2.16
C THR A 198 -2.79 159.80 -3.68
N ALA A 199 -2.61 158.65 -4.33
CA ALA A 199 -2.89 158.52 -5.77
C ALA A 199 -4.36 158.26 -6.11
N GLU A 200 -5.12 157.68 -5.19
CA GLU A 200 -6.57 157.77 -5.29
C GLU A 200 -7.02 159.23 -5.15
N ARG A 201 -6.27 160.05 -4.41
CA ARG A 201 -6.47 161.48 -4.37
C ARG A 201 -5.85 162.18 -5.59
N GLU A 202 -4.81 161.70 -6.27
CA GLU A 202 -4.40 162.20 -7.59
C GLU A 202 -5.50 162.12 -8.62
N ILE A 203 -6.27 161.03 -8.56
CA ILE A 203 -7.51 160.93 -9.31
C ILE A 203 -8.40 162.14 -9.00
N VAL A 204 -8.71 162.35 -7.71
CA VAL A 204 -9.57 163.44 -7.27
C VAL A 204 -9.02 164.77 -7.76
N ARG A 205 -7.69 164.90 -7.70
CA ARG A 205 -7.02 166.12 -8.09
C ARG A 205 -7.24 166.38 -9.58
N ASP A 206 -6.96 165.38 -10.42
CA ASP A 206 -7.14 165.46 -11.86
C ASP A 206 -8.60 165.56 -12.29
N ILE A 207 -9.59 165.06 -11.53
CA ILE A 207 -11.00 165.29 -11.85
C ILE A 207 -11.30 166.79 -11.79
N LYS A 208 -10.81 167.43 -10.72
CA LYS A 208 -10.93 168.86 -10.51
C LYS A 208 -10.25 169.61 -11.64
N GLU A 209 -9.01 169.18 -11.87
CA GLU A 209 -8.24 169.58 -13.03
C GLU A 209 -8.78 169.20 -14.41
N LYS A 210 -9.83 168.39 -14.58
CA LYS A 210 -10.38 168.15 -15.91
C LYS A 210 -11.86 168.45 -16.14
N LEU A 211 -12.80 168.00 -15.29
CA LEU A 211 -14.23 168.09 -15.56
C LEU A 211 -15.00 169.23 -14.88
N CYS A 212 -14.33 169.76 -13.85
CA CYS A 212 -14.95 170.72 -12.95
C CYS A 212 -15.01 172.13 -13.51
N TYR A 213 -15.90 172.97 -12.94
CA TYR A 213 -16.19 174.30 -13.45
C TYR A 213 -16.91 175.13 -12.39
N VAL A 214 -16.88 176.44 -12.53
CA VAL A 214 -17.57 177.35 -11.62
C VAL A 214 -18.87 177.81 -12.28
N ALA A 215 -19.98 177.20 -11.83
CA ALA A 215 -21.34 177.63 -12.17
C ALA A 215 -21.56 179.14 -12.10
N LEU A 216 -22.44 179.71 -12.95
CA LEU A 216 -22.72 181.13 -12.96
C LEU A 216 -23.73 181.45 -11.86
N ASP A 217 -24.75 180.61 -11.72
CA ASP A 217 -25.62 180.64 -10.55
C ASP A 217 -25.64 179.24 -9.96
N PHE A 218 -25.44 179.13 -8.65
CA PHE A 218 -25.31 177.83 -7.99
C PHE A 218 -26.60 177.01 -7.95
N GLU A 219 -27.72 177.72 -7.93
CA GLU A 219 -29.02 177.06 -7.87
C GLU A 219 -29.52 176.41 -9.15
N GLN A 220 -29.55 177.19 -10.26
CA GLN A 220 -30.01 176.73 -11.56
C GLN A 220 -29.21 175.51 -11.98
N GLU A 221 -27.92 175.56 -11.66
CA GLU A 221 -27.02 174.44 -11.89
C GLU A 221 -27.25 173.21 -11.04
N MET A 222 -27.50 173.39 -9.74
CA MET A 222 -27.82 172.26 -8.86
C MET A 222 -29.04 171.50 -9.34
N GLN A 223 -30.06 172.29 -9.70
CA GLN A 223 -31.31 171.77 -10.21
C GLN A 223 -31.11 171.11 -11.56
N THR A 224 -30.30 171.73 -12.45
CA THR A 224 -30.01 171.12 -13.74
C THR A 224 -29.24 169.81 -13.62
N ALA A 225 -28.21 169.70 -12.76
CA ALA A 225 -27.67 168.41 -12.38
C ALA A 225 -28.76 167.44 -11.96
N ALA A 226 -29.65 167.78 -11.03
CA ALA A 226 -30.72 166.86 -10.61
C ALA A 226 -31.75 166.48 -11.69
N GLN A 227 -31.65 167.06 -12.88
CA GLN A 227 -32.50 166.70 -14.00
C GLN A 227 -31.70 166.10 -15.15
N SER A 228 -31.00 166.95 -15.92
CA SER A 228 -30.40 166.54 -17.17
C SER A 228 -28.90 166.30 -17.11
N SER A 229 -28.60 165.13 -17.66
CA SER A 229 -27.27 164.58 -17.82
C SER A 229 -26.33 165.33 -18.80
N SER A 230 -26.38 166.66 -18.76
CA SER A 230 -25.48 167.55 -19.48
C SER A 230 -24.37 168.00 -18.54
N ILE A 231 -24.74 168.14 -17.26
CA ILE A 231 -23.83 168.49 -16.19
C ILE A 231 -23.00 167.25 -15.88
N GLU A 232 -23.67 166.09 -15.88
CA GLU A 232 -22.98 164.81 -15.74
C GLU A 232 -21.80 164.62 -16.70
N LYS A 233 -20.64 164.37 -16.11
CA LYS A 233 -19.46 164.07 -16.88
C LYS A 233 -18.81 162.76 -16.48
N SER A 234 -18.70 161.87 -17.46
CA SER A 234 -18.04 160.61 -17.25
C SER A 234 -16.53 160.73 -17.31
N TYR A 235 -15.81 159.84 -16.62
CA TYR A 235 -14.37 159.98 -16.45
C TYR A 235 -13.74 158.61 -16.49
N GLU A 236 -12.69 158.46 -17.31
CA GLU A 236 -11.94 157.23 -17.36
C GLU A 236 -10.84 157.34 -16.33
N LEU A 237 -11.05 156.51 -15.32
CA LEU A 237 -10.11 156.35 -14.24
C LEU A 237 -8.86 155.59 -14.70
N PRO A 238 -7.70 155.69 -14.03
CA PRO A 238 -6.56 154.76 -14.21
C PRO A 238 -6.85 153.34 -13.71
N ASP A 239 -8.11 153.17 -13.32
CA ASP A 239 -8.87 151.93 -13.31
C ASP A 239 -9.50 151.53 -14.66
N GLY A 240 -9.92 152.45 -15.52
CA GLY A 240 -10.54 152.09 -16.80
C GLY A 240 -12.04 152.01 -16.71
N GLN A 241 -12.54 151.67 -15.50
CA GLN A 241 -13.92 151.87 -15.16
C GLN A 241 -14.25 153.34 -15.34
N VAL A 242 -15.19 153.59 -16.24
CA VAL A 242 -15.68 154.94 -16.45
C VAL A 242 -16.74 155.16 -15.38
N ILE A 243 -16.63 156.27 -14.65
CA ILE A 243 -17.60 156.66 -13.63
C ILE A 243 -18.28 157.96 -14.03
N THR A 244 -19.28 158.53 -13.33
CA THR A 244 -19.80 159.84 -13.70
C THR A 244 -19.83 160.78 -12.49
N ILE A 245 -19.33 161.99 -12.74
CA ILE A 245 -19.27 163.03 -11.72
C ILE A 245 -20.33 164.03 -12.17
N GLY A 246 -21.18 164.43 -11.22
CA GLY A 246 -22.29 165.32 -11.47
C GLY A 246 -22.19 166.60 -10.63
N ASN A 247 -23.09 166.83 -9.68
CA ASN A 247 -23.20 168.09 -8.93
C ASN A 247 -22.01 168.50 -8.06
N GLU A 248 -21.08 167.56 -7.90
CA GLU A 248 -19.77 167.77 -7.33
C GLU A 248 -18.98 168.76 -8.20
N ARG A 249 -19.03 168.59 -9.52
CA ARG A 249 -18.22 169.34 -10.48
C ARG A 249 -18.12 170.85 -10.31
N PHE A 250 -19.19 171.45 -9.75
CA PHE A 250 -19.27 172.88 -9.45
C PHE A 250 -19.32 173.26 -7.98
N ARG A 251 -19.89 172.38 -7.14
CA ARG A 251 -19.94 172.59 -5.70
C ARG A 251 -18.57 172.53 -5.00
N ALA A 252 -17.59 171.83 -5.58
CA ALA A 252 -16.20 172.01 -5.19
C ALA A 252 -15.60 173.33 -5.70
N PRO A 253 -15.81 173.85 -6.92
CA PRO A 253 -15.49 175.25 -7.24
C PRO A 253 -16.18 176.32 -6.40
N GLU A 254 -17.41 176.05 -5.93
CA GLU A 254 -18.15 177.01 -5.12
C GLU A 254 -17.61 177.24 -3.70
N ALA A 255 -16.58 176.48 -3.31
CA ALA A 255 -15.85 176.71 -2.07
C ALA A 255 -15.13 178.06 -2.07
N LEU A 256 -14.53 178.41 -3.21
CA LEU A 256 -13.89 179.70 -3.38
C LEU A 256 -14.82 180.90 -3.23
N PHE A 257 -16.14 180.71 -3.40
CA PHE A 257 -17.06 181.84 -3.32
C PHE A 257 -17.92 181.74 -2.06
N HIS A 258 -18.08 180.54 -1.50
CA HIS A 258 -18.79 180.34 -0.25
C HIS A 258 -17.95 179.35 0.56
N PRO A 259 -16.82 179.79 1.17
CA PRO A 259 -15.88 178.94 1.89
C PRO A 259 -16.50 178.18 3.05
N SER A 260 -17.60 178.74 3.56
CA SER A 260 -18.57 178.09 4.42
C SER A 260 -18.89 176.62 4.16
N VAL A 261 -18.85 176.12 2.92
CA VAL A 261 -18.98 174.68 2.68
C VAL A 261 -17.95 173.82 3.42
N LEU A 262 -16.72 174.31 3.58
CA LEU A 262 -15.71 173.65 4.40
C LEU A 262 -15.94 173.91 5.89
N GLY A 263 -16.67 174.97 6.19
CA GLY A 263 -16.70 175.55 7.52
C GLY A 263 -15.64 176.63 7.63
N LEU A 264 -15.31 177.28 6.51
CA LEU A 264 -14.32 178.33 6.53
C LEU A 264 -15.08 179.64 6.40
N GLU A 265 -15.30 180.27 7.55
CA GLU A 265 -16.01 181.53 7.60
C GLU A 265 -15.11 182.71 7.23
N SER A 266 -14.88 182.72 5.92
CA SER A 266 -14.05 183.71 5.27
C SER A 266 -14.82 184.12 4.03
N ALA A 267 -14.68 185.41 3.72
CA ALA A 267 -15.35 186.05 2.59
C ALA A 267 -14.94 185.44 1.25
N GLY A 268 -15.91 185.30 0.34
CA GLY A 268 -15.65 184.73 -0.97
C GLY A 268 -14.63 185.53 -1.75
N ILE A 269 -13.93 184.86 -2.67
CA ILE A 269 -12.89 185.51 -3.46
C ILE A 269 -13.37 186.74 -4.21
N ASP A 270 -14.59 186.64 -4.77
CA ASP A 270 -15.29 187.76 -5.37
C ASP A 270 -15.39 188.94 -4.41
N GLN A 271 -15.81 188.63 -3.18
CA GLN A 271 -15.99 189.63 -2.16
C GLN A 271 -14.62 190.22 -1.84
N THR A 272 -13.61 189.43 -1.51
CA THR A 272 -12.25 189.91 -1.33
C THR A 272 -11.67 190.74 -2.50
N THR A 273 -11.94 190.39 -3.78
CA THR A 273 -11.51 191.20 -4.94
C THR A 273 -12.10 192.61 -4.93
N TYR A 274 -13.38 192.61 -4.53
CA TYR A 274 -14.11 193.85 -4.35
C TYR A 274 -13.50 194.61 -3.17
N ASN A 275 -13.37 193.93 -2.04
CA ASN A 275 -12.97 194.53 -0.77
C ASN A 275 -11.55 195.05 -0.79
N SER A 276 -10.70 194.43 -1.62
CA SER A 276 -9.34 194.90 -1.74
C SER A 276 -9.35 196.22 -2.48
N ILE A 277 -10.18 196.39 -3.53
CA ILE A 277 -10.29 197.66 -4.23
C ILE A 277 -10.79 198.70 -3.23
N MET A 278 -11.76 198.27 -2.41
CA MET A 278 -12.24 199.04 -1.30
C MET A 278 -11.20 199.26 -0.21
N LYS A 279 -10.12 198.46 -0.09
CA LYS A 279 -8.99 198.77 0.78
C LYS A 279 -7.89 199.61 0.12
N CYS A 280 -8.21 200.24 -1.02
CA CYS A 280 -7.33 201.24 -1.61
C CYS A 280 -8.00 202.60 -1.80
N ASP A 281 -7.26 203.63 -2.25
CA ASP A 281 -7.79 204.99 -2.35
C ASP A 281 -8.79 205.14 -3.49
N VAL A 282 -9.74 206.05 -3.26
CA VAL A 282 -10.95 206.20 -4.06
C VAL A 282 -10.68 206.34 -5.56
N ASP A 283 -9.82 207.26 -5.98
CA ASP A 283 -9.57 207.47 -7.39
C ASP A 283 -8.94 206.31 -8.16
N VAL A 284 -7.96 205.62 -7.57
CA VAL A 284 -7.26 204.54 -8.27
C VAL A 284 -8.13 203.30 -8.47
N ARG A 285 -9.21 203.25 -7.68
CA ARG A 285 -10.13 202.13 -7.64
C ARG A 285 -10.78 201.76 -8.96
N LYS A 286 -11.14 202.77 -9.76
CA LYS A 286 -11.80 202.54 -11.04
C LYS A 286 -10.87 201.91 -12.07
N GLU A 287 -9.56 202.10 -11.90
CA GLU A 287 -8.53 201.43 -12.71
C GLU A 287 -8.37 199.97 -12.29
N LEU A 288 -8.36 199.73 -10.97
CA LEU A 288 -8.38 198.40 -10.41
C LEU A 288 -9.63 197.61 -10.83
N TYR A 289 -10.81 198.24 -10.72
CA TYR A 289 -12.01 197.78 -11.40
C TYR A 289 -11.82 197.49 -12.88
N GLY A 290 -11.24 198.40 -13.67
CA GLY A 290 -11.02 198.13 -15.09
C GLY A 290 -9.89 197.15 -15.39
N ASN A 291 -9.07 196.75 -14.39
CA ASN A 291 -7.93 195.85 -14.56
C ASN A 291 -7.66 194.87 -13.40
N ILE A 292 -8.64 194.01 -13.16
CA ILE A 292 -8.50 192.86 -12.29
C ILE A 292 -7.76 191.75 -13.04
N VAL A 293 -6.50 191.42 -12.71
CA VAL A 293 -5.78 190.30 -13.29
C VAL A 293 -5.75 189.04 -12.42
N MET A 294 -6.34 187.97 -12.92
CA MET A 294 -6.24 186.69 -12.24
C MET A 294 -4.93 185.99 -12.63
N SER A 295 -4.03 185.64 -11.70
CA SER A 295 -3.03 184.62 -11.97
C SER A 295 -3.35 183.29 -11.27
N GLY A 296 -2.45 182.32 -11.40
CA GLY A 296 -2.61 181.04 -10.74
C GLY A 296 -3.38 179.98 -11.53
N GLY A 297 -3.00 178.79 -11.06
CA GLY A 297 -3.45 177.52 -11.57
C GLY A 297 -4.91 177.24 -11.29
N THR A 298 -5.39 177.77 -10.16
CA THR A 298 -6.78 177.64 -9.73
C THR A 298 -7.71 178.54 -10.53
N THR A 299 -7.29 179.73 -10.96
CA THR A 299 -8.12 180.55 -11.83
C THR A 299 -8.16 180.00 -13.24
N MET A 300 -7.45 178.91 -13.52
CA MET A 300 -7.66 178.09 -14.69
C MET A 300 -8.87 177.17 -14.57
N PHE A 301 -9.76 177.39 -13.59
CA PHE A 301 -11.11 176.86 -13.67
C PHE A 301 -11.93 177.45 -14.82
N PRO A 302 -12.74 176.63 -15.51
CA PRO A 302 -13.74 177.09 -16.44
C PRO A 302 -14.81 177.86 -15.68
N GLY A 303 -15.33 178.91 -16.29
CA GLY A 303 -16.38 179.71 -15.68
C GLY A 303 -15.86 180.79 -14.76
N ILE A 304 -14.62 180.68 -14.25
CA ILE A 304 -14.19 181.52 -13.13
C ILE A 304 -13.93 182.97 -13.51
N ALA A 305 -13.39 183.23 -14.70
CA ALA A 305 -13.17 184.60 -15.15
C ALA A 305 -14.49 185.31 -15.41
N GLU A 306 -15.38 184.53 -16.03
CA GLU A 306 -16.72 184.92 -16.44
C GLU A 306 -17.54 185.25 -15.19
N ARG A 307 -17.46 184.36 -14.21
CA ARG A 307 -18.11 184.47 -12.91
C ARG A 307 -17.65 185.68 -12.12
N MET A 308 -16.35 185.92 -11.99
CA MET A 308 -15.85 187.09 -11.28
C MET A 308 -16.29 188.38 -11.99
N GLN A 309 -16.27 188.34 -13.32
CA GLN A 309 -16.88 189.38 -14.12
C GLN A 309 -18.37 189.58 -13.85
N LYS A 310 -19.17 188.51 -13.73
CA LYS A 310 -20.55 188.64 -13.31
C LYS A 310 -20.62 189.29 -11.92
N GLU A 311 -19.98 188.65 -10.95
CA GLU A 311 -20.17 189.02 -9.56
C GLU A 311 -19.66 190.43 -9.35
N ILE A 312 -18.46 190.90 -9.75
CA ILE A 312 -18.03 192.28 -9.51
C ILE A 312 -18.88 193.33 -10.25
N THR A 313 -19.57 193.04 -11.36
CA THR A 313 -20.51 194.02 -11.90
C THR A 313 -21.83 194.04 -11.11
N ALA A 314 -22.20 192.90 -10.50
CA ALA A 314 -23.36 192.82 -9.62
C ALA A 314 -23.06 193.18 -8.17
N LEU A 315 -21.78 193.20 -7.79
CA LEU A 315 -21.31 193.75 -6.51
C LEU A 315 -20.94 195.21 -6.61
N ALA A 316 -20.88 195.70 -7.85
CA ALA A 316 -21.12 197.10 -8.20
C ALA A 316 -22.59 197.27 -8.60
N PRO A 317 -23.10 198.46 -9.00
CA PRO A 317 -24.45 198.61 -9.56
C PRO A 317 -24.65 198.00 -10.95
N SER A 318 -24.01 198.56 -11.99
CA SER A 318 -24.16 198.10 -13.36
C SER A 318 -23.20 198.77 -14.33
N SER A 319 -23.29 200.10 -14.40
CA SER A 319 -22.59 200.90 -15.39
C SER A 319 -21.06 200.85 -15.50
N MET A 320 -20.33 200.61 -14.41
CA MET A 320 -18.87 200.77 -14.40
C MET A 320 -18.07 199.65 -15.06
N LYS A 321 -17.00 200.05 -15.76
CA LYS A 321 -16.07 199.08 -16.31
C LYS A 321 -15.31 198.41 -15.18
N VAL A 322 -15.85 197.22 -14.94
CA VAL A 322 -15.11 196.14 -14.33
C VAL A 322 -14.48 195.31 -15.46
N LYS A 323 -13.30 194.77 -15.23
CA LYS A 323 -12.64 193.90 -16.21
C LYS A 323 -11.64 192.96 -15.58
N ILE A 324 -11.92 191.68 -15.77
CA ILE A 324 -11.04 190.58 -15.42
C ILE A 324 -10.18 190.21 -16.63
N ILE A 325 -8.88 190.11 -16.40
CA ILE A 325 -7.96 189.59 -17.38
C ILE A 325 -7.39 188.39 -16.65
N ALA A 326 -7.75 187.20 -17.10
CA ALA A 326 -7.17 185.97 -16.57
C ALA A 326 -6.42 185.27 -17.70
N PRO A 327 -5.12 185.50 -17.95
CA PRO A 327 -4.37 185.04 -19.12
C PRO A 327 -4.38 183.53 -19.40
N PRO A 328 -4.37 183.03 -20.65
CA PRO A 328 -4.33 181.60 -20.95
C PRO A 328 -3.13 180.84 -20.37
N GLU A 329 -2.09 181.58 -19.98
CA GLU A 329 -0.95 181.02 -19.27
C GLU A 329 -0.93 181.33 -17.78
N ARG A 330 -2.03 181.69 -17.11
CA ARG A 330 -1.95 182.14 -15.72
C ARG A 330 -1.32 181.28 -14.62
N LYS A 331 -1.07 179.98 -14.81
CA LYS A 331 -0.35 179.14 -13.85
C LYS A 331 1.16 179.43 -13.78
N TYR A 332 1.57 180.09 -14.87
CA TYR A 332 2.96 180.29 -15.25
C TYR A 332 3.26 181.75 -15.53
N SER A 333 2.28 182.67 -15.63
CA SER A 333 2.54 184.11 -15.74
C SER A 333 3.64 184.67 -14.83
N VAL A 334 3.62 184.22 -13.58
CA VAL A 334 4.67 184.51 -12.62
C VAL A 334 6.05 184.08 -13.17
N TRP A 335 6.15 182.92 -13.82
CA TRP A 335 7.40 182.55 -14.47
C TRP A 335 7.70 183.47 -15.65
N ILE A 336 6.76 183.68 -16.57
CA ILE A 336 7.02 184.40 -17.82
C ILE A 336 7.35 185.87 -17.54
N GLY A 337 6.76 186.33 -16.44
CA GLY A 337 7.03 187.64 -15.86
C GLY A 337 8.44 187.74 -15.27
N GLY A 338 8.98 186.66 -14.69
CA GLY A 338 10.37 186.64 -14.26
C GLY A 338 11.33 186.55 -15.43
N SER A 339 10.97 185.74 -16.42
CA SER A 339 11.65 185.66 -17.71
C SER A 339 11.84 187.04 -18.33
N ILE A 340 10.78 187.81 -18.54
CA ILE A 340 10.88 189.18 -19.06
C ILE A 340 11.73 190.06 -18.14
N LEU A 341 11.36 190.09 -16.84
CA LEU A 341 12.05 190.91 -15.86
C LEU A 341 13.56 190.66 -15.85
N ALA A 342 13.97 189.39 -15.92
CA ALA A 342 15.36 189.03 -16.00
C ALA A 342 15.95 189.45 -17.35
N SER A 343 15.24 189.24 -18.46
CA SER A 343 15.72 189.65 -19.78
C SER A 343 15.75 191.15 -20.03
N LEU A 344 15.18 191.97 -19.14
CA LEU A 344 15.22 193.41 -19.31
C LEU A 344 16.59 194.07 -19.17
N THR A 345 17.08 194.52 -20.32
CA THR A 345 18.32 195.28 -20.47
C THR A 345 18.54 196.43 -19.48
N THR A 346 17.42 197.11 -19.21
CA THR A 346 17.29 198.08 -18.14
C THR A 346 17.48 197.45 -16.77
N PHE A 347 16.56 196.51 -16.45
CA PHE A 347 16.56 195.78 -15.18
C PHE A 347 17.82 194.97 -14.89
N GLN A 348 18.77 194.85 -15.82
CA GLN A 348 20.10 194.31 -15.54
C GLN A 348 20.80 194.98 -14.38
N GLN A 349 20.55 196.28 -14.22
CA GLN A 349 21.13 197.02 -13.12
C GLN A 349 20.46 196.72 -11.78
N MET A 350 19.33 196.01 -11.82
CA MET A 350 18.55 195.71 -10.63
C MET A 350 18.69 194.28 -10.09
N TRP A 351 19.57 193.47 -10.69
CA TRP A 351 19.96 192.21 -10.07
C TRP A 351 20.61 192.41 -8.70
N ILE A 352 20.45 191.48 -7.75
CA ILE A 352 21.31 191.47 -6.58
C ILE A 352 22.59 190.77 -7.04
N SER A 353 23.70 191.53 -7.07
CA SER A 353 24.96 190.97 -7.50
C SER A 353 25.64 190.12 -6.44
N LYS A 354 26.39 189.10 -6.89
CA LYS A 354 27.29 188.37 -6.00
C LYS A 354 28.27 189.29 -5.28
N GLN A 355 28.66 190.44 -5.86
CA GLN A 355 29.61 191.31 -5.17
C GLN A 355 28.94 191.98 -3.98
N GLU A 356 27.86 192.75 -4.20
CA GLU A 356 27.20 193.49 -3.14
C GLU A 356 26.63 192.61 -2.03
N TYR A 357 26.39 191.35 -2.37
CA TYR A 357 26.11 190.37 -1.35
C TYR A 357 27.30 190.25 -0.42
N ASP A 358 28.50 190.04 -0.93
CA ASP A 358 29.61 189.70 -0.07
C ASP A 358 30.14 190.89 0.70
N GLU A 359 29.92 192.08 0.14
CA GLU A 359 30.23 193.29 0.87
C GLU A 359 29.12 193.65 1.84
N SER A 360 27.83 193.58 1.50
CA SER A 360 26.79 194.13 2.35
C SER A 360 25.78 193.18 2.99
N GLY A 361 25.87 191.86 2.76
CA GLY A 361 25.03 190.88 3.45
C GLY A 361 23.56 190.74 3.00
N PRO A 362 22.91 189.60 3.27
CA PRO A 362 21.58 189.24 2.76
C PRO A 362 20.38 190.13 3.05
N SER A 363 20.53 191.04 4.02
CA SER A 363 19.50 191.97 4.44
C SER A 363 19.11 193.11 3.50
N ILE A 364 19.75 193.21 2.33
CA ILE A 364 19.59 194.35 1.43
C ILE A 364 18.30 194.35 0.59
N VAL A 365 17.21 193.86 1.19
CA VAL A 365 15.98 193.46 0.50
C VAL A 365 14.84 193.21 1.51
N THR B 1 -41.66 144.32 24.45
CA THR B 1 -40.25 144.61 24.63
C THR B 1 -39.80 145.09 23.25
N ALA B 2 -38.71 145.85 23.14
CA ALA B 2 -38.18 146.22 21.85
C ALA B 2 -37.02 145.30 21.47
N LEU B 3 -36.38 145.49 20.33
CA LEU B 3 -35.29 144.66 19.82
C LEU B 3 -34.24 145.71 19.50
N VAL B 4 -32.96 145.38 19.59
CA VAL B 4 -31.87 146.34 19.40
C VAL B 4 -30.70 145.59 18.80
N CYS B 5 -30.07 146.21 17.81
CA CYS B 5 -29.05 145.57 17.01
C CYS B 5 -27.92 146.52 16.61
N ASP B 6 -26.73 146.28 17.18
CA ASP B 6 -25.54 146.97 16.76
C ASP B 6 -24.87 146.22 15.62
N ASN B 7 -25.06 146.79 14.43
CA ASN B 7 -24.44 146.29 13.21
C ASN B 7 -23.00 146.77 13.02
N GLY B 8 -21.98 145.94 13.18
CA GLY B 8 -20.63 146.34 12.81
C GLY B 8 -20.11 145.44 11.69
N SER B 9 -19.03 145.82 10.97
CA SER B 9 -18.47 144.92 9.96
C SER B 9 -17.79 143.71 10.59
N GLY B 10 -17.19 144.00 11.74
CA GLY B 10 -16.75 142.96 12.66
C GLY B 10 -17.93 142.20 13.25
N LEU B 11 -18.68 142.80 14.17
CA LEU B 11 -19.68 142.06 14.92
C LEU B 11 -20.98 142.83 14.87
N VAL B 12 -22.06 142.09 14.68
CA VAL B 12 -23.43 142.53 14.80
C VAL B 12 -24.00 141.94 16.09
N LYS B 13 -24.57 142.77 16.96
CA LYS B 13 -24.99 142.39 18.28
C LYS B 13 -26.48 142.70 18.33
N ALA B 14 -27.30 141.84 18.92
CA ALA B 14 -28.71 142.07 18.96
C ALA B 14 -29.20 141.79 20.35
N GLY B 15 -30.45 142.12 20.56
CA GLY B 15 -31.18 141.67 21.72
C GLY B 15 -32.44 142.46 21.83
N PHE B 16 -32.82 142.67 23.09
CA PHE B 16 -34.05 143.34 23.42
C PHE B 16 -33.79 144.60 24.21
N ALA B 17 -34.82 145.39 24.40
CA ALA B 17 -34.78 146.44 25.43
C ALA B 17 -34.68 145.83 26.83
N GLY B 18 -34.12 146.52 27.84
CA GLY B 18 -34.21 146.02 29.20
C GLY B 18 -33.04 145.17 29.68
N ASP B 19 -32.48 144.31 28.81
CA ASP B 19 -31.34 143.50 29.16
C ASP B 19 -30.08 144.36 29.18
N ASP B 20 -29.21 144.08 30.15
CA ASP B 20 -27.92 144.74 30.29
C ASP B 20 -26.83 144.23 29.34
N ALA B 21 -26.96 143.04 28.77
CA ALA B 21 -25.90 142.42 27.98
C ALA B 21 -26.45 141.89 26.66
N PRO B 22 -25.81 142.06 25.50
CA PRO B 22 -26.34 141.69 24.19
C PRO B 22 -26.80 140.24 24.05
N ARG B 23 -28.01 140.05 23.54
CA ARG B 23 -28.52 138.70 23.35
C ARG B 23 -27.86 138.01 22.16
N ALA B 24 -27.78 138.63 20.98
CA ALA B 24 -27.05 138.00 19.88
C ALA B 24 -25.74 138.73 19.64
N VAL B 25 -24.72 137.99 19.24
CA VAL B 25 -23.43 138.51 18.80
C VAL B 25 -22.95 137.61 17.67
N PHE B 26 -22.68 138.17 16.49
CA PHE B 26 -22.09 137.38 15.43
C PHE B 26 -21.17 138.23 14.55
N PRO B 27 -20.19 137.64 13.85
CA PRO B 27 -19.44 138.29 12.79
C PRO B 27 -20.34 138.73 11.63
N SER B 28 -20.08 139.89 11.03
CA SER B 28 -20.91 140.36 9.93
C SER B 28 -20.32 139.90 8.63
N ILE B 29 -20.92 138.85 8.09
CA ILE B 29 -20.36 138.11 6.97
C ILE B 29 -21.40 137.09 6.51
N VAL B 30 -21.48 136.85 5.20
CA VAL B 30 -22.27 135.77 4.63
C VAL B 30 -21.38 135.15 3.55
N GLY B 31 -21.73 133.97 3.07
CA GLY B 31 -20.98 133.32 2.02
C GLY B 31 -21.96 132.96 0.92
N ARG B 32 -21.62 133.32 -0.33
CA ARG B 32 -22.41 132.93 -1.48
C ARG B 32 -21.63 131.90 -2.30
N PRO B 33 -22.24 130.75 -2.64
CA PRO B 33 -21.57 129.56 -3.14
C PRO B 33 -20.88 129.53 -4.51
N ARG B 34 -19.56 129.31 -4.52
CA ARG B 34 -18.88 129.00 -5.77
C ARG B 34 -19.17 127.60 -6.32
N HIS B 35 -19.96 126.79 -5.58
CA HIS B 35 -20.61 125.59 -6.10
C HIS B 35 -21.84 125.20 -5.29
N GLN B 36 -22.77 124.51 -5.96
CA GLN B 36 -23.96 123.93 -5.35
C GLN B 36 -23.54 122.86 -4.34
N GLY B 37 -23.81 122.98 -3.04
CA GLY B 37 -22.99 122.23 -2.09
C GLY B 37 -23.73 121.82 -0.84
N VAL B 38 -24.37 120.64 -0.90
CA VAL B 38 -25.16 120.17 0.23
C VAL B 38 -24.34 119.87 1.47
N MET B 39 -24.50 120.74 2.47
CA MET B 39 -23.93 120.46 3.79
C MET B 39 -24.93 119.46 4.36
N VAL B 40 -24.63 118.19 4.10
CA VAL B 40 -25.47 117.05 4.49
C VAL B 40 -26.02 117.21 5.90
N GLY B 41 -27.26 117.68 5.91
CA GLY B 41 -28.01 117.87 7.14
C GLY B 41 -28.97 119.03 6.95
N MET B 42 -28.52 120.03 6.21
CA MET B 42 -29.40 121.09 5.75
C MET B 42 -29.76 120.84 4.29
N GLY B 43 -30.73 121.59 3.78
CA GLY B 43 -30.98 121.65 2.35
C GLY B 43 -30.03 122.60 1.64
N GLN B 44 -30.29 122.82 0.36
CA GLN B 44 -29.52 123.75 -0.44
C GLN B 44 -29.91 125.15 0.03
N LYS B 45 -29.06 125.72 0.89
CA LYS B 45 -29.19 127.10 1.33
C LYS B 45 -28.51 128.09 0.39
N ASP B 46 -29.15 129.25 0.35
CA ASP B 46 -28.71 130.39 -0.43
C ASP B 46 -27.39 130.95 0.08
N SER B 47 -27.32 131.11 1.41
CA SER B 47 -26.19 131.76 2.03
C SER B 47 -26.09 131.21 3.43
N TYR B 48 -24.85 130.81 3.67
CA TYR B 48 -24.39 130.41 5.00
C TYR B 48 -23.98 131.73 5.61
N VAL B 49 -24.34 131.96 6.88
CA VAL B 49 -24.30 133.32 7.39
C VAL B 49 -23.53 133.52 8.69
N GLY B 50 -22.41 134.23 8.56
CA GLY B 50 -21.61 134.54 9.73
C GLY B 50 -20.73 133.38 10.15
N ASP B 51 -21.05 132.81 11.30
CA ASP B 51 -20.24 131.76 11.86
C ASP B 51 -20.95 130.49 11.38
N GLU B 52 -20.72 130.38 10.06
CA GLU B 52 -21.42 129.47 9.16
C GLU B 52 -20.78 129.73 7.79
N ALA B 53 -20.74 130.99 7.35
CA ALA B 53 -20.07 131.39 6.12
C ALA B 53 -18.60 131.00 6.11
N GLN B 54 -17.93 131.31 7.23
CA GLN B 54 -16.54 130.93 7.38
C GLN B 54 -16.34 129.48 7.77
N SER B 55 -17.39 128.88 8.33
CA SER B 55 -17.36 127.49 8.75
C SER B 55 -17.27 126.68 7.48
N LYS B 56 -18.06 127.06 6.48
CA LYS B 56 -18.03 126.36 5.20
C LYS B 56 -17.43 127.21 4.07
N ARG B 57 -16.44 128.10 4.25
CA ARG B 57 -15.93 129.02 3.21
C ARG B 57 -15.49 128.39 1.87
N GLY B 58 -15.06 127.13 1.92
CA GLY B 58 -14.61 126.40 0.75
C GLY B 58 -15.61 126.32 -0.39
N ILE B 59 -16.86 126.32 0.06
CA ILE B 59 -17.95 126.34 -0.89
C ILE B 59 -18.30 127.78 -1.20
N LEU B 60 -18.18 128.70 -0.26
CA LEU B 60 -18.88 129.98 -0.36
C LEU B 60 -18.12 131.17 0.20
N THR B 61 -17.94 132.17 -0.69
CA THR B 61 -16.97 133.23 -0.40
C THR B 61 -17.51 134.33 0.50
N LEU B 62 -16.63 134.65 1.45
CA LEU B 62 -16.88 135.61 2.50
C LEU B 62 -16.94 137.04 1.98
N LYS B 63 -17.99 137.78 2.30
CA LYS B 63 -17.97 139.22 2.09
C LYS B 63 -18.41 139.86 3.39
N TYR B 64 -18.17 141.17 3.54
CA TYR B 64 -18.65 141.94 4.68
C TYR B 64 -19.70 142.90 4.11
N PRO B 65 -20.96 142.95 4.51
CA PRO B 65 -22.00 143.75 3.84
C PRO B 65 -21.93 145.26 4.09
N ILE B 66 -21.38 145.57 5.26
CA ILE B 66 -21.48 146.89 5.87
C ILE B 66 -20.08 147.27 6.35
N GLU B 67 -19.27 148.03 5.61
CA GLU B 67 -17.91 148.31 6.07
C GLU B 67 -17.91 149.47 7.05
N GLY B 68 -18.61 149.31 8.17
CA GLY B 68 -19.20 150.43 8.90
C GLY B 68 -20.35 151.12 8.17
N ILE B 69 -20.40 151.05 6.83
CA ILE B 69 -21.39 151.74 6.03
C ILE B 69 -21.90 150.68 5.04
N ILE B 70 -23.20 150.71 4.72
CA ILE B 70 -23.84 149.67 3.93
C ILE B 70 -23.44 149.74 2.45
N THR B 71 -22.99 148.62 1.87
CA THR B 71 -22.85 148.51 0.43
C THR B 71 -23.83 147.47 -0.14
N ASN B 72 -23.55 146.18 0.05
CA ASN B 72 -24.34 145.11 -0.56
C ASN B 72 -25.49 144.51 0.25
N TRP B 73 -26.63 144.56 -0.42
CA TRP B 73 -27.93 144.28 0.18
C TRP B 73 -28.33 142.82 0.24
N ASP B 74 -27.81 142.00 -0.66
CA ASP B 74 -28.04 140.56 -0.62
C ASP B 74 -27.34 139.86 0.53
N ASP B 75 -26.21 140.42 0.95
CA ASP B 75 -25.51 139.89 2.11
C ASP B 75 -26.20 140.47 3.33
N MET B 76 -26.35 141.79 3.27
CA MET B 76 -26.93 142.60 4.33
C MET B 76 -28.26 142.05 4.81
N GLU B 77 -29.19 141.76 3.88
CA GLU B 77 -30.47 141.20 4.26
C GLU B 77 -30.33 139.85 4.94
N LYS B 78 -29.36 139.02 4.55
CA LYS B 78 -29.16 137.74 5.21
C LYS B 78 -28.67 137.94 6.65
N ILE B 79 -28.09 139.09 6.98
CA ILE B 79 -27.66 139.35 8.36
C ILE B 79 -28.81 139.77 9.27
N TRP B 80 -29.67 140.68 8.83
CA TRP B 80 -30.89 140.95 9.57
C TRP B 80 -31.74 139.67 9.58
N HIS B 81 -31.76 138.93 8.47
CA HIS B 81 -32.41 137.63 8.38
C HIS B 81 -31.65 136.45 9.00
N HIS B 82 -30.52 136.69 9.69
CA HIS B 82 -29.92 135.70 10.59
C HIS B 82 -30.47 135.99 11.97
N THR B 83 -30.09 137.18 12.48
CA THR B 83 -30.30 137.57 13.86
C THR B 83 -31.67 137.29 14.47
N PHE B 84 -32.76 137.55 13.74
CA PHE B 84 -34.08 137.29 14.28
C PHE B 84 -34.23 135.78 14.40
N TYR B 85 -34.00 135.12 13.26
CA TYR B 85 -34.33 133.73 13.07
C TYR B 85 -33.42 132.76 13.80
N ASN B 86 -32.16 132.60 13.42
CA ASN B 86 -31.33 131.56 14.00
C ASN B 86 -30.95 131.95 15.42
N GLU B 87 -30.37 133.16 15.49
CA GLU B 87 -29.85 133.70 16.72
C GLU B 87 -30.90 133.88 17.81
N LEU B 88 -31.92 134.74 17.66
CA LEU B 88 -32.88 134.93 18.72
C LEU B 88 -34.08 133.97 18.75
N ARG B 89 -34.32 133.22 17.67
CA ARG B 89 -35.57 132.53 17.37
C ARG B 89 -36.84 133.34 17.56
N VAL B 90 -36.77 134.53 16.97
CA VAL B 90 -37.89 135.44 16.99
C VAL B 90 -38.30 135.82 15.57
N ALA B 91 -39.57 136.18 15.52
CA ALA B 91 -40.25 136.68 14.34
C ALA B 91 -40.28 138.21 14.25
N PRO B 92 -39.72 138.80 13.18
CA PRO B 92 -39.64 140.25 12.96
C PRO B 92 -40.94 141.03 13.13
N GLU B 93 -42.05 140.44 12.68
CA GLU B 93 -43.41 140.99 12.69
C GLU B 93 -43.85 141.45 14.08
N GLU B 94 -43.30 140.73 15.06
CA GLU B 94 -43.62 140.92 16.46
C GLU B 94 -42.85 141.98 17.23
N HIS B 95 -41.69 142.43 16.75
CA HIS B 95 -40.77 143.13 17.64
C HIS B 95 -40.23 144.48 17.17
N PRO B 96 -40.54 145.60 17.85
CA PRO B 96 -40.02 146.93 17.52
C PRO B 96 -38.50 146.88 17.58
N THR B 97 -37.85 147.02 16.43
CA THR B 97 -36.44 146.73 16.27
C THR B 97 -35.68 148.05 16.24
N LEU B 98 -34.50 148.11 16.87
CA LEU B 98 -33.63 149.26 16.73
C LEU B 98 -32.35 148.73 16.11
N LEU B 99 -31.77 149.41 15.11
CA LEU B 99 -30.58 148.94 14.43
C LEU B 99 -29.55 150.05 14.57
N THR B 100 -28.26 149.80 14.40
CA THR B 100 -27.32 150.91 14.39
C THR B 100 -26.75 151.27 13.03
N GLU B 101 -26.03 152.39 13.11
CA GLU B 101 -25.22 152.89 12.02
C GLU B 101 -23.93 153.46 12.59
N ALA B 102 -22.79 153.22 11.91
CA ALA B 102 -21.55 153.87 12.30
C ALA B 102 -21.76 155.36 12.08
N PRO B 103 -21.31 156.31 12.92
CA PRO B 103 -21.57 157.73 12.71
C PRO B 103 -21.18 158.23 11.31
N LEU B 104 -21.87 159.28 10.85
CA LEU B 104 -21.83 159.78 9.48
C LEU B 104 -22.32 158.75 8.45
N ASN B 105 -23.48 158.13 8.74
CA ASN B 105 -24.13 157.18 7.81
C ASN B 105 -25.09 157.86 6.82
N PRO B 106 -24.84 157.85 5.50
CA PRO B 106 -25.57 158.61 4.48
C PRO B 106 -27.05 158.37 4.11
N LYS B 107 -27.68 159.41 3.57
CA LYS B 107 -29.01 159.38 2.96
C LYS B 107 -29.51 158.12 2.24
N ALA B 108 -28.94 157.73 1.09
CA ALA B 108 -29.48 156.65 0.27
C ALA B 108 -29.53 155.27 0.91
N ASN B 109 -28.47 154.90 1.65
CA ASN B 109 -28.40 153.54 2.17
C ASN B 109 -29.36 153.35 3.35
N ARG B 110 -29.54 154.41 4.18
CA ARG B 110 -30.49 154.36 5.28
C ARG B 110 -31.95 154.28 4.82
N GLU B 111 -32.30 154.98 3.72
CA GLU B 111 -33.61 154.89 3.09
C GLU B 111 -33.93 153.44 2.80
N LYS B 112 -32.96 152.76 2.17
CA LYS B 112 -33.18 151.37 1.80
C LYS B 112 -33.09 150.40 2.99
N MET B 113 -32.31 150.75 4.02
CA MET B 113 -32.34 150.02 5.30
C MET B 113 -33.76 150.01 5.84
N THR B 114 -34.35 151.22 5.90
CA THR B 114 -35.73 151.35 6.37
C THR B 114 -36.74 150.63 5.50
N GLN B 115 -36.56 150.67 4.17
CA GLN B 115 -37.43 149.90 3.29
C GLN B 115 -37.48 148.41 3.61
N ILE B 116 -36.32 147.77 3.60
CA ILE B 116 -36.24 146.32 3.75
C ILE B 116 -36.83 145.87 5.07
N MET B 117 -36.57 146.61 6.15
CA MET B 117 -37.15 146.32 7.47
C MET B 117 -38.68 146.28 7.52
N PHE B 118 -39.31 147.11 6.70
CA PHE B 118 -40.76 147.08 6.75
C PHE B 118 -41.37 146.16 5.71
N GLU B 119 -40.58 145.74 4.72
CA GLU B 119 -41.08 144.88 3.67
C GLU B 119 -40.80 143.40 3.81
N THR B 120 -39.57 142.94 3.54
CA THR B 120 -39.23 141.53 3.65
C THR B 120 -39.15 141.10 5.10
N PHE B 121 -39.11 142.08 6.02
CA PHE B 121 -39.19 141.81 7.45
C PHE B 121 -40.52 142.10 8.12
N ASN B 122 -41.23 143.18 7.75
CA ASN B 122 -42.51 143.56 8.36
C ASN B 122 -42.50 143.99 9.82
N VAL B 123 -41.34 144.42 10.34
CA VAL B 123 -41.21 144.77 11.76
C VAL B 123 -42.24 145.81 12.20
N PRO B 124 -42.90 145.76 13.37
CA PRO B 124 -43.94 146.73 13.75
C PRO B 124 -43.47 148.15 14.03
N ALA B 125 -42.16 148.38 14.10
CA ALA B 125 -41.54 149.64 14.45
C ALA B 125 -40.05 149.40 14.37
N MET B 126 -39.34 150.36 13.77
CA MET B 126 -37.90 150.30 13.71
C MET B 126 -37.24 151.64 14.03
N TYR B 127 -36.01 151.65 14.52
CA TYR B 127 -35.23 152.87 14.69
C TYR B 127 -33.74 152.64 14.46
N VAL B 128 -33.09 153.39 13.56
CA VAL B 128 -31.64 153.31 13.40
C VAL B 128 -31.02 154.33 14.36
N ALA B 129 -29.92 153.97 15.04
CA ALA B 129 -29.25 154.91 15.92
C ALA B 129 -27.73 154.99 15.86
N ILE B 130 -27.30 156.26 15.77
CA ILE B 130 -25.92 156.68 15.56
C ILE B 130 -25.01 156.19 16.69
N GLN B 131 -24.17 155.18 16.39
CA GLN B 131 -23.35 154.47 17.37
C GLN B 131 -22.66 155.26 18.49
N ALA B 132 -22.11 156.42 18.17
CA ALA B 132 -21.42 157.22 19.16
C ALA B 132 -22.30 158.05 20.09
N VAL B 133 -23.55 158.28 19.69
CA VAL B 133 -24.50 158.97 20.55
C VAL B 133 -24.91 157.97 21.62
N LEU B 134 -25.22 156.76 21.16
CA LEU B 134 -25.61 155.67 22.04
C LEU B 134 -24.53 155.28 23.04
N SER B 135 -23.26 155.32 22.65
CA SER B 135 -22.16 155.12 23.59
C SER B 135 -22.22 156.13 24.74
N LEU B 136 -22.30 157.42 24.41
CA LEU B 136 -22.37 158.49 25.42
C LEU B 136 -23.62 158.40 26.30
N TYR B 137 -24.72 157.93 25.70
CA TYR B 137 -25.93 157.62 26.46
C TYR B 137 -25.65 156.50 27.42
N ALA B 138 -25.18 155.34 26.95
CA ALA B 138 -24.79 154.22 27.79
C ALA B 138 -23.75 154.57 28.83
N SER B 139 -22.92 155.58 28.59
CA SER B 139 -22.00 156.10 29.58
C SER B 139 -22.70 156.79 30.76
N GLY B 140 -23.84 157.41 30.50
CA GLY B 140 -24.49 158.30 31.45
C GLY B 140 -23.91 159.71 31.42
N ARG B 141 -23.89 160.32 30.23
CA ARG B 141 -23.39 161.68 30.04
C ARG B 141 -24.23 162.43 29.05
N THR B 142 -24.38 163.72 29.35
CA THR B 142 -25.22 164.55 28.54
C THR B 142 -24.47 165.07 27.31
N THR B 143 -23.16 165.30 27.45
CA THR B 143 -22.41 166.06 26.47
C THR B 143 -20.96 165.56 26.49
N GLY B 144 -20.18 165.88 25.47
CA GLY B 144 -18.84 165.35 25.35
C GLY B 144 -18.61 164.69 24.00
N ILE B 145 -17.36 164.85 23.56
CA ILE B 145 -16.91 164.31 22.30
C ILE B 145 -16.59 162.84 22.54
N VAL B 146 -16.93 162.05 21.52
CA VAL B 146 -16.81 160.62 21.51
C VAL B 146 -15.90 160.09 20.41
N LEU B 147 -15.18 158.99 20.68
CA LEU B 147 -14.24 158.38 19.75
C LEU B 147 -14.54 156.89 19.59
N ASP B 148 -15.27 156.51 18.54
CA ASP B 148 -15.53 155.10 18.24
C ASP B 148 -14.30 154.56 17.51
N SER B 149 -13.74 153.38 17.80
CA SER B 149 -12.76 152.78 16.91
C SER B 149 -13.04 151.29 16.81
N GLY B 150 -12.94 150.68 15.64
CA GLY B 150 -13.52 149.37 15.39
C GLY B 150 -12.67 148.63 14.38
N ASP B 151 -13.18 147.57 13.76
CA ASP B 151 -12.39 146.83 12.78
C ASP B 151 -12.33 147.56 11.44
N GLY B 152 -13.46 148.14 11.04
CA GLY B 152 -13.51 148.98 9.84
C GLY B 152 -13.60 150.47 10.12
N VAL B 153 -13.89 150.88 11.35
CA VAL B 153 -14.29 152.26 11.61
C VAL B 153 -13.52 152.89 12.75
N THR B 154 -13.37 154.21 12.68
CA THR B 154 -12.93 155.00 13.81
C THR B 154 -13.71 156.31 13.68
N HIS B 155 -14.03 157.08 14.72
CA HIS B 155 -14.93 158.23 14.64
C HIS B 155 -14.75 159.16 15.82
N ASN B 156 -14.76 160.48 15.61
CA ASN B 156 -14.75 161.52 16.64
C ASN B 156 -16.08 162.22 16.50
N VAL B 157 -16.88 162.37 17.55
CA VAL B 157 -18.26 162.84 17.43
C VAL B 157 -18.53 163.76 18.61
N PRO B 158 -18.56 165.10 18.47
CA PRO B 158 -18.96 166.00 19.56
C PRO B 158 -20.44 165.97 19.92
N ILE B 159 -20.78 165.39 21.06
CA ILE B 159 -22.16 165.38 21.49
C ILE B 159 -22.45 166.48 22.49
N TYR B 160 -23.59 167.14 22.25
CA TYR B 160 -24.16 168.15 23.12
C TYR B 160 -25.67 167.94 23.20
N GLU B 161 -26.26 168.04 24.40
CA GLU B 161 -27.72 167.93 24.60
C GLU B 161 -28.40 166.72 23.97
N GLY B 162 -27.66 165.60 23.99
CA GLY B 162 -28.11 164.34 23.41
C GLY B 162 -27.97 164.26 21.89
N TYR B 163 -27.24 165.20 21.30
CA TYR B 163 -27.15 165.34 19.86
C TYR B 163 -25.73 165.51 19.37
N ALA B 164 -25.42 164.70 18.36
CA ALA B 164 -24.15 164.79 17.68
C ALA B 164 -24.20 166.01 16.79
N LEU B 165 -23.15 166.83 16.81
CA LEU B 165 -22.92 167.77 15.74
C LEU B 165 -22.45 166.97 14.53
N PRO B 166 -23.25 166.73 13.48
CA PRO B 166 -22.92 165.83 12.38
C PRO B 166 -21.69 166.27 11.60
N HIS B 167 -21.70 167.55 11.22
CA HIS B 167 -20.63 168.19 10.44
C HIS B 167 -19.20 168.04 10.94
N ALA B 168 -19.05 167.75 12.24
CA ALA B 168 -17.75 167.78 12.89
C ALA B 168 -17.18 166.40 13.18
N ILE B 169 -17.98 165.39 12.84
CA ILE B 169 -17.62 164.00 12.96
C ILE B 169 -16.51 163.72 11.96
N MET B 170 -15.50 163.03 12.46
CA MET B 170 -14.45 162.49 11.62
C MET B 170 -14.61 160.98 11.72
N ARG B 171 -14.58 160.32 10.56
CA ARG B 171 -14.33 158.88 10.47
C ARG B 171 -12.87 158.60 10.15
N LEU B 172 -12.23 157.65 10.83
CA LEU B 172 -10.90 157.24 10.40
C LEU B 172 -11.12 155.84 9.86
N ASP B 173 -10.69 155.75 8.62
CA ASP B 173 -10.70 154.50 7.89
C ASP B 173 -9.61 153.57 8.39
N LEU B 174 -8.45 154.09 8.80
CA LEU B 174 -7.41 153.27 9.43
C LEU B 174 -7.87 152.71 10.78
N ALA B 175 -8.52 151.54 10.75
CA ALA B 175 -9.07 150.97 11.95
C ALA B 175 -8.42 149.64 12.34
N GLY B 176 -9.16 148.68 12.91
CA GLY B 176 -8.61 147.46 13.47
C GLY B 176 -8.32 146.38 12.44
N ARG B 177 -8.81 146.52 11.21
CA ARG B 177 -8.50 145.58 10.14
C ARG B 177 -7.06 145.82 9.70
N ASP B 178 -6.82 147.09 9.44
CA ASP B 178 -5.52 147.66 9.10
C ASP B 178 -4.50 147.26 10.15
N LEU B 179 -4.93 147.32 11.41
CA LEU B 179 -4.04 146.92 12.48
C LEU B 179 -3.74 145.44 12.46
N THR B 180 -4.75 144.58 12.27
CA THR B 180 -4.49 143.15 12.20
C THR B 180 -3.70 142.70 10.99
N ASP B 181 -3.87 143.33 9.83
CA ASP B 181 -3.01 143.08 8.69
C ASP B 181 -1.57 143.50 8.91
N TYR B 182 -1.42 144.60 9.67
CA TYR B 182 -0.10 145.10 10.02
C TYR B 182 0.60 144.10 10.94
N LEU B 183 -0.06 143.58 11.99
CA LEU B 183 0.55 142.58 12.87
C LEU B 183 0.99 141.36 12.04
N MET B 184 0.06 141.03 11.14
CA MET B 184 0.26 140.06 10.06
C MET B 184 1.37 140.40 9.06
N LYS B 185 1.88 141.62 8.87
CA LYS B 185 3.19 141.78 8.26
C LYS B 185 4.25 141.16 9.17
N ILE B 186 4.24 141.73 10.38
CA ILE B 186 5.41 141.75 11.22
C ILE B 186 5.76 140.38 11.80
N LEU B 187 4.81 139.62 12.35
CA LEU B 187 5.09 138.25 12.82
C LEU B 187 5.64 137.33 11.74
N THR B 188 5.12 137.57 10.54
CA THR B 188 5.53 136.90 9.33
C THR B 188 6.98 137.30 8.98
N GLU B 189 7.36 138.58 9.17
CA GLU B 189 8.74 139.02 9.00
C GLU B 189 9.71 138.50 10.08
N ARG B 190 9.21 138.32 11.31
CA ARG B 190 9.87 137.48 12.31
C ARG B 190 9.88 136.02 11.90
N GLY B 191 8.93 135.59 11.05
CA GLY B 191 9.01 134.29 10.42
C GLY B 191 7.85 133.33 10.63
N TYR B 192 6.79 133.76 11.30
CA TYR B 192 5.61 132.92 11.43
C TYR B 192 4.78 133.00 10.15
N SER B 193 3.81 132.11 9.99
CA SER B 193 3.03 132.06 8.77
C SER B 193 1.92 133.11 8.61
N PHE B 194 0.82 133.09 9.38
CA PHE B 194 -0.08 134.23 9.57
C PHE B 194 -0.65 135.07 8.43
N VAL B 195 -0.88 134.56 7.20
CA VAL B 195 -1.37 135.46 6.16
C VAL B 195 -2.56 134.97 5.34
N THR B 196 -2.96 133.70 5.41
CA THR B 196 -4.25 133.29 4.87
C THR B 196 -5.36 133.96 5.68
N THR B 197 -6.58 134.14 5.13
CA THR B 197 -7.69 134.71 5.88
C THR B 197 -8.04 133.94 7.15
N ALA B 198 -7.78 132.63 7.14
CA ALA B 198 -7.82 131.84 8.38
C ALA B 198 -6.81 132.36 9.40
N GLU B 199 -5.58 132.59 8.98
CA GLU B 199 -4.59 133.17 9.85
C GLU B 199 -4.77 134.66 10.07
N ARG B 200 -5.60 135.40 9.31
CA ARG B 200 -6.10 136.69 9.78
C ARG B 200 -6.95 136.43 11.01
N GLU B 201 -7.90 135.49 10.92
CA GLU B 201 -8.79 135.19 12.05
C GLU B 201 -8.03 134.91 13.34
N ILE B 202 -6.89 134.23 13.18
CA ILE B 202 -5.95 134.14 14.29
C ILE B 202 -5.32 135.50 14.64
N VAL B 203 -4.63 136.16 13.70
CA VAL B 203 -3.86 137.39 14.00
C VAL B 203 -4.67 138.61 14.49
N ARG B 204 -5.99 138.56 14.29
CA ARG B 204 -6.94 139.48 14.92
C ARG B 204 -6.96 139.32 16.42
N ASP B 205 -7.08 138.02 16.78
CA ASP B 205 -7.25 137.54 18.14
C ASP B 205 -6.02 137.82 18.97
N ILE B 206 -4.84 137.49 18.44
CA ILE B 206 -3.57 137.64 19.15
C ILE B 206 -3.37 139.07 19.61
N LYS B 207 -3.55 140.01 18.67
CA LYS B 207 -3.66 141.43 18.93
C LYS B 207 -4.63 141.78 20.05
N GLU B 208 -5.87 141.28 19.94
CA GLU B 208 -6.90 141.50 20.95
C GLU B 208 -6.44 141.00 22.33
N LYS B 209 -5.64 139.93 22.35
CA LYS B 209 -5.17 139.31 23.57
C LYS B 209 -3.90 139.96 24.13
N LEU B 210 -2.91 140.32 23.31
CA LEU B 210 -1.57 140.64 23.80
C LEU B 210 -0.97 142.01 23.46
N CYS B 211 -1.62 142.77 22.58
CA CYS B 211 -1.00 143.96 22.01
C CYS B 211 -1.44 145.26 22.67
N TYR B 212 -0.46 145.96 23.24
CA TYR B 212 -0.65 147.16 24.06
C TYR B 212 -0.10 148.42 23.40
N VAL B 213 -0.45 149.64 23.83
CA VAL B 213 0.34 150.81 23.46
C VAL B 213 1.23 151.09 24.67
N ALA B 214 2.34 151.81 24.50
CA ALA B 214 3.15 152.24 25.63
C ALA B 214 3.50 153.71 25.54
N LEU B 215 3.65 154.27 26.74
CA LEU B 215 3.53 155.70 26.98
C LEU B 215 4.54 156.61 26.27
N ASP B 216 5.73 156.06 26.07
CA ASP B 216 6.75 156.71 25.26
C ASP B 216 7.32 155.78 24.21
N PHE B 217 7.35 156.38 23.03
CA PHE B 217 7.73 155.72 21.80
C PHE B 217 9.21 155.40 21.73
N GLU B 218 10.06 156.33 22.18
CA GLU B 218 11.50 156.17 22.01
C GLU B 218 12.01 155.14 23.01
N ASN B 219 11.60 155.32 24.26
CA ASN B 219 11.94 154.38 25.32
C ASN B 219 11.44 152.97 25.09
N GLU B 220 10.21 152.85 24.57
CA GLU B 220 9.74 151.53 24.21
C GLU B 220 10.47 151.01 22.98
N MET B 221 10.90 151.84 22.01
CA MET B 221 11.77 151.36 20.95
C MET B 221 13.07 150.77 21.48
N ALA B 222 13.62 151.35 22.56
CA ALA B 222 14.77 150.77 23.24
C ALA B 222 14.53 149.39 23.87
N THR B 223 13.39 149.17 24.56
CA THR B 223 13.11 147.93 25.25
C THR B 223 12.87 146.77 24.29
N ALA B 224 12.09 147.11 23.26
CA ALA B 224 11.76 146.16 22.20
C ALA B 224 12.99 145.50 21.59
N ALA B 225 13.93 146.34 21.17
CA ALA B 225 15.21 145.91 20.62
C ALA B 225 16.22 145.32 21.62
N SER B 226 16.07 145.57 22.93
CA SER B 226 17.12 145.14 23.84
C SER B 226 16.76 144.14 24.91
N SER B 227 15.49 143.92 25.30
CA SER B 227 15.18 143.14 26.50
C SER B 227 14.18 142.01 26.29
N SER B 228 14.43 140.81 26.83
CA SER B 228 13.60 139.62 26.67
C SER B 228 12.24 139.62 27.39
N SER B 229 11.68 140.82 27.61
CA SER B 229 10.41 140.98 28.29
C SER B 229 9.26 140.98 27.28
N LEU B 230 9.50 141.39 26.04
CA LEU B 230 8.41 141.73 25.12
C LEU B 230 7.58 140.54 24.67
N GLU B 231 8.21 139.37 24.81
CA GLU B 231 7.76 138.08 24.31
C GLU B 231 6.75 137.34 25.18
N LYS B 232 5.68 136.92 24.53
CA LYS B 232 4.62 136.13 25.12
C LYS B 232 4.34 134.97 24.19
N SER B 233 4.18 133.80 24.79
CA SER B 233 3.89 132.58 24.03
C SER B 233 2.39 132.48 23.81
N TYR B 234 2.01 131.71 22.78
CA TYR B 234 0.64 131.59 22.33
C TYR B 234 0.47 130.35 21.44
N GLU B 235 -0.41 129.45 21.85
CA GLU B 235 -0.87 128.35 21.01
C GLU B 235 -1.81 128.96 19.99
N LEU B 236 -1.54 128.87 18.68
CA LEU B 236 -2.62 129.19 17.75
C LEU B 236 -3.47 127.95 17.47
N PRO B 237 -4.74 127.99 17.01
CA PRO B 237 -5.60 126.82 16.75
C PRO B 237 -5.22 125.65 15.82
N ASP B 238 -3.92 125.39 15.71
CA ASP B 238 -3.33 124.15 15.22
C ASP B 238 -2.58 123.50 16.39
N GLY B 239 -1.90 124.30 17.23
CA GLY B 239 -1.10 123.79 18.32
C GLY B 239 0.24 124.49 18.43
N GLN B 240 0.78 125.07 17.34
CA GLN B 240 2.10 125.68 17.41
C GLN B 240 2.10 126.90 18.30
N VAL B 241 2.56 126.61 19.52
CA VAL B 241 3.05 127.66 20.39
C VAL B 241 4.13 128.48 19.70
N ILE B 242 3.70 129.69 19.33
CA ILE B 242 4.58 130.71 18.76
C ILE B 242 5.18 131.62 19.84
N THR B 243 5.77 132.77 19.51
CA THR B 243 6.14 133.78 20.48
C THR B 243 5.94 135.17 19.87
N ILE B 244 4.87 135.85 20.26
CA ILE B 244 4.68 137.22 19.82
C ILE B 244 5.45 138.18 20.75
N GLY B 245 6.20 139.14 20.20
CA GLY B 245 6.88 140.14 20.99
C GLY B 245 7.22 141.39 20.18
N ASN B 246 7.43 142.57 20.81
CA ASN B 246 7.68 143.87 20.18
C ASN B 246 6.47 144.49 19.55
N GLU B 247 5.92 143.77 18.55
CA GLU B 247 4.73 144.10 17.77
C GLU B 247 3.55 144.51 18.62
N ARG B 248 3.52 143.85 19.76
CA ARG B 248 2.59 144.18 20.80
C ARG B 248 2.53 145.67 21.09
N PHE B 249 3.61 146.46 20.96
CA PHE B 249 3.60 147.92 20.91
C PHE B 249 3.65 148.47 19.47
N ARG B 250 4.38 147.78 18.59
CA ARG B 250 4.59 148.18 17.18
C ARG B 250 3.38 148.02 16.23
N CYS B 251 2.25 147.48 16.69
CA CYS B 251 1.02 147.52 15.93
C CYS B 251 0.16 148.72 16.37
N PRO B 252 -0.53 148.85 17.52
CA PRO B 252 -1.49 149.94 17.79
C PRO B 252 -0.93 151.36 17.85
N GLU B 253 0.40 151.45 17.91
CA GLU B 253 1.10 152.73 17.68
C GLU B 253 0.80 153.30 16.28
N THR B 254 0.21 152.51 15.38
CA THR B 254 -0.32 153.01 14.13
C THR B 254 -1.55 153.89 14.31
N LEU B 255 -2.41 153.69 15.32
CA LEU B 255 -3.46 154.65 15.62
C LEU B 255 -2.93 156.00 16.08
N PHE B 256 -1.65 156.08 16.47
CA PHE B 256 -1.04 157.30 16.95
C PHE B 256 -0.12 157.92 15.91
N GLN B 257 0.57 157.09 15.14
CA GLN B 257 1.39 157.54 14.03
C GLN B 257 1.00 156.67 12.82
N PRO B 258 -0.13 156.92 12.12
CA PRO B 258 -0.65 156.09 11.01
C PRO B 258 0.30 155.84 9.85
N SER B 259 1.29 156.73 9.79
CA SER B 259 2.45 156.63 8.91
C SER B 259 3.14 155.27 8.90
N PHE B 260 3.02 154.45 9.96
CA PHE B 260 3.61 153.12 10.08
C PHE B 260 3.33 152.12 8.95
N ILE B 261 2.17 152.29 8.32
CA ILE B 261 1.85 151.61 7.08
C ILE B 261 2.26 152.44 5.85
N GLY B 262 2.23 153.76 5.97
CA GLY B 262 2.43 154.66 4.84
C GLY B 262 1.10 155.22 4.35
N MET B 263 0.26 155.51 5.34
CA MET B 263 -1.08 156.02 5.10
C MET B 263 -1.27 157.48 5.51
N GLU B 264 -0.28 158.02 6.24
CA GLU B 264 -0.11 159.46 6.48
C GLU B 264 -1.17 160.25 7.22
N SER B 265 -2.33 159.65 7.54
CA SER B 265 -3.33 160.29 8.38
C SER B 265 -2.86 160.80 9.74
N ALA B 266 -3.51 161.88 10.20
CA ALA B 266 -3.31 162.38 11.55
C ALA B 266 -3.67 161.33 12.60
N GLY B 267 -2.90 161.20 13.66
CA GLY B 267 -3.19 160.24 14.72
C GLY B 267 -4.42 160.63 15.52
N ILE B 268 -5.04 159.65 16.19
CA ILE B 268 -6.26 159.87 16.95
C ILE B 268 -6.26 161.09 17.87
N HIS B 269 -5.25 161.25 18.73
CA HIS B 269 -5.00 162.48 19.48
C HIS B 269 -5.07 163.76 18.65
N GLU B 270 -4.48 163.80 17.44
CA GLU B 270 -4.64 164.92 16.54
C GLU B 270 -6.11 165.07 16.14
N THR B 271 -6.75 164.01 15.61
CA THR B 271 -8.13 164.04 15.12
C THR B 271 -9.17 164.51 16.14
N THR B 272 -8.90 164.14 17.39
CA THR B 272 -9.73 164.51 18.52
C THR B 272 -9.52 165.96 18.91
N TYR B 273 -8.29 166.46 18.82
CA TYR B 273 -8.03 167.87 19.12
C TYR B 273 -8.78 168.71 18.07
N ASN B 274 -8.60 168.30 16.82
CA ASN B 274 -9.20 168.95 15.67
C ASN B 274 -10.69 168.77 15.60
N SER B 275 -11.27 167.66 16.09
CA SER B 275 -12.70 167.54 16.16
C SER B 275 -13.25 168.50 17.21
N ILE B 276 -12.61 168.61 18.38
CA ILE B 276 -12.99 169.65 19.36
C ILE B 276 -12.71 171.06 18.83
N MET B 277 -11.70 171.18 17.98
CA MET B 277 -11.40 172.36 17.18
C MET B 277 -12.24 172.46 15.92
N LYS B 278 -13.20 171.56 15.70
CA LYS B 278 -14.36 171.87 14.89
C LYS B 278 -15.45 172.46 15.77
N CYS B 279 -15.24 172.64 17.08
CA CYS B 279 -16.21 173.28 17.94
C CYS B 279 -15.59 174.56 18.48
N ASP B 280 -16.47 175.42 18.97
CA ASP B 280 -16.22 176.76 19.52
C ASP B 280 -14.95 177.18 20.26
N ILE B 281 -15.06 177.84 21.42
CA ILE B 281 -13.95 178.19 22.29
C ILE B 281 -14.31 177.72 23.71
N ASP B 282 -14.81 178.54 24.66
CA ASP B 282 -14.97 178.14 26.07
C ASP B 282 -16.01 177.05 26.31
N ILE B 283 -16.98 176.97 25.40
CA ILE B 283 -17.91 175.85 25.28
C ILE B 283 -17.22 174.48 25.22
N ARG B 284 -15.98 174.42 24.73
CA ARG B 284 -15.17 173.21 24.76
C ARG B 284 -14.84 172.63 26.14
N LYS B 285 -15.12 173.31 27.28
CA LYS B 285 -14.81 172.79 28.64
C LYS B 285 -14.98 171.30 28.98
N ASP B 286 -16.22 170.80 29.11
CA ASP B 286 -16.41 169.38 29.32
C ASP B 286 -16.74 168.55 28.09
N LEU B 287 -16.25 169.02 26.92
CA LEU B 287 -15.94 168.10 25.84
C LEU B 287 -14.58 167.50 26.18
N TYR B 288 -13.63 168.40 26.44
CA TYR B 288 -12.35 168.02 27.01
C TYR B 288 -12.44 167.26 28.32
N ALA B 289 -13.45 167.59 29.12
CA ALA B 289 -13.76 166.77 30.28
C ALA B 289 -14.78 165.64 30.16
N ASN B 290 -15.50 165.42 29.06
CA ASN B 290 -16.33 164.22 28.94
C ASN B 290 -16.17 163.52 27.60
N ASN B 291 -14.93 163.08 27.46
CA ASN B 291 -14.48 162.49 26.22
C ASN B 291 -14.57 160.99 26.37
N VAL B 292 -15.52 160.44 25.64
CA VAL B 292 -15.85 159.03 25.74
C VAL B 292 -15.36 158.32 24.50
N MET B 293 -14.81 157.13 24.71
CA MET B 293 -14.41 156.29 23.60
C MET B 293 -15.29 155.05 23.50
N SER B 294 -15.28 154.40 22.33
CA SER B 294 -16.28 153.38 22.02
C SER B 294 -15.75 152.38 21.00
N GLY B 295 -16.36 151.20 20.96
CA GLY B 295 -16.15 150.29 19.84
C GLY B 295 -15.16 149.19 20.17
N GLY B 296 -14.51 148.62 19.16
CA GLY B 296 -13.67 147.47 19.37
C GLY B 296 -12.24 147.88 19.71
N THR B 297 -11.69 148.69 18.81
CA THR B 297 -10.27 149.01 18.85
C THR B 297 -9.89 149.90 20.05
N THR B 298 -10.85 150.41 20.83
CA THR B 298 -10.56 150.99 22.14
C THR B 298 -10.14 149.97 23.21
N MET B 299 -10.07 148.65 22.98
CA MET B 299 -9.70 147.73 24.05
C MET B 299 -8.23 147.74 24.46
N TYR B 300 -7.39 148.19 23.52
CA TYR B 300 -5.94 148.14 23.68
C TYR B 300 -5.39 148.75 24.96
N PRO B 301 -4.81 147.94 25.85
CA PRO B 301 -4.16 148.39 27.08
C PRO B 301 -3.03 149.35 26.75
N GLY B 302 -3.06 150.52 27.41
CA GLY B 302 -2.03 151.55 27.25
C GLY B 302 -2.52 152.81 26.53
N ILE B 303 -3.61 152.73 25.76
CA ILE B 303 -4.02 153.84 24.88
C ILE B 303 -4.45 155.10 25.61
N ALA B 304 -4.98 154.95 26.82
CA ALA B 304 -5.64 156.05 27.50
C ALA B 304 -4.62 156.96 28.15
N ASP B 305 -3.69 156.31 28.86
CA ASP B 305 -2.52 156.94 29.45
C ASP B 305 -1.73 157.66 28.36
N ARG B 306 -1.53 156.96 27.24
CA ARG B 306 -0.89 157.56 26.08
C ARG B 306 -1.64 158.77 25.51
N MET B 307 -2.91 158.57 25.11
CA MET B 307 -3.78 159.58 24.55
C MET B 307 -3.92 160.81 25.43
N GLN B 308 -4.21 160.70 26.74
CA GLN B 308 -4.27 161.87 27.63
C GLN B 308 -3.03 162.75 27.52
N LYS B 309 -1.85 162.15 27.59
CA LYS B 309 -0.60 162.87 27.39
C LYS B 309 -0.60 163.53 26.02
N GLU B 310 -0.87 162.74 24.97
CA GLU B 310 -0.70 163.25 23.62
C GLU B 310 -1.75 164.27 23.21
N ILE B 311 -2.93 164.29 23.85
CA ILE B 311 -3.95 165.28 23.53
C ILE B 311 -3.68 166.56 24.31
N THR B 312 -3.13 166.41 25.53
CA THR B 312 -2.79 167.55 26.37
C THR B 312 -1.60 168.33 25.80
N ALA B 313 -0.56 167.64 25.31
CA ALA B 313 0.54 168.29 24.59
C ALA B 313 0.06 169.24 23.49
N LEU B 314 -0.91 168.76 22.72
CA LEU B 314 -1.53 169.57 21.68
C LEU B 314 -2.36 170.76 22.17
N ALA B 315 -2.75 170.86 23.45
CA ALA B 315 -3.82 171.76 23.85
C ALA B 315 -3.57 172.69 25.05
N PRO B 316 -4.13 173.92 25.05
CA PRO B 316 -4.05 174.87 26.16
C PRO B 316 -4.40 174.32 27.54
N SER B 317 -3.28 174.10 28.24
CA SER B 317 -3.18 173.26 29.43
C SER B 317 -4.25 173.29 30.51
N THR B 318 -5.12 174.31 30.57
CA THR B 318 -6.18 174.41 31.57
C THR B 318 -7.44 173.62 31.26
N MET B 319 -7.62 173.10 30.05
CA MET B 319 -8.81 172.31 29.74
C MET B 319 -8.85 171.04 30.58
N LYS B 320 -9.97 170.71 31.22
CA LYS B 320 -9.93 169.61 32.16
C LYS B 320 -10.03 168.33 31.35
N ILE B 321 -8.92 167.62 31.14
CA ILE B 321 -8.93 166.34 30.46
C ILE B 321 -9.57 165.28 31.33
N LYS B 322 -10.65 164.68 30.80
CA LYS B 322 -11.28 163.53 31.43
C LYS B 322 -11.95 162.62 30.40
N ILE B 323 -11.17 161.62 30.05
CA ILE B 323 -11.50 160.58 29.08
C ILE B 323 -11.93 159.33 29.84
N ILE B 324 -13.10 158.78 29.51
CA ILE B 324 -13.70 157.69 30.27
C ILE B 324 -13.47 156.38 29.53
N ALA B 325 -13.10 155.31 30.23
CA ALA B 325 -12.99 154.01 29.59
C ALA B 325 -13.74 152.92 30.34
N PRO B 326 -14.99 152.61 29.97
CA PRO B 326 -15.72 151.45 30.47
C PRO B 326 -15.09 150.13 30.02
N PRO B 327 -15.17 149.03 30.80
CA PRO B 327 -14.69 147.70 30.39
C PRO B 327 -15.56 146.90 29.42
N GLU B 328 -16.88 147.15 29.38
CA GLU B 328 -17.79 146.54 28.39
C GLU B 328 -17.63 146.94 26.92
N ARG B 329 -16.93 148.06 26.72
CA ARG B 329 -16.93 148.87 25.51
C ARG B 329 -17.23 148.39 24.09
N LYS B 330 -16.99 147.13 23.71
CA LYS B 330 -17.46 146.61 22.43
C LYS B 330 -18.99 146.62 22.30
N TYR B 331 -19.65 146.65 23.48
CA TYR B 331 -21.11 146.65 23.59
C TYR B 331 -21.80 147.95 23.98
N SER B 332 -21.03 149.02 24.25
CA SER B 332 -21.56 150.29 24.73
C SER B 332 -22.68 150.90 23.85
N VAL B 333 -22.53 150.74 22.54
CA VAL B 333 -23.58 151.08 21.59
C VAL B 333 -24.81 150.15 21.62
N TRP B 334 -24.65 148.87 21.98
CA TRP B 334 -25.81 148.05 22.32
C TRP B 334 -26.46 148.54 23.62
N ILE B 335 -25.69 148.74 24.69
CA ILE B 335 -26.27 149.18 25.95
C ILE B 335 -26.73 150.65 25.95
N GLY B 336 -26.30 151.42 24.96
CA GLY B 336 -26.94 152.69 24.67
C GLY B 336 -28.29 152.52 24.03
N GLY B 337 -28.54 151.38 23.35
CA GLY B 337 -29.78 151.17 22.64
C GLY B 337 -30.87 150.57 23.53
N SER B 338 -30.58 149.40 24.10
CA SER B 338 -31.54 148.62 24.89
C SER B 338 -32.25 149.40 25.99
N ILE B 339 -31.49 149.95 26.94
CA ILE B 339 -32.01 150.78 28.01
C ILE B 339 -32.72 152.01 27.45
N LEU B 340 -32.17 152.66 26.41
CA LEU B 340 -32.80 153.84 25.83
C LEU B 340 -34.04 153.49 25.01
N ALA B 341 -34.17 152.22 24.61
CA ALA B 341 -35.37 151.71 23.97
C ALA B 341 -36.40 151.41 25.05
N SER B 342 -35.97 150.85 26.18
CA SER B 342 -36.81 150.59 27.35
C SER B 342 -37.38 151.85 27.98
N LEU B 343 -36.62 152.96 27.92
CA LEU B 343 -37.05 154.23 28.49
C LEU B 343 -38.36 154.76 27.89
N SER B 344 -39.39 154.97 28.72
CA SER B 344 -40.76 155.22 28.28
C SER B 344 -40.99 156.38 27.31
N THR B 345 -40.34 157.51 27.59
CA THR B 345 -40.36 158.69 26.71
C THR B 345 -40.03 158.44 25.24
N PHE B 346 -39.34 157.32 24.99
CA PHE B 346 -38.90 156.93 23.66
C PHE B 346 -40.00 156.24 22.86
N GLN B 347 -41.16 155.84 23.40
CA GLN B 347 -42.22 155.19 22.60
C GLN B 347 -42.71 155.98 21.38
N GLN B 348 -42.62 157.29 21.57
CA GLN B 348 -42.98 158.26 20.55
C GLN B 348 -41.87 158.42 19.52
N MET B 349 -40.61 158.07 19.85
CA MET B 349 -39.49 158.33 18.96
C MET B 349 -39.28 157.29 17.86
N TRP B 350 -39.58 156.00 18.10
CA TRP B 350 -39.57 154.96 17.06
C TRP B 350 -40.17 155.31 15.70
N ILE B 351 -39.72 154.71 14.59
CA ILE B 351 -40.43 154.82 13.32
C ILE B 351 -41.42 153.67 13.26
N THR B 352 -42.72 153.95 13.35
CA THR B 352 -43.72 152.88 13.32
C THR B 352 -43.89 152.22 11.94
N LYS B 353 -44.46 151.00 11.90
CA LYS B 353 -44.87 150.43 10.62
C LYS B 353 -45.86 151.31 9.86
N GLN B 354 -46.84 151.93 10.54
CA GLN B 354 -47.85 152.78 9.91
C GLN B 354 -47.25 154.01 9.26
N GLU B 355 -46.50 154.79 10.04
CA GLU B 355 -45.82 155.96 9.51
C GLU B 355 -44.96 155.65 8.31
N TYR B 356 -44.30 154.48 8.27
CA TYR B 356 -43.60 154.05 7.06
C TYR B 356 -44.51 153.98 5.85
N ASP B 357 -45.75 153.51 6.03
CA ASP B 357 -46.64 153.25 4.91
C ASP B 357 -46.96 154.54 4.20
N GLU B 358 -47.43 155.52 4.97
CA GLU B 358 -47.63 156.87 4.47
C GLU B 358 -46.33 157.56 4.06
N ALA B 359 -45.31 157.70 4.92
CA ALA B 359 -44.10 158.43 4.53
C ALA B 359 -43.15 157.79 3.53
N GLY B 360 -43.21 156.46 3.35
CA GLY B 360 -42.22 155.72 2.57
C GLY B 360 -40.85 155.64 3.25
N PRO B 361 -39.78 155.15 2.59
CA PRO B 361 -38.42 155.10 3.13
C PRO B 361 -37.96 156.42 3.73
N SER B 362 -38.32 157.50 3.05
CA SER B 362 -38.16 158.88 3.48
C SER B 362 -38.51 159.34 4.89
N ILE B 363 -38.91 158.44 5.81
CA ILE B 363 -38.98 158.79 7.22
C ILE B 363 -37.69 158.55 8.03
N VAL B 364 -36.73 157.78 7.51
CA VAL B 364 -35.52 157.41 8.23
C VAL B 364 -34.55 158.53 8.59
N ALA C 1 35.37 131.11 -6.63
CA ALA C 1 33.97 130.93 -6.99
C ALA C 1 33.25 130.51 -5.71
N ALA C 2 31.94 130.77 -5.65
CA ALA C 2 31.13 130.57 -4.45
C ALA C 2 30.16 129.40 -4.59
N LEU C 3 29.27 129.19 -3.61
CA LEU C 3 28.29 128.10 -3.61
C LEU C 3 26.91 128.65 -3.30
N VAL C 4 25.87 127.99 -3.84
CA VAL C 4 24.47 128.39 -3.74
C VAL C 4 23.68 127.10 -3.61
N ILE C 5 22.91 126.96 -2.52
CA ILE C 5 22.11 125.77 -2.20
C ILE C 5 20.64 126.09 -1.81
N ASP C 6 19.70 126.16 -2.77
CA ASP C 6 18.26 126.36 -2.54
C ASP C 6 17.64 125.18 -1.78
N ASN C 7 17.31 125.40 -0.52
CA ASN C 7 16.83 124.32 0.34
C ASN C 7 15.33 124.12 0.23
N GLY C 8 14.94 123.42 -0.84
CA GLY C 8 13.52 123.27 -1.14
C GLY C 8 12.84 122.18 -0.34
N SER C 9 11.64 122.50 0.14
CA SER C 9 10.72 121.55 0.78
C SER C 9 10.49 120.22 0.03
N GLY C 10 10.67 120.19 -1.29
CA GLY C 10 10.82 118.91 -1.96
C GLY C 10 12.22 118.68 -2.50
N MET C 11 12.74 119.67 -3.22
CA MET C 11 13.97 119.51 -3.96
C MET C 11 14.91 120.62 -3.55
N CYS C 12 16.06 120.25 -2.97
CA CYS C 12 17.16 121.17 -2.72
C CYS C 12 18.04 121.36 -3.95
N LYS C 13 18.66 122.51 -4.15
CA LYS C 13 19.39 122.82 -5.36
C LYS C 13 20.71 123.50 -5.05
N ALA C 14 21.79 122.75 -5.22
CA ALA C 14 23.12 123.28 -4.96
C ALA C 14 23.95 123.67 -6.18
N GLY C 15 25.02 124.40 -5.97
CA GLY C 15 25.99 124.60 -7.01
C GLY C 15 26.91 125.73 -6.65
N PHE C 16 27.53 126.23 -7.70
CA PHE C 16 28.48 127.31 -7.59
C PHE C 16 27.82 128.60 -8.04
N ALA C 17 28.48 129.71 -7.74
CA ALA C 17 28.15 130.97 -8.38
C ALA C 17 28.53 130.93 -9.86
N GLY C 18 27.75 131.49 -10.78
CA GLY C 18 28.21 131.65 -12.15
C GLY C 18 27.61 130.66 -13.14
N ASP C 19 27.41 129.39 -12.72
CA ASP C 19 26.72 128.41 -13.53
C ASP C 19 25.26 128.82 -13.74
N ASP C 20 24.76 128.41 -14.90
CA ASP C 20 23.38 128.56 -15.33
C ASP C 20 22.37 127.58 -14.72
N ALA C 21 22.72 126.30 -14.65
CA ALA C 21 21.82 125.27 -14.14
C ALA C 21 22.27 124.70 -12.80
N PRO C 22 21.42 124.46 -11.79
CA PRO C 22 21.85 123.94 -10.48
C PRO C 22 22.61 122.62 -10.48
N ARG C 23 23.80 122.67 -9.88
CA ARG C 23 24.70 121.53 -9.92
C ARG C 23 24.20 120.33 -9.14
N ALA C 24 23.61 120.47 -7.94
CA ALA C 24 23.08 119.31 -7.25
C ALA C 24 21.61 119.47 -6.94
N VAL C 25 20.76 118.96 -7.83
CA VAL C 25 19.32 119.02 -7.67
C VAL C 25 18.93 117.71 -7.00
N PHE C 26 18.36 117.74 -5.79
CA PHE C 26 18.11 116.53 -5.04
C PHE C 26 16.97 116.71 -4.08
N PRO C 27 16.22 115.67 -3.71
CA PRO C 27 15.23 115.70 -2.66
C PRO C 27 15.80 116.10 -1.31
N SER C 28 15.08 116.95 -0.62
CA SER C 28 15.58 117.44 0.64
C SER C 28 15.04 116.46 1.66
N ILE C 29 15.65 115.29 1.68
CA ILE C 29 15.28 114.22 2.59
C ILE C 29 16.59 113.82 3.25
N VAL C 30 16.55 113.46 4.53
CA VAL C 30 17.64 112.76 5.21
C VAL C 30 17.04 111.40 5.55
N GLY C 31 17.74 110.30 5.27
CA GLY C 31 17.23 108.96 5.55
C GLY C 31 18.15 108.22 6.51
N ARG C 32 17.58 107.68 7.58
CA ARG C 32 18.36 107.01 8.62
C ARG C 32 17.98 105.54 8.67
N PRO C 33 18.89 104.57 8.62
CA PRO C 33 18.55 103.15 8.73
C PRO C 33 17.94 102.80 10.09
N ARG C 34 16.85 102.04 10.02
CA ARG C 34 16.13 101.65 11.22
C ARG C 34 16.91 100.74 12.13
N HIS C 35 17.88 99.98 11.62
CA HIS C 35 18.77 99.15 12.44
C HIS C 35 20.11 99.17 11.71
N GLN C 36 21.17 99.77 12.24
CA GLN C 36 22.34 100.09 11.42
C GLN C 36 23.35 98.94 11.41
N GLY C 37 23.90 98.56 10.26
CA GLY C 37 24.61 97.28 10.15
C GLY C 37 26.12 97.42 10.07
N ILE C 38 26.78 96.30 9.77
CA ILE C 38 28.24 96.29 9.63
C ILE C 38 28.66 96.41 8.16
N MET C 39 27.73 96.18 7.22
CA MET C 39 28.10 95.88 5.84
C MET C 39 27.29 96.63 4.78
N VAL C 40 27.69 96.45 3.52
CA VAL C 40 26.92 96.90 2.37
C VAL C 40 25.55 96.22 2.31
N GLY C 41 24.54 96.88 1.73
CA GLY C 41 23.21 96.31 1.62
C GLY C 41 22.39 96.45 2.90
N MET C 42 22.97 95.97 3.99
CA MET C 42 22.41 95.98 5.33
C MET C 42 22.04 97.31 5.96
N GLY C 43 22.54 98.47 5.52
CA GLY C 43 22.15 99.74 6.10
C GLY C 43 23.21 100.28 7.05
N GLN C 44 24.25 100.81 6.42
CA GLN C 44 25.53 101.07 7.08
C GLN C 44 25.90 102.52 7.39
N LYS C 45 25.53 103.45 6.50
CA LYS C 45 25.84 104.87 6.62
C LYS C 45 24.84 105.51 7.56
N ASP C 46 25.25 106.39 8.49
CA ASP C 46 24.35 106.95 9.50
C ASP C 46 23.23 107.87 9.05
N SER C 47 23.34 108.50 7.88
CA SER C 47 22.22 109.21 7.26
C SER C 47 22.46 109.33 5.76
N TYR C 48 21.41 109.23 4.93
CA TYR C 48 21.52 109.26 3.47
C TYR C 48 20.68 110.42 2.94
N VAL C 49 21.21 111.25 2.06
CA VAL C 49 20.52 112.46 1.63
C VAL C 49 20.40 112.38 0.12
N GLY C 50 19.28 112.88 -0.39
CA GLY C 50 18.98 112.81 -1.80
C GLY C 50 18.49 111.43 -2.22
N ASP C 51 18.49 111.25 -3.54
CA ASP C 51 17.87 110.10 -4.19
C ASP C 51 18.35 108.72 -3.71
N GLU C 52 19.54 108.58 -3.10
CA GLU C 52 19.93 107.31 -2.49
C GLU C 52 18.98 106.97 -1.34
N ALA C 53 18.71 107.92 -0.44
CA ALA C 53 17.85 107.68 0.71
C ALA C 53 16.46 107.20 0.30
N GLN C 54 16.06 107.79 -0.84
CA GLN C 54 14.77 107.60 -1.46
C GLN C 54 14.65 106.25 -2.14
N SER C 55 15.71 105.77 -2.79
CA SER C 55 15.65 104.43 -3.35
C SER C 55 15.54 103.43 -2.20
N LYS C 56 16.30 103.73 -1.14
CA LYS C 56 16.47 102.80 -0.04
C LYS C 56 15.38 102.77 1.02
N ARG C 57 14.12 103.00 0.60
CA ARG C 57 13.00 103.01 1.52
C ARG C 57 12.83 101.71 2.29
N GLY C 58 13.38 100.60 1.77
CA GLY C 58 13.45 99.34 2.48
C GLY C 58 14.21 99.42 3.80
N ILE C 59 15.36 100.09 3.85
CA ILE C 59 16.13 100.15 5.09
C ILE C 59 15.90 101.35 6.00
N LEU C 60 15.46 102.47 5.43
CA LEU C 60 15.53 103.76 6.10
C LEU C 60 14.24 104.37 6.64
N THR C 61 14.40 105.45 7.41
CA THR C 61 13.33 106.33 7.83
C THR C 61 13.66 107.70 7.23
N LEU C 62 12.73 108.19 6.38
CA LEU C 62 12.94 109.40 5.62
C LEU C 62 12.41 110.66 6.30
N ARG C 63 13.22 111.73 6.40
CA ARG C 63 12.82 112.98 7.06
C ARG C 63 13.21 114.25 6.32
N TYR C 64 12.25 115.17 6.17
CA TYR C 64 12.43 116.41 5.42
C TYR C 64 12.53 117.57 6.41
N PRO C 65 13.66 118.22 6.64
CA PRO C 65 13.80 119.33 7.60
C PRO C 65 13.12 120.69 7.40
N ILE C 66 12.35 120.88 6.34
CA ILE C 66 12.04 122.21 5.84
C ILE C 66 10.63 122.10 5.33
N GLU C 67 9.69 122.64 6.09
CA GLU C 67 8.27 122.58 5.79
C GLU C 67 7.70 123.98 5.66
N HIS C 68 7.40 124.37 4.41
CA HIS C 68 6.83 125.67 4.03
C HIS C 68 7.91 126.74 4.02
N GLY C 69 9.08 126.32 3.55
CA GLY C 69 10.29 127.11 3.68
C GLY C 69 10.81 127.19 5.10
N ILE C 70 10.01 126.86 6.13
CA ILE C 70 10.39 127.03 7.50
C ILE C 70 11.19 125.78 7.78
N VAL C 71 12.47 125.98 8.01
CA VAL C 71 13.30 124.87 8.48
C VAL C 71 12.84 124.48 9.89
N THR C 72 12.24 123.32 10.04
CA THR C 72 11.77 122.87 11.34
C THR C 72 12.87 122.17 12.13
N ASN C 73 13.69 121.41 11.41
CA ASN C 73 14.73 120.61 12.02
C ASN C 73 16.12 120.90 11.47
N TRP C 74 17.00 121.22 12.41
CA TRP C 74 18.36 121.62 12.10
C TRP C 74 19.39 120.51 12.06
N ASP C 75 19.10 119.41 12.76
CA ASP C 75 19.93 118.22 12.65
C ASP C 75 19.78 117.50 11.33
N ASP C 76 18.64 117.61 10.65
CA ASP C 76 18.52 116.99 9.34
C ASP C 76 19.03 117.89 8.24
N MET C 77 18.69 119.18 8.33
CA MET C 77 19.23 120.22 7.46
C MET C 77 20.76 120.31 7.40
N GLU C 78 21.39 120.23 8.58
CA GLU C 78 22.85 120.25 8.69
C GLU C 78 23.43 119.03 7.96
N LYS C 79 22.89 117.85 8.31
CA LYS C 79 23.44 116.62 7.80
C LYS C 79 23.23 116.44 6.31
N ILE C 80 22.16 117.07 5.74
CA ILE C 80 22.05 117.26 4.29
C ILE C 80 23.33 117.89 3.77
N TRP C 81 23.59 119.12 4.23
CA TRP C 81 24.75 119.90 3.84
C TRP C 81 26.07 119.16 3.97
N HIS C 82 26.36 118.40 5.03
CA HIS C 82 27.58 117.59 5.13
C HIS C 82 27.75 116.68 3.91
N HIS C 83 26.61 116.24 3.38
CA HIS C 83 26.49 115.49 2.14
C HIS C 83 26.47 116.41 0.92
N THR C 84 25.80 117.56 0.91
CA THR C 84 25.92 118.53 -0.17
C THR C 84 27.35 118.97 -0.43
N PHE C 85 28.20 119.05 0.59
CA PHE C 85 29.59 119.36 0.38
C PHE C 85 30.34 118.10 -0.02
N TYR C 86 30.35 117.07 0.82
CA TYR C 86 31.27 115.96 0.59
C TYR C 86 30.75 114.90 -0.36
N ASN C 87 29.44 114.88 -0.60
CA ASN C 87 28.84 113.85 -1.43
C ASN C 87 28.18 114.37 -2.71
N GLU C 88 27.49 115.53 -2.69
CA GLU C 88 26.90 116.10 -3.89
C GLU C 88 27.91 116.93 -4.66
N LEU C 89 28.16 118.16 -4.18
CA LEU C 89 28.99 119.13 -4.87
C LEU C 89 30.47 118.80 -4.91
N ARG C 90 30.86 117.90 -3.99
CA ARG C 90 32.20 117.35 -3.89
C ARG C 90 33.26 118.44 -3.68
N VAL C 91 32.97 119.21 -2.64
CA VAL C 91 33.74 120.38 -2.23
C VAL C 91 33.90 120.38 -0.72
N ALA C 92 34.79 121.29 -0.29
CA ALA C 92 35.13 121.50 1.11
C ALA C 92 34.64 122.88 1.52
N PRO C 93 33.58 122.95 2.34
CA PRO C 93 32.86 124.18 2.66
C PRO C 93 33.67 125.42 3.01
N GLU C 94 34.78 125.24 3.71
CA GLU C 94 35.69 126.28 4.17
C GLU C 94 36.42 127.02 3.05
N GLU C 95 36.43 126.44 1.86
CA GLU C 95 37.02 127.06 0.69
C GLU C 95 36.13 128.02 -0.09
N HIS C 96 34.82 127.78 -0.13
CA HIS C 96 33.94 128.52 -1.04
C HIS C 96 32.93 129.38 -0.28
N PRO C 97 32.65 130.64 -0.60
CA PRO C 97 31.54 131.41 -0.02
C PRO C 97 30.19 130.74 -0.27
N VAL C 98 29.16 130.85 0.57
CA VAL C 98 27.95 130.07 0.41
C VAL C 98 26.81 131.05 0.44
N LEU C 99 25.83 130.77 -0.40
CA LEU C 99 24.57 131.46 -0.43
C LEU C 99 23.56 130.33 -0.33
N LEU C 100 22.69 130.46 0.67
CA LEU C 100 21.63 129.49 0.89
C LEU C 100 20.35 130.29 0.81
N THR C 101 19.27 129.65 0.41
CA THR C 101 17.99 130.32 0.35
C THR C 101 17.22 130.30 1.67
N GLU C 102 16.25 131.21 1.76
CA GLU C 102 15.31 131.21 2.85
C GLU C 102 13.97 131.67 2.32
N ALA C 103 12.88 131.27 2.99
CA ALA C 103 11.54 131.61 2.53
C ALA C 103 11.20 133.09 2.51
N PRO C 104 10.26 133.57 1.68
CA PRO C 104 9.67 134.89 1.83
C PRO C 104 8.95 134.90 3.17
N MET C 105 9.43 135.69 4.13
CA MET C 105 8.97 135.68 5.52
C MET C 105 9.39 134.42 6.30
N ASN C 106 10.70 134.29 6.45
CA ASN C 106 11.35 133.13 7.08
C ASN C 106 11.80 133.53 8.49
N PRO C 107 11.78 132.63 9.50
CA PRO C 107 12.14 132.93 10.88
C PRO C 107 13.49 133.54 11.16
N LYS C 108 13.49 134.59 11.99
CA LYS C 108 14.75 135.13 12.50
C LYS C 108 15.61 134.12 13.24
N SER C 109 15.06 133.35 14.18
CA SER C 109 15.82 132.30 14.85
C SER C 109 16.33 131.24 13.88
N ASN C 110 15.51 130.84 12.90
CA ASN C 110 15.99 129.96 11.84
C ASN C 110 17.09 130.56 10.98
N ARG C 111 16.99 131.84 10.68
CA ARG C 111 18.03 132.57 9.97
C ARG C 111 19.27 132.53 10.85
N GLU C 112 19.25 133.21 12.01
CA GLU C 112 20.31 133.21 13.01
C GLU C 112 20.88 131.83 13.32
N LYS C 113 20.09 130.75 13.31
CA LYS C 113 20.64 129.41 13.50
C LYS C 113 21.41 128.93 12.26
N MET C 114 20.90 129.17 11.05
CA MET C 114 21.57 128.80 9.82
C MET C 114 22.91 129.52 9.74
N THR C 115 22.87 130.81 10.08
CA THR C 115 24.03 131.65 10.25
C THR C 115 25.08 131.02 11.17
N GLN C 116 24.66 130.55 12.36
CA GLN C 116 25.53 129.80 13.27
C GLN C 116 26.21 128.60 12.59
N ILE C 117 25.42 127.63 12.10
CA ILE C 117 25.94 126.36 11.57
C ILE C 117 26.95 126.52 10.42
N MET C 118 26.64 127.43 9.50
CA MET C 118 27.46 127.66 8.33
C MET C 118 28.89 128.09 8.63
N PHE C 119 29.06 129.16 9.40
CA PHE C 119 30.39 129.59 9.79
C PHE C 119 31.08 128.69 10.81
N GLU C 120 30.28 127.88 11.54
CA GLU C 120 30.76 126.94 12.54
C GLU C 120 30.96 125.48 12.17
N THR C 121 29.96 124.57 12.16
CA THR C 121 30.18 123.17 11.81
C THR C 121 30.67 123.02 10.36
N PHE C 122 30.48 124.08 9.57
CA PHE C 122 31.02 124.12 8.22
C PHE C 122 32.12 125.13 7.92
N ASN C 123 32.37 126.13 8.79
CA ASN C 123 33.49 127.06 8.65
C ASN C 123 33.65 127.79 7.31
N VAL C 124 32.55 127.96 6.55
CA VAL C 124 32.54 128.54 5.21
C VAL C 124 33.13 129.95 5.22
N PRO C 125 33.99 130.47 4.34
CA PRO C 125 34.62 131.77 4.51
C PRO C 125 33.63 132.92 4.54
N ALA C 126 32.49 132.74 3.86
CA ALA C 126 31.51 133.79 3.67
C ALA C 126 30.19 133.15 3.30
N PHE C 127 29.12 133.85 3.68
CA PHE C 127 27.78 133.30 3.63
C PHE C 127 26.78 134.43 3.40
N TYR C 128 25.63 134.14 2.79
CA TYR C 128 24.47 135.02 2.84
C TYR C 128 23.27 134.11 2.67
N VAL C 129 22.18 134.47 3.34
CA VAL C 129 20.89 133.78 3.23
C VAL C 129 19.96 134.64 2.37
N SER C 130 19.17 134.09 1.45
CA SER C 130 18.31 134.92 0.60
C SER C 130 16.89 134.46 0.32
N ILE C 131 15.98 135.44 0.38
CA ILE C 131 14.55 135.22 0.23
C ILE C 131 14.15 134.76 -1.17
N GLN C 132 13.63 133.52 -1.23
CA GLN C 132 13.26 132.80 -2.45
C GLN C 132 12.68 133.59 -3.63
N ALA C 133 11.42 134.03 -3.63
CA ALA C 133 10.89 134.95 -4.63
C ALA C 133 11.73 136.16 -5.01
N VAL C 134 12.60 136.70 -4.12
CA VAL C 134 13.31 137.94 -4.44
C VAL C 134 14.44 137.61 -5.42
N LEU C 135 14.96 136.40 -5.22
CA LEU C 135 15.91 135.78 -6.12
C LEU C 135 15.25 135.38 -7.42
N SER C 136 14.01 134.91 -7.46
CA SER C 136 13.33 134.69 -8.72
C SER C 136 13.20 136.00 -9.50
N LEU C 137 12.85 137.08 -8.79
CA LEU C 137 12.88 138.45 -9.32
C LEU C 137 14.21 138.86 -9.96
N TYR C 138 15.33 138.46 -9.37
CA TYR C 138 16.61 138.67 -10.00
C TYR C 138 16.72 137.87 -11.28
N SER C 139 16.33 136.60 -11.31
CA SER C 139 16.25 135.85 -12.56
C SER C 139 15.14 136.26 -13.52
N SER C 140 14.29 137.23 -13.13
CA SER C 140 13.27 137.74 -14.02
C SER C 140 13.65 139.04 -14.73
N GLY C 141 14.85 139.53 -14.41
CA GLY C 141 15.38 140.77 -14.95
C GLY C 141 14.66 142.00 -14.40
N ARG C 142 14.47 142.02 -13.08
CA ARG C 142 13.79 143.11 -12.42
C ARG C 142 14.48 143.69 -11.21
N THR C 143 14.06 144.93 -10.98
CA THR C 143 13.99 145.47 -9.64
C THR C 143 12.55 145.55 -9.12
N THR C 144 11.50 145.53 -9.94
CA THR C 144 10.14 145.59 -9.40
C THR C 144 9.31 144.40 -9.87
N GLY C 145 8.69 143.66 -8.95
CA GLY C 145 7.86 142.54 -9.36
C GLY C 145 7.04 141.92 -8.25
N ILE C 146 5.74 141.73 -8.50
CA ILE C 146 4.88 140.91 -7.67
C ILE C 146 5.09 139.49 -8.18
N VAL C 147 5.87 138.82 -7.33
CA VAL C 147 6.38 137.49 -7.60
C VAL C 147 5.64 136.53 -6.69
N LEU C 148 5.20 135.45 -7.34
CA LEU C 148 4.43 134.39 -6.71
C LEU C 148 5.16 133.07 -6.90
N ASP C 149 5.73 132.61 -5.79
CA ASP C 149 6.35 131.31 -5.70
C ASP C 149 5.36 130.21 -5.30
N SER C 150 5.47 129.02 -5.90
CA SER C 150 4.86 127.81 -5.38
C SER C 150 5.88 126.72 -5.67
N GLY C 151 6.46 126.24 -4.57
CA GLY C 151 7.47 125.22 -4.67
C GLY C 151 6.80 123.89 -4.40
N ASP C 152 7.50 123.00 -3.70
CA ASP C 152 6.89 121.76 -3.27
C ASP C 152 6.10 121.94 -1.98
N GLY C 153 6.62 122.81 -1.12
CA GLY C 153 5.99 123.13 0.15
C GLY C 153 5.19 124.43 0.21
N VAL C 154 5.77 125.56 -0.15
CA VAL C 154 5.15 126.85 0.14
C VAL C 154 4.85 127.69 -1.09
N THR C 155 3.92 128.63 -0.93
CA THR C 155 3.35 129.39 -2.01
C THR C 155 3.13 130.84 -1.57
N HIS C 156 4.14 131.68 -1.85
CA HIS C 156 4.30 133.02 -1.33
C HIS C 156 4.31 134.08 -2.44
N VAL C 157 3.64 135.22 -2.22
CA VAL C 157 3.40 136.30 -3.15
C VAL C 157 4.07 137.48 -2.46
N VAL C 158 4.86 138.25 -3.20
CA VAL C 158 5.73 139.29 -2.65
C VAL C 158 5.68 140.50 -3.59
N PRO C 159 5.41 141.72 -3.09
CA PRO C 159 5.54 142.96 -3.86
C PRO C 159 6.92 143.63 -3.83
N ILE C 160 7.74 143.33 -4.84
CA ILE C 160 9.07 143.87 -4.84
C ILE C 160 9.05 145.20 -5.57
N TYR C 161 9.19 146.24 -4.77
CA TYR C 161 9.33 147.58 -5.29
C TYR C 161 10.75 148.07 -5.10
N ALA C 162 11.39 148.32 -6.25
CA ALA C 162 12.76 148.79 -6.31
C ALA C 162 13.72 147.95 -5.47
N GLY C 163 13.62 146.63 -5.60
CA GLY C 163 14.47 145.69 -4.88
C GLY C 163 13.99 145.39 -3.47
N PHE C 164 13.20 146.30 -2.88
CA PHE C 164 12.68 146.11 -1.55
C PHE C 164 11.40 145.32 -1.71
N SER C 165 11.34 144.25 -0.93
CA SER C 165 10.08 143.56 -0.73
C SER C 165 9.21 144.41 0.19
N LEU C 166 7.92 144.60 -0.11
CA LEU C 166 6.97 145.19 0.81
C LEU C 166 6.23 144.15 1.65
N PRO C 167 6.74 143.88 2.87
CA PRO C 167 6.25 142.83 3.76
C PRO C 167 4.79 142.99 4.12
N HIS C 168 4.32 144.23 4.24
CA HIS C 168 2.91 144.49 4.47
C HIS C 168 1.98 144.04 3.36
N ALA C 169 2.42 143.33 2.32
CA ALA C 169 1.53 142.59 1.45
C ALA C 169 2.01 141.19 1.13
N ILE C 170 3.14 140.70 1.70
CA ILE C 170 3.67 139.39 1.33
C ILE C 170 2.72 138.28 1.76
N LEU C 171 2.12 137.65 0.76
CA LEU C 171 1.06 136.68 0.97
C LEU C 171 1.36 135.24 0.63
N ARG C 172 0.44 134.35 1.02
CA ARG C 172 0.71 132.92 1.00
C ARG C 172 -0.58 132.11 1.09
N ILE C 173 -0.50 130.95 0.44
CA ILE C 173 -1.42 129.85 0.62
C ILE C 173 -0.49 128.68 0.91
N ASP C 174 -0.69 127.93 2.01
CA ASP C 174 0.08 126.71 2.23
C ASP C 174 -0.48 125.53 1.43
N LEU C 175 -0.15 125.63 0.15
CA LEU C 175 -0.61 124.68 -0.83
C LEU C 175 0.36 124.68 -1.99
N ALA C 176 1.00 123.55 -2.25
CA ALA C 176 2.01 123.46 -3.29
C ALA C 176 2.17 122.01 -3.70
N GLY C 177 3.22 121.68 -4.47
CA GLY C 177 3.28 120.51 -5.34
C GLY C 177 3.03 119.21 -4.63
N ARG C 178 3.44 119.19 -3.37
CA ARG C 178 3.15 118.08 -2.51
C ARG C 178 1.64 118.01 -2.24
N ASP C 179 0.94 119.04 -1.74
CA ASP C 179 -0.51 118.99 -1.52
C ASP C 179 -1.25 118.69 -2.82
N LEU C 180 -0.70 119.19 -3.92
CA LEU C 180 -1.23 118.94 -5.25
C LEU C 180 -1.25 117.46 -5.64
N THR C 181 -0.21 116.67 -5.37
CA THR C 181 -0.18 115.25 -5.71
C THR C 181 -1.20 114.45 -4.92
N ASP C 182 -1.29 114.78 -3.63
CA ASP C 182 -2.22 114.15 -2.70
C ASP C 182 -3.66 114.32 -3.15
N TYR C 183 -3.94 115.48 -3.74
CA TYR C 183 -5.24 115.69 -4.36
C TYR C 183 -5.45 114.73 -5.54
N LEU C 184 -4.52 114.67 -6.48
CA LEU C 184 -4.62 113.74 -7.60
C LEU C 184 -4.61 112.27 -7.17
N MET C 185 -4.00 111.91 -6.04
CA MET C 185 -4.02 110.55 -5.54
C MET C 185 -5.42 110.22 -5.03
N LYS C 186 -6.07 111.21 -4.42
CA LYS C 186 -7.44 111.08 -3.99
C LYS C 186 -8.33 110.85 -5.21
N ILE C 187 -8.33 111.82 -6.13
CA ILE C 187 -9.30 111.85 -7.23
C ILE C 187 -9.09 110.82 -8.33
N LEU C 188 -7.93 110.14 -8.32
CA LEU C 188 -7.78 108.91 -9.08
C LEU C 188 -8.36 107.73 -8.30
N SER C 189 -8.05 107.60 -7.00
CA SER C 189 -8.68 106.57 -6.19
C SER C 189 -10.21 106.62 -6.20
N GLU C 190 -10.77 107.82 -6.23
CA GLU C 190 -12.20 108.06 -6.43
C GLU C 190 -12.71 107.84 -7.85
N ARG C 191 -11.81 107.80 -8.84
CA ARG C 191 -12.11 107.29 -10.18
C ARG C 191 -12.08 105.76 -10.15
N GLY C 192 -11.45 105.14 -9.15
CA GLY C 192 -11.43 103.69 -9.02
C GLY C 192 -10.01 103.12 -8.96
N TYR C 193 -8.97 103.95 -8.79
CA TYR C 193 -7.63 103.42 -8.75
C TYR C 193 -7.13 103.02 -7.37
N SER C 194 -6.30 102.01 -7.27
CA SER C 194 -5.61 101.81 -6.01
C SER C 194 -4.23 102.40 -6.21
N PHE C 195 -4.11 103.66 -5.78
CA PHE C 195 -2.82 104.31 -5.66
C PHE C 195 -2.64 104.72 -4.22
N SER C 196 -1.69 104.04 -3.56
CA SER C 196 -1.50 104.18 -2.13
C SER C 196 -0.05 104.29 -1.68
N THR C 197 0.86 103.51 -2.25
CA THR C 197 2.27 103.57 -1.86
C THR C 197 2.96 104.91 -2.14
N THR C 198 4.02 105.24 -1.39
CA THR C 198 4.95 106.30 -1.77
C THR C 198 5.50 106.11 -3.18
N ALA C 199 5.71 104.88 -3.64
CA ALA C 199 6.11 104.67 -5.03
C ALA C 199 5.02 105.18 -5.96
N GLU C 200 3.77 104.79 -5.71
CA GLU C 200 2.62 105.34 -6.42
C GLU C 200 2.29 106.77 -6.05
N ARG C 201 2.90 107.36 -5.01
CA ARG C 201 2.82 108.79 -4.83
C ARG C 201 3.72 109.45 -5.89
N GLU C 202 4.83 108.80 -6.24
CA GLU C 202 5.67 109.32 -7.31
C GLU C 202 5.03 109.15 -8.68
N ILE C 203 4.32 108.02 -8.87
CA ILE C 203 3.39 107.90 -9.98
C ILE C 203 2.40 109.07 -9.97
N VAL C 204 1.62 109.29 -8.89
CA VAL C 204 0.74 110.44 -8.86
C VAL C 204 1.44 111.82 -8.94
N ARG C 205 2.73 111.92 -8.57
CA ARG C 205 3.50 113.14 -8.77
C ARG C 205 3.86 113.35 -10.24
N ASP C 206 4.22 112.28 -10.97
CA ASP C 206 4.65 112.35 -12.36
C ASP C 206 3.50 112.72 -13.28
N ILE C 207 2.36 112.08 -13.02
CA ILE C 207 1.11 112.38 -13.71
C ILE C 207 0.72 113.84 -13.47
N LYS C 208 0.81 114.30 -12.22
CA LYS C 208 0.62 115.72 -11.95
C LYS C 208 1.52 116.61 -12.80
N GLU C 209 2.82 116.35 -12.74
CA GLU C 209 3.79 117.17 -13.45
C GLU C 209 3.66 117.15 -14.97
N LYS C 210 3.27 116.02 -15.58
CA LYS C 210 3.09 115.97 -17.02
C LYS C 210 1.69 116.23 -17.55
N LEU C 211 0.65 115.66 -16.92
CA LEU C 211 -0.70 115.68 -17.48
C LEU C 211 -1.67 116.68 -16.88
N CYS C 212 -1.29 117.34 -15.79
CA CYS C 212 -2.15 118.28 -15.12
C CYS C 212 -1.97 119.71 -15.61
N TYR C 213 -3.10 120.37 -15.89
CA TYR C 213 -3.15 121.68 -16.50
C TYR C 213 -4.25 122.54 -15.88
N VAL C 214 -4.21 123.84 -16.12
CA VAL C 214 -5.18 124.76 -15.53
C VAL C 214 -6.13 125.21 -16.62
N ALA C 215 -7.35 124.64 -16.61
CA ALA C 215 -8.48 125.09 -17.41
C ALA C 215 -8.65 126.61 -17.47
N LEU C 216 -8.96 127.19 -18.64
CA LEU C 216 -9.21 128.63 -18.74
C LEU C 216 -10.51 129.03 -18.03
N ASP C 217 -11.44 128.09 -17.92
CA ASP C 217 -12.63 128.28 -17.12
C ASP C 217 -12.97 126.92 -16.58
N PHE C 218 -13.39 126.82 -15.32
CA PHE C 218 -13.41 125.52 -14.65
C PHE C 218 -14.64 124.70 -15.03
N GLU C 219 -15.81 125.30 -14.80
CA GLU C 219 -17.10 124.71 -15.10
C GLU C 219 -17.28 124.28 -16.56
N GLN C 220 -16.93 125.17 -17.50
CA GLN C 220 -16.97 124.89 -18.93
C GLN C 220 -16.22 123.60 -19.28
N GLU C 221 -14.99 123.56 -18.79
CA GLU C 221 -14.03 122.50 -19.03
C GLU C 221 -14.53 121.16 -18.52
N MET C 222 -15.17 121.16 -17.35
CA MET C 222 -15.77 119.95 -16.78
C MET C 222 -16.68 119.26 -17.77
N GLN C 223 -17.74 119.98 -18.18
CA GLN C 223 -18.65 119.46 -19.20
C GLN C 223 -17.96 119.22 -20.52
N THR C 224 -16.88 119.94 -20.87
CA THR C 224 -16.05 119.56 -22.00
C THR C 224 -15.43 118.18 -21.82
N ALA C 225 -15.00 117.77 -20.63
CA ALA C 225 -14.55 116.39 -20.44
C ALA C 225 -15.72 115.41 -20.46
N ALA C 226 -16.88 115.86 -19.93
CA ALA C 226 -18.08 115.05 -19.98
C ALA C 226 -18.49 114.74 -21.42
N GLN C 227 -18.49 115.75 -22.30
CA GLN C 227 -18.74 115.49 -23.70
C GLN C 227 -17.58 114.89 -24.47
N SER C 228 -16.32 115.21 -24.19
CA SER C 228 -15.26 114.58 -24.92
C SER C 228 -14.08 114.09 -24.10
N SER C 229 -13.74 112.86 -24.55
CA SER C 229 -12.46 112.24 -24.30
C SER C 229 -11.24 112.99 -24.84
N SER C 230 -11.37 114.08 -25.59
CA SER C 230 -10.29 115.05 -25.88
C SER C 230 -9.27 115.24 -24.76
N ILE C 231 -9.85 115.36 -23.56
CA ILE C 231 -9.14 115.61 -22.32
C ILE C 231 -8.41 114.35 -21.87
N GLU C 232 -9.00 113.18 -22.12
CA GLU C 232 -8.49 111.92 -21.61
C GLU C 232 -7.16 111.57 -22.24
N LYS C 233 -6.20 111.34 -21.35
CA LYS C 233 -4.83 111.08 -21.72
C LYS C 233 -4.36 109.80 -21.05
N SER C 234 -3.84 108.94 -21.92
CA SER C 234 -3.33 107.63 -21.53
C SER C 234 -2.02 107.76 -20.76
N TYR C 235 -1.69 106.80 -19.88
CA TYR C 235 -0.42 106.82 -19.17
C TYR C 235 0.09 105.40 -18.98
N GLU C 236 1.33 105.15 -19.39
CA GLU C 236 1.97 103.87 -19.15
C GLU C 236 2.63 103.94 -17.78
N LEU C 237 2.03 103.16 -16.87
CA LEU C 237 2.59 102.96 -15.54
C LEU C 237 3.89 102.16 -15.62
N PRO C 238 4.73 102.11 -14.58
CA PRO C 238 5.77 101.08 -14.44
C PRO C 238 5.20 99.67 -14.52
N ASP C 239 3.88 99.50 -14.33
CA ASP C 239 3.24 98.27 -14.70
C ASP C 239 3.25 97.99 -16.21
N GLY C 240 3.16 98.98 -17.08
CA GLY C 240 3.01 98.73 -18.51
C GLY C 240 1.55 98.87 -18.87
N GLN C 241 0.71 98.45 -17.92
CA GLN C 241 -0.66 98.88 -17.81
C GLN C 241 -0.81 100.37 -18.04
N VAL C 242 -1.53 100.59 -19.13
CA VAL C 242 -2.02 101.91 -19.48
C VAL C 242 -3.27 102.25 -18.67
N ILE C 243 -3.25 103.40 -18.02
CA ILE C 243 -4.42 103.97 -17.38
C ILE C 243 -4.87 105.19 -18.17
N THR C 244 -6.01 105.79 -17.86
CA THR C 244 -6.44 106.99 -18.56
C THR C 244 -6.83 108.03 -17.50
N ILE C 245 -6.33 109.25 -17.66
CA ILE C 245 -6.66 110.35 -16.77
C ILE C 245 -7.52 111.33 -17.57
N GLY C 246 -8.66 111.81 -17.02
CA GLY C 246 -9.57 112.69 -17.73
C GLY C 246 -9.77 114.04 -17.05
N ASN C 247 -10.93 114.29 -16.41
CA ASN C 247 -11.25 115.59 -15.81
C ASN C 247 -10.51 115.91 -14.52
N GLU C 248 -9.97 114.85 -13.93
CA GLU C 248 -8.89 114.91 -12.95
C GLU C 248 -7.79 115.88 -13.37
N ARG C 249 -7.41 115.83 -14.65
CA ARG C 249 -6.24 116.53 -15.17
C ARG C 249 -6.22 118.04 -14.95
N PHE C 250 -7.39 118.66 -14.88
CA PHE C 250 -7.50 120.08 -14.63
C PHE C 250 -8.03 120.41 -13.23
N ARG C 251 -8.54 119.39 -12.54
CA ARG C 251 -9.04 119.58 -11.19
C ARG C 251 -7.86 119.68 -10.26
N ALA C 252 -6.90 118.75 -10.43
CA ALA C 252 -5.66 118.75 -9.71
C ALA C 252 -4.88 120.07 -9.68
N PRO C 253 -4.47 120.83 -10.72
CA PRO C 253 -3.79 122.11 -10.57
C PRO C 253 -4.65 123.19 -9.94
N GLU C 254 -5.97 123.09 -10.19
CA GLU C 254 -6.98 124.06 -9.76
C GLU C 254 -7.13 124.26 -8.25
N ALA C 255 -6.48 123.42 -7.45
CA ALA C 255 -6.15 123.72 -6.07
C ALA C 255 -5.57 125.12 -5.90
N LEU C 256 -4.63 125.50 -6.78
CA LEU C 256 -3.97 126.80 -6.69
C LEU C 256 -4.86 128.03 -6.81
N PHE C 257 -6.00 127.95 -7.52
CA PHE C 257 -6.91 129.08 -7.63
C PHE C 257 -8.17 128.84 -6.82
N HIS C 258 -8.57 127.59 -6.62
CA HIS C 258 -9.79 127.28 -5.91
C HIS C 258 -9.55 126.37 -4.69
N PRO C 259 -8.60 126.71 -3.78
CA PRO C 259 -7.91 125.81 -2.81
C PRO C 259 -8.74 124.88 -1.95
N SER C 260 -9.91 125.46 -1.71
CA SER C 260 -11.01 124.87 -1.02
C SER C 260 -11.47 123.51 -1.51
N VAL C 261 -11.10 123.12 -2.74
CA VAL C 261 -11.29 121.75 -3.22
C VAL C 261 -10.60 120.66 -2.40
N LEU C 262 -9.47 120.98 -1.75
CA LEU C 262 -8.87 120.07 -0.78
C LEU C 262 -9.52 120.21 0.59
N GLY C 263 -10.43 121.16 0.76
CA GLY C 263 -10.87 121.58 2.07
C GLY C 263 -10.03 122.74 2.57
N LEU C 264 -9.07 123.25 1.80
CA LEU C 264 -8.17 124.27 2.32
C LEU C 264 -8.73 125.64 1.96
N GLU C 265 -9.87 125.98 2.57
CA GLU C 265 -10.63 127.21 2.33
C GLU C 265 -9.89 128.55 2.44
N SER C 266 -8.94 128.80 1.55
CA SER C 266 -8.22 130.06 1.40
C SER C 266 -8.78 130.80 0.19
N ALA C 267 -8.22 131.97 -0.11
CA ALA C 267 -8.47 132.66 -1.37
C ALA C 267 -7.44 132.15 -2.38
N GLY C 268 -7.69 132.20 -3.69
CA GLY C 268 -6.78 131.64 -4.68
C GLY C 268 -5.58 132.54 -4.96
N ILE C 269 -4.61 132.00 -5.70
CA ILE C 269 -3.43 132.76 -6.12
C ILE C 269 -3.74 134.00 -6.95
N ASP C 270 -4.79 133.91 -7.76
CA ASP C 270 -5.33 135.09 -8.41
C ASP C 270 -5.72 136.17 -7.40
N GLN C 271 -6.55 135.75 -6.44
CA GLN C 271 -7.09 136.64 -5.44
C GLN C 271 -6.01 137.21 -4.52
N THR C 272 -5.02 136.39 -4.20
CA THR C 272 -3.94 136.79 -3.32
C THR C 272 -2.95 137.69 -4.04
N THR C 273 -2.75 137.56 -5.36
CA THR C 273 -2.02 138.57 -6.10
C THR C 273 -2.66 139.94 -5.94
N TYR C 274 -3.96 139.99 -6.26
CA TYR C 274 -4.73 141.23 -6.18
C TYR C 274 -4.66 141.83 -4.78
N ASN C 275 -4.84 140.96 -3.78
CA ASN C 275 -4.82 141.36 -2.37
C ASN C 275 -3.46 141.71 -1.80
N SER C 276 -2.41 141.32 -2.51
CA SER C 276 -1.08 141.76 -2.18
C SER C 276 -0.94 143.16 -2.78
N ILE C 277 -1.38 143.34 -4.04
CA ILE C 277 -1.15 144.59 -4.75
C ILE C 277 -1.92 145.75 -4.11
N MET C 278 -3.18 145.56 -3.73
CA MET C 278 -3.93 146.58 -3.01
C MET C 278 -3.31 147.03 -1.70
N LYS C 279 -2.70 146.10 -0.94
CA LYS C 279 -2.04 146.46 0.31
C LYS C 279 -0.76 147.26 0.12
N CYS C 280 -0.27 147.33 -1.12
CA CYS C 280 0.69 148.35 -1.54
C CYS C 280 0.10 149.72 -1.93
N ASP C 281 1.03 150.65 -2.02
CA ASP C 281 0.77 152.02 -2.47
C ASP C 281 0.61 152.08 -4.00
N VAL C 282 -0.05 153.09 -4.59
CA VAL C 282 -0.69 152.91 -5.90
C VAL C 282 0.23 152.86 -7.11
N ASP C 283 1.31 153.66 -7.07
CA ASP C 283 2.32 153.65 -8.12
C ASP C 283 3.08 152.33 -8.07
N VAL C 284 3.21 151.73 -6.89
CA VAL C 284 3.89 150.44 -6.78
C VAL C 284 3.05 149.43 -7.57
N ARG C 285 1.74 149.57 -7.30
CA ARG C 285 0.68 148.69 -7.78
C ARG C 285 0.63 148.60 -9.29
N LYS C 286 0.76 149.78 -9.92
CA LYS C 286 0.80 149.90 -11.36
C LYS C 286 1.87 148.97 -11.96
N GLU C 287 3.08 149.05 -11.42
CA GLU C 287 4.16 148.22 -11.93
C GLU C 287 4.14 146.78 -11.42
N LEU C 288 3.50 146.54 -10.28
CA LEU C 288 3.18 145.20 -9.85
C LEU C 288 2.22 144.51 -10.81
N TYR C 289 1.06 145.07 -11.15
CA TYR C 289 0.23 144.59 -12.26
C TYR C 289 0.93 144.31 -13.57
N GLY C 290 1.96 145.11 -13.88
CA GLY C 290 2.79 144.87 -15.06
C GLY C 290 3.96 143.92 -14.86
N ASN C 291 4.19 143.45 -13.62
CA ASN C 291 5.38 142.69 -13.26
C ASN C 291 5.04 141.65 -12.21
N ILE C 292 4.08 140.84 -12.68
CA ILE C 292 3.65 139.64 -11.99
C ILE C 292 4.59 138.55 -12.52
N VAL C 293 5.59 138.11 -11.74
CA VAL C 293 6.53 137.05 -12.13
C VAL C 293 6.31 135.69 -11.44
N MET C 294 6.17 134.58 -12.16
CA MET C 294 5.84 133.29 -11.56
C MET C 294 7.07 132.41 -11.24
N SER C 295 7.02 131.68 -10.15
CA SER C 295 8.16 130.89 -9.74
C SER C 295 7.76 129.59 -9.03
N GLY C 296 8.59 128.60 -9.32
CA GLY C 296 8.44 127.30 -8.70
C GLY C 296 8.05 126.27 -9.74
N GLY C 297 7.98 125.04 -9.26
CA GLY C 297 7.67 123.89 -10.08
C GLY C 297 6.17 123.82 -10.32
N THR C 298 5.46 124.10 -9.24
CA THR C 298 4.00 124.14 -9.24
C THR C 298 3.49 125.35 -9.99
N THR C 299 4.29 126.35 -10.31
CA THR C 299 3.86 127.31 -11.31
C THR C 299 3.97 126.82 -12.76
N MET C 300 4.42 125.58 -13.04
CA MET C 300 4.64 125.10 -14.40
C MET C 300 3.46 124.57 -15.22
N PHE C 301 2.28 124.36 -14.64
CA PHE C 301 1.21 123.62 -15.31
C PHE C 301 0.69 124.33 -16.56
N PRO C 302 0.39 123.66 -17.69
CA PRO C 302 -0.15 124.29 -18.89
C PRO C 302 -1.40 125.14 -18.67
N GLY C 303 -1.35 126.34 -19.26
CA GLY C 303 -2.43 127.30 -19.11
C GLY C 303 -2.27 128.25 -17.93
N ILE C 304 -1.35 128.05 -16.99
CA ILE C 304 -1.32 128.86 -15.76
C ILE C 304 -1.01 130.34 -15.97
N ALA C 305 -0.13 130.69 -16.92
CA ALA C 305 0.27 132.08 -17.14
C ALA C 305 -0.80 132.89 -17.87
N GLU C 306 -1.45 132.20 -18.80
CA GLU C 306 -2.58 132.70 -19.55
C GLU C 306 -3.79 132.83 -18.64
N ARG C 307 -4.04 131.84 -17.78
CA ARG C 307 -5.12 131.88 -16.79
C ARG C 307 -4.91 133.04 -15.82
N MET C 308 -3.70 133.20 -15.27
CA MET C 308 -3.39 134.35 -14.43
C MET C 308 -3.59 135.67 -15.16
N GLN C 309 -3.20 135.70 -16.44
CA GLN C 309 -3.47 136.85 -17.29
C GLN C 309 -4.97 137.11 -17.44
N LYS C 310 -5.79 136.07 -17.62
CA LYS C 310 -7.25 136.21 -17.68
C LYS C 310 -7.80 136.82 -16.39
N GLU C 311 -7.54 136.16 -15.26
CA GLU C 311 -8.19 136.51 -14.00
C GLU C 311 -7.77 137.91 -13.57
N ILE C 312 -6.46 138.19 -13.55
CA ILE C 312 -5.95 139.50 -13.14
C ILE C 312 -6.35 140.62 -14.10
N THR C 313 -6.71 140.38 -15.36
CA THR C 313 -7.27 141.41 -16.24
C THR C 313 -8.64 141.87 -15.75
N ALA C 314 -9.38 140.93 -15.15
CA ALA C 314 -10.68 141.26 -14.58
C ALA C 314 -10.56 141.86 -13.19
N LEU C 315 -9.66 141.31 -12.36
CA LEU C 315 -9.44 141.75 -10.99
C LEU C 315 -8.70 143.06 -10.85
N ALA C 316 -7.70 143.30 -11.70
CA ALA C 316 -7.05 144.60 -11.80
C ALA C 316 -7.89 145.55 -12.65
N PRO C 317 -7.66 146.86 -12.54
CA PRO C 317 -8.16 147.86 -13.45
C PRO C 317 -8.17 147.43 -14.92
N SER C 318 -9.36 147.53 -15.52
CA SER C 318 -9.57 147.25 -16.93
C SER C 318 -8.58 147.88 -17.90
N SER C 319 -8.19 149.14 -17.64
CA SER C 319 -7.23 149.82 -18.49
C SER C 319 -5.77 149.61 -18.07
N MET C 320 -5.47 148.59 -17.27
CA MET C 320 -4.13 148.40 -16.79
C MET C 320 -3.33 147.37 -17.59
N LYS C 321 -2.03 147.66 -17.66
CA LYS C 321 -1.11 146.67 -18.19
C LYS C 321 -0.85 145.62 -17.11
N VAL C 322 -1.74 144.63 -17.22
CA VAL C 322 -1.54 143.33 -16.62
C VAL C 322 -0.51 142.61 -17.48
N LYS C 323 0.50 142.08 -16.80
CA LYS C 323 1.55 141.32 -17.44
C LYS C 323 2.14 140.35 -16.43
N ILE C 324 1.83 139.10 -16.74
CA ILE C 324 2.54 137.96 -16.17
C ILE C 324 3.86 137.82 -16.93
N ILE C 325 4.98 137.54 -16.27
CA ILE C 325 6.19 137.10 -16.94
C ILE C 325 6.41 135.78 -16.22
N ALA C 326 6.05 134.68 -16.89
CA ALA C 326 6.33 133.35 -16.38
C ALA C 326 7.66 132.83 -16.91
N PRO C 327 8.67 132.68 -16.05
CA PRO C 327 9.95 132.08 -16.36
C PRO C 327 9.79 130.66 -16.90
N PRO C 328 10.45 130.36 -18.04
CA PRO C 328 10.56 129.02 -18.55
C PRO C 328 11.33 128.13 -17.59
N GLU C 329 12.44 128.60 -17.03
CA GLU C 329 13.20 127.80 -16.08
C GLU C 329 12.61 127.80 -14.65
N ARG C 330 11.31 128.06 -14.44
CA ARG C 330 10.86 128.43 -13.09
C ARG C 330 10.95 127.43 -11.95
N LYS C 331 11.22 126.15 -12.20
CA LYS C 331 11.50 125.18 -11.13
C LYS C 331 12.84 125.42 -10.42
N TYR C 332 13.62 126.35 -10.96
CA TYR C 332 15.01 126.58 -10.57
C TYR C 332 15.38 128.07 -10.44
N SER C 333 14.48 128.99 -10.75
CA SER C 333 14.79 130.42 -10.83
C SER C 333 15.37 131.02 -9.56
N VAL C 334 14.93 130.46 -8.42
CA VAL C 334 15.49 130.74 -7.10
C VAL C 334 16.97 130.37 -6.98
N TRP C 335 17.41 129.24 -7.58
CA TRP C 335 18.83 128.93 -7.59
C TRP C 335 19.49 129.88 -8.57
N ILE C 336 18.90 130.09 -9.75
CA ILE C 336 19.41 131.10 -10.69
C ILE C 336 19.40 132.51 -10.08
N GLY C 337 18.56 132.75 -9.08
CA GLY C 337 18.61 133.96 -8.29
C GLY C 337 19.86 133.97 -7.44
N GLY C 338 20.18 132.83 -6.79
CA GLY C 338 21.34 132.74 -5.93
C GLY C 338 22.64 132.87 -6.71
N SER C 339 22.87 131.99 -7.68
CA SER C 339 24.09 131.99 -8.50
C SER C 339 24.46 133.33 -9.13
N ILE C 340 23.51 134.07 -9.72
CA ILE C 340 23.76 135.42 -10.21
C ILE C 340 24.15 136.32 -9.04
N LEU C 341 23.34 136.33 -7.97
CA LEU C 341 23.59 137.16 -6.81
C LEU C 341 24.98 136.90 -6.24
N ALA C 342 25.38 135.64 -6.08
CA ALA C 342 26.70 135.31 -5.61
C ALA C 342 27.76 135.82 -6.56
N SER C 343 27.58 135.61 -7.87
CA SER C 343 28.49 136.17 -8.88
C SER C 343 28.49 137.69 -9.05
N LEU C 344 27.56 138.44 -8.45
CA LEU C 344 27.56 139.89 -8.61
C LEU C 344 28.71 140.63 -7.93
N THR C 345 29.53 141.27 -8.75
CA THR C 345 30.70 142.05 -8.33
C THR C 345 30.42 143.22 -7.39
N THR C 346 29.19 143.72 -7.50
CA THR C 346 28.59 144.63 -6.54
C THR C 346 28.32 143.91 -5.22
N PHE C 347 27.49 142.87 -5.31
CA PHE C 347 27.11 142.01 -4.18
C PHE C 347 28.29 141.39 -3.44
N GLN C 348 29.51 141.36 -3.99
CA GLN C 348 30.69 140.94 -3.23
C GLN C 348 30.88 141.63 -1.89
N GLN C 349 30.46 142.89 -1.83
CA GLN C 349 30.47 143.58 -0.53
C GLN C 349 29.27 143.28 0.36
N MET C 350 28.23 142.58 -0.10
CA MET C 350 27.07 142.26 0.71
C MET C 350 27.12 140.92 1.45
N TRP C 351 28.09 140.04 1.14
CA TRP C 351 28.29 138.80 1.90
C TRP C 351 28.53 139.03 3.38
N ILE C 352 28.06 138.09 4.21
CA ILE C 352 28.48 138.05 5.60
C ILE C 352 29.86 137.39 5.59
N SER C 353 30.83 138.22 5.98
CA SER C 353 32.21 137.79 6.10
C SER C 353 32.48 136.92 7.33
N LYS C 354 33.52 136.07 7.29
CA LYS C 354 33.99 135.45 8.53
C LYS C 354 34.42 136.46 9.61
N GLN C 355 34.88 137.64 9.22
CA GLN C 355 35.27 138.66 10.18
C GLN C 355 34.08 139.10 11.00
N GLU C 356 33.08 139.75 10.38
CA GLU C 356 31.88 140.23 11.05
C GLU C 356 31.13 139.18 11.85
N TYR C 357 31.29 137.93 11.44
CA TYR C 357 30.74 136.82 12.20
C TYR C 357 31.49 136.61 13.51
N ASP C 358 32.80 136.76 13.53
CA ASP C 358 33.54 136.48 14.75
C ASP C 358 33.68 137.69 15.67
N GLU C 359 33.59 138.90 15.10
CA GLU C 359 33.48 140.10 15.90
C GLU C 359 32.04 140.35 16.34
N SER C 360 31.05 140.21 15.46
CA SER C 360 29.66 140.49 15.81
C SER C 360 28.77 139.29 16.12
N GLY C 361 28.95 138.11 15.53
CA GLY C 361 28.10 136.97 15.83
C GLY C 361 26.83 136.85 14.98
N PRO C 362 26.11 135.71 15.06
CA PRO C 362 24.96 135.38 14.22
C PRO C 362 23.79 136.35 14.16
N SER C 363 23.73 137.23 15.16
CA SER C 363 22.69 138.23 15.27
C SER C 363 22.79 139.42 14.32
N ILE C 364 23.77 139.52 13.42
CA ILE C 364 23.80 140.60 12.45
C ILE C 364 23.04 140.38 11.15
N VAL C 365 22.41 139.21 11.03
CA VAL C 365 21.84 138.74 9.78
C VAL C 365 20.44 139.30 9.49
N ALA D 1 -42.04 96.06 17.06
CA ALA D 1 -41.29 96.14 15.83
C ALA D 1 -40.04 95.30 16.06
N LEU D 2 -39.23 95.10 15.03
CA LEU D 2 -38.02 94.28 15.05
C LEU D 2 -36.80 95.17 14.77
N VAL D 3 -35.57 94.70 14.99
CA VAL D 3 -34.34 95.42 14.69
C VAL D 3 -33.43 94.29 14.25
N CYS D 4 -32.80 94.41 13.09
CA CYS D 4 -31.95 93.36 12.55
C CYS D 4 -30.69 93.89 11.88
N ASP D 5 -29.68 93.94 12.74
CA ASP D 5 -28.35 94.41 12.44
C ASP D 5 -27.47 93.46 11.64
N ASN D 6 -26.99 93.93 10.48
CA ASN D 6 -26.44 93.07 9.44
C ASN D 6 -25.00 93.48 9.18
N GLY D 7 -24.04 92.58 8.93
CA GLY D 7 -22.70 93.04 8.59
C GLY D 7 -21.81 91.91 8.10
N SER D 8 -20.66 92.21 7.49
CA SER D 8 -19.66 91.23 7.02
C SER D 8 -19.26 89.97 7.79
N GLY D 9 -19.77 89.86 9.02
CA GLY D 9 -19.54 88.73 9.90
C GLY D 9 -20.76 88.40 10.75
N LEU D 10 -21.25 89.35 11.57
CA LEU D 10 -22.31 89.06 12.53
C LEU D 10 -23.58 89.88 12.40
N VAL D 11 -24.72 89.23 12.58
CA VAL D 11 -26.06 89.76 12.38
C VAL D 11 -26.89 89.65 13.67
N LYS D 12 -27.45 90.74 14.21
CA LYS D 12 -28.16 90.74 15.47
C LYS D 12 -29.61 91.11 15.18
N ALA D 13 -30.56 90.42 15.79
CA ALA D 13 -31.97 90.57 15.48
C ALA D 13 -32.76 90.49 16.77
N GLY D 14 -33.91 91.11 16.76
CA GLY D 14 -34.84 90.96 17.86
C GLY D 14 -35.93 91.97 17.65
N PHE D 15 -36.53 92.28 18.79
CA PHE D 15 -37.64 93.19 18.84
C PHE D 15 -37.22 94.50 19.46
N ALA D 16 -38.09 95.46 19.17
CA ALA D 16 -38.13 96.73 19.83
C ALA D 16 -38.85 96.44 21.13
N GLY D 17 -38.03 96.68 22.15
CA GLY D 17 -38.49 96.69 23.51
C GLY D 17 -37.38 96.15 24.39
N ASP D 18 -36.78 95.05 23.90
CA ASP D 18 -35.75 94.32 24.60
C ASP D 18 -34.44 95.11 24.68
N ASP D 19 -33.74 94.93 25.80
CA ASP D 19 -32.44 95.53 26.04
C ASP D 19 -31.25 94.87 25.34
N ALA D 20 -31.37 93.61 24.94
CA ALA D 20 -30.22 92.84 24.47
C ALA D 20 -30.66 92.04 23.25
N PRO D 21 -29.89 91.96 22.15
CA PRO D 21 -30.31 91.31 20.92
C PRO D 21 -30.76 89.87 21.06
N ARG D 22 -31.93 89.54 20.49
CA ARG D 22 -32.47 88.18 20.61
C ARG D 22 -31.66 87.15 19.86
N ALA D 23 -31.35 87.36 18.58
CA ALA D 23 -30.55 86.43 17.80
C ALA D 23 -29.33 87.14 17.24
N VAL D 24 -28.16 86.50 17.34
CA VAL D 24 -26.90 87.01 16.82
C VAL D 24 -26.22 85.89 16.03
N PHE D 25 -26.03 86.00 14.71
CA PHE D 25 -25.45 84.90 13.93
C PHE D 25 -24.53 85.35 12.80
N PRO D 26 -23.64 84.50 12.29
CA PRO D 26 -22.80 84.80 11.14
C PRO D 26 -23.54 85.05 9.82
N SER D 27 -23.24 86.15 9.11
CA SER D 27 -23.66 86.31 7.73
C SER D 27 -22.80 85.44 6.80
N ILE D 28 -23.07 84.14 6.73
CA ILE D 28 -22.48 83.32 5.68
C ILE D 28 -23.66 82.68 4.99
N VAL D 29 -23.78 82.69 3.67
CA VAL D 29 -24.69 81.85 2.91
C VAL D 29 -23.81 80.91 2.07
N GLY D 30 -24.36 79.77 1.66
CA GLY D 30 -23.76 78.93 0.64
C GLY D 30 -24.54 78.97 -0.67
N ARG D 31 -23.82 78.95 -1.80
CA ARG D 31 -24.43 78.87 -3.13
C ARG D 31 -23.96 77.64 -3.89
N PRO D 32 -24.78 76.78 -4.51
CA PRO D 32 -24.39 75.48 -5.06
C PRO D 32 -23.22 75.31 -6.03
N ARG D 33 -22.64 74.09 -6.03
CA ARG D 33 -21.96 73.60 -7.23
C ARG D 33 -23.07 73.44 -8.25
N HIS D 34 -22.86 73.93 -9.48
CA HIS D 34 -23.95 74.47 -10.28
C HIS D 34 -25.02 73.49 -10.76
N GLN D 35 -25.87 73.12 -9.81
CA GLN D 35 -27.03 72.29 -10.05
C GLN D 35 -28.20 73.25 -9.93
N GLY D 36 -29.03 73.27 -10.96
CA GLY D 36 -30.24 74.10 -10.95
C GLY D 36 -30.00 75.49 -11.52
N VAL D 37 -31.07 76.30 -11.45
CA VAL D 37 -31.09 77.66 -11.98
C VAL D 37 -31.42 78.62 -10.83
N MET D 38 -31.37 79.95 -11.03
CA MET D 38 -31.77 80.90 -10.00
C MET D 38 -33.28 80.82 -9.72
N VAL D 39 -34.07 80.66 -10.78
CA VAL D 39 -35.46 80.29 -10.63
C VAL D 39 -35.58 78.88 -11.22
N GLY D 40 -35.67 77.93 -10.31
CA GLY D 40 -35.82 76.53 -10.67
C GLY D 40 -35.79 75.74 -9.38
N MET D 41 -35.57 74.43 -9.50
CA MET D 41 -35.44 73.60 -8.32
C MET D 41 -34.15 73.84 -7.54
N GLY D 42 -34.12 73.25 -6.35
CA GLY D 42 -32.91 73.22 -5.56
C GLY D 42 -32.78 74.44 -4.66
N GLN D 43 -31.95 74.25 -3.64
CA GLN D 43 -31.73 75.25 -2.62
C GLN D 43 -30.77 76.30 -3.13
N LYS D 44 -31.32 77.38 -3.66
CA LYS D 44 -30.53 78.56 -3.95
C LYS D 44 -30.02 79.03 -2.59
N ASP D 45 -31.02 79.31 -1.74
CA ASP D 45 -30.91 79.85 -0.38
C ASP D 45 -29.92 79.20 0.56
N SER D 46 -30.07 77.87 0.56
CA SER D 46 -29.21 76.94 1.24
C SER D 46 -29.02 77.21 2.74
N TYR D 47 -27.85 77.67 3.15
CA TYR D 47 -27.37 77.43 4.50
C TYR D 47 -26.70 78.70 4.95
N VAL D 48 -27.20 79.22 6.08
CA VAL D 48 -26.81 80.51 6.61
C VAL D 48 -26.26 80.42 8.03
N GLY D 49 -25.13 81.05 8.30
CA GLY D 49 -24.59 81.15 9.64
C GLY D 49 -23.89 79.88 10.06
N ASP D 50 -24.34 79.28 11.17
CA ASP D 50 -23.63 78.16 11.77
C ASP D 50 -23.76 76.88 10.97
N GLU D 51 -24.95 76.70 10.40
CA GLU D 51 -25.26 75.55 9.55
C GLU D 51 -24.36 75.50 8.30
N ALA D 52 -24.00 76.66 7.78
CA ALA D 52 -23.07 76.79 6.66
C ALA D 52 -21.61 76.65 7.07
N GLN D 53 -21.29 77.01 8.32
CA GLN D 53 -19.91 76.93 8.80
C GLN D 53 -19.52 75.49 9.08
N SER D 54 -20.43 74.83 9.81
CA SER D 54 -20.38 73.43 10.20
C SER D 54 -19.98 72.48 9.07
N LYS D 55 -20.57 72.72 7.90
CA LYS D 55 -20.22 71.93 6.74
C LYS D 55 -19.38 72.53 5.63
N ARG D 56 -19.57 73.79 5.20
CA ARG D 56 -18.85 74.49 4.14
C ARG D 56 -18.78 73.86 2.75
N GLY D 57 -19.34 74.53 1.73
CA GLY D 57 -19.61 73.84 0.48
C GLY D 57 -18.73 74.14 -0.72
N ILE D 58 -18.80 73.46 -1.87
CA ILE D 58 -20.03 73.08 -2.58
C ILE D 58 -20.98 74.28 -2.68
N LEU D 59 -21.84 74.41 -1.66
CA LEU D 59 -22.62 75.59 -1.40
C LEU D 59 -21.57 76.55 -0.88
N THR D 60 -21.00 77.33 -1.80
CA THR D 60 -19.79 78.09 -1.53
C THR D 60 -20.12 79.30 -0.65
N LEU D 61 -19.27 79.53 0.35
CA LEU D 61 -19.60 80.38 1.50
C LEU D 61 -19.66 81.89 1.31
N LYS D 62 -20.56 82.32 0.42
CA LYS D 62 -20.72 83.71 0.09
C LYS D 62 -21.34 84.48 1.24
N TYR D 63 -20.42 85.24 1.81
CA TYR D 63 -20.74 86.37 2.68
C TYR D 63 -21.29 87.42 1.72
N PRO D 64 -22.51 87.96 1.83
CA PRO D 64 -22.99 89.02 0.95
C PRO D 64 -22.63 90.45 1.32
N ILE D 65 -22.18 90.64 2.57
CA ILE D 65 -22.16 91.95 3.16
C ILE D 65 -20.70 92.18 3.39
N GLU D 66 -20.24 93.29 2.85
CA GLU D 66 -18.94 93.84 3.16
C GLU D 66 -19.21 95.21 3.80
N GLY D 67 -20.14 95.30 4.76
CA GLY D 67 -20.78 96.56 5.12
C GLY D 67 -21.76 97.00 4.04
N ILE D 68 -21.21 97.24 2.84
CA ILE D 68 -21.98 97.38 1.62
C ILE D 68 -22.38 95.98 1.19
N ILE D 69 -23.63 95.77 0.78
CA ILE D 69 -24.06 94.45 0.34
C ILE D 69 -23.78 94.34 -1.15
N THR D 70 -22.87 93.42 -1.46
CA THR D 70 -22.36 93.23 -2.81
C THR D 70 -23.40 92.64 -3.77
N ASN D 71 -24.16 91.67 -3.27
CA ASN D 71 -25.08 90.92 -4.11
C ASN D 71 -26.30 90.67 -3.24
N TRP D 72 -27.48 90.91 -3.79
CA TRP D 72 -28.65 90.99 -2.93
C TRP D 72 -29.41 89.70 -2.66
N ASP D 73 -29.10 88.64 -3.42
CA ASP D 73 -29.74 87.34 -3.21
C ASP D 73 -29.39 86.78 -1.84
N ASP D 74 -28.12 86.92 -1.45
CA ASP D 74 -27.67 86.26 -0.22
C ASP D 74 -28.24 86.98 1.01
N MET D 75 -28.41 88.29 0.91
CA MET D 75 -29.11 89.02 1.94
C MET D 75 -30.54 88.61 2.17
N GLU D 76 -31.26 88.33 1.08
CA GLU D 76 -32.64 87.82 1.13
C GLU D 76 -32.65 86.55 1.97
N LYS D 77 -31.70 85.70 1.61
CA LYS D 77 -31.51 84.40 2.24
C LYS D 77 -31.31 84.53 3.73
N ILE D 78 -30.40 85.40 4.18
CA ILE D 78 -30.21 85.73 5.60
C ILE D 78 -31.49 86.24 6.26
N TRP D 79 -32.09 87.27 5.66
CA TRP D 79 -33.36 87.80 6.15
C TRP D 79 -34.46 86.74 6.25
N HIS D 80 -34.44 85.66 5.46
CA HIS D 80 -35.34 84.53 5.65
C HIS D 80 -34.96 83.82 6.94
N HIS D 81 -33.67 83.48 6.99
CA HIS D 81 -33.07 82.86 8.16
C HIS D 81 -33.37 83.69 9.40
N THR D 82 -33.41 85.03 9.40
CA THR D 82 -33.71 85.80 10.60
C THR D 82 -35.15 85.59 11.07
N PHE D 83 -36.13 86.04 10.30
CA PHE D 83 -37.54 86.05 10.72
C PHE D 83 -38.14 84.66 10.92
N TYR D 84 -37.72 83.76 10.02
CA TYR D 84 -38.23 82.40 9.98
C TYR D 84 -37.36 81.46 10.80
N ASN D 85 -36.03 81.48 10.70
CA ASN D 85 -35.24 80.50 11.43
C ASN D 85 -34.90 81.02 12.81
N GLU D 86 -34.17 82.12 12.91
CA GLU D 86 -33.72 82.67 14.18
C GLU D 86 -34.82 83.10 15.11
N LEU D 87 -35.74 83.98 14.69
CA LEU D 87 -36.79 84.47 15.56
C LEU D 87 -37.99 83.55 15.65
N ARG D 88 -38.35 82.95 14.49
CA ARG D 88 -39.59 82.19 14.31
C ARG D 88 -40.82 83.04 14.64
N VAL D 89 -41.02 84.01 13.77
CA VAL D 89 -42.11 84.96 13.92
C VAL D 89 -42.88 85.01 12.61
N ALA D 90 -43.76 86.02 12.48
CA ALA D 90 -44.42 86.33 11.22
C ALA D 90 -43.99 87.69 10.67
N PRO D 91 -43.15 87.77 9.61
CA PRO D 91 -42.67 89.02 9.02
C PRO D 91 -43.75 90.01 8.58
N GLU D 92 -44.87 89.51 8.07
CA GLU D 92 -46.04 90.31 7.71
C GLU D 92 -46.63 91.18 8.82
N GLU D 93 -46.54 90.66 10.06
CA GLU D 93 -47.11 91.23 11.28
C GLU D 93 -46.15 92.15 12.02
N HIS D 94 -44.86 91.84 11.92
CA HIS D 94 -43.87 92.50 12.75
C HIS D 94 -43.01 93.49 11.98
N PRO D 95 -43.24 94.81 12.05
CA PRO D 95 -42.46 95.83 11.34
C PRO D 95 -40.99 95.64 11.64
N THR D 96 -40.14 95.62 10.61
CA THR D 96 -38.72 95.29 10.77
C THR D 96 -37.86 96.55 10.64
N LEU D 97 -36.89 96.75 11.52
CA LEU D 97 -35.79 97.70 11.28
C LEU D 97 -34.54 96.92 10.88
N LEU D 98 -33.73 97.46 9.96
CA LEU D 98 -32.51 96.86 9.47
C LEU D 98 -31.45 97.96 9.52
N THR D 99 -30.19 97.60 9.73
CA THR D 99 -29.17 98.59 10.01
C THR D 99 -28.11 98.76 8.92
N GLU D 100 -28.07 99.89 8.23
CA GLU D 100 -27.19 100.00 7.08
C GLU D 100 -25.85 100.69 7.34
N ALA D 101 -24.85 100.29 6.57
CA ALA D 101 -23.53 100.89 6.66
C ALA D 101 -23.40 102.26 5.99
N PRO D 102 -22.90 103.28 6.70
CA PRO D 102 -22.64 104.61 6.15
C PRO D 102 -21.83 104.52 4.87
N LEU D 103 -22.17 105.35 3.89
CA LEU D 103 -21.74 105.21 2.49
C LEU D 103 -22.32 104.00 1.75
N ASN D 104 -23.45 103.44 2.19
CA ASN D 104 -24.24 102.56 1.32
C ASN D 104 -24.73 103.35 0.11
N PRO D 105 -24.68 102.74 -1.09
CA PRO D 105 -25.32 103.27 -2.28
C PRO D 105 -26.82 103.38 -2.06
N LYS D 106 -27.35 104.47 -2.61
CA LYS D 106 -28.75 104.79 -2.46
C LYS D 106 -29.60 103.74 -3.17
N ALA D 107 -29.10 103.30 -4.33
CA ALA D 107 -29.67 102.17 -5.06
C ALA D 107 -29.66 100.87 -4.27
N ASN D 108 -28.65 100.69 -3.41
CA ASN D 108 -28.59 99.52 -2.56
C ASN D 108 -29.72 99.56 -1.54
N ARG D 109 -30.12 100.76 -1.10
CA ARG D 109 -31.24 100.89 -0.18
C ARG D 109 -32.53 100.53 -0.89
N GLU D 110 -32.70 100.97 -2.14
CA GLU D 110 -33.89 100.65 -2.93
C GLU D 110 -34.17 99.15 -2.98
N LYS D 111 -33.11 98.38 -3.20
CA LYS D 111 -33.26 96.93 -3.22
C LYS D 111 -33.60 96.34 -1.84
N MET D 112 -33.10 96.95 -0.75
CA MET D 112 -33.44 96.53 0.61
C MET D 112 -34.92 96.78 0.91
N THR D 113 -35.36 97.98 0.54
CA THR D 113 -36.76 98.39 0.52
C THR D 113 -37.63 97.38 -0.23
N GLN D 114 -37.24 96.98 -1.44
CA GLN D 114 -38.00 95.99 -2.18
C GLN D 114 -38.09 94.57 -1.60
N ILE D 115 -36.98 93.86 -1.37
CA ILE D 115 -37.00 92.44 -0.95
C ILE D 115 -37.79 92.17 0.33
N MET D 116 -37.74 93.16 1.23
CA MET D 116 -38.54 93.21 2.45
C MET D 116 -40.05 93.15 2.23
N PHE D 117 -40.51 94.04 1.36
CA PHE D 117 -41.93 94.23 1.18
C PHE D 117 -42.54 93.19 0.26
N GLU D 118 -41.75 92.77 -0.74
CA GLU D 118 -42.16 91.75 -1.68
C GLU D 118 -42.01 90.34 -1.12
N THR D 119 -40.80 89.85 -0.85
CA THR D 119 -40.63 88.46 -0.49
C THR D 119 -40.98 88.17 0.96
N PHE D 120 -40.63 89.09 1.86
CA PHE D 120 -40.91 88.91 3.28
C PHE D 120 -42.27 89.40 3.76
N ASN D 121 -42.81 90.36 3.01
CA ASN D 121 -44.16 90.89 3.20
C ASN D 121 -44.35 91.63 4.51
N VAL D 122 -43.23 92.13 5.05
CA VAL D 122 -43.19 92.89 6.30
C VAL D 122 -44.11 94.11 6.27
N PRO D 123 -44.89 94.50 7.26
CA PRO D 123 -45.88 95.58 7.10
C PRO D 123 -45.25 96.95 6.87
N ALA D 124 -44.05 97.15 7.42
CA ALA D 124 -43.36 98.42 7.39
C ALA D 124 -41.92 98.01 7.61
N MET D 125 -40.97 98.79 7.08
CA MET D 125 -39.57 98.50 7.27
C MET D 125 -38.90 99.81 7.64
N TYR D 126 -37.90 99.78 8.51
CA TYR D 126 -37.08 100.95 8.67
C TYR D 126 -35.64 100.51 8.49
N VAL D 127 -34.80 101.48 8.12
CA VAL D 127 -33.40 101.23 7.86
C VAL D 127 -32.57 102.37 8.47
N ALA D 128 -31.58 102.07 9.32
CA ALA D 128 -30.78 103.12 9.93
C ALA D 128 -29.27 102.91 9.93
N ILE D 129 -28.54 103.98 9.57
CA ILE D 129 -27.08 103.98 9.59
C ILE D 129 -26.41 103.66 10.94
N GLN D 130 -25.70 102.52 10.87
CA GLN D 130 -25.03 101.86 11.99
C GLN D 130 -24.30 102.84 12.92
N ALA D 131 -23.62 103.87 12.39
CA ALA D 131 -22.98 104.89 13.21
C ALA D 131 -23.85 105.74 14.15
N VAL D 132 -24.92 106.41 13.66
CA VAL D 132 -25.70 107.31 14.48
C VAL D 132 -26.33 106.51 15.62
N LEU D 133 -26.82 105.32 15.26
CA LEU D 133 -27.26 104.30 16.22
C LEU D 133 -26.19 103.97 17.26
N SER D 134 -24.95 103.71 16.84
CA SER D 134 -23.83 103.50 17.76
C SER D 134 -23.70 104.60 18.81
N LEU D 135 -24.07 105.84 18.41
CA LEU D 135 -24.15 106.99 19.29
C LEU D 135 -25.46 106.99 20.08
N TYR D 136 -26.60 106.59 19.52
CA TYR D 136 -27.87 106.45 20.25
C TYR D 136 -27.82 105.39 21.33
N ALA D 137 -26.86 104.47 21.30
CA ALA D 137 -26.62 103.58 22.43
C ALA D 137 -25.82 104.29 23.51
N SER D 138 -25.13 105.37 23.12
CA SER D 138 -24.42 106.22 24.06
C SER D 138 -25.18 107.52 24.30
N GLY D 139 -26.44 107.59 23.84
CA GLY D 139 -27.30 108.75 24.00
C GLY D 139 -26.84 110.01 23.27
N ARG D 140 -26.38 109.95 22.02
CA ARG D 140 -26.08 111.18 21.29
C ARG D 140 -26.42 111.25 19.80
N THR D 141 -26.57 112.47 19.34
CA THR D 141 -27.08 112.73 18.01
C THR D 141 -25.96 113.11 17.04
N THR D 142 -24.77 113.31 17.61
CA THR D 142 -23.69 114.09 17.03
C THR D 142 -22.41 113.50 17.62
N GLY D 143 -21.26 113.50 16.93
CA GLY D 143 -20.06 112.86 17.44
C GLY D 143 -19.30 112.10 16.36
N ILE D 144 -18.05 111.76 16.66
CA ILE D 144 -17.24 111.00 15.72
C ILE D 144 -17.17 109.56 16.20
N VAL D 145 -17.50 108.65 15.27
CA VAL D 145 -17.55 107.22 15.54
C VAL D 145 -16.28 106.48 15.14
N LEU D 146 -15.79 105.50 15.88
CA LEU D 146 -14.85 104.53 15.36
C LEU D 146 -15.53 103.18 15.51
N ASP D 147 -16.31 102.74 14.53
CA ASP D 147 -16.86 101.40 14.53
C ASP D 147 -15.82 100.45 13.97
N SER D 148 -15.79 99.30 14.62
CA SER D 148 -14.79 98.29 14.43
C SER D 148 -15.44 96.95 14.79
N GLY D 149 -16.34 96.49 13.93
CA GLY D 149 -16.99 95.19 14.07
C GLY D 149 -16.07 94.01 13.78
N ASP D 150 -16.58 93.02 13.01
CA ASP D 150 -15.76 91.93 12.45
C ASP D 150 -15.16 92.21 11.07
N GLY D 151 -15.54 93.29 10.36
CA GLY D 151 -15.19 93.43 8.96
C GLY D 151 -14.32 94.64 8.61
N VAL D 152 -14.88 95.82 8.77
CA VAL D 152 -14.24 97.02 8.25
C VAL D 152 -14.46 98.08 9.30
N THR D 153 -13.37 98.66 9.79
CA THR D 153 -13.42 99.73 10.76
C THR D 153 -13.94 101.01 10.10
N HIS D 154 -14.53 101.92 10.87
CA HIS D 154 -15.40 102.99 10.38
C HIS D 154 -15.32 104.23 11.27
N ASN D 155 -14.82 105.30 10.65
CA ASN D 155 -14.54 106.58 11.29
C ASN D 155 -15.62 107.53 10.79
N VAL D 156 -16.76 107.59 11.47
CA VAL D 156 -17.93 108.24 10.88
C VAL D 156 -18.28 109.54 11.60
N PRO D 157 -18.24 110.75 11.03
CA PRO D 157 -18.70 111.98 11.69
C PRO D 157 -20.20 112.21 11.64
N ILE D 158 -20.81 112.71 12.74
CA ILE D 158 -22.25 112.85 12.79
C ILE D 158 -22.67 114.26 13.21
N TYR D 159 -23.45 114.97 12.38
CA TYR D 159 -24.08 116.19 12.86
C TYR D 159 -25.59 115.97 12.86
N GLU D 160 -26.14 116.25 14.04
CA GLU D 160 -27.57 116.28 14.33
C GLU D 160 -28.44 115.15 13.79
N GLY D 161 -27.91 113.93 13.90
CA GLY D 161 -28.59 112.73 13.46
C GLY D 161 -28.29 112.41 12.00
N TYR D 162 -27.12 112.84 11.53
CA TYR D 162 -26.73 112.61 10.16
C TYR D 162 -25.23 112.41 10.08
N ALA D 163 -24.86 111.48 9.18
CA ALA D 163 -23.47 111.19 8.90
C ALA D 163 -22.95 112.09 7.79
N LEU D 164 -21.69 112.48 7.88
CA LEU D 164 -21.02 113.24 6.84
C LEU D 164 -20.07 112.41 5.97
N PRO D 165 -20.55 111.95 4.80
CA PRO D 165 -19.84 111.06 3.89
C PRO D 165 -18.40 111.43 3.55
N HIS D 166 -18.20 112.70 3.17
CA HIS D 166 -16.88 113.22 2.88
C HIS D 166 -15.75 112.94 3.88
N ALA D 167 -16.07 112.54 5.12
CA ALA D 167 -15.08 112.16 6.09
C ALA D 167 -15.12 110.69 6.46
N ILE D 168 -16.17 109.94 6.14
CA ILE D 168 -16.36 108.58 6.64
C ILE D 168 -15.25 107.65 6.18
N MET D 169 -14.26 107.52 7.05
CA MET D 169 -13.12 106.67 6.78
C MET D 169 -13.24 105.20 7.20
N ARG D 170 -13.19 104.39 6.16
CA ARG D 170 -13.05 102.94 6.23
C ARG D 170 -11.61 102.49 6.47
N LEU D 171 -11.43 101.42 7.23
CA LEU D 171 -10.17 100.70 7.23
C LEU D 171 -10.55 99.22 7.19
N ASP D 172 -9.99 98.59 6.16
CA ASP D 172 -10.22 97.17 5.83
C ASP D 172 -9.62 96.18 6.83
N LEU D 173 -10.15 96.26 8.03
CA LEU D 173 -9.59 95.58 9.18
C LEU D 173 -10.70 95.52 10.21
N ALA D 174 -10.65 94.47 11.01
CA ALA D 174 -11.37 94.33 12.27
C ALA D 174 -11.36 92.86 12.64
N GLY D 175 -12.03 92.54 13.75
CA GLY D 175 -12.47 91.20 14.14
C GLY D 175 -11.86 90.01 13.42
N ARG D 176 -12.21 89.76 12.16
CA ARG D 176 -11.68 88.61 11.45
C ARG D 176 -10.17 88.59 11.25
N ASP D 177 -9.63 89.64 10.60
CA ASP D 177 -8.21 89.79 10.34
C ASP D 177 -7.48 89.80 11.66
N LEU D 178 -8.11 90.35 12.70
CA LEU D 178 -7.57 90.33 14.04
C LEU D 178 -7.37 88.94 14.62
N THR D 179 -8.15 87.93 14.22
CA THR D 179 -7.94 86.57 14.71
C THR D 179 -6.95 85.85 13.80
N ASP D 180 -7.10 86.05 12.50
CA ASP D 180 -6.20 85.45 11.52
C ASP D 180 -4.79 86.04 11.54
N TYR D 181 -4.58 87.13 12.28
CA TYR D 181 -3.23 87.56 12.64
C TYR D 181 -2.72 86.76 13.83
N LEU D 182 -3.58 86.64 14.84
CA LEU D 182 -3.32 85.89 16.05
C LEU D 182 -2.91 84.44 15.78
N MET D 183 -3.57 83.78 14.83
CA MET D 183 -3.15 82.47 14.31
C MET D 183 -1.72 82.41 13.78
N LYS D 184 -1.19 83.47 13.16
CA LYS D 184 0.15 83.47 12.56
C LYS D 184 1.19 83.52 13.67
N ILE D 185 0.86 84.26 14.73
CA ILE D 185 1.82 84.49 15.79
C ILE D 185 1.84 83.36 16.80
N LEU D 186 0.69 82.76 17.14
CA LEU D 186 0.66 81.55 17.96
C LEU D 186 1.50 80.41 17.38
N THR D 187 1.48 80.28 16.04
CA THR D 187 2.46 79.50 15.29
C THR D 187 3.89 79.68 15.78
N GLU D 188 4.38 80.87 16.16
CA GLU D 188 5.77 81.03 16.58
C GLU D 188 6.13 80.23 17.85
N ARG D 189 5.17 79.99 18.72
CA ARG D 189 5.38 79.21 19.92
C ARG D 189 4.79 77.82 19.71
N GLY D 190 5.07 77.23 18.55
CA GLY D 190 4.66 75.87 18.26
C GLY D 190 3.24 75.78 17.72
N TYR D 191 2.30 76.56 18.28
CA TYR D 191 0.89 76.34 18.03
C TYR D 191 0.40 76.87 16.68
N SER D 192 0.79 76.18 15.60
CA SER D 192 0.23 76.36 14.27
C SER D 192 -1.26 76.03 14.29
N PHE D 193 -2.09 76.97 14.74
CA PHE D 193 -3.52 76.79 14.60
C PHE D 193 -3.96 76.86 13.14
N VAL D 194 -4.86 75.97 12.73
CA VAL D 194 -5.26 75.84 11.34
C VAL D 194 -6.76 75.70 11.11
N THR D 195 -7.49 74.77 11.72
CA THR D 195 -8.89 74.59 11.35
C THR D 195 -9.83 75.69 11.85
N THR D 196 -11.02 75.73 11.26
CA THR D 196 -12.10 76.58 11.70
C THR D 196 -12.45 76.33 13.17
N ALA D 197 -12.50 75.06 13.59
CA ALA D 197 -12.69 74.71 14.99
C ALA D 197 -11.60 75.32 15.86
N GLU D 198 -10.36 75.28 15.36
CA GLU D 198 -9.29 76.02 15.99
C GLU D 198 -9.44 77.53 15.90
N ARG D 199 -10.01 78.11 14.84
CA ARG D 199 -10.24 79.56 14.80
C ARG D 199 -11.28 79.98 15.82
N GLU D 200 -12.17 79.06 16.22
CA GLU D 200 -13.10 79.37 17.30
C GLU D 200 -12.38 79.36 18.64
N ILE D 201 -11.40 78.45 18.80
CA ILE D 201 -10.55 78.46 19.99
C ILE D 201 -9.74 79.76 20.01
N VAL D 202 -9.16 80.10 18.86
CA VAL D 202 -8.32 81.29 18.73
C VAL D 202 -9.12 82.55 19.00
N ARG D 203 -10.39 82.62 18.58
CA ARG D 203 -11.19 83.81 18.85
C ARG D 203 -11.49 84.00 20.32
N ASP D 204 -11.64 82.91 21.11
CA ASP D 204 -11.82 83.06 22.57
C ASP D 204 -10.56 83.67 23.17
N ILE D 205 -9.40 83.23 22.70
CA ILE D 205 -8.10 83.76 23.07
C ILE D 205 -7.99 85.26 22.79
N LYS D 206 -8.67 85.78 21.76
CA LYS D 206 -8.54 87.20 21.45
C LYS D 206 -9.18 88.00 22.57
N GLU D 207 -10.36 87.52 22.98
CA GLU D 207 -11.18 88.16 24.01
C GLU D 207 -10.52 88.04 25.37
N LYS D 208 -9.99 86.86 25.70
CA LYS D 208 -9.33 86.62 26.98
C LYS D 208 -7.92 87.21 27.14
N LEU D 209 -7.04 87.15 26.15
CA LEU D 209 -5.63 87.49 26.35
C LEU D 209 -5.20 88.79 25.68
N CYS D 210 -5.85 89.13 24.58
CA CYS D 210 -5.35 90.17 23.70
C CYS D 210 -5.91 91.52 24.08
N TYR D 211 -5.12 92.59 24.24
CA TYR D 211 -5.59 93.81 24.88
C TYR D 211 -4.77 94.98 24.39
N VAL D 212 -5.38 96.13 24.18
CA VAL D 212 -4.68 97.31 23.73
C VAL D 212 -3.92 97.92 24.91
N ALA D 213 -2.70 97.40 25.07
CA ALA D 213 -1.65 98.05 25.84
C ALA D 213 -1.56 99.54 25.50
N LEU D 214 -1.36 100.35 26.54
CA LEU D 214 -1.42 101.80 26.41
C LEU D 214 -0.36 102.37 25.47
N ASP D 215 0.78 101.71 25.37
CA ASP D 215 1.91 102.18 24.60
C ASP D 215 2.52 100.93 23.99
N PHE D 216 3.21 101.04 22.85
CA PHE D 216 3.72 99.86 22.21
C PHE D 216 5.14 99.53 22.68
N GLU D 217 5.96 100.56 22.87
CA GLU D 217 7.39 100.38 23.06
C GLU D 217 7.75 100.01 24.49
N ASN D 218 7.20 100.75 25.46
CA ASN D 218 7.41 100.43 26.88
C ASN D 218 6.88 99.05 27.23
N GLU D 219 5.87 98.67 26.45
CA GLU D 219 5.25 97.37 26.59
C GLU D 219 6.15 96.26 26.06
N MET D 220 6.66 96.40 24.82
CA MET D 220 7.61 95.45 24.23
C MET D 220 8.76 95.04 25.16
N ALA D 221 9.30 96.09 25.80
CA ALA D 221 10.40 95.98 26.74
C ALA D 221 10.03 95.23 28.00
N THR D 222 8.82 95.44 28.53
CA THR D 222 8.38 94.72 29.71
C THR D 222 8.20 93.23 29.43
N ALA D 223 7.69 92.96 28.22
CA ALA D 223 7.55 91.58 27.75
C ALA D 223 8.92 90.92 27.72
N ALA D 224 9.85 91.55 27.00
CA ALA D 224 11.23 91.09 26.91
C ALA D 224 11.96 91.05 28.25
N SER D 225 11.53 91.85 29.23
CA SER D 225 12.17 91.85 30.54
C SER D 225 11.64 90.73 31.42
N SER D 226 10.32 90.60 31.47
CA SER D 226 9.67 89.85 32.50
C SER D 226 8.35 89.26 32.03
N SER D 227 8.16 88.04 32.52
CA SER D 227 6.98 87.26 32.23
C SER D 227 5.63 87.84 32.66
N SER D 228 5.42 89.01 33.28
CA SER D 228 4.11 89.35 33.84
C SER D 228 2.97 89.52 32.84
N LEU D 229 3.30 89.90 31.60
CA LEU D 229 2.32 89.97 30.52
C LEU D 229 1.89 88.57 30.10
N GLU D 230 2.83 87.62 30.18
CA GLU D 230 2.54 86.24 29.80
C GLU D 230 1.56 85.64 30.80
N LYS D 231 0.59 84.95 30.21
CA LYS D 231 -0.48 84.33 30.97
C LYS D 231 -0.90 83.06 30.26
N SER D 232 -0.98 81.96 31.00
CA SER D 232 -1.34 80.67 30.43
C SER D 232 -2.84 80.58 30.16
N TYR D 233 -3.26 79.92 29.09
CA TYR D 233 -4.68 79.70 28.82
C TYR D 233 -4.87 78.23 28.50
N GLU D 234 -5.78 77.54 29.18
CA GLU D 234 -6.04 76.16 28.84
C GLU D 234 -7.02 75.98 27.69
N LEU D 235 -6.49 75.32 26.68
CA LEU D 235 -7.26 74.92 25.51
C LEU D 235 -8.22 73.82 25.92
N PRO D 236 -9.48 73.85 25.43
CA PRO D 236 -10.55 72.93 25.83
C PRO D 236 -10.24 71.44 25.78
N ASP D 237 -9.43 71.04 24.79
CA ASP D 237 -8.96 69.66 24.65
C ASP D 237 -8.14 69.15 25.82
N GLY D 238 -7.39 70.04 26.48
CA GLY D 238 -6.52 69.69 27.57
C GLY D 238 -5.21 70.48 27.57
N GLN D 239 -4.80 71.01 26.43
CA GLN D 239 -3.51 71.70 26.31
C GLN D 239 -3.51 73.10 26.94
N VAL D 240 -2.36 73.76 26.98
CA VAL D 240 -2.24 75.08 27.57
C VAL D 240 -1.34 75.93 26.70
N ILE D 241 -1.77 77.15 26.32
CA ILE D 241 -0.89 78.07 25.62
C ILE D 241 -0.21 79.04 26.57
N THR D 242 0.85 79.73 26.13
CA THR D 242 1.38 80.85 26.89
C THR D 242 1.66 81.91 25.84
N ILE D 243 1.41 83.20 26.05
CA ILE D 243 1.48 84.19 24.99
C ILE D 243 2.00 85.46 25.66
N GLY D 244 2.84 86.31 25.04
CA GLY D 244 3.46 87.41 25.76
C GLY D 244 3.37 88.74 25.03
N ASN D 245 4.37 88.97 24.17
CA ASN D 245 4.43 90.14 23.28
C ASN D 245 3.20 90.15 22.36
N GLU D 246 3.04 88.96 21.76
CA GLU D 246 1.93 88.56 20.91
C GLU D 246 0.53 89.02 21.35
N ARG D 247 0.28 88.99 22.68
CA ARG D 247 -1.00 89.38 23.26
C ARG D 247 -1.51 90.76 22.86
N PHE D 248 -0.56 91.68 22.70
CA PHE D 248 -0.84 93.05 22.31
C PHE D 248 -0.50 93.30 20.85
N ARG D 249 0.48 92.57 20.29
CA ARG D 249 0.63 92.47 18.82
C ARG D 249 -0.68 92.23 18.07
N CYS D 250 -1.52 91.34 18.60
CA CYS D 250 -2.79 91.02 17.99
C CYS D 250 -3.79 92.16 17.93
N PRO D 251 -4.17 92.97 18.95
CA PRO D 251 -4.96 94.18 18.76
C PRO D 251 -4.25 95.39 18.16
N GLU D 252 -2.91 95.49 18.30
CA GLU D 252 -2.11 96.60 17.76
C GLU D 252 -2.30 96.83 16.27
N THR D 253 -2.67 95.74 15.58
CA THR D 253 -2.99 95.72 14.16
C THR D 253 -3.92 96.84 13.68
N LEU D 254 -4.83 97.30 14.54
CA LEU D 254 -5.65 98.46 14.20
C LEU D 254 -4.87 99.73 14.02
N PHE D 255 -3.84 99.92 14.85
CA PHE D 255 -2.97 101.08 14.83
C PHE D 255 -1.82 100.90 13.85
N GLN D 256 -1.45 99.66 13.55
CA GLN D 256 -0.42 99.39 12.57
C GLN D 256 -0.80 98.34 11.55
N PRO D 257 -1.37 98.70 10.39
CA PRO D 257 -1.61 97.77 9.28
C PRO D 257 -0.40 97.17 8.56
N SER D 258 0.82 97.70 8.77
CA SER D 258 2.05 97.07 8.29
C SER D 258 2.31 95.69 8.89
N PHE D 259 1.70 95.42 10.05
CA PHE D 259 1.77 94.13 10.71
C PHE D 259 1.19 93.03 9.85
N ILE D 260 -0.06 93.20 9.41
CA ILE D 260 -0.64 92.29 8.45
C ILE D 260 -0.07 92.47 7.05
N GLY D 261 0.33 93.69 6.70
CA GLY D 261 0.80 94.01 5.36
C GLY D 261 -0.35 94.63 4.59
N MET D 262 -0.79 95.79 5.07
CA MET D 262 -1.80 96.57 4.39
C MET D 262 -1.29 97.98 4.24
N GLU D 263 -1.51 98.54 3.05
CA GLU D 263 -1.09 99.90 2.71
C GLU D 263 -1.91 101.01 3.37
N SER D 264 -2.47 100.82 4.57
CA SER D 264 -3.46 101.76 5.06
C SER D 264 -3.16 102.16 6.48
N ALA D 265 -3.62 103.37 6.81
CA ALA D 265 -3.20 104.09 7.99
C ALA D 265 -3.91 103.57 9.24
N GLY D 266 -3.23 103.66 10.37
CA GLY D 266 -3.74 103.12 11.62
C GLY D 266 -4.94 103.92 12.09
N ILE D 267 -5.75 103.32 12.97
CA ILE D 267 -6.99 103.95 13.40
C ILE D 267 -6.81 105.37 13.95
N HIS D 268 -5.73 105.62 14.69
CA HIS D 268 -5.38 106.98 15.12
C HIS D 268 -5.24 108.01 14.00
N GLU D 269 -4.65 107.55 12.89
CA GLU D 269 -4.42 108.41 11.75
C GLU D 269 -5.75 108.68 11.07
N THR D 270 -6.57 107.65 10.85
CA THR D 270 -7.86 107.82 10.22
C THR D 270 -8.95 108.52 11.03
N THR D 271 -8.98 108.36 12.36
CA THR D 271 -10.01 109.00 13.18
C THR D 271 -9.94 110.51 13.01
N TYR D 272 -8.74 111.00 13.38
CA TYR D 272 -8.34 112.38 13.18
C TYR D 272 -8.62 112.86 11.75
N ASN D 273 -8.14 112.10 10.76
CA ASN D 273 -8.24 112.51 9.38
C ASN D 273 -9.66 112.68 8.86
N SER D 274 -10.62 111.96 9.45
CA SER D 274 -12.04 112.13 9.23
C SER D 274 -12.54 113.44 9.86
N ILE D 275 -12.07 113.76 11.08
CA ILE D 275 -12.50 114.97 11.79
C ILE D 275 -11.94 116.24 11.15
N MET D 276 -10.73 116.21 10.58
CA MET D 276 -10.24 117.32 9.76
C MET D 276 -11.12 117.62 8.55
N LYS D 277 -11.57 116.54 7.88
CA LYS D 277 -12.62 116.65 6.88
C LYS D 277 -13.94 117.18 7.46
N CYS D 278 -14.17 117.22 8.78
CA CYS D 278 -15.33 117.93 9.32
C CYS D 278 -15.23 119.43 9.40
N ASP D 279 -16.41 120.04 9.49
CA ASP D 279 -16.58 121.50 9.49
C ASP D 279 -15.82 122.07 10.67
N ILE D 280 -15.07 123.12 10.34
CA ILE D 280 -14.05 123.66 11.24
C ILE D 280 -14.57 124.01 12.63
N ASP D 281 -15.87 124.33 12.71
CA ASP D 281 -16.49 124.53 14.00
C ASP D 281 -17.24 123.34 14.56
N ILE D 282 -17.88 122.47 13.76
CA ILE D 282 -18.65 121.37 14.35
C ILE D 282 -17.75 120.30 14.96
N ARG D 283 -16.54 120.23 14.38
CA ARG D 283 -15.38 119.48 14.89
C ARG D 283 -15.29 119.42 16.40
N LYS D 284 -15.57 120.55 17.07
CA LYS D 284 -15.55 120.62 18.51
C LYS D 284 -16.52 119.65 19.16
N ASP D 285 -17.78 119.52 18.74
CA ASP D 285 -18.75 118.62 19.35
C ASP D 285 -18.35 117.15 19.14
N LEU D 286 -17.82 116.92 17.94
CA LEU D 286 -17.37 115.61 17.50
C LEU D 286 -16.18 115.12 18.32
N TYR D 287 -15.06 115.84 18.31
CA TYR D 287 -13.94 115.63 19.24
C TYR D 287 -14.42 115.45 20.68
N ALA D 288 -15.26 116.39 21.14
CA ALA D 288 -15.85 116.34 22.46
C ALA D 288 -16.64 115.10 22.85
N ASN D 289 -16.99 114.30 21.84
CA ASN D 289 -17.87 113.15 21.91
C ASN D 289 -17.44 111.96 21.05
N ASN D 290 -16.18 111.55 20.82
CA ASN D 290 -15.86 110.36 20.02
C ASN D 290 -16.56 109.10 20.56
N VAL D 291 -17.43 108.38 19.81
CA VAL D 291 -18.05 107.15 20.26
C VAL D 291 -17.52 106.00 19.42
N MET D 292 -17.16 104.89 20.06
CA MET D 292 -16.43 103.80 19.44
C MET D 292 -17.17 102.51 19.69
N SER D 293 -17.46 101.75 18.62
CA SER D 293 -18.34 100.60 18.69
C SER D 293 -17.67 99.42 18.02
N GLY D 294 -18.20 98.24 18.37
CA GLY D 294 -17.84 97.01 17.67
C GLY D 294 -16.99 96.03 18.47
N GLY D 295 -16.99 94.81 17.95
CA GLY D 295 -16.33 93.68 18.56
C GLY D 295 -14.85 93.96 18.77
N THR D 296 -14.26 94.78 17.92
CA THR D 296 -12.87 95.15 18.02
C THR D 296 -12.62 96.44 18.80
N THR D 297 -13.66 97.11 19.31
CA THR D 297 -13.44 98.09 20.38
C THR D 297 -13.56 97.44 21.75
N MET D 298 -14.02 96.18 21.81
CA MET D 298 -14.05 95.43 23.05
C MET D 298 -12.68 95.29 23.69
N TYR D 299 -11.60 95.22 22.90
CA TYR D 299 -10.23 95.25 23.39
C TYR D 299 -9.92 96.20 24.56
N PRO D 300 -9.56 95.68 25.74
CA PRO D 300 -9.24 96.50 26.93
C PRO D 300 -8.12 97.49 26.62
N GLY D 301 -8.18 98.70 27.18
CA GLY D 301 -7.17 99.73 26.94
C GLY D 301 -7.51 100.69 25.80
N ILE D 302 -8.29 100.21 24.82
CA ILE D 302 -8.59 100.94 23.59
C ILE D 302 -9.07 102.39 23.73
N ALA D 303 -9.81 102.70 24.80
CA ALA D 303 -10.41 104.02 24.99
C ALA D 303 -9.40 105.06 25.43
N ASP D 304 -8.55 104.66 26.37
CA ASP D 304 -7.50 105.51 26.90
C ASP D 304 -6.46 105.71 25.81
N ARG D 305 -6.06 104.62 25.13
CA ARG D 305 -5.09 104.72 24.06
C ARG D 305 -5.57 105.61 22.92
N MET D 306 -6.83 105.44 22.46
CA MET D 306 -7.43 106.35 21.49
C MET D 306 -7.34 107.79 21.96
N GLN D 307 -7.72 108.00 23.22
CA GLN D 307 -7.68 109.32 23.86
C GLN D 307 -6.25 109.86 23.91
N LYS D 308 -5.24 109.03 24.17
CA LYS D 308 -3.84 109.44 24.20
C LYS D 308 -3.40 109.94 22.84
N GLU D 309 -3.72 109.18 21.78
CA GLU D 309 -3.27 109.53 20.45
C GLU D 309 -4.00 110.76 19.92
N ILE D 310 -5.34 110.78 20.03
CA ILE D 310 -6.11 111.95 19.65
C ILE D 310 -5.70 113.20 20.42
N THR D 311 -5.45 113.16 21.74
CA THR D 311 -4.84 114.30 22.43
C THR D 311 -3.47 114.71 21.88
N ALA D 312 -2.59 113.75 21.60
CA ALA D 312 -1.31 114.04 20.96
C ALA D 312 -1.41 114.48 19.49
N LEU D 313 -2.57 114.26 18.86
CA LEU D 313 -2.85 114.71 17.50
C LEU D 313 -3.76 115.92 17.37
N ALA D 314 -4.57 116.28 18.37
CA ALA D 314 -5.45 117.44 18.31
C ALA D 314 -4.81 118.62 19.04
N PRO D 315 -5.15 119.90 18.81
CA PRO D 315 -4.54 121.06 19.47
C PRO D 315 -4.61 121.05 20.99
N SER D 316 -3.75 121.85 21.63
CA SER D 316 -3.68 121.91 23.10
C SER D 316 -5.03 122.26 23.72
N THR D 317 -5.75 123.26 23.22
CA THR D 317 -7.12 123.51 23.70
C THR D 317 -8.22 122.57 23.20
N MET D 318 -7.93 121.40 22.60
CA MET D 318 -9.01 120.58 22.07
C MET D 318 -9.60 119.64 23.11
N LYS D 319 -10.84 119.97 23.48
CA LYS D 319 -11.62 119.13 24.37
C LYS D 319 -12.10 117.92 23.58
N ILE D 320 -11.51 116.79 23.94
CA ILE D 320 -11.82 115.51 23.34
C ILE D 320 -12.45 114.64 24.40
N LYS D 321 -13.49 113.87 24.05
CA LYS D 321 -13.81 112.73 24.89
C LYS D 321 -14.09 111.55 23.98
N ILE D 322 -13.46 110.42 24.27
CA ILE D 322 -13.87 109.10 23.77
C ILE D 322 -15.01 108.50 24.59
N ILE D 323 -15.89 107.71 23.97
CA ILE D 323 -17.03 107.05 24.56
C ILE D 323 -17.10 105.65 23.95
N ALA D 324 -17.02 104.68 24.86
CA ALA D 324 -17.38 103.31 24.57
C ALA D 324 -18.32 102.81 25.67
N PRO D 325 -19.51 102.31 25.35
CA PRO D 325 -20.39 101.64 26.32
C PRO D 325 -19.78 100.34 26.89
N PRO D 326 -20.14 99.85 28.08
CA PRO D 326 -19.83 98.48 28.49
C PRO D 326 -20.51 97.44 27.61
N GLU D 327 -21.67 97.76 27.04
CA GLU D 327 -22.33 96.99 25.99
C GLU D 327 -21.89 97.29 24.54
N ARG D 328 -20.81 98.05 24.36
CA ARG D 328 -20.34 98.51 23.05
C ARG D 328 -20.41 97.57 21.84
N LYS D 329 -20.07 96.27 22.05
CA LYS D 329 -20.08 95.24 21.02
C LYS D 329 -21.39 95.22 20.21
N TYR D 330 -22.52 95.47 20.90
CA TYR D 330 -23.83 95.42 20.28
C TYR D 330 -24.51 96.74 19.89
N SER D 331 -24.03 97.88 20.41
CA SER D 331 -24.58 99.24 20.34
C SER D 331 -25.45 99.73 19.17
N VAL D 332 -25.17 99.23 17.97
CA VAL D 332 -26.01 99.46 16.79
C VAL D 332 -27.42 98.88 16.97
N TRP D 333 -27.53 97.74 17.64
CA TRP D 333 -28.82 97.18 18.01
C TRP D 333 -29.42 97.90 19.21
N ILE D 334 -28.65 98.18 20.27
CA ILE D 334 -29.17 98.88 21.46
C ILE D 334 -29.65 100.29 21.07
N GLY D 335 -28.80 101.00 20.32
CA GLY D 335 -29.19 102.23 19.65
C GLY D 335 -30.41 102.03 18.77
N GLY D 336 -30.40 101.00 17.91
CA GLY D 336 -31.57 100.63 17.11
C GLY D 336 -32.88 100.34 17.86
N SER D 337 -32.91 99.55 18.92
CA SER D 337 -34.11 99.13 19.63
C SER D 337 -34.87 100.26 20.28
N ILE D 338 -34.09 101.23 20.80
CA ILE D 338 -34.60 102.49 21.31
C ILE D 338 -35.36 103.22 20.21
N LEU D 339 -34.74 103.41 19.05
CA LEU D 339 -35.39 104.04 17.90
C LEU D 339 -36.62 103.27 17.42
N ALA D 340 -36.46 101.97 17.23
CA ALA D 340 -37.53 101.09 16.78
C ALA D 340 -38.70 101.02 17.73
N SER D 341 -38.46 101.23 19.03
CA SER D 341 -39.54 101.43 20.00
C SER D 341 -40.13 102.84 20.04
N LEU D 342 -39.51 103.88 19.46
CA LEU D 342 -40.04 105.25 19.52
C LEU D 342 -41.38 105.50 18.83
N SER D 343 -42.43 105.02 19.48
CA SER D 343 -43.78 104.90 18.91
C SER D 343 -44.54 106.18 18.58
N THR D 344 -44.04 107.34 19.01
CA THR D 344 -44.70 108.62 18.80
C THR D 344 -44.31 109.23 17.45
N PHE D 345 -43.01 109.17 17.16
CA PHE D 345 -42.43 109.64 15.92
C PHE D 345 -42.78 108.76 14.73
N GLN D 346 -43.28 107.57 15.07
CA GLN D 346 -43.76 106.54 14.17
C GLN D 346 -43.83 106.70 12.67
N GLN D 347 -44.38 107.75 12.04
CA GLN D 347 -44.54 107.80 10.59
C GLN D 347 -43.29 107.65 9.73
N MET D 348 -42.13 107.69 10.38
CA MET D 348 -40.87 107.23 9.81
C MET D 348 -41.00 105.80 9.29
N TRP D 349 -41.72 104.96 10.04
CA TRP D 349 -42.09 103.63 9.61
C TRP D 349 -43.01 103.63 8.39
N ILE D 350 -42.28 103.70 7.27
CA ILE D 350 -42.84 103.62 5.94
C ILE D 350 -43.50 102.27 5.71
N THR D 351 -44.83 102.35 5.55
CA THR D 351 -45.65 101.15 5.46
C THR D 351 -45.70 100.50 4.09
N LYS D 352 -46.43 99.40 4.03
CA LYS D 352 -46.82 98.79 2.76
C LYS D 352 -47.69 99.74 1.95
N GLN D 353 -48.58 100.53 2.57
CA GLN D 353 -49.40 101.48 1.84
C GLN D 353 -48.53 102.64 1.37
N GLU D 354 -47.59 103.10 2.20
CA GLU D 354 -46.54 104.04 1.78
C GLU D 354 -45.43 103.41 0.95
N TYR D 355 -45.90 102.66 -0.06
CA TYR D 355 -45.08 101.78 -0.89
C TYR D 355 -45.97 101.26 -2.02
N ASP D 356 -47.26 101.04 -1.75
CA ASP D 356 -48.27 100.95 -2.80
C ASP D 356 -48.37 102.30 -3.53
N GLU D 357 -48.39 103.37 -2.73
CA GLU D 357 -48.28 104.77 -3.13
C GLU D 357 -49.36 105.41 -4.00
N THR E 1 36.54 72.04 7.21
CA THR E 1 35.67 73.16 6.94
C THR E 1 34.56 73.05 7.98
N ALA E 2 33.37 73.58 7.68
CA ALA E 2 32.19 73.52 8.51
C ALA E 2 31.20 72.63 7.76
N LEU E 3 30.09 72.26 8.40
CA LEU E 3 29.14 71.25 7.95
C LEU E 3 27.80 71.91 7.67
N VAL E 4 26.99 71.34 6.77
CA VAL E 4 25.71 71.88 6.33
C VAL E 4 24.77 70.69 6.25
N CYS E 5 23.54 70.92 6.70
CA CYS E 5 22.47 69.93 6.77
C CYS E 5 21.09 70.47 6.38
N ASP E 6 20.49 69.88 5.34
CA ASP E 6 19.07 70.00 5.04
C ASP E 6 18.37 68.82 5.68
N ASN E 7 17.76 69.08 6.83
CA ASN E 7 16.93 68.08 7.47
C ASN E 7 15.58 68.08 6.77
N GLY E 8 15.27 67.13 5.89
CA GLY E 8 13.94 67.09 5.33
C GLY E 8 12.97 66.41 6.28
N SER E 9 11.71 66.39 5.85
CA SER E 9 10.73 65.54 6.50
C SER E 9 11.04 64.08 6.23
N GLY E 10 11.61 63.77 5.06
CA GLY E 10 12.07 62.44 4.74
C GLY E 10 13.32 62.41 3.87
N LEU E 11 14.27 63.33 4.04
CA LEU E 11 15.54 63.34 3.32
C LEU E 11 16.45 64.38 3.94
N VAL E 12 17.45 63.92 4.69
CA VAL E 12 18.49 64.73 5.31
C VAL E 12 19.75 64.70 4.44
N LYS E 13 20.15 65.89 4.00
CA LYS E 13 21.27 66.13 3.11
C LYS E 13 22.33 66.87 3.92
N ALA E 14 23.54 66.39 3.80
CA ALA E 14 24.57 66.79 4.72
C ALA E 14 25.86 66.96 3.96
N GLY E 15 26.85 67.45 4.67
CA GLY E 15 28.17 67.62 4.10
C GLY E 15 28.79 68.85 4.68
N PHE E 16 29.60 69.50 3.85
CA PHE E 16 30.47 70.57 4.29
C PHE E 16 30.17 71.87 3.54
N ALA E 17 30.80 72.93 4.00
CA ALA E 17 30.90 74.17 3.25
C ALA E 17 31.99 73.95 2.21
N GLY E 18 31.67 74.27 0.96
CA GLY E 18 32.67 74.35 -0.08
C GLY E 18 32.56 73.25 -1.14
N ASP E 19 31.59 72.35 -0.99
CA ASP E 19 31.30 71.35 -2.01
C ASP E 19 29.98 71.75 -2.65
N ASP E 20 29.89 71.52 -3.96
CA ASP E 20 28.68 71.80 -4.70
C ASP E 20 27.66 70.65 -4.67
N ALA E 21 28.00 69.46 -4.17
CA ALA E 21 27.09 68.32 -4.16
C ALA E 21 27.01 67.75 -2.75
N PRO E 22 25.85 67.37 -2.19
CA PRO E 22 25.73 66.90 -0.81
C PRO E 22 26.58 65.69 -0.48
N ARG E 23 27.34 65.74 0.61
CA ARG E 23 28.17 64.62 1.01
C ARG E 23 27.34 63.46 1.55
N ALA E 24 26.15 63.71 2.10
CA ALA E 24 25.33 62.62 2.62
C ALA E 24 23.85 62.91 2.48
N VAL E 25 23.11 62.01 1.85
CA VAL E 25 21.67 62.15 1.64
C VAL E 25 20.98 60.87 2.09
N PHE E 26 20.40 60.86 3.28
CA PHE E 26 19.64 59.73 3.78
C PHE E 26 18.21 60.15 4.13
N PRO E 27 17.16 59.34 3.98
CA PRO E 27 15.81 59.67 4.43
C PRO E 27 15.73 59.93 5.92
N SER E 28 14.76 60.73 6.38
CA SER E 28 14.73 61.14 7.77
C SER E 28 14.03 60.09 8.60
N ILE E 29 14.36 58.80 8.41
CA ILE E 29 13.54 57.73 8.95
C ILE E 29 14.03 57.27 10.31
N VAL E 30 13.11 57.18 11.27
CA VAL E 30 13.44 56.66 12.58
C VAL E 30 12.68 55.37 12.83
N GLY E 31 13.48 54.35 13.07
CA GLY E 31 12.95 53.02 13.28
C GLY E 31 13.04 52.60 14.73
N ARG E 32 11.92 52.30 15.37
CA ARG E 32 11.87 51.93 16.78
C ARG E 32 11.18 50.56 16.83
N PRO E 33 11.50 49.66 17.77
CA PRO E 33 10.90 48.33 17.89
C PRO E 33 9.39 48.19 18.11
N ARG E 34 8.85 47.18 17.41
CA ARG E 34 7.47 46.72 17.62
C ARG E 34 7.27 45.82 18.83
N HIS E 35 8.41 45.36 19.36
CA HIS E 35 8.63 44.75 20.67
C HIS E 35 10.15 44.74 20.79
N GLN E 36 10.71 44.90 21.99
CA GLN E 36 12.11 44.58 22.20
C GLN E 36 12.38 43.14 21.78
N GLY E 37 13.47 42.95 21.04
CA GLY E 37 13.86 41.66 20.50
C GLY E 37 15.06 41.85 19.61
N VAL E 38 15.24 40.92 18.67
CA VAL E 38 16.42 40.82 17.82
C VAL E 38 16.04 40.36 16.42
N MET E 39 17.06 40.46 15.54
CA MET E 39 17.07 39.90 14.20
C MET E 39 18.37 39.09 14.04
N VAL E 40 18.37 37.91 13.42
CA VAL E 40 19.46 36.95 13.62
C VAL E 40 20.80 37.32 12.96
N GLY E 41 21.79 37.59 13.81
CA GLY E 41 23.13 37.94 13.35
C GLY E 41 23.51 39.30 13.90
N MET E 42 22.48 40.15 13.96
CA MET E 42 22.57 41.43 14.65
C MET E 42 22.11 41.22 16.08
N GLY E 43 22.27 42.24 16.94
CA GLY E 43 21.77 42.17 18.30
C GLY E 43 20.56 43.07 18.42
N GLN E 44 20.36 43.63 19.61
CA GLN E 44 19.39 44.70 19.72
C GLN E 44 20.18 46.00 19.64
N LYS E 45 19.94 46.66 18.50
CA LYS E 45 20.42 48.02 18.25
C LYS E 45 19.49 49.06 18.87
N ASP E 46 20.09 50.18 19.33
CA ASP E 46 19.39 51.29 19.99
C ASP E 46 18.14 51.73 19.25
N SER E 47 18.29 52.05 17.97
CA SER E 47 17.18 52.42 17.11
C SER E 47 17.63 52.22 15.68
N TYR E 48 16.80 52.62 14.74
CA TYR E 48 17.21 52.65 13.36
C TYR E 48 17.17 54.09 12.92
N VAL E 49 17.94 54.43 11.88
CA VAL E 49 17.89 55.72 11.20
C VAL E 49 18.26 55.54 9.72
N GLY E 50 17.37 56.06 8.87
CA GLY E 50 17.59 56.14 7.44
C GLY E 50 17.45 54.82 6.69
N ASP E 51 18.42 54.63 5.79
CA ASP E 51 18.37 53.54 4.81
C ASP E 51 18.24 52.15 5.42
N GLU E 52 18.96 52.00 6.53
CA GLU E 52 19.03 50.81 7.36
C GLU E 52 17.66 50.38 7.87
N ALA E 53 16.87 51.37 8.29
CA ALA E 53 15.56 51.13 8.89
C ALA E 53 14.60 50.65 7.84
N GLN E 54 14.58 51.50 6.81
CA GLN E 54 13.79 51.39 5.61
C GLN E 54 14.04 50.07 4.90
N SER E 55 15.19 49.85 4.26
CA SER E 55 15.54 48.63 3.53
C SER E 55 15.31 47.29 4.23
N LYS E 56 14.97 47.27 5.52
CA LYS E 56 14.53 46.05 6.14
C LYS E 56 13.02 46.04 6.34
N ARG E 57 12.45 47.08 6.96
CA ARG E 57 11.10 47.06 7.50
C ARG E 57 10.91 45.95 8.55
N GLY E 58 9.95 45.02 8.48
CA GLY E 58 9.56 44.12 9.58
C GLY E 58 9.33 44.71 10.98
N ILE E 59 10.46 44.91 11.67
CA ILE E 59 10.55 44.97 13.13
C ILE E 59 10.24 46.32 13.77
N LEU E 60 9.76 47.28 12.99
CA LEU E 60 9.79 48.66 13.43
C LEU E 60 8.53 49.44 13.13
N THR E 61 8.46 50.61 13.75
CA THR E 61 7.38 51.56 13.54
C THR E 61 7.55 52.46 12.32
N LEU E 62 8.79 52.89 12.07
CA LEU E 62 9.16 53.79 10.98
C LEU E 62 8.39 55.11 11.05
N LYS E 63 8.79 55.94 12.01
CA LYS E 63 8.25 57.29 12.16
C LYS E 63 9.08 58.31 11.38
N TYR E 64 8.95 59.61 11.69
CA TYR E 64 9.67 60.69 11.03
C TYR E 64 9.71 61.82 12.05
N PRO E 65 10.82 62.50 12.31
CA PRO E 65 10.87 63.66 13.21
C PRO E 65 10.32 64.95 12.64
N ILE E 66 10.21 65.03 11.32
CA ILE E 66 9.77 66.24 10.67
C ILE E 66 8.58 65.84 9.81
N GLU E 67 7.58 66.71 9.84
CA GLU E 67 6.38 66.54 9.05
C GLU E 67 6.06 67.93 8.57
N HIS E 68 5.43 68.12 7.40
CA HIS E 68 4.93 69.43 6.98
C HIS E 68 5.92 70.61 7.02
N GLY E 69 7.22 70.34 7.21
CA GLY E 69 8.23 71.37 7.18
C GLY E 69 8.68 71.71 8.59
N ILE E 70 7.94 71.27 9.60
CA ILE E 70 8.28 71.57 10.97
C ILE E 70 8.75 70.31 11.67
N ILE E 71 9.72 70.51 12.58
CA ILE E 71 10.14 69.42 13.44
C ILE E 71 9.10 69.16 14.52
N THR E 72 8.58 67.93 14.58
CA THR E 72 7.58 67.56 15.57
C THR E 72 8.22 66.66 16.61
N ASN E 73 8.89 65.55 16.25
CA ASN E 73 9.56 64.77 17.27
C ASN E 73 11.00 65.23 17.40
N TRP E 74 11.37 65.40 18.66
CA TRP E 74 12.70 65.87 19.00
C TRP E 74 13.72 64.80 19.35
N ASP E 75 13.45 63.84 20.25
CA ASP E 75 14.43 62.80 20.60
C ASP E 75 14.98 62.11 19.36
N ASP E 76 14.04 61.76 18.49
CA ASP E 76 14.32 61.17 17.20
C ASP E 76 15.22 62.02 16.31
N MET E 77 14.97 63.33 16.32
CA MET E 77 15.72 64.26 15.50
C MET E 77 17.17 64.25 15.98
N GLU E 78 17.38 64.22 17.31
CA GLU E 78 18.73 64.10 17.87
C GLU E 78 19.44 62.81 17.48
N LYS E 79 18.72 61.68 17.55
CA LYS E 79 19.23 60.41 17.05
C LYS E 79 19.70 60.48 15.59
N ILE E 80 18.92 61.20 14.76
CA ILE E 80 19.29 61.46 13.38
C ILE E 80 20.59 62.26 13.25
N TRP E 81 20.76 63.34 14.02
CA TRP E 81 22.00 64.12 14.00
C TRP E 81 23.17 63.28 14.45
N HIS E 82 22.97 62.43 15.46
CA HIS E 82 23.97 61.44 15.84
C HIS E 82 24.37 60.55 14.67
N HIS E 83 23.37 60.19 13.86
CA HIS E 83 23.60 59.45 12.63
C HIS E 83 24.12 60.36 11.52
N THR E 84 24.00 61.70 11.58
CA THR E 84 24.57 62.56 10.56
C THR E 84 26.06 62.73 10.83
N PHE E 85 26.49 62.96 12.07
CA PHE E 85 27.89 63.21 12.38
C PHE E 85 28.84 62.02 12.25
N TYR E 86 28.83 61.12 13.24
CA TYR E 86 29.78 60.02 13.32
C TYR E 86 29.50 59.00 12.24
N ASN E 87 28.19 58.78 12.09
CA ASN E 87 27.65 57.81 11.18
C ASN E 87 27.61 58.19 9.72
N GLU E 88 27.05 59.34 9.33
CA GLU E 88 27.13 59.74 7.94
C GLU E 88 28.40 60.47 7.53
N LEU E 89 28.78 61.54 8.23
CA LEU E 89 29.88 62.40 7.79
C LEU E 89 31.25 62.04 8.34
N ARG E 90 31.23 61.08 9.28
CA ARG E 90 32.41 60.52 9.96
C ARG E 90 33.26 61.52 10.73
N VAL E 91 32.50 62.34 11.44
CA VAL E 91 33.04 63.43 12.23
C VAL E 91 32.47 63.43 13.65
N ALA E 92 33.19 64.18 14.48
CA ALA E 92 32.79 64.49 15.84
C ALA E 92 32.29 65.94 15.90
N PRO E 93 31.05 66.20 16.35
CA PRO E 93 30.38 67.50 16.32
C PRO E 93 31.19 68.70 16.82
N GLU E 94 31.87 68.54 17.95
CA GLU E 94 32.71 69.55 18.58
C GLU E 94 33.85 70.13 17.75
N GLU E 95 34.32 69.46 16.69
CA GLU E 95 35.38 70.00 15.84
C GLU E 95 34.86 70.85 14.66
N HIS E 96 33.61 70.62 14.30
CA HIS E 96 33.13 71.14 13.02
C HIS E 96 31.91 72.03 13.12
N PRO E 97 31.95 73.32 12.74
CA PRO E 97 30.80 74.22 12.74
C PRO E 97 29.66 73.61 11.93
N THR E 98 28.38 73.71 12.29
CA THR E 98 27.35 72.99 11.58
C THR E 98 26.33 74.03 11.15
N LEU E 99 25.72 73.82 9.99
CA LEU E 99 24.62 74.63 9.52
C LEU E 99 23.51 73.62 9.31
N LEU E 100 22.29 73.94 9.74
CA LEU E 100 21.13 73.10 9.55
C LEU E 100 20.05 74.01 9.00
N THR E 101 19.05 73.56 8.23
CA THR E 101 17.98 74.44 7.72
C THR E 101 16.53 74.12 8.11
N GLU E 102 15.80 75.22 8.36
CA GLU E 102 14.44 75.25 8.88
C GLU E 102 13.37 75.56 7.83
N ALA E 103 12.09 75.45 8.19
CA ALA E 103 11.01 75.79 7.27
C ALA E 103 10.83 77.31 7.28
N PRO E 104 10.42 77.99 6.20
CA PRO E 104 10.16 79.42 6.21
C PRO E 104 9.27 79.99 7.31
N LEU E 105 8.26 79.24 7.77
CA LEU E 105 7.41 79.70 8.88
C LEU E 105 7.78 79.18 10.26
N ASN E 106 8.93 78.47 10.35
CA ASN E 106 9.27 77.67 11.52
C ASN E 106 9.22 78.36 12.88
N PRO E 107 8.52 77.78 13.87
CA PRO E 107 8.31 78.34 15.19
C PRO E 107 9.55 78.70 15.99
N LYS E 108 9.50 79.82 16.73
CA LYS E 108 10.62 80.26 17.55
C LYS E 108 10.99 79.33 18.71
N ALA E 109 9.98 78.56 19.11
CA ALA E 109 10.13 77.47 20.05
C ALA E 109 10.93 76.33 19.43
N ASN E 110 10.67 76.01 18.17
CA ASN E 110 11.43 74.98 17.48
C ASN E 110 12.89 75.40 17.32
N ARG E 111 13.10 76.61 16.79
CA ARG E 111 14.45 77.09 16.58
C ARG E 111 15.29 77.17 17.86
N GLU E 112 14.70 77.66 18.97
CA GLU E 112 15.35 77.65 20.26
C GLU E 112 15.70 76.25 20.71
N LYS E 113 14.79 75.28 20.52
CA LYS E 113 15.08 73.89 20.86
C LYS E 113 16.27 73.35 20.06
N MET E 114 16.31 73.67 18.77
CA MET E 114 17.37 73.23 17.85
C MET E 114 18.72 73.80 18.23
N THR E 115 18.82 75.13 18.36
CA THR E 115 20.10 75.72 18.75
C THR E 115 20.54 75.41 20.17
N GLN E 116 19.60 75.15 21.08
CA GLN E 116 19.89 74.53 22.37
C GLN E 116 20.69 73.24 22.25
N ILE E 117 20.05 72.23 21.63
CA ILE E 117 20.60 70.88 21.51
C ILE E 117 22.00 70.84 20.90
N MET E 118 22.17 71.54 19.77
CA MET E 118 23.46 71.65 19.09
C MET E 118 24.63 72.10 19.95
N PHE E 119 24.34 72.90 20.98
CA PHE E 119 25.40 73.31 21.87
C PHE E 119 25.41 72.61 23.22
N GLU E 120 24.35 71.82 23.49
CA GLU E 120 24.29 70.97 24.67
C GLU E 120 24.51 69.50 24.31
N THR E 121 23.52 68.70 23.83
CA THR E 121 23.73 67.31 23.38
C THR E 121 24.89 67.16 22.38
N PHE E 122 25.19 68.14 21.51
CA PHE E 122 26.25 67.98 20.53
C PHE E 122 27.57 68.76 20.68
N ASN E 123 27.46 70.04 21.08
CA ASN E 123 28.58 70.87 21.53
C ASN E 123 29.45 71.41 20.39
N VAL E 124 28.81 71.58 19.22
CA VAL E 124 29.46 72.00 17.98
C VAL E 124 30.16 73.34 18.15
N PRO E 125 31.33 73.68 17.59
CA PRO E 125 32.02 74.93 17.85
C PRO E 125 31.29 76.13 17.27
N ALA E 126 30.59 76.00 16.14
CA ALA E 126 29.69 77.05 15.69
C ALA E 126 28.49 76.43 14.99
N MET E 127 27.32 77.05 15.08
CA MET E 127 26.18 76.61 14.31
C MET E 127 25.49 77.71 13.52
N TYR E 128 24.75 77.33 12.49
CA TYR E 128 23.77 78.21 11.86
C TYR E 128 22.52 77.39 11.57
N VAL E 129 21.37 78.02 11.76
CA VAL E 129 20.12 77.53 11.19
C VAL E 129 19.81 78.41 10.00
N ALA E 130 19.54 77.87 8.82
CA ALA E 130 19.21 78.69 7.67
C ALA E 130 17.77 78.40 7.25
N ILE E 131 17.25 78.98 6.14
CA ILE E 131 15.82 78.92 5.86
C ILE E 131 15.53 78.39 4.46
N GLN E 132 14.88 77.21 4.45
CA GLN E 132 14.71 76.34 3.28
C GLN E 132 14.51 76.99 1.91
N ALA E 133 13.37 77.65 1.65
CA ALA E 133 13.18 78.34 0.38
C ALA E 133 14.19 79.43 0.04
N VAL E 134 14.68 80.13 1.08
CA VAL E 134 15.55 81.27 0.91
C VAL E 134 16.91 80.79 0.41
N LEU E 135 17.44 79.73 1.02
CA LEU E 135 18.73 79.14 0.61
C LEU E 135 18.71 78.63 -0.81
N SER E 136 17.56 78.09 -1.17
CA SER E 136 17.38 77.60 -2.51
C SER E 136 17.51 78.77 -3.46
N LEU E 137 17.03 79.96 -3.07
CA LEU E 137 17.10 81.15 -3.91
C LEU E 137 18.56 81.58 -4.08
N TYR E 138 19.33 81.50 -3.00
CA TYR E 138 20.77 81.70 -3.07
C TYR E 138 21.40 80.71 -4.06
N ALA E 139 21.10 79.42 -3.96
CA ALA E 139 21.60 78.44 -4.92
C ALA E 139 21.10 78.68 -6.34
N SER E 140 19.97 79.38 -6.45
CA SER E 140 19.35 79.76 -7.71
C SER E 140 19.96 81.03 -8.32
N GLY E 141 20.94 81.63 -7.63
CA GLY E 141 21.64 82.82 -8.11
C GLY E 141 20.79 84.08 -8.14
N ARG E 142 20.19 84.46 -7.01
CA ARG E 142 19.32 85.64 -6.93
C ARG E 142 19.11 86.11 -5.51
N THR E 143 19.11 87.41 -5.29
CA THR E 143 18.80 87.95 -3.97
C THR E 143 17.31 87.91 -3.66
N THR E 144 16.50 87.97 -4.71
CA THR E 144 15.10 88.34 -4.64
C THR E 144 14.31 87.38 -5.52
N GLY E 145 13.16 86.89 -5.08
CA GLY E 145 12.34 85.97 -5.83
C GLY E 145 11.40 85.23 -4.91
N ILE E 146 10.18 85.06 -5.42
CA ILE E 146 9.19 84.27 -4.70
C ILE E 146 9.47 82.88 -5.23
N VAL E 147 9.89 82.10 -4.23
CA VAL E 147 10.22 80.69 -4.39
C VAL E 147 9.02 79.82 -3.96
N LEU E 148 8.97 78.62 -4.52
CA LEU E 148 7.90 77.66 -4.26
C LEU E 148 8.57 76.37 -3.79
N ASP E 149 9.03 76.31 -2.54
CA ASP E 149 9.72 75.13 -2.01
C ASP E 149 8.70 74.07 -1.60
N SER E 150 8.48 73.13 -2.53
CA SER E 150 7.74 71.93 -2.22
C SER E 150 8.69 70.81 -1.86
N GLY E 151 8.90 70.74 -0.55
CA GLY E 151 9.58 69.60 0.00
C GLY E 151 8.72 68.35 -0.10
N ASP E 152 8.89 67.62 0.99
CA ASP E 152 8.27 66.33 1.24
C ASP E 152 6.89 66.48 1.91
N GLY E 153 6.70 67.39 2.86
CA GLY E 153 5.43 67.57 3.54
C GLY E 153 4.62 68.81 3.15
N VAL E 154 5.14 69.71 2.30
CA VAL E 154 4.52 71.01 2.04
C VAL E 154 5.10 71.66 0.80
N THR E 155 4.33 72.59 0.21
CA THR E 155 4.95 73.63 -0.58
C THR E 155 5.12 74.87 0.31
N HIS E 156 6.03 75.75 -0.09
CA HIS E 156 6.30 77.03 0.55
C HIS E 156 6.59 78.16 -0.44
N ASN E 157 5.62 79.08 -0.50
CA ASN E 157 5.70 80.35 -1.23
C ASN E 157 6.26 81.41 -0.29
N VAL E 158 7.36 82.05 -0.69
CA VAL E 158 8.09 83.00 0.16
C VAL E 158 8.57 84.21 -0.64
N PRO E 159 7.99 85.42 -0.60
CA PRO E 159 8.51 86.61 -1.29
C PRO E 159 9.83 87.15 -0.75
N ILE E 160 10.91 86.60 -1.29
CA ILE E 160 12.23 87.04 -0.90
C ILE E 160 12.58 88.29 -1.69
N TYR E 161 13.07 89.27 -0.93
CA TYR E 161 13.52 90.56 -1.43
C TYR E 161 14.82 90.89 -0.70
N GLU E 162 15.85 91.22 -1.49
CA GLU E 162 17.17 91.63 -1.02
C GLU E 162 17.86 90.72 0.00
N GLY E 163 17.66 89.40 -0.19
CA GLY E 163 18.15 88.43 0.77
C GLY E 163 17.31 88.29 2.02
N TYR E 164 16.04 88.68 1.98
CA TYR E 164 15.13 88.53 3.11
C TYR E 164 13.78 87.99 2.71
N ALA E 165 13.36 86.98 3.45
CA ALA E 165 11.97 86.55 3.45
C ALA E 165 11.00 87.61 3.98
N LEU E 166 9.96 87.90 3.19
CA LEU E 166 8.79 88.64 3.67
C LEU E 166 7.68 87.77 4.30
N PRO E 167 7.65 87.70 5.64
CA PRO E 167 6.81 86.79 6.43
C PRO E 167 5.33 86.77 6.08
N HIS E 168 4.69 87.93 6.02
CA HIS E 168 3.25 88.00 5.84
C HIS E 168 2.69 87.41 4.55
N ALA E 169 3.52 87.03 3.58
CA ALA E 169 3.07 86.38 2.38
C ALA E 169 3.52 84.93 2.32
N ILE E 170 4.31 84.46 3.30
CA ILE E 170 4.87 83.11 3.28
C ILE E 170 3.79 82.03 3.44
N MET E 171 3.39 81.58 2.26
CA MET E 171 2.39 80.55 2.11
C MET E 171 3.06 79.19 2.17
N ARG E 172 2.18 78.24 2.48
CA ARG E 172 2.56 76.90 2.87
C ARG E 172 1.28 76.08 2.71
N LEU E 173 1.25 75.01 1.94
CA LEU E 173 0.04 74.21 1.76
C LEU E 173 0.36 72.78 2.19
N ASP E 174 -0.39 72.17 3.11
CA ASP E 174 -0.11 70.83 3.65
C ASP E 174 -0.43 69.67 2.70
N LEU E 175 0.22 69.65 1.55
CA LEU E 175 0.09 68.57 0.60
C LEU E 175 1.37 68.55 -0.21
N ALA E 176 2.19 67.51 -0.06
CA ALA E 176 3.35 67.39 -0.94
C ALA E 176 3.94 66.00 -1.09
N GLY E 177 5.26 65.81 -1.01
CA GLY E 177 5.97 64.68 -1.57
C GLY E 177 5.44 63.36 -1.07
N ARG E 178 5.09 63.40 0.22
CA ARG E 178 4.47 62.33 0.96
C ARG E 178 3.02 62.08 0.58
N ASP E 179 2.08 63.01 0.73
CA ASP E 179 0.66 62.80 0.41
C ASP E 179 0.44 62.42 -1.04
N LEU E 180 1.34 62.95 -1.88
CA LEU E 180 1.34 62.59 -3.29
C LEU E 180 1.68 61.14 -3.59
N THR E 181 2.39 60.40 -2.71
CA THR E 181 2.76 59.01 -2.99
C THR E 181 1.58 58.06 -2.80
N ASP E 182 1.06 58.09 -1.56
CA ASP E 182 0.00 57.19 -1.11
C ASP E 182 -1.24 57.31 -1.97
N TYR E 183 -1.56 58.54 -2.38
CA TYR E 183 -2.55 58.71 -3.43
C TYR E 183 -2.19 57.93 -4.69
N LEU E 184 -0.95 58.00 -5.24
CA LEU E 184 -0.63 57.22 -6.43
C LEU E 184 -0.83 55.71 -6.25
N MET E 185 -0.56 55.18 -5.05
CA MET E 185 -0.87 53.78 -4.75
C MET E 185 -2.35 53.41 -4.92
N LYS E 186 -3.23 54.13 -4.19
CA LYS E 186 -4.64 53.76 -4.19
C LYS E 186 -5.24 53.88 -5.58
N ILE E 187 -4.81 54.86 -6.39
CA ILE E 187 -5.34 54.99 -7.75
C ILE E 187 -4.99 53.91 -8.78
N LEU E 188 -3.85 53.23 -8.59
CA LEU E 188 -3.52 52.04 -9.36
C LEU E 188 -4.28 50.80 -8.93
N THR E 189 -4.58 50.74 -7.64
CA THR E 189 -5.52 49.77 -7.12
C THR E 189 -6.95 50.04 -7.57
N GLU E 190 -7.29 51.31 -7.87
CA GLU E 190 -8.60 51.67 -8.38
C GLU E 190 -8.79 51.19 -9.80
N ARG E 191 -7.79 51.55 -10.62
CA ARG E 191 -7.55 50.95 -11.93
C ARG E 191 -7.75 49.44 -11.95
N GLY E 192 -6.72 48.66 -11.56
CA GLY E 192 -6.70 47.28 -12.00
C GLY E 192 -6.38 46.32 -10.87
N TYR E 193 -5.20 46.53 -10.30
CA TYR E 193 -4.46 45.46 -9.64
C TYR E 193 -4.15 45.86 -8.21
N SER E 194 -3.90 44.88 -7.32
CA SER E 194 -3.49 45.19 -5.94
C SER E 194 -2.15 45.92 -5.82
N PHE E 195 -2.25 47.24 -5.94
CA PHE E 195 -1.12 48.10 -5.62
C PHE E 195 -1.29 48.51 -4.18
N VAL E 196 -0.82 47.62 -3.30
CA VAL E 196 -1.04 47.84 -1.88
C VAL E 196 0.20 47.62 -1.00
N THR E 197 1.20 46.87 -1.46
CA THR E 197 2.05 46.06 -0.58
C THR E 197 3.40 46.51 0.00
N THR E 198 3.51 46.73 1.32
CA THR E 198 4.57 47.48 2.00
C THR E 198 5.81 48.04 1.30
N ALA E 199 6.50 47.20 0.55
CA ALA E 199 7.61 47.56 -0.33
C ALA E 199 7.14 48.40 -1.52
N GLU E 200 5.98 48.05 -2.09
CA GLU E 200 5.24 48.88 -3.02
C GLU E 200 5.03 50.34 -2.64
N ARG E 201 5.40 50.81 -1.45
CA ARG E 201 5.60 52.22 -1.21
C ARG E 201 6.70 52.79 -2.11
N GLU E 202 7.89 52.20 -1.94
CA GLU E 202 9.08 52.65 -2.62
C GLU E 202 8.98 52.33 -4.10
N ILE E 203 8.30 51.23 -4.41
CA ILE E 203 8.01 50.91 -5.80
C ILE E 203 7.08 51.97 -6.39
N VAL E 204 5.97 52.32 -5.73
CA VAL E 204 5.03 53.25 -6.33
C VAL E 204 5.42 54.70 -6.04
N ARG E 205 6.51 55.02 -5.33
CA ARG E 205 7.07 56.36 -5.45
C ARG E 205 8.11 56.41 -6.56
N ASP E 206 8.78 55.31 -6.90
CA ASP E 206 9.67 55.31 -8.05
C ASP E 206 8.90 55.60 -9.33
N ILE E 207 7.72 54.98 -9.43
CA ILE E 207 6.70 55.29 -10.44
C ILE E 207 6.33 56.78 -10.45
N LYS E 208 6.02 57.29 -9.24
CA LYS E 208 5.78 58.70 -9.06
C LYS E 208 6.90 59.57 -9.62
N GLU E 209 8.17 59.31 -9.26
CA GLU E 209 9.30 60.08 -9.75
C GLU E 209 9.63 59.88 -11.24
N LYS E 210 8.88 59.06 -12.01
CA LYS E 210 9.17 58.87 -13.44
C LYS E 210 7.90 59.01 -14.27
N LEU E 211 6.95 58.10 -14.12
CA LEU E 211 5.82 58.01 -15.06
C LEU E 211 4.76 59.10 -14.93
N CYS E 212 4.79 59.69 -13.74
CA CYS E 212 3.99 60.83 -13.42
C CYS E 212 4.50 62.09 -14.12
N TYR E 213 3.51 62.97 -14.27
CA TYR E 213 3.64 64.25 -14.93
C TYR E 213 2.42 65.10 -14.58
N VAL E 214 2.60 66.40 -14.52
CA VAL E 214 1.48 67.30 -14.29
C VAL E 214 1.00 67.65 -15.68
N ALA E 215 -0.16 67.05 -15.96
CA ALA E 215 -0.92 67.30 -17.18
C ALA E 215 -1.06 68.80 -17.37
N LEU E 216 -0.88 69.34 -18.59
CA LEU E 216 -0.99 70.78 -18.80
C LEU E 216 -2.45 71.24 -18.85
N ASP E 217 -3.38 70.30 -19.01
CA ASP E 217 -4.80 70.62 -19.06
C ASP E 217 -5.55 69.34 -18.73
N PHE E 218 -6.14 69.38 -17.53
CA PHE E 218 -6.81 68.24 -16.93
C PHE E 218 -8.05 67.85 -17.71
N GLU E 219 -8.83 68.84 -18.15
CA GLU E 219 -10.05 68.58 -18.88
C GLU E 219 -9.78 67.88 -20.21
N ASN E 220 -8.85 68.43 -21.00
CA ASN E 220 -8.35 67.74 -22.19
C ASN E 220 -7.83 66.35 -21.88
N GLU E 221 -6.98 66.27 -20.86
CA GLU E 221 -6.28 65.04 -20.52
C GLU E 221 -7.17 63.92 -20.02
N MET E 222 -8.18 64.14 -19.17
CA MET E 222 -9.01 63.07 -18.63
C MET E 222 -9.80 62.37 -19.73
N ALA E 223 -10.13 63.20 -20.73
CA ALA E 223 -10.76 62.74 -21.97
C ALA E 223 -9.77 62.02 -22.89
N THR E 224 -8.57 62.58 -23.11
CA THR E 224 -7.48 61.94 -23.86
C THR E 224 -7.12 60.57 -23.30
N ALA E 225 -7.17 60.35 -21.98
CA ALA E 225 -7.07 59.03 -21.40
C ALA E 225 -8.09 58.07 -22.00
N ALA E 226 -9.34 58.53 -22.13
CA ALA E 226 -10.40 57.72 -22.70
C ALA E 226 -10.33 57.62 -24.21
N SER E 227 -9.53 58.47 -24.88
CA SER E 227 -9.28 58.34 -26.31
C SER E 227 -8.15 57.38 -26.63
N SER E 228 -6.97 57.63 -26.10
CA SER E 228 -5.79 56.93 -26.54
C SER E 228 -4.94 56.47 -25.38
N SER E 229 -4.48 55.25 -25.62
CA SER E 229 -3.43 54.62 -24.84
C SER E 229 -2.16 55.46 -24.76
N SER E 230 -1.97 56.51 -25.57
CA SER E 230 -0.88 57.47 -25.45
C SER E 230 -0.36 57.69 -24.02
N LEU E 231 -1.27 57.98 -23.09
CA LEU E 231 -0.91 58.28 -21.72
C LEU E 231 -0.43 57.03 -20.99
N GLU E 232 -0.95 55.86 -21.34
CA GLU E 232 -0.62 54.62 -20.64
C GLU E 232 0.87 54.31 -20.67
N LYS E 233 1.46 54.23 -19.48
CA LYS E 233 2.85 53.81 -19.31
C LYS E 233 2.92 52.55 -18.48
N SER E 234 3.64 51.59 -19.02
CA SER E 234 3.78 50.32 -18.36
C SER E 234 4.88 50.31 -17.31
N TYR E 235 4.77 49.40 -16.32
CA TYR E 235 5.81 49.22 -15.31
C TYR E 235 5.90 47.78 -14.81
N GLU E 236 7.06 47.17 -15.07
CA GLU E 236 7.38 45.88 -14.46
C GLU E 236 7.74 46.05 -13.00
N LEU E 237 6.86 45.55 -12.13
CA LEU E 237 7.20 45.45 -10.71
C LEU E 237 8.27 44.37 -10.55
N PRO E 238 9.12 44.26 -9.52
CA PRO E 238 10.17 43.24 -9.38
C PRO E 238 9.78 41.78 -9.61
N ASP E 239 8.49 41.49 -9.43
CA ASP E 239 7.89 40.17 -9.62
C ASP E 239 7.61 39.90 -11.10
N GLY E 240 7.65 40.93 -11.93
CA GLY E 240 7.55 40.78 -13.37
C GLY E 240 6.17 41.12 -13.89
N GLN E 241 5.28 41.58 -13.01
CA GLN E 241 3.94 41.95 -13.40
C GLN E 241 4.01 43.27 -14.15
N VAL E 242 4.21 43.15 -15.46
CA VAL E 242 4.17 44.28 -16.38
C VAL E 242 2.77 44.87 -16.28
N ILE E 243 2.61 45.87 -15.42
CA ILE E 243 1.34 46.58 -15.30
C ILE E 243 1.30 47.76 -16.26
N THR E 244 0.17 48.45 -16.36
CA THR E 244 0.13 49.73 -17.05
C THR E 244 -0.86 50.64 -16.32
N ILE E 245 -0.31 51.85 -16.21
CA ILE E 245 -0.98 52.96 -15.55
C ILE E 245 -1.26 54.05 -16.59
N GLY E 246 -2.44 54.66 -16.49
CA GLY E 246 -2.92 55.65 -17.47
C GLY E 246 -3.30 57.01 -16.90
N ASN E 247 -4.59 57.37 -16.67
CA ASN E 247 -4.98 58.74 -16.32
C ASN E 247 -4.49 59.22 -14.95
N GLU E 248 -4.34 58.23 -14.07
CA GLU E 248 -3.87 58.46 -12.71
C GLU E 248 -2.45 58.96 -12.62
N ARG E 249 -1.65 58.56 -13.62
CA ARG E 249 -0.30 59.09 -13.83
C ARG E 249 -0.18 60.59 -13.66
N PHE E 250 -1.15 61.35 -14.19
CA PHE E 250 -1.25 62.76 -13.86
C PHE E 250 -2.10 63.01 -12.63
N ARG E 251 -3.22 62.27 -12.53
CA ARG E 251 -4.24 62.47 -11.49
C ARG E 251 -3.72 62.57 -10.05
N CYS E 252 -2.60 61.90 -9.80
CA CYS E 252 -1.74 62.15 -8.66
C CYS E 252 -1.02 63.52 -8.69
N PRO E 253 0.13 63.88 -9.30
CA PRO E 253 0.80 65.19 -9.14
C PRO E 253 -0.01 66.48 -9.32
N GLU E 254 -1.08 66.35 -10.12
CA GLU E 254 -2.15 67.34 -10.24
C GLU E 254 -2.75 67.79 -8.91
N THR E 255 -2.77 66.92 -7.89
CA THR E 255 -3.12 67.29 -6.50
C THR E 255 -2.61 68.64 -6.01
N LEU E 256 -1.42 69.04 -6.46
CA LEU E 256 -0.87 70.34 -6.12
C LEU E 256 -1.60 71.54 -6.74
N PHE E 257 -2.24 71.32 -7.89
CA PHE E 257 -3.06 72.35 -8.54
C PHE E 257 -4.53 72.26 -8.16
N GLN E 258 -5.00 71.00 -7.98
CA GLN E 258 -6.33 70.68 -7.46
C GLN E 258 -6.15 69.88 -6.17
N PRO E 259 -6.03 70.46 -4.97
CA PRO E 259 -5.91 69.72 -3.70
C PRO E 259 -7.01 68.74 -3.34
N SER E 260 -8.20 69.01 -3.91
CA SER E 260 -9.34 68.09 -3.91
C SER E 260 -8.97 66.68 -4.37
N PHE E 261 -7.93 66.52 -5.21
CA PHE E 261 -7.47 65.20 -5.62
C PHE E 261 -6.90 64.32 -4.52
N ILE E 262 -6.37 64.89 -3.43
CA ILE E 262 -6.21 64.07 -2.26
C ILE E 262 -7.36 64.41 -1.32
N GLY E 263 -7.56 65.67 -0.92
CA GLY E 263 -8.54 65.94 0.11
C GLY E 263 -8.28 67.16 0.97
N MET E 264 -7.26 67.96 0.64
CA MET E 264 -7.18 69.30 1.20
C MET E 264 -8.25 70.11 0.49
N GLU E 265 -8.80 71.13 1.14
CA GLU E 265 -9.85 71.93 0.54
C GLU E 265 -9.26 73.07 -0.26
N SER E 266 -8.09 73.54 0.19
CA SER E 266 -7.46 74.73 -0.36
C SER E 266 -7.35 74.72 -1.87
N ALA E 267 -7.62 75.88 -2.44
CA ALA E 267 -7.16 76.21 -3.78
C ALA E 267 -5.67 75.93 -3.96
N GLY E 268 -5.20 75.73 -5.19
CA GLY E 268 -3.89 75.12 -5.46
C GLY E 268 -2.72 76.08 -5.59
N ILE E 269 -1.51 75.53 -5.78
CA ILE E 269 -0.26 76.28 -5.76
C ILE E 269 -0.12 77.53 -6.65
N HIS E 270 -0.72 77.52 -7.84
CA HIS E 270 -0.93 78.74 -8.60
C HIS E 270 -1.57 79.90 -7.83
N GLU E 271 -2.65 79.57 -7.12
CA GLU E 271 -3.38 80.60 -6.41
C GLU E 271 -2.62 80.94 -5.15
N THR E 272 -1.99 79.97 -4.47
CA THR E 272 -1.13 80.34 -3.34
C THR E 272 0.08 81.16 -3.77
N THR E 273 0.63 81.06 -4.98
CA THR E 273 1.66 82.02 -5.38
C THR E 273 1.03 83.39 -5.63
N TYR E 274 -0.14 83.41 -6.26
CA TYR E 274 -0.79 84.66 -6.60
C TYR E 274 -1.16 85.40 -5.32
N ASN E 275 -1.75 84.68 -4.36
CA ASN E 275 -2.26 85.31 -3.17
C ASN E 275 -1.14 85.72 -2.20
N SER E 276 0.10 85.26 -2.33
CA SER E 276 1.24 85.74 -1.56
C SER E 276 1.87 86.98 -2.20
N ILE E 277 2.06 86.85 -3.52
CA ILE E 277 2.64 87.90 -4.35
C ILE E 277 1.72 89.10 -4.26
N MET E 278 0.40 88.91 -4.09
CA MET E 278 -0.49 89.96 -3.63
C MET E 278 -0.18 90.49 -2.24
N LYS E 279 0.07 89.65 -1.22
CA LYS E 279 0.45 90.18 0.10
C LYS E 279 1.73 91.01 0.12
N CYS E 280 2.49 91.03 -0.98
CA CYS E 280 3.57 91.99 -1.18
C CYS E 280 3.13 93.37 -1.66
N ASP E 281 4.06 94.33 -1.61
CA ASP E 281 3.86 95.67 -2.14
C ASP E 281 3.82 95.60 -3.66
N ILE E 282 2.93 96.38 -4.28
CA ILE E 282 2.70 96.34 -5.72
C ILE E 282 3.98 96.39 -6.56
N ASP E 283 4.93 97.18 -6.06
CA ASP E 283 6.26 97.27 -6.60
C ASP E 283 7.01 95.95 -6.61
N ILE E 284 7.30 95.25 -5.50
CA ILE E 284 8.12 94.03 -5.57
C ILE E 284 7.47 92.84 -6.30
N ARG E 285 6.19 93.01 -6.68
CA ARG E 285 5.47 92.01 -7.47
C ARG E 285 6.03 91.74 -8.86
N LYS E 286 6.65 92.70 -9.55
CA LYS E 286 7.20 92.40 -10.87
C LYS E 286 8.42 91.50 -10.90
N ASP E 287 9.28 91.72 -9.91
CA ASP E 287 10.54 91.01 -9.80
C ASP E 287 10.30 89.57 -9.38
N LEU E 288 9.39 89.41 -8.42
CA LEU E 288 8.80 88.14 -8.05
C LEU E 288 8.25 87.39 -9.25
N TYR E 289 7.45 88.07 -10.09
CA TYR E 289 7.00 87.50 -11.36
C TYR E 289 8.11 87.18 -12.35
N ALA E 290 9.29 87.83 -12.32
CA ALA E 290 10.43 87.42 -13.13
C ALA E 290 11.42 86.42 -12.52
N ASN E 291 11.51 86.29 -11.18
CA ASN E 291 12.46 85.40 -10.53
C ASN E 291 11.77 84.31 -9.73
N ASN E 292 10.73 83.70 -10.29
CA ASN E 292 9.91 82.76 -9.52
C ASN E 292 10.58 81.38 -9.57
N VAL E 293 11.19 80.90 -8.48
CA VAL E 293 11.90 79.62 -8.50
C VAL E 293 11.26 78.42 -7.76
N MET E 294 11.02 77.31 -8.45
CA MET E 294 10.47 76.14 -7.76
C MET E 294 11.57 75.40 -6.98
N SER E 295 11.40 74.98 -5.72
CA SER E 295 12.44 74.25 -5.01
C SER E 295 11.88 73.03 -4.28
N GLY E 296 12.77 72.12 -3.90
CA GLY E 296 12.43 71.01 -3.02
C GLY E 296 12.25 69.70 -3.77
N GLY E 297 11.49 68.80 -3.18
CA GLY E 297 11.22 67.49 -3.74
C GLY E 297 10.10 67.47 -4.76
N THR E 298 8.90 67.89 -4.40
CA THR E 298 7.70 67.71 -5.22
C THR E 298 7.64 68.54 -6.50
N THR E 299 8.64 69.40 -6.70
CA THR E 299 8.78 70.18 -7.91
C THR E 299 9.35 69.35 -9.05
N MET E 300 9.63 68.04 -8.86
CA MET E 300 10.23 67.20 -9.90
C MET E 300 9.47 67.06 -11.23
N TYR E 301 8.14 66.98 -11.11
CA TYR E 301 7.30 66.40 -12.15
C TYR E 301 7.30 67.05 -13.53
N PRO E 302 7.29 66.28 -14.64
CA PRO E 302 7.17 66.81 -16.00
C PRO E 302 5.93 67.68 -16.20
N GLY E 303 6.20 68.93 -16.53
CA GLY E 303 5.15 69.92 -16.73
C GLY E 303 4.96 70.90 -15.58
N ILE E 304 5.47 70.66 -14.35
CA ILE E 304 5.05 71.47 -13.19
C ILE E 304 5.32 72.97 -13.26
N ALA E 305 6.40 73.36 -13.96
CA ALA E 305 6.71 74.77 -14.24
C ALA E 305 5.75 75.45 -15.20
N ASP E 306 5.71 75.06 -16.47
CA ASP E 306 4.76 75.53 -17.46
C ASP E 306 3.31 75.50 -17.00
N ARG E 307 2.94 74.44 -16.25
CA ARG E 307 1.63 74.41 -15.63
C ARG E 307 1.45 75.61 -14.69
N MET E 308 2.40 75.84 -13.77
CA MET E 308 2.40 77.03 -12.93
C MET E 308 2.24 78.28 -13.75
N GLN E 309 3.15 78.51 -14.73
CA GLN E 309 3.14 79.71 -15.56
C GLN E 309 1.77 79.95 -16.18
N LYS E 310 1.24 78.98 -16.94
CA LYS E 310 -0.10 79.00 -17.56
C LYS E 310 -1.16 79.42 -16.56
N GLU E 311 -1.16 78.73 -15.43
CA GLU E 311 -2.07 79.03 -14.34
C GLU E 311 -1.96 80.46 -13.83
N ILE E 312 -0.74 80.97 -13.69
CA ILE E 312 -0.57 82.33 -13.18
C ILE E 312 -0.79 83.31 -14.32
N THR E 313 -0.77 82.87 -15.60
CA THR E 313 -1.18 83.69 -16.73
C THR E 313 -2.67 83.93 -16.65
N ALA E 314 -3.49 82.92 -16.32
CA ALA E 314 -4.90 83.16 -16.08
C ALA E 314 -5.10 84.12 -14.91
N LEU E 315 -4.39 83.81 -13.82
CA LEU E 315 -4.39 84.66 -12.64
C LEU E 315 -3.80 86.05 -12.81
N ALA E 316 -2.83 86.30 -13.69
CA ALA E 316 -2.25 87.63 -13.83
C ALA E 316 -3.01 88.53 -14.79
N PRO E 317 -3.14 89.83 -14.51
CA PRO E 317 -3.57 90.82 -15.51
C PRO E 317 -2.63 90.82 -16.71
N SER E 318 -3.16 91.23 -17.87
CA SER E 318 -2.53 90.95 -19.17
C SER E 318 -1.05 91.22 -19.32
N THR E 319 -0.62 92.35 -18.74
CA THR E 319 0.76 92.82 -18.72
C THR E 319 1.79 91.97 -17.99
N MET E 320 1.46 91.47 -16.79
CA MET E 320 2.48 90.87 -15.93
C MET E 320 3.00 89.50 -16.35
N LYS E 321 4.27 89.46 -16.74
CA LYS E 321 4.90 88.26 -17.28
C LYS E 321 5.37 87.36 -16.15
N ILE E 322 4.88 86.13 -16.06
CA ILE E 322 5.33 85.20 -15.03
C ILE E 322 6.50 84.41 -15.59
N LYS E 323 7.57 84.23 -14.79
CA LYS E 323 8.73 83.44 -15.17
C LYS E 323 9.22 82.53 -14.04
N ILE E 324 8.92 81.25 -14.26
CA ILE E 324 9.29 80.16 -13.37
C ILE E 324 10.66 79.57 -13.73
N ILE E 325 11.62 79.47 -12.80
CA ILE E 325 12.91 78.88 -13.09
C ILE E 325 12.92 77.50 -12.43
N ALA E 326 12.84 76.45 -13.22
CA ALA E 326 13.02 75.10 -12.68
C ALA E 326 14.50 74.85 -12.47
N PRO E 327 15.05 74.61 -11.28
CA PRO E 327 16.46 74.34 -11.07
C PRO E 327 16.82 72.94 -11.55
N PRO E 328 18.00 72.74 -12.16
CA PRO E 328 18.55 71.43 -12.49
C PRO E 328 18.72 70.58 -11.23
N GLU E 329 19.38 71.14 -10.22
CA GLU E 329 19.54 70.49 -8.93
C GLU E 329 18.32 70.47 -7.99
N ARG E 330 17.15 71.04 -8.32
CA ARG E 330 16.06 71.36 -7.37
C ARG E 330 15.82 70.64 -6.02
N LYS E 331 15.97 69.32 -5.92
CA LYS E 331 15.79 68.56 -4.69
C LYS E 331 16.93 68.72 -3.69
N TYR E 332 18.00 69.36 -4.16
CA TYR E 332 19.22 69.60 -3.39
C TYR E 332 19.55 71.06 -3.14
N SER E 333 18.80 72.00 -3.74
CA SER E 333 19.23 73.41 -3.77
C SER E 333 19.47 74.01 -2.39
N VAL E 334 18.55 73.65 -1.48
CA VAL E 334 18.60 74.06 -0.09
C VAL E 334 19.86 73.60 0.66
N TRP E 335 20.43 72.46 0.26
CA TRP E 335 21.78 72.15 0.74
C TRP E 335 22.79 73.04 0.04
N ILE E 336 22.64 73.24 -1.28
CA ILE E 336 23.75 73.70 -2.12
C ILE E 336 24.15 75.10 -1.69
N GLY E 337 23.15 75.99 -1.80
CA GLY E 337 23.31 77.38 -1.43
C GLY E 337 23.68 77.58 0.03
N GLY E 338 23.39 76.60 0.90
CA GLY E 338 23.85 76.60 2.29
C GLY E 338 25.37 76.43 2.39
N SER E 339 25.91 75.42 1.70
CA SER E 339 27.34 75.17 1.68
C SER E 339 28.15 76.35 1.15
N ILE E 340 27.76 76.77 -0.06
CA ILE E 340 28.40 77.88 -0.73
C ILE E 340 28.35 79.11 0.17
N LEU E 341 27.19 79.38 0.81
CA LEU E 341 27.07 80.52 1.72
C LEU E 341 27.98 80.36 2.94
N ALA E 342 28.00 79.17 3.53
CA ALA E 342 28.84 78.85 4.68
C ALA E 342 30.33 78.89 4.37
N SER E 343 30.75 78.66 3.13
CA SER E 343 32.13 78.88 2.75
C SER E 343 32.41 80.33 2.37
N LEU E 344 31.44 81.24 2.23
CA LEU E 344 31.75 82.61 1.83
C LEU E 344 32.44 83.48 2.87
N SER E 345 33.74 83.21 3.09
CA SER E 345 34.68 83.94 3.95
C SER E 345 34.17 84.76 5.13
N THR E 346 33.51 85.89 4.83
CA THR E 346 32.92 86.83 5.77
C THR E 346 31.97 86.21 6.77
N PHE E 347 31.23 85.24 6.21
CA PHE E 347 30.35 84.34 6.95
C PHE E 347 31.01 83.65 8.15
N GLN E 348 32.34 83.59 8.23
CA GLN E 348 33.04 83.13 9.43
C GLN E 348 32.70 83.97 10.67
N GLN E 349 32.42 85.25 10.45
CA GLN E 349 31.98 86.14 11.51
C GLN E 349 30.45 86.25 11.53
N MET E 350 29.76 85.38 10.77
CA MET E 350 28.31 85.34 10.69
C MET E 350 27.75 83.96 11.03
N TRP E 351 28.51 83.14 11.76
CA TRP E 351 28.01 81.93 12.40
C TRP E 351 27.48 82.24 13.80
N ILE E 352 26.78 81.33 14.48
CA ILE E 352 26.57 81.44 15.93
C ILE E 352 27.68 80.64 16.61
N THR E 353 28.48 81.26 17.47
CA THR E 353 29.62 80.59 18.08
C THR E 353 29.22 79.79 19.31
N LYS E 354 30.04 78.82 19.78
CA LYS E 354 29.79 78.20 21.09
C LYS E 354 29.71 79.24 22.20
N GLN E 355 30.62 80.24 22.16
CA GLN E 355 30.69 81.31 23.14
C GLN E 355 29.40 82.11 23.27
N GLU E 356 28.93 82.83 22.23
CA GLU E 356 27.69 83.59 22.34
C GLU E 356 26.50 82.72 22.70
N TYR E 357 26.55 81.40 22.47
CA TYR E 357 25.57 80.50 23.06
C TYR E 357 25.75 80.37 24.56
N ASP E 358 26.95 80.11 25.13
CA ASP E 358 27.06 79.94 26.58
C ASP E 358 26.67 81.20 27.33
N GLU E 359 26.79 82.34 26.63
CA GLU E 359 26.23 83.61 27.07
C GLU E 359 24.72 83.69 26.78
N ALA E 360 24.30 83.91 25.53
CA ALA E 360 22.90 84.22 25.22
C ALA E 360 21.90 83.06 25.23
N GLY E 361 22.39 81.82 25.19
CA GLY E 361 21.54 80.64 25.14
C GLY E 361 20.70 80.50 23.87
N PRO E 362 19.60 79.75 23.86
CA PRO E 362 18.76 79.54 22.69
C PRO E 362 18.24 80.82 22.03
N SER E 363 17.85 81.81 22.82
CA SER E 363 17.51 83.13 22.36
C SER E 363 18.39 83.86 21.34
N ILE E 364 19.60 83.39 20.97
CA ILE E 364 20.33 83.99 19.84
C ILE E 364 19.80 83.62 18.43
N VAL E 365 19.07 82.52 18.28
CA VAL E 365 18.82 81.91 16.99
C VAL E 365 17.79 82.60 16.09
N THR F 1 -43.69 38.31 -17.23
CA THR F 1 -42.74 37.46 -16.56
C THR F 1 -42.11 38.37 -15.52
N THR F 2 -41.19 37.87 -14.70
CA THR F 2 -40.53 38.74 -13.74
C THR F 2 -39.05 38.77 -14.04
N ALA F 3 -38.38 39.83 -13.59
CA ALA F 3 -36.98 40.05 -13.89
C ALA F 3 -36.09 39.18 -13.01
N LEU F 4 -34.80 39.09 -13.28
CA LEU F 4 -33.84 38.31 -12.50
C LEU F 4 -32.69 39.21 -12.06
N VAL F 5 -31.99 38.91 -10.97
CA VAL F 5 -30.87 39.69 -10.48
C VAL F 5 -29.79 38.66 -10.12
N CYS F 6 -28.56 38.96 -10.54
CA CYS F 6 -27.35 38.18 -10.30
C CYS F 6 -26.09 38.98 -9.94
N ASP F 7 -25.79 39.14 -8.64
CA ASP F 7 -24.65 39.89 -8.09
C ASP F 7 -23.39 39.05 -8.12
N ASN F 8 -22.30 39.65 -8.61
CA ASN F 8 -21.05 38.92 -8.80
C ASN F 8 -19.93 39.66 -8.11
N GLY F 9 -19.16 38.87 -7.41
CA GLY F 9 -17.93 39.33 -6.80
C GLY F 9 -16.89 38.26 -7.05
N SER F 10 -15.76 38.36 -6.37
CA SER F 10 -14.73 37.34 -6.47
C SER F 10 -15.04 36.00 -5.81
N GLY F 11 -16.16 35.91 -5.07
CA GLY F 11 -16.48 34.72 -4.31
C GLY F 11 -17.91 34.27 -4.50
N LEU F 12 -18.87 34.87 -3.80
CA LEU F 12 -20.25 34.43 -3.90
C LEU F 12 -21.10 35.23 -4.89
N VAL F 13 -21.57 34.57 -5.97
CA VAL F 13 -22.66 35.11 -6.75
C VAL F 13 -23.96 35.08 -5.94
N LYS F 14 -24.90 35.99 -6.21
CA LYS F 14 -26.25 35.86 -5.70
C LYS F 14 -27.12 35.99 -6.93
N ALA F 15 -28.00 35.06 -7.19
CA ALA F 15 -28.91 35.13 -8.32
C ALA F 15 -30.32 35.04 -7.78
N GLY F 16 -31.33 35.42 -8.54
CA GLY F 16 -32.71 35.33 -8.10
C GLY F 16 -33.58 36.12 -9.05
N PHE F 17 -34.80 36.34 -8.60
CA PHE F 17 -35.84 36.99 -9.37
C PHE F 17 -36.14 38.31 -8.67
N ALA F 18 -36.68 39.27 -9.41
CA ALA F 18 -37.19 40.51 -8.82
C ALA F 18 -38.58 40.34 -8.24
N GLY F 19 -38.77 40.91 -7.04
CA GLY F 19 -40.05 40.90 -6.37
C GLY F 19 -39.83 40.43 -4.95
N ASP F 20 -39.13 39.29 -4.89
CA ASP F 20 -38.67 38.69 -3.64
C ASP F 20 -37.64 39.62 -3.02
N ASP F 21 -37.64 39.69 -1.68
CA ASP F 21 -36.67 40.48 -0.92
C ASP F 21 -35.41 39.71 -0.54
N ALA F 22 -35.33 38.42 -0.89
CA ALA F 22 -34.23 37.58 -0.43
C ALA F 22 -33.58 36.82 -1.59
N PRO F 23 -32.26 36.85 -1.80
CA PRO F 23 -31.60 36.21 -2.94
C PRO F 23 -31.77 34.70 -3.07
N ARG F 24 -31.89 34.16 -4.28
CA ARG F 24 -32.15 32.74 -4.44
C ARG F 24 -30.89 31.91 -4.55
N ALA F 25 -30.08 32.09 -5.59
CA ALA F 25 -28.92 31.24 -5.78
C ALA F 25 -27.63 31.93 -5.38
N VAL F 26 -27.24 31.61 -4.16
CA VAL F 26 -25.97 32.03 -3.59
C VAL F 26 -25.04 30.82 -3.64
N PHE F 27 -23.95 30.92 -4.38
CA PHE F 27 -23.02 29.81 -4.53
C PHE F 27 -21.61 30.33 -4.76
N PRO F 28 -20.55 29.52 -4.59
CA PRO F 28 -19.22 29.86 -5.06
C PRO F 28 -19.18 29.99 -6.59
N SER F 29 -18.80 31.18 -7.05
CA SER F 29 -18.71 31.42 -8.48
C SER F 29 -17.35 30.86 -8.95
N ILE F 30 -17.20 29.54 -8.81
CA ILE F 30 -15.95 28.87 -9.10
C ILE F 30 -16.28 27.98 -10.28
N VAL F 31 -15.52 28.04 -11.38
CA VAL F 31 -15.59 27.01 -12.39
C VAL F 31 -14.38 26.09 -12.22
N GLY F 32 -14.46 24.86 -12.74
CA GLY F 32 -13.32 23.98 -12.79
C GLY F 32 -13.19 23.42 -14.20
N ARG F 33 -12.18 23.88 -14.93
CA ARG F 33 -11.87 23.43 -16.27
C ARG F 33 -10.79 22.36 -16.24
N PRO F 34 -10.94 21.20 -16.91
CA PRO F 34 -9.98 20.10 -16.86
C PRO F 34 -8.51 20.48 -17.05
N ARG F 35 -7.72 20.05 -16.06
CA ARG F 35 -6.30 20.32 -16.06
C ARG F 35 -5.53 19.38 -16.97
N HIS F 36 -5.86 18.08 -16.90
CA HIS F 36 -5.19 16.98 -17.60
C HIS F 36 -6.18 15.81 -17.47
N GLN F 37 -5.79 14.61 -17.90
CA GLN F 37 -6.64 13.47 -17.64
C GLN F 37 -6.54 12.91 -16.22
N GLY F 38 -7.72 13.08 -15.63
CA GLY F 38 -7.93 12.79 -14.25
C GLY F 38 -9.35 12.28 -14.08
N VAL F 39 -9.59 11.57 -13.00
CA VAL F 39 -10.89 10.94 -12.75
C VAL F 39 -11.29 11.33 -11.34
N MET F 40 -12.56 11.63 -11.10
CA MET F 40 -12.99 11.96 -9.75
C MET F 40 -13.13 10.71 -8.90
N VAL F 41 -12.86 10.90 -7.60
CA VAL F 41 -13.25 9.90 -6.62
C VAL F 41 -14.75 10.02 -6.41
N GLY F 42 -15.48 9.46 -7.37
CA GLY F 42 -16.93 9.48 -7.39
C GLY F 42 -17.41 9.35 -8.83
N MET F 43 -17.54 10.54 -9.39
CA MET F 43 -17.84 10.72 -10.80
C MET F 43 -16.74 10.27 -11.75
N GLY F 44 -17.20 9.94 -12.97
CA GLY F 44 -16.33 9.63 -14.09
C GLY F 44 -15.58 10.89 -14.54
N GLN F 45 -15.05 11.03 -15.76
CA GLN F 45 -14.54 12.35 -16.16
C GLN F 45 -15.31 13.01 -17.28
N LYS F 46 -15.50 14.31 -17.04
CA LYS F 46 -16.38 15.18 -17.79
C LYS F 46 -15.71 16.55 -17.75
N ASP F 47 -16.28 17.56 -18.37
CA ASP F 47 -15.71 18.90 -18.53
C ASP F 47 -15.77 19.89 -17.36
N SER F 48 -15.94 21.19 -17.68
CA SER F 48 -15.95 22.29 -16.73
C SER F 48 -17.10 22.26 -15.76
N TYR F 49 -16.85 22.44 -14.47
CA TYR F 49 -17.90 22.48 -13.46
C TYR F 49 -17.92 23.74 -12.64
N VAL F 50 -19.12 24.30 -12.44
CA VAL F 50 -19.29 25.47 -11.62
C VAL F 50 -19.80 25.05 -10.25
N GLY F 51 -19.32 25.72 -9.20
CA GLY F 51 -19.86 25.60 -7.86
C GLY F 51 -19.16 24.61 -6.96
N ASP F 52 -19.97 24.11 -6.02
CA ASP F 52 -19.53 23.28 -4.90
C ASP F 52 -18.90 21.94 -5.26
N GLU F 53 -19.45 21.28 -6.28
CA GLU F 53 -18.86 20.07 -6.85
C GLU F 53 -17.47 20.32 -7.40
N ALA F 54 -17.16 21.50 -7.96
CA ALA F 54 -15.80 21.80 -8.41
C ALA F 54 -14.80 21.84 -7.25
N GLN F 55 -15.29 22.21 -6.05
CA GLN F 55 -14.48 22.29 -4.83
C GLN F 55 -14.10 20.90 -4.34
N SER F 56 -15.10 20.01 -4.37
CA SER F 56 -14.89 18.57 -4.29
C SER F 56 -14.15 17.95 -5.48
N LYS F 57 -14.06 18.61 -6.65
CA LYS F 57 -13.26 18.12 -7.79
C LYS F 57 -11.78 18.47 -7.82
N ARG F 58 -11.40 19.41 -6.93
CA ARG F 58 -10.14 20.16 -6.92
C ARG F 58 -8.91 19.71 -7.68
N GLY F 59 -8.61 18.42 -7.73
CA GLY F 59 -7.44 17.88 -8.40
C GLY F 59 -7.67 17.42 -9.82
N ILE F 60 -8.86 17.45 -10.43
CA ILE F 60 -9.05 17.03 -11.83
C ILE F 60 -9.42 18.19 -12.76
N LEU F 61 -10.02 19.20 -12.12
CA LEU F 61 -10.38 20.43 -12.79
C LEU F 61 -9.57 21.58 -12.22
N THR F 62 -8.97 22.45 -13.03
CA THR F 62 -8.35 23.67 -12.55
C THR F 62 -9.48 24.65 -12.22
N LEU F 63 -9.39 25.24 -11.04
CA LEU F 63 -10.49 26.00 -10.47
C LEU F 63 -10.29 27.49 -10.59
N LYS F 64 -11.15 28.11 -11.38
CA LYS F 64 -11.11 29.54 -11.55
C LYS F 64 -12.31 30.17 -10.85
N TYR F 65 -12.07 31.40 -10.38
CA TYR F 65 -13.10 32.35 -9.97
C TYR F 65 -13.11 33.40 -11.09
N PRO F 66 -14.06 33.40 -12.03
CA PRO F 66 -14.12 34.31 -13.19
C PRO F 66 -14.08 35.81 -12.95
N ILE F 67 -14.28 36.24 -11.71
CA ILE F 67 -14.42 37.65 -11.34
C ILE F 67 -13.40 37.96 -10.25
N GLU F 68 -12.52 38.94 -10.50
CA GLU F 68 -11.62 39.46 -9.48
C GLU F 68 -12.10 40.85 -9.12
N GLY F 69 -13.40 40.96 -8.82
CA GLY F 69 -14.03 42.27 -8.73
C GLY F 69 -14.31 42.94 -10.09
N ILE F 70 -13.60 42.51 -11.14
CA ILE F 70 -13.83 42.86 -12.52
C ILE F 70 -13.86 41.49 -13.22
N ILE F 71 -14.52 41.35 -14.38
CA ILE F 71 -14.54 40.07 -15.11
C ILE F 71 -13.21 39.80 -15.80
N THR F 72 -12.38 38.86 -15.34
CA THR F 72 -11.07 38.61 -15.94
C THR F 72 -11.18 37.66 -17.13
N ASN F 73 -11.93 36.59 -16.88
CA ASN F 73 -12.09 35.50 -17.82
C ASN F 73 -13.54 35.47 -18.27
N TRP F 74 -13.63 35.60 -19.59
CA TRP F 74 -14.92 35.81 -20.23
C TRP F 74 -15.71 34.53 -20.40
N ASP F 75 -15.13 33.49 -21.01
CA ASP F 75 -15.82 32.22 -21.16
C ASP F 75 -16.27 31.67 -19.81
N ASP F 76 -15.36 31.64 -18.82
CA ASP F 76 -15.72 31.24 -17.46
C ASP F 76 -16.90 31.97 -16.85
N MET F 77 -17.03 33.27 -17.13
CA MET F 77 -18.17 34.00 -16.61
C MET F 77 -19.50 33.46 -17.16
N GLU F 78 -19.49 33.29 -18.48
CA GLU F 78 -20.63 32.76 -19.21
C GLU F 78 -20.99 31.36 -18.71
N LYS F 79 -19.95 30.54 -18.51
CA LYS F 79 -20.06 29.19 -17.94
C LYS F 79 -20.92 29.16 -16.68
N ILE F 80 -20.63 30.10 -15.76
CA ILE F 80 -21.42 30.30 -14.56
C ILE F 80 -22.81 30.74 -14.97
N TRP F 81 -22.90 31.80 -15.78
CA TRP F 81 -24.18 32.43 -16.05
C TRP F 81 -25.19 31.54 -16.77
N HIS F 82 -24.76 30.47 -17.47
CA HIS F 82 -25.67 29.44 -17.97
C HIS F 82 -26.15 28.64 -16.75
N HIS F 83 -25.16 28.19 -15.96
CA HIS F 83 -25.42 27.45 -14.72
C HIS F 83 -26.33 28.23 -13.77
N THR F 84 -26.26 29.56 -13.72
CA THR F 84 -27.19 30.43 -13.04
C THR F 84 -28.59 30.29 -13.62
N PHE F 85 -29.02 30.91 -14.73
CA PHE F 85 -30.41 30.91 -15.18
C PHE F 85 -31.01 29.52 -15.32
N TYR F 86 -30.16 28.59 -15.77
CA TYR F 86 -30.54 27.21 -15.86
C TYR F 86 -30.36 26.44 -14.56
N ASN F 87 -29.16 26.03 -14.13
CA ASN F 87 -29.09 25.01 -13.08
C ASN F 87 -29.51 25.53 -11.71
N GLU F 88 -29.24 26.81 -11.47
CA GLU F 88 -29.64 27.47 -10.24
C GLU F 88 -31.08 27.94 -10.38
N LEU F 89 -31.40 28.88 -11.27
CA LEU F 89 -32.70 29.52 -11.30
C LEU F 89 -33.79 28.76 -12.03
N ARG F 90 -33.47 27.72 -12.81
CA ARG F 90 -34.43 26.78 -13.39
C ARG F 90 -35.40 27.34 -14.43
N VAL F 91 -34.92 28.39 -15.09
CA VAL F 91 -35.67 29.13 -16.11
C VAL F 91 -34.82 29.34 -17.37
N ALA F 92 -35.44 30.07 -18.33
CA ALA F 92 -34.83 30.41 -19.61
C ALA F 92 -34.75 31.92 -19.93
N PRO F 93 -33.59 32.43 -20.37
CA PRO F 93 -33.32 33.84 -20.67
C PRO F 93 -34.29 34.64 -21.55
N GLU F 94 -34.74 34.10 -22.68
CA GLU F 94 -35.75 34.67 -23.56
C GLU F 94 -37.05 35.20 -22.92
N GLU F 95 -37.44 34.64 -21.79
CA GLU F 95 -38.62 35.14 -21.08
C GLU F 95 -38.29 36.24 -20.08
N HIS F 96 -36.99 36.45 -19.81
CA HIS F 96 -36.54 36.98 -18.53
C HIS F 96 -35.63 38.20 -18.51
N PRO F 97 -36.09 39.42 -18.18
CA PRO F 97 -35.22 40.57 -17.90
C PRO F 97 -34.24 40.21 -16.79
N THR F 98 -32.97 40.60 -16.90
CA THR F 98 -31.98 40.18 -15.93
C THR F 98 -31.07 41.34 -15.62
N LEU F 99 -30.76 41.50 -14.33
CA LEU F 99 -29.88 42.52 -13.84
C LEU F 99 -28.67 41.77 -13.31
N LEU F 100 -27.49 42.24 -13.75
CA LEU F 100 -26.23 41.78 -13.21
C LEU F 100 -25.72 42.98 -12.46
N THR F 101 -25.08 42.86 -11.31
CA THR F 101 -24.51 44.02 -10.67
C THR F 101 -23.13 44.30 -11.22
N GLU F 102 -22.31 45.20 -10.63
CA GLU F 102 -20.87 45.25 -10.91
C GLU F 102 -20.07 46.05 -9.90
N ALA F 103 -18.75 45.83 -9.82
CA ALA F 103 -17.91 46.64 -8.95
C ALA F 103 -17.65 47.97 -9.64
N PRO F 104 -17.86 49.09 -8.92
CA PRO F 104 -18.03 50.44 -9.47
C PRO F 104 -17.11 50.92 -10.58
N LEU F 105 -15.80 50.94 -10.32
CA LEU F 105 -14.79 51.32 -11.32
C LEU F 105 -14.72 50.55 -12.63
N ASN F 106 -15.52 49.49 -12.80
CA ASN F 106 -15.53 48.63 -14.00
C ASN F 106 -15.27 49.31 -15.34
N PRO F 107 -14.16 49.02 -16.05
CA PRO F 107 -13.79 49.67 -17.31
C PRO F 107 -14.81 49.53 -18.44
N LYS F 108 -14.94 50.60 -19.24
CA LYS F 108 -15.95 50.66 -20.30
C LYS F 108 -15.94 49.43 -21.21
N ALA F 109 -14.72 48.98 -21.50
CA ALA F 109 -14.45 47.81 -22.32
C ALA F 109 -15.11 46.56 -21.77
N ASN F 110 -15.11 46.40 -20.44
CA ASN F 110 -15.89 45.34 -19.84
C ASN F 110 -17.36 45.53 -20.12
N ARG F 111 -17.92 46.70 -19.78
CA ARG F 111 -19.36 46.93 -19.92
C ARG F 111 -19.93 46.66 -21.29
N GLU F 112 -19.26 47.14 -22.36
CA GLU F 112 -19.68 46.90 -23.73
C GLU F 112 -19.78 45.40 -24.03
N LYS F 113 -18.75 44.65 -23.63
CA LYS F 113 -18.74 43.23 -23.90
C LYS F 113 -19.76 42.49 -23.03
N MET F 114 -19.97 42.95 -21.80
CA MET F 114 -21.02 42.41 -20.92
C MET F 114 -22.42 42.53 -21.53
N THR F 115 -22.75 43.71 -22.10
CA THR F 115 -24.01 43.89 -22.79
C THR F 115 -24.20 42.91 -23.94
N GLN F 116 -23.15 42.79 -24.79
CA GLN F 116 -23.16 41.92 -25.95
C GLN F 116 -23.57 40.48 -25.63
N ILE F 117 -22.71 39.87 -24.80
CA ILE F 117 -22.80 38.47 -24.41
C ILE F 117 -24.19 38.08 -23.94
N MET F 118 -24.77 38.87 -23.02
CA MET F 118 -26.03 38.46 -22.44
C MET F 118 -27.18 38.62 -23.41
N PHE F 119 -27.19 39.64 -24.26
CA PHE F 119 -28.13 39.71 -25.36
C PHE F 119 -27.93 38.63 -26.42
N GLU F 120 -26.69 38.20 -26.64
CA GLU F 120 -26.33 37.20 -27.63
C GLU F 120 -26.24 35.77 -27.09
N THR F 121 -25.15 35.36 -26.39
CA THR F 121 -24.96 34.00 -25.84
C THR F 121 -26.18 33.55 -25.03
N PHE F 122 -26.82 34.50 -24.33
CA PHE F 122 -28.00 34.19 -23.54
C PHE F 122 -29.34 34.55 -24.14
N ASN F 123 -29.52 35.78 -24.66
CA ASN F 123 -30.74 36.27 -25.31
C ASN F 123 -31.89 36.69 -24.41
N VAL F 124 -31.56 37.28 -23.26
CA VAL F 124 -32.55 37.92 -22.39
C VAL F 124 -33.34 38.99 -23.15
N PRO F 125 -34.66 39.21 -23.05
CA PRO F 125 -35.38 40.18 -23.87
C PRO F 125 -34.99 41.63 -23.62
N ALA F 126 -34.57 41.97 -22.39
CA ALA F 126 -34.05 43.26 -22.00
C ALA F 126 -33.07 42.94 -20.88
N MET F 127 -32.18 43.81 -20.40
CA MET F 127 -31.26 43.48 -19.31
C MET F 127 -30.76 44.74 -18.64
N TYR F 128 -30.03 44.65 -17.52
CA TYR F 128 -29.36 45.81 -16.94
C TYR F 128 -28.12 45.30 -16.23
N VAL F 129 -27.05 46.10 -16.22
CA VAL F 129 -25.85 45.87 -15.41
C VAL F 129 -25.70 47.12 -14.53
N ALA F 130 -25.42 46.96 -13.23
CA ALA F 130 -25.54 48.05 -12.25
C ALA F 130 -24.57 48.14 -11.07
N ILE F 131 -24.21 49.40 -10.78
CA ILE F 131 -23.15 49.75 -9.84
C ILE F 131 -23.48 49.38 -8.39
N GLN F 132 -22.81 48.30 -7.96
CA GLN F 132 -23.01 47.60 -6.70
C GLN F 132 -23.37 48.41 -5.46
N ALA F 133 -22.40 49.19 -5.00
CA ALA F 133 -22.57 49.93 -3.76
C ALA F 133 -23.64 51.00 -3.86
N VAL F 134 -23.99 51.52 -5.06
CA VAL F 134 -25.10 52.45 -5.18
C VAL F 134 -26.39 51.72 -4.81
N LEU F 135 -26.52 50.45 -5.27
CA LEU F 135 -27.59 49.56 -4.87
C LEU F 135 -27.52 49.12 -3.42
N SER F 136 -26.34 49.01 -2.79
CA SER F 136 -26.29 48.95 -1.33
C SER F 136 -26.86 50.18 -0.64
N LEU F 137 -26.47 51.42 -0.95
CA LEU F 137 -27.05 52.62 -0.32
C LEU F 137 -28.56 52.75 -0.52
N TYR F 138 -28.98 52.31 -1.71
CA TYR F 138 -30.39 52.18 -2.02
C TYR F 138 -31.08 51.14 -1.18
N ALA F 139 -30.60 49.88 -1.12
CA ALA F 139 -31.10 48.91 -0.14
C ALA F 139 -31.04 49.37 1.31
N SER F 140 -30.17 50.34 1.62
CA SER F 140 -30.07 51.00 2.91
C SER F 140 -31.10 52.12 3.08
N GLY F 141 -32.00 52.34 2.10
CA GLY F 141 -32.97 53.42 2.14
C GLY F 141 -32.38 54.83 2.19
N ARG F 142 -31.40 55.13 1.33
CA ARG F 142 -30.76 56.45 1.31
C ARG F 142 -30.54 57.14 -0.04
N THR F 143 -30.69 58.46 -0.01
CA THR F 143 -30.36 59.32 -1.15
C THR F 143 -28.89 59.77 -1.15
N THR F 144 -28.11 59.33 -0.15
CA THR F 144 -26.80 59.90 0.10
C THR F 144 -26.12 59.02 1.13
N GLY F 145 -24.84 59.29 1.37
CA GLY F 145 -24.07 58.52 2.33
C GLY F 145 -22.86 57.90 1.67
N ILE F 146 -22.18 56.99 2.35
CA ILE F 146 -21.01 56.33 1.79
C ILE F 146 -20.93 54.90 2.28
N VAL F 147 -21.00 54.00 1.30
CA VAL F 147 -20.95 52.59 1.57
C VAL F 147 -19.48 52.22 1.54
N LEU F 148 -19.13 51.34 2.48
CA LEU F 148 -17.84 50.69 2.53
C LEU F 148 -18.19 49.27 2.12
N ASP F 149 -17.96 48.94 0.85
CA ASP F 149 -18.31 47.61 0.38
C ASP F 149 -17.08 46.73 0.22
N SER F 150 -17.05 45.65 1.02
CA SER F 150 -15.90 44.77 1.17
C SER F 150 -16.40 43.34 1.37
N GLY F 151 -15.84 42.36 0.66
CA GLY F 151 -16.35 41.00 0.66
C GLY F 151 -15.18 40.04 0.46
N ASP F 152 -15.29 39.16 -0.52
CA ASP F 152 -14.29 38.13 -0.78
C ASP F 152 -13.08 38.63 -1.58
N GLY F 153 -13.18 39.70 -2.35
CA GLY F 153 -12.10 40.13 -3.23
C GLY F 153 -11.75 41.62 -3.17
N VAL F 154 -12.69 42.54 -3.34
CA VAL F 154 -12.36 43.97 -3.39
C VAL F 154 -13.12 44.87 -2.42
N THR F 155 -12.54 45.96 -1.92
CA THR F 155 -13.11 46.78 -0.87
C THR F 155 -13.37 48.18 -1.42
N HIS F 156 -14.45 48.88 -1.05
CA HIS F 156 -14.89 50.13 -1.72
C HIS F 156 -15.49 51.19 -0.80
N ASN F 157 -15.34 52.45 -1.20
CA ASN F 157 -15.92 53.62 -0.55
C ASN F 157 -16.57 54.38 -1.71
N VAL F 158 -17.87 54.67 -1.67
CA VAL F 158 -18.56 55.41 -2.72
C VAL F 158 -19.26 56.62 -2.11
N PRO F 159 -18.77 57.86 -2.09
CA PRO F 159 -19.49 59.00 -1.52
C PRO F 159 -20.71 59.41 -2.36
N ILE F 160 -21.90 58.93 -2.01
CA ILE F 160 -23.08 59.12 -2.84
C ILE F 160 -23.86 60.38 -2.49
N TYR F 161 -24.25 61.10 -3.54
CA TYR F 161 -25.16 62.21 -3.42
C TYR F 161 -26.19 62.16 -4.54
N GLU F 162 -27.48 62.15 -4.13
CA GLU F 162 -28.65 62.27 -4.99
C GLU F 162 -28.62 61.53 -6.33
N GLY F 163 -28.44 60.21 -6.15
CA GLY F 163 -28.38 59.30 -7.28
C GLY F 163 -26.97 58.86 -7.63
N TYR F 164 -25.92 59.66 -7.43
CA TYR F 164 -24.60 59.28 -7.92
C TYR F 164 -23.56 59.07 -6.86
N ALA F 165 -22.81 57.98 -6.98
CA ALA F 165 -21.57 57.85 -6.24
C ALA F 165 -20.58 58.79 -6.89
N LEU F 166 -19.91 59.67 -6.14
CA LEU F 166 -18.91 60.56 -6.72
C LEU F 166 -17.74 59.78 -7.29
N PRO F 167 -17.68 59.64 -8.64
CA PRO F 167 -16.85 58.66 -9.34
C PRO F 167 -15.40 58.71 -8.92
N HIS F 168 -14.77 59.88 -9.14
CA HIS F 168 -13.39 60.17 -8.78
C HIS F 168 -12.97 59.88 -7.33
N ALA F 169 -13.96 59.65 -6.47
CA ALA F 169 -13.75 59.49 -5.06
C ALA F 169 -14.17 58.12 -4.57
N ILE F 170 -14.73 57.30 -5.47
CA ILE F 170 -14.98 55.89 -5.23
C ILE F 170 -13.62 55.24 -5.00
N MET F 171 -13.26 55.21 -3.72
CA MET F 171 -12.01 54.56 -3.34
C MET F 171 -12.16 53.04 -3.20
N ARG F 172 -11.17 52.43 -3.88
CA ARG F 172 -10.97 50.99 -3.89
C ARG F 172 -9.73 50.57 -3.07
N LEU F 173 -9.80 49.38 -2.49
CA LEU F 173 -8.66 48.75 -1.86
C LEU F 173 -8.82 47.27 -2.15
N ASP F 174 -7.84 46.61 -2.77
CA ASP F 174 -7.96 45.20 -3.09
C ASP F 174 -7.67 44.22 -1.96
N LEU F 175 -7.49 44.72 -0.74
CA LEU F 175 -7.32 43.84 0.40
C LEU F 175 -8.72 43.58 0.91
N ALA F 176 -9.19 42.35 0.81
CA ALA F 176 -10.49 41.95 1.34
C ALA F 176 -10.57 40.48 1.77
N GLY F 177 -11.54 39.67 1.37
CA GLY F 177 -11.93 38.47 2.11
C GLY F 177 -10.98 37.30 2.02
N ARG F 178 -10.51 36.95 0.82
CA ARG F 178 -9.50 35.92 0.66
C ARG F 178 -8.19 36.29 1.37
N ASP F 179 -7.78 37.56 1.24
CA ASP F 179 -6.61 38.09 1.93
C ASP F 179 -6.72 37.81 3.41
N LEU F 180 -7.91 37.97 3.99
CA LEU F 180 -8.10 37.63 5.38
C LEU F 180 -7.93 36.13 5.70
N THR F 181 -8.54 35.24 4.90
CA THR F 181 -8.43 33.81 5.12
C THR F 181 -6.99 33.34 5.03
N ASP F 182 -6.25 33.84 4.04
CA ASP F 182 -4.94 33.31 3.73
C ASP F 182 -3.91 33.80 4.73
N TYR F 183 -4.19 34.96 5.34
CA TYR F 183 -3.50 35.36 6.57
C TYR F 183 -3.81 34.39 7.71
N LEU F 184 -5.10 34.24 8.05
CA LEU F 184 -5.52 33.40 9.17
C LEU F 184 -5.00 31.98 9.06
N MET F 185 -4.99 31.50 7.81
CA MET F 185 -4.33 30.26 7.42
C MET F 185 -2.86 30.33 7.78
N LYS F 186 -2.08 31.31 7.29
CA LYS F 186 -0.65 31.28 7.56
C LYS F 186 -0.26 31.33 9.03
N ILE F 187 -1.03 32.08 9.85
CA ILE F 187 -0.77 32.20 11.29
C ILE F 187 -0.81 30.82 11.92
N LEU F 188 -1.97 30.15 11.84
CA LEU F 188 -2.12 28.81 12.35
C LEU F 188 -1.11 27.81 11.79
N THR F 189 -0.68 27.99 10.52
CA THR F 189 0.34 27.15 9.94
C THR F 189 1.66 27.26 10.72
N GLU F 190 2.04 28.50 11.08
CA GLU F 190 3.30 28.82 11.78
C GLU F 190 3.39 28.12 13.13
N ARG F 191 2.20 27.92 13.69
CA ARG F 191 2.03 27.30 14.98
C ARG F 191 2.16 25.78 14.87
N GLY F 192 2.35 25.21 13.69
CA GLY F 192 2.40 23.77 13.59
C GLY F 192 1.11 23.14 13.15
N TYR F 193 0.50 23.65 12.09
CA TYR F 193 -0.68 23.03 11.47
C TYR F 193 -0.50 23.23 9.98
N SER F 194 -1.38 22.77 9.07
CA SER F 194 -1.23 22.99 7.64
C SER F 194 -2.47 22.44 6.95
N PHE F 195 -3.05 23.27 6.08
CA PHE F 195 -4.33 23.00 5.46
C PHE F 195 -4.10 22.67 3.99
N VAL F 196 -3.76 23.65 3.12
CA VAL F 196 -3.55 23.46 1.68
C VAL F 196 -4.74 22.88 0.88
N THR F 197 -5.09 21.61 1.10
CA THR F 197 -6.02 20.84 0.28
C THR F 197 -7.42 21.41 0.05
N THR F 198 -8.48 20.91 0.70
CA THR F 198 -9.80 21.43 0.41
C THR F 198 -10.63 21.68 1.66
N ALA F 199 -11.00 20.61 2.40
CA ALA F 199 -11.73 20.74 3.65
C ALA F 199 -11.06 21.68 4.64
N GLU F 200 -9.82 21.40 5.05
CA GLU F 200 -9.14 22.17 6.09
C GLU F 200 -9.05 23.67 5.82
N ARG F 201 -8.92 24.07 4.55
CA ARG F 201 -8.88 25.48 4.19
C ARG F 201 -10.19 26.15 4.58
N GLU F 202 -11.27 25.47 4.20
CA GLU F 202 -12.61 25.99 4.35
C GLU F 202 -12.96 26.13 5.83
N ILE F 203 -12.55 25.10 6.58
CA ILE F 203 -12.59 25.15 8.04
C ILE F 203 -11.93 26.42 8.57
N VAL F 204 -10.71 26.76 8.12
CA VAL F 204 -10.06 28.01 8.54
C VAL F 204 -10.89 29.27 8.24
N ARG F 205 -11.67 29.26 7.16
CA ARG F 205 -12.51 30.40 6.82
C ARG F 205 -13.72 30.46 7.76
N ASP F 206 -14.29 29.31 8.14
CA ASP F 206 -15.39 29.22 9.09
C ASP F 206 -14.98 29.75 10.47
N ILE F 207 -13.72 29.47 10.82
CA ILE F 207 -13.06 30.02 12.00
C ILE F 207 -13.02 31.56 11.93
N LYS F 208 -12.85 32.06 10.72
CA LYS F 208 -12.79 33.50 10.51
C LYS F 208 -14.15 34.10 10.83
N GLU F 209 -15.23 33.38 10.53
CA GLU F 209 -16.57 33.84 10.81
C GLU F 209 -16.84 33.77 12.32
N LYS F 210 -16.38 32.72 13.01
CA LYS F 210 -16.74 32.50 14.42
C LYS F 210 -15.83 33.12 15.47
N LEU F 211 -14.51 33.21 15.26
CA LEU F 211 -13.57 33.60 16.29
C LEU F 211 -13.05 35.02 16.13
N CYS F 212 -13.09 35.49 14.88
CA CYS F 212 -12.48 36.74 14.49
C CYS F 212 -13.32 37.99 14.79
N TYR F 213 -12.60 39.09 15.03
CA TYR F 213 -13.18 40.38 15.35
C TYR F 213 -12.11 41.44 15.17
N VAL F 214 -12.52 42.68 14.91
CA VAL F 214 -11.56 43.75 14.94
C VAL F 214 -11.89 44.51 16.21
N ALA F 215 -10.91 44.60 17.11
CA ALA F 215 -11.06 45.41 18.29
C ALA F 215 -10.69 46.87 18.09
N LEU F 216 -11.44 47.73 18.79
CA LEU F 216 -11.39 49.18 18.75
C LEU F 216 -9.98 49.76 18.79
N ASP F 217 -9.22 49.25 19.75
CA ASP F 217 -7.84 49.62 19.89
C ASP F 217 -6.98 48.37 19.89
N PHE F 218 -6.08 48.34 18.92
CA PHE F 218 -5.26 47.18 18.69
C PHE F 218 -4.17 47.02 19.74
N GLU F 219 -3.75 48.07 20.44
CA GLU F 219 -2.64 47.94 21.38
C GLU F 219 -3.12 47.50 22.75
N ASN F 220 -4.26 48.05 23.19
CA ASN F 220 -4.94 47.52 24.36
C ASN F 220 -5.42 46.08 24.14
N GLU F 221 -5.88 45.74 22.93
CA GLU F 221 -6.21 44.35 22.68
C GLU F 221 -4.98 43.45 22.61
N MET F 222 -3.93 43.87 21.89
CA MET F 222 -2.65 43.15 21.79
C MET F 222 -2.17 42.73 23.17
N ALA F 223 -2.23 43.69 24.11
CA ALA F 223 -2.00 43.42 25.52
C ALA F 223 -2.93 42.37 26.12
N THR F 224 -4.27 42.53 26.18
CA THR F 224 -5.13 41.64 26.98
C THR F 224 -5.06 40.20 26.54
N ALA F 225 -5.00 40.02 25.22
CA ALA F 225 -4.86 38.71 24.61
C ALA F 225 -3.65 37.96 25.16
N ALA F 226 -2.49 38.61 25.09
CA ALA F 226 -1.25 38.06 25.58
C ALA F 226 -1.18 38.01 27.10
N SER F 227 -2.05 38.76 27.79
CA SER F 227 -2.11 38.73 29.25
C SER F 227 -2.97 37.61 29.79
N SER F 228 -4.27 37.58 29.51
CA SER F 228 -5.20 36.76 30.27
C SER F 228 -6.23 36.08 29.37
N SER F 229 -6.64 34.91 29.83
CA SER F 229 -7.34 33.94 28.99
C SER F 229 -8.66 34.35 28.37
N SER F 230 -9.23 35.53 28.67
CA SER F 230 -10.61 35.89 28.34
C SER F 230 -10.95 35.69 26.86
N LEU F 231 -9.93 36.03 26.09
CA LEU F 231 -10.03 36.01 24.65
C LEU F 231 -9.83 34.65 24.02
N GLU F 232 -9.25 33.72 24.76
CA GLU F 232 -8.96 32.38 24.29
C GLU F 232 -10.18 31.60 23.85
N LYS F 233 -10.58 31.91 22.62
CA LYS F 233 -11.75 31.30 22.03
C LYS F 233 -11.40 30.07 21.22
N SER F 234 -11.85 28.96 21.78
CA SER F 234 -11.61 27.63 21.25
C SER F 234 -12.34 27.32 19.94
N TYR F 235 -12.06 26.19 19.30
CA TYR F 235 -12.83 25.62 18.21
C TYR F 235 -12.45 24.15 18.22
N GLU F 236 -13.37 23.30 17.78
CA GLU F 236 -13.17 21.87 17.79
C GLU F 236 -12.73 21.39 16.39
N LEU F 237 -11.42 21.22 16.12
CA LEU F 237 -10.98 20.85 14.77
C LEU F 237 -11.40 19.45 14.32
N PRO F 238 -11.83 19.22 13.06
CA PRO F 238 -12.17 17.91 12.50
C PRO F 238 -11.29 16.68 12.74
N ASP F 239 -10.07 16.82 13.27
CA ASP F 239 -9.31 15.68 13.76
C ASP F 239 -9.69 15.37 15.21
N GLY F 240 -9.87 16.42 16.00
CA GLY F 240 -10.19 16.31 17.41
C GLY F 240 -9.69 17.50 18.21
N GLN F 241 -8.47 17.98 17.95
CA GLN F 241 -7.83 18.94 18.85
C GLN F 241 -8.44 20.33 18.90
N VAL F 242 -8.49 20.86 20.12
CA VAL F 242 -8.94 22.22 20.32
C VAL F 242 -7.76 23.12 19.97
N ILE F 243 -7.90 23.93 18.92
CA ILE F 243 -6.95 25.02 18.75
C ILE F 243 -7.45 26.16 19.62
N THR F 244 -6.69 26.54 20.64
CA THR F 244 -7.03 27.74 21.34
C THR F 244 -6.30 28.86 20.60
N ILE F 245 -6.97 30.00 20.50
CA ILE F 245 -6.48 31.19 19.84
C ILE F 245 -7.04 32.33 20.66
N GLY F 246 -6.14 33.21 21.12
CA GLY F 246 -6.50 34.48 21.74
C GLY F 246 -6.10 35.70 20.90
N ASN F 247 -4.80 36.00 20.73
CA ASN F 247 -4.37 37.13 19.91
C ASN F 247 -4.76 37.13 18.43
N GLU F 248 -4.62 35.97 17.82
CA GLU F 248 -4.77 35.80 16.38
C GLU F 248 -6.16 36.10 15.82
N ARG F 249 -7.14 35.93 16.75
CA ARG F 249 -8.56 36.22 16.57
C ARG F 249 -8.88 37.61 16.03
N PHE F 250 -8.14 38.58 16.58
CA PHE F 250 -8.34 39.97 16.19
C PHE F 250 -7.25 40.44 15.24
N ARG F 251 -6.09 39.80 15.49
CA ARG F 251 -4.92 39.99 14.67
C ARG F 251 -5.28 39.78 13.22
N CYS F 252 -5.90 38.66 12.82
CA CYS F 252 -6.22 38.40 11.43
C CYS F 252 -6.94 39.51 10.65
N PRO F 253 -8.17 39.98 10.93
CA PRO F 253 -8.82 41.03 10.16
C PRO F 253 -8.25 42.43 10.37
N GLU F 254 -7.28 42.60 11.29
CA GLU F 254 -6.65 43.91 11.51
C GLU F 254 -5.97 44.47 10.26
N THR F 255 -5.70 43.55 9.33
CA THR F 255 -5.21 43.81 7.99
C THR F 255 -6.04 44.82 7.20
N LEU F 256 -7.32 44.99 7.55
CA LEU F 256 -8.12 46.07 6.99
C LEU F 256 -7.64 47.47 7.40
N PHE F 257 -7.07 47.62 8.60
CA PHE F 257 -6.67 48.92 9.09
C PHE F 257 -5.15 49.02 9.05
N GLN F 258 -4.49 48.07 9.72
CA GLN F 258 -3.05 47.89 9.61
C GLN F 258 -2.73 46.68 8.73
N PRO F 259 -2.61 46.91 7.42
CA PRO F 259 -2.42 45.87 6.41
C PRO F 259 -1.03 45.24 6.35
N SER F 260 -0.12 45.99 6.98
CA SER F 260 1.29 45.72 7.16
C SER F 260 1.64 44.39 7.82
N PHE F 261 0.65 43.82 8.51
CA PHE F 261 0.69 42.45 9.01
C PHE F 261 0.88 41.36 7.96
N ILE F 262 0.26 41.54 6.78
CA ILE F 262 0.58 40.68 5.65
C ILE F 262 1.70 41.32 4.85
N GLY F 263 1.63 42.65 4.72
CA GLY F 263 2.61 43.40 3.97
C GLY F 263 1.87 44.29 2.98
N MET F 264 1.23 45.35 3.45
CA MET F 264 0.46 46.25 2.61
C MET F 264 0.54 47.60 3.32
N GLU F 265 0.93 48.65 2.61
CA GLU F 265 0.94 50.00 3.17
C GLU F 265 -0.16 50.93 2.67
N SER F 266 -0.64 50.80 1.44
CA SER F 266 -1.71 51.63 0.88
C SER F 266 -2.94 51.65 1.76
N ALA F 267 -3.50 52.86 1.77
CA ALA F 267 -4.34 53.38 2.86
C ALA F 267 -5.48 52.52 3.39
N GLY F 268 -5.49 52.26 4.70
CA GLY F 268 -6.40 51.30 5.33
C GLY F 268 -7.88 51.68 5.20
N ILE F 269 -8.84 50.78 5.43
CA ILE F 269 -10.26 51.02 5.14
C ILE F 269 -10.86 52.28 5.76
N HIS F 270 -10.34 52.53 6.97
CA HIS F 270 -10.57 53.77 7.71
C HIS F 270 -10.05 55.00 6.99
N GLU F 271 -8.77 54.96 6.62
CA GLU F 271 -8.09 56.08 6.00
C GLU F 271 -8.64 56.34 4.61
N THR F 272 -8.88 55.29 3.81
CA THR F 272 -9.68 55.38 2.60
C THR F 272 -11.05 56.04 2.81
N THR F 273 -11.75 55.71 3.91
CA THR F 273 -12.99 56.41 4.21
C THR F 273 -12.76 57.89 4.50
N TYR F 274 -11.75 58.24 5.31
CA TYR F 274 -11.48 59.67 5.55
C TYR F 274 -11.21 60.36 4.21
N ASN F 275 -10.33 59.74 3.42
CA ASN F 275 -9.94 60.36 2.17
C ASN F 275 -10.98 60.28 1.07
N SER F 276 -12.03 59.46 1.05
CA SER F 276 -13.10 59.57 0.06
C SER F 276 -14.06 60.73 0.34
N ILE F 277 -14.41 60.84 1.62
CA ILE F 277 -15.18 61.98 2.16
C ILE F 277 -14.48 63.29 1.81
N MET F 278 -13.16 63.35 1.98
CA MET F 278 -12.33 64.46 1.51
C MET F 278 -12.15 64.57 -0.02
N LYS F 279 -11.75 63.47 -0.67
CA LYS F 279 -11.64 63.35 -2.13
C LYS F 279 -12.86 63.84 -2.91
N CYS F 280 -14.00 64.01 -2.26
CA CYS F 280 -15.11 64.78 -2.83
C CYS F 280 -14.93 66.31 -2.87
N ASP F 281 -15.94 67.11 -2.54
CA ASP F 281 -15.69 68.52 -2.23
C ASP F 281 -15.80 68.61 -0.71
N ILE F 282 -16.74 69.40 -0.16
CA ILE F 282 -16.67 69.75 1.23
C ILE F 282 -18.02 69.81 1.98
N ASP F 283 -19.14 70.25 1.40
CA ASP F 283 -20.39 70.29 2.15
C ASP F 283 -21.04 68.93 2.40
N ILE F 284 -21.20 68.12 1.35
CA ILE F 284 -21.85 66.81 1.46
C ILE F 284 -21.19 65.85 2.45
N ARG F 285 -19.92 66.12 2.79
CA ARG F 285 -19.18 65.35 3.78
C ARG F 285 -19.89 64.86 5.03
N LYS F 286 -20.73 65.69 5.65
CA LYS F 286 -21.48 65.36 6.85
C LYS F 286 -22.29 64.08 6.72
N ASP F 287 -23.35 64.08 5.89
CA ASP F 287 -24.12 62.88 5.60
C ASP F 287 -23.38 61.81 4.81
N LEU F 288 -22.09 62.01 4.54
CA LEU F 288 -21.22 60.86 4.27
C LEU F 288 -20.69 60.29 5.59
N TYR F 289 -20.04 61.13 6.41
CA TYR F 289 -19.63 60.81 7.78
C TYR F 289 -20.68 60.24 8.71
N ALA F 290 -21.92 60.68 8.56
CA ALA F 290 -23.07 60.25 9.33
C ALA F 290 -23.86 59.11 8.70
N ASN F 291 -23.49 58.69 7.49
CA ASN F 291 -24.07 57.48 6.91
C ASN F 291 -22.96 56.65 6.28
N ASN F 292 -21.90 56.38 7.05
CA ASN F 292 -20.93 55.35 6.65
C ASN F 292 -21.75 54.07 6.75
N VAL F 293 -21.86 53.32 5.65
CA VAL F 293 -22.78 52.19 5.54
C VAL F 293 -21.98 50.93 5.22
N MET F 294 -22.13 49.82 5.93
CA MET F 294 -21.37 48.62 5.67
C MET F 294 -22.22 47.56 4.99
N SER F 295 -21.65 46.87 3.99
CA SER F 295 -22.29 45.80 3.22
C SER F 295 -21.23 44.76 2.89
N GLY F 296 -21.53 43.62 2.27
CA GLY F 296 -20.50 42.66 1.85
C GLY F 296 -19.99 41.69 2.92
N GLY F 297 -19.51 40.52 2.47
CA GLY F 297 -19.24 39.39 3.36
C GLY F 297 -18.25 39.64 4.49
N THR F 298 -17.39 40.65 4.32
CA THR F 298 -16.31 40.96 5.25
C THR F 298 -16.77 41.87 6.38
N THR F 299 -17.55 42.90 6.03
CA THR F 299 -18.16 43.77 7.01
C THR F 299 -19.01 43.02 8.03
N MET F 300 -19.31 41.74 7.77
CA MET F 300 -19.86 40.85 8.78
C MET F 300 -19.08 40.80 10.08
N TYR F 301 -17.74 40.97 10.07
CA TYR F 301 -16.94 40.93 11.28
C TYR F 301 -17.49 41.77 12.42
N PRO F 302 -17.68 41.16 13.60
CA PRO F 302 -18.10 41.86 14.81
C PRO F 302 -17.10 42.90 15.25
N GLY F 303 -17.60 43.83 16.06
CA GLY F 303 -16.82 44.97 16.52
C GLY F 303 -16.52 46.02 15.45
N ILE F 304 -16.68 45.72 14.15
CA ILE F 304 -16.08 46.55 13.11
C ILE F 304 -16.62 47.98 13.09
N ALA F 305 -17.91 48.09 13.45
CA ALA F 305 -18.62 49.35 13.44
C ALA F 305 -18.09 50.30 14.51
N ASP F 306 -18.04 49.86 15.78
CA ASP F 306 -17.55 50.66 16.90
C ASP F 306 -16.15 51.18 16.60
N ARG F 307 -15.35 50.28 16.02
CA ARG F 307 -14.01 50.66 15.63
C ARG F 307 -13.98 51.82 14.63
N MET F 308 -14.82 51.79 13.59
CA MET F 308 -14.82 52.87 12.60
C MET F 308 -15.29 54.19 13.22
N GLN F 309 -16.15 54.10 14.24
CA GLN F 309 -16.57 55.27 15.00
C GLN F 309 -15.37 55.97 15.63
N LYS F 310 -14.42 55.20 16.19
CA LYS F 310 -13.12 55.77 16.53
C LYS F 310 -12.37 56.23 15.27
N GLU F 311 -12.19 55.26 14.37
CA GLU F 311 -11.23 55.36 13.26
C GLU F 311 -11.41 56.54 12.33
N ILE F 312 -12.65 57.03 12.15
CA ILE F 312 -12.87 58.26 11.42
C ILE F 312 -12.72 59.51 12.29
N THR F 313 -13.21 59.47 13.54
CA THR F 313 -13.21 60.64 14.44
C THR F 313 -11.84 61.21 14.68
N ALA F 314 -10.91 60.27 14.84
CA ALA F 314 -9.49 60.57 14.97
C ALA F 314 -8.99 61.64 13.99
N LEU F 315 -9.37 61.53 12.71
CA LEU F 315 -8.96 62.50 11.71
C LEU F 315 -10.01 63.57 11.42
N ALA F 316 -11.31 63.24 11.51
CA ALA F 316 -12.36 64.17 11.13
C ALA F 316 -12.55 65.31 12.13
N PRO F 317 -12.48 66.60 11.71
CA PRO F 317 -12.66 67.75 12.58
C PRO F 317 -13.95 67.67 13.40
N SER F 318 -13.78 68.09 14.66
CA SER F 318 -14.68 67.73 15.75
C SER F 318 -16.19 67.72 15.54
N THR F 319 -16.72 68.63 14.73
CA THR F 319 -18.15 68.87 14.66
C THR F 319 -18.86 68.13 13.52
N MET F 320 -18.24 67.03 13.08
CA MET F 320 -18.86 66.12 12.13
C MET F 320 -19.44 64.88 12.81
N LYS F 321 -20.74 64.66 12.64
CA LYS F 321 -21.37 63.49 13.23
C LYS F 321 -20.89 62.27 12.44
N ILE F 322 -20.00 61.48 13.04
CA ILE F 322 -19.67 60.20 12.47
C ILE F 322 -20.74 59.21 12.93
N LYS F 323 -21.37 58.49 11.99
CA LYS F 323 -22.30 57.42 12.29
C LYS F 323 -22.09 56.31 11.28
N ILE F 324 -21.88 55.10 11.79
CA ILE F 324 -21.74 53.89 10.97
C ILE F 324 -22.98 53.00 11.06
N ILE F 325 -23.68 53.00 9.93
CA ILE F 325 -24.83 52.16 9.66
C ILE F 325 -24.35 50.87 9.00
N ALA F 326 -24.84 49.76 9.55
CA ALA F 326 -24.58 48.44 9.01
C ALA F 326 -25.85 47.62 9.10
N PRO F 327 -26.48 47.26 7.97
CA PRO F 327 -27.61 46.36 7.93
C PRO F 327 -27.27 44.96 8.44
N PRO F 328 -28.22 44.27 9.07
CA PRO F 328 -28.13 42.84 9.37
C PRO F 328 -28.06 41.99 8.11
N GLU F 329 -28.77 42.40 7.04
CA GLU F 329 -28.76 41.70 5.77
C GLU F 329 -27.41 41.67 5.09
N ARG F 330 -26.50 42.57 5.49
CA ARG F 330 -25.36 43.06 4.73
C ARG F 330 -24.72 42.29 3.58
N LYS F 331 -24.69 40.95 3.57
CA LYS F 331 -23.94 40.19 2.57
C LYS F 331 -24.63 40.12 1.19
N TYR F 332 -25.88 40.60 1.18
CA TYR F 332 -26.79 40.44 0.05
C TYR F 332 -27.43 41.74 -0.43
N SER F 333 -27.19 42.82 0.30
CA SER F 333 -27.82 44.13 0.11
C SER F 333 -27.75 44.77 -1.30
N VAL F 334 -26.69 44.41 -2.04
CA VAL F 334 -26.56 44.72 -3.47
C VAL F 334 -27.61 43.99 -4.33
N TRP F 335 -27.98 42.77 -3.94
CA TRP F 335 -29.06 42.05 -4.61
C TRP F 335 -30.38 42.64 -4.13
N ILE F 336 -30.54 42.76 -2.81
CA ILE F 336 -31.76 43.26 -2.19
C ILE F 336 -32.15 44.64 -2.71
N GLY F 337 -31.15 45.48 -2.96
CA GLY F 337 -31.35 46.70 -3.73
C GLY F 337 -31.81 46.40 -5.15
N GLY F 338 -31.03 45.54 -5.84
CA GLY F 338 -31.20 45.27 -7.26
C GLY F 338 -32.55 44.64 -7.62
N SER F 339 -33.13 43.80 -6.76
CA SER F 339 -34.47 43.25 -6.95
C SER F 339 -35.49 44.36 -6.95
N ILE F 340 -35.44 45.20 -5.90
CA ILE F 340 -36.48 46.19 -5.66
C ILE F 340 -36.38 47.22 -6.78
N LEU F 341 -35.16 47.68 -7.06
CA LEU F 341 -34.86 48.56 -8.18
C LEU F 341 -35.27 47.95 -9.51
N ALA F 342 -34.96 46.67 -9.81
CA ALA F 342 -35.39 46.05 -11.05
C ALA F 342 -36.90 46.07 -11.23
N SER F 343 -37.60 45.65 -10.16
CA SER F 343 -39.04 45.68 -10.06
C SER F 343 -39.69 47.06 -10.18
N LEU F 344 -38.93 48.15 -10.07
CA LEU F 344 -39.54 49.48 -10.12
C LEU F 344 -40.19 49.86 -11.44
N SER F 345 -41.49 50.05 -11.33
CA SER F 345 -42.35 50.56 -12.40
C SER F 345 -41.84 51.84 -13.06
N THR F 346 -41.36 52.76 -12.23
CA THR F 346 -40.67 53.97 -12.66
C THR F 346 -39.44 53.72 -13.55
N PHE F 347 -38.76 52.62 -13.25
CA PHE F 347 -37.55 52.18 -13.93
C PHE F 347 -37.83 51.36 -15.19
N GLN F 348 -39.09 50.99 -15.51
CA GLN F 348 -39.43 50.15 -16.68
C GLN F 348 -38.83 50.66 -17.99
N GLN F 349 -38.96 51.96 -18.24
CA GLN F 349 -38.47 52.57 -19.46
C GLN F 349 -36.94 52.69 -19.51
N MET F 350 -36.22 52.17 -18.50
CA MET F 350 -34.77 52.08 -18.55
C MET F 350 -34.31 50.64 -18.77
N TRP F 351 -35.23 49.69 -18.99
CA TRP F 351 -34.83 48.35 -19.37
C TRP F 351 -34.48 48.36 -20.85
N ILE F 352 -33.17 48.34 -21.13
CA ILE F 352 -32.65 48.44 -22.50
C ILE F 352 -33.12 47.23 -23.32
N THR F 353 -34.08 47.40 -24.22
CA THR F 353 -34.67 46.22 -24.84
C THR F 353 -33.92 45.79 -26.08
N LYS F 354 -34.02 44.50 -26.40
CA LYS F 354 -33.47 43.97 -27.64
C LYS F 354 -34.19 44.45 -28.91
N GLN F 355 -33.81 45.69 -29.23
CA GLN F 355 -34.20 46.42 -30.42
C GLN F 355 -33.32 47.66 -30.48
N GLU F 356 -33.17 48.31 -29.32
CA GLU F 356 -32.22 49.38 -29.13
C GLU F 356 -30.80 48.84 -29.27
N TYR F 357 -30.60 47.63 -28.74
CA TYR F 357 -29.42 46.84 -29.03
C TYR F 357 -29.70 45.97 -30.25
N ALA G 1 32.43 18.31 23.87
CA ALA G 1 31.79 18.65 22.63
C ALA G 1 30.30 18.44 22.85
N ALA G 2 29.47 18.85 21.89
CA ALA G 2 28.03 18.66 21.96
C ALA G 2 27.58 17.45 21.15
N LEU G 3 26.27 17.16 21.11
CA LEU G 3 25.68 16.14 20.27
C LEU G 3 24.63 16.80 19.39
N VAL G 4 24.46 16.29 18.16
CA VAL G 4 23.54 16.84 17.16
C VAL G 4 22.86 15.61 16.55
N ILE G 5 21.53 15.52 16.66
CA ILE G 5 20.76 14.35 16.24
C ILE G 5 19.55 14.76 15.39
N ASP G 6 19.66 14.67 14.06
CA ASP G 6 18.52 14.93 13.21
C ASP G 6 17.57 13.73 13.18
N ASN G 7 16.45 13.84 13.88
CA ASN G 7 15.52 12.71 13.99
C ASN G 7 14.61 12.56 12.78
N GLY G 8 15.24 11.98 11.74
CA GLY G 8 14.62 11.82 10.45
C GLY G 8 13.68 10.64 10.37
N SER G 9 12.54 10.92 9.73
CA SER G 9 11.40 10.03 9.57
C SER G 9 11.69 8.75 8.76
N GLY G 10 12.86 8.75 8.13
CA GLY G 10 13.42 7.58 7.49
C GLY G 10 14.68 7.27 8.29
N MET G 11 15.70 8.12 8.08
CA MET G 11 17.00 8.05 8.73
C MET G 11 17.28 9.23 9.65
N CYS G 12 17.50 8.88 10.92
CA CYS G 12 18.04 9.80 11.91
C CYS G 12 19.55 9.92 11.80
N LYS G 13 20.09 11.07 12.23
CA LYS G 13 21.51 11.34 12.12
C LYS G 13 22.06 11.96 13.40
N ALA G 14 22.76 11.19 14.23
CA ALA G 14 23.39 11.70 15.43
C ALA G 14 24.89 11.95 15.29
N GLY G 15 25.55 12.40 16.34
CA GLY G 15 26.95 12.73 16.28
C GLY G 15 27.20 13.84 17.25
N PHE G 16 28.39 14.40 17.08
CA PHE G 16 28.87 15.45 17.94
C PHE G 16 28.83 16.76 17.19
N ALA G 17 29.04 17.87 17.89
CA ALA G 17 29.27 19.15 17.22
C ALA G 17 30.59 19.12 16.46
N GLY G 18 30.79 19.88 15.37
CA GLY G 18 32.14 20.11 14.87
C GLY G 18 32.67 19.06 13.91
N ASP G 19 32.24 17.79 14.04
CA ASP G 19 32.46 16.78 13.00
C ASP G 19 31.75 17.22 11.72
N ASP G 20 32.32 16.83 10.59
CA ASP G 20 31.76 17.06 9.26
C ASP G 20 30.65 16.12 8.81
N ALA G 21 30.67 14.87 9.28
CA ALA G 21 29.73 13.85 8.84
C ALA G 21 29.06 13.15 10.01
N PRO G 22 27.76 12.82 10.02
CA PRO G 22 27.08 12.23 11.17
C PRO G 22 27.60 10.91 11.69
N ARG G 23 27.79 10.86 13.02
CA ARG G 23 28.35 9.69 13.66
C ARG G 23 27.34 8.57 13.82
N ALA G 24 26.08 8.81 14.17
CA ALA G 24 25.14 7.70 14.18
C ALA G 24 24.16 7.88 13.06
N VAL G 25 24.25 7.05 12.02
CA VAL G 25 23.34 7.14 10.88
C VAL G 25 22.50 5.88 10.98
N PHE G 26 21.17 6.02 11.00
CA PHE G 26 20.29 4.93 11.34
C PHE G 26 18.84 5.28 11.01
N PRO G 27 18.07 4.31 10.52
CA PRO G 27 16.65 4.46 10.33
C PRO G 27 15.92 4.64 11.67
N SER G 28 14.92 5.49 11.71
CA SER G 28 14.17 5.66 12.95
C SER G 28 13.08 4.61 12.92
N ILE G 29 13.47 3.42 13.42
CA ILE G 29 12.56 2.28 13.50
C ILE G 29 12.65 1.70 14.90
N VAL G 30 11.59 1.48 15.67
CA VAL G 30 11.69 0.64 16.86
C VAL G 30 11.00 -0.68 16.56
N GLY G 31 11.80 -1.72 16.72
CA GLY G 31 11.34 -3.09 16.67
C GLY G 31 11.16 -3.65 18.08
N ARG G 32 9.96 -4.14 18.35
CA ARG G 32 9.60 -4.81 19.59
C ARG G 32 9.08 -6.18 19.14
N PRO G 33 9.36 -7.32 19.79
CA PRO G 33 8.88 -8.63 19.36
C PRO G 33 7.37 -8.75 19.50
N ARG G 34 6.76 -9.52 18.60
CA ARG G 34 5.43 -10.07 18.84
C ARG G 34 5.36 -10.75 20.21
N HIS G 35 6.23 -11.73 20.48
CA HIS G 35 6.41 -12.28 21.81
C HIS G 35 7.89 -12.52 22.05
N GLN G 36 8.46 -11.83 23.02
CA GLN G 36 9.85 -12.03 23.42
C GLN G 36 10.16 -13.47 23.84
N GLY G 37 11.27 -13.97 23.33
CA GLY G 37 11.76 -15.27 23.72
C GLY G 37 12.74 -15.11 24.86
N ILE G 38 13.84 -15.84 24.67
CA ILE G 38 14.98 -15.84 25.58
C ILE G 38 16.30 -15.91 24.83
N MET G 39 16.30 -16.06 23.49
CA MET G 39 17.47 -16.46 22.72
C MET G 39 17.46 -15.86 21.32
N VAL G 40 18.61 -15.82 20.65
CA VAL G 40 18.75 -15.26 19.31
C VAL G 40 17.94 -16.06 18.29
N GLY G 41 17.26 -15.37 17.37
CA GLY G 41 16.28 -16.03 16.52
C GLY G 41 14.87 -15.98 17.08
N MET G 42 14.69 -16.02 18.41
CA MET G 42 13.37 -15.84 19.01
C MET G 42 13.17 -14.39 19.43
N GLY G 43 14.21 -13.78 20.01
CA GLY G 43 14.19 -12.36 20.34
C GLY G 43 14.23 -12.11 21.84
N GLN G 44 15.35 -11.56 22.31
CA GLN G 44 15.66 -11.58 23.74
C GLN G 44 15.74 -10.22 24.44
N LYS G 45 15.64 -9.13 23.66
CA LYS G 45 15.60 -7.76 24.16
C LYS G 45 14.18 -7.30 23.86
N ASP G 46 13.61 -6.46 24.73
CA ASP G 46 12.32 -5.83 24.46
C ASP G 46 12.25 -4.80 23.35
N SER G 47 13.38 -4.36 22.78
CA SER G 47 13.41 -3.31 21.78
C SER G 47 14.74 -3.36 21.05
N TYR G 48 14.64 -3.26 19.74
CA TYR G 48 15.76 -3.37 18.84
C TYR G 48 15.52 -2.15 17.95
N VAL G 49 16.46 -1.24 17.73
CA VAL G 49 16.16 0.03 17.07
C VAL G 49 17.03 0.22 15.83
N GLY G 50 16.40 0.54 14.70
CA GLY G 50 17.13 0.86 13.48
C GLY G 50 17.68 -0.35 12.74
N ASP G 51 18.99 -0.38 12.50
CA ASP G 51 19.61 -1.36 11.60
C ASP G 51 19.46 -2.79 12.13
N GLU G 52 19.70 -3.00 13.41
CA GLU G 52 19.47 -4.29 14.05
C GLU G 52 18.00 -4.70 13.93
N ALA G 53 17.09 -3.74 14.11
CA ALA G 53 15.67 -4.01 13.96
C ALA G 53 15.30 -4.37 12.53
N GLN G 54 16.05 -3.79 11.58
CA GLN G 54 15.83 -4.02 10.15
C GLN G 54 16.21 -5.45 9.76
N SER G 55 17.42 -5.91 10.14
CA SER G 55 17.79 -7.30 9.91
C SER G 55 16.87 -8.27 10.63
N LYS G 56 16.30 -7.85 11.76
CA LYS G 56 15.41 -8.72 12.50
C LYS G 56 13.93 -8.45 12.30
N ARG G 57 13.47 -7.76 11.26
CA ARG G 57 12.04 -7.50 11.04
C ARG G 57 11.02 -8.65 10.96
N GLY G 58 11.42 -9.91 11.20
CA GLY G 58 10.54 -11.06 11.11
C GLY G 58 9.83 -11.28 12.43
N ILE G 59 10.59 -11.35 13.52
CA ILE G 59 10.01 -11.53 14.85
C ILE G 59 9.48 -10.20 15.40
N LEU G 60 10.13 -9.12 14.96
CA LEU G 60 9.75 -7.80 15.41
C LEU G 60 8.48 -7.29 14.73
N THR G 61 8.06 -6.18 15.33
CA THR G 61 7.08 -5.29 14.74
C THR G 61 7.77 -3.96 14.53
N LEU G 62 7.94 -3.63 13.25
CA LEU G 62 8.66 -2.41 12.91
C LEU G 62 7.63 -1.31 12.86
N ARG G 63 8.04 -0.10 13.22
CA ARG G 63 7.24 1.11 13.10
C ARG G 63 8.23 2.25 13.00
N TYR G 64 7.84 3.29 12.29
CA TYR G 64 8.69 4.45 12.08
C TYR G 64 8.02 5.49 12.96
N PRO G 65 8.58 5.89 14.11
CA PRO G 65 7.90 6.69 15.12
C PRO G 65 7.71 8.17 14.82
N ILE G 66 8.09 8.62 13.61
CA ILE G 66 8.11 10.04 13.27
C ILE G 66 7.42 10.12 11.92
N GLU G 67 6.34 10.90 11.75
CA GLU G 67 5.55 10.96 10.53
C GLU G 67 5.45 12.41 10.10
N HIS G 68 5.85 12.71 8.85
CA HIS G 68 5.95 14.07 8.34
C HIS G 68 6.78 15.00 9.25
N GLY G 69 7.80 14.44 9.91
CA GLY G 69 8.58 15.18 10.89
C GLY G 69 7.82 15.54 12.16
N ILE G 70 6.73 14.84 12.46
CA ILE G 70 6.04 15.00 13.73
C ILE G 70 6.09 13.61 14.35
N VAL G 71 6.71 13.51 15.52
CA VAL G 71 6.77 12.26 16.26
C VAL G 71 5.39 11.89 16.82
N THR G 72 4.81 10.77 16.41
CA THR G 72 3.48 10.43 16.86
C THR G 72 3.47 9.68 18.18
N ASN G 73 4.59 8.98 18.43
CA ASN G 73 4.67 7.94 19.44
C ASN G 73 5.86 8.12 20.40
N TRP G 74 5.71 9.02 21.37
CA TRP G 74 6.81 9.46 22.23
C TRP G 74 7.56 8.45 23.11
N ASP G 75 6.94 7.26 23.30
CA ASP G 75 7.56 6.06 23.87
C ASP G 75 8.80 5.72 23.04
N ASP G 76 8.49 5.43 21.76
CA ASP G 76 9.46 4.95 20.78
C ASP G 76 10.50 6.02 20.47
N MET G 77 10.11 7.30 20.52
CA MET G 77 11.09 8.37 20.36
C MET G 77 12.19 8.30 21.40
N GLU G 78 11.82 8.25 22.69
CA GLU G 78 12.77 8.10 23.79
C GLU G 78 13.65 6.86 23.63
N LYS G 79 13.01 5.79 23.17
CA LYS G 79 13.68 4.53 22.92
C LYS G 79 14.82 4.73 21.94
N ILE G 80 14.54 5.52 20.88
CA ILE G 80 15.53 5.86 19.86
C ILE G 80 16.69 6.65 20.46
N TRP G 81 16.43 7.60 21.36
CA TRP G 81 17.50 8.38 21.95
C TRP G 81 18.39 7.53 22.85
N HIS G 82 17.73 6.77 23.73
CA HIS G 82 18.40 5.80 24.60
C HIS G 82 19.34 4.87 23.85
N HIS G 83 18.98 4.48 22.63
CA HIS G 83 19.83 3.67 21.76
C HIS G 83 21.07 4.45 21.37
N THR G 84 20.83 5.59 20.74
CA THR G 84 21.83 6.50 20.19
C THR G 84 23.01 6.82 21.10
N PHE G 85 22.67 7.01 22.37
CA PHE G 85 23.70 7.24 23.37
C PHE G 85 24.54 5.97 23.56
N TYR G 86 24.00 4.97 24.24
CA TYR G 86 24.79 3.85 24.75
C TYR G 86 25.20 2.84 23.69
N ASN G 87 24.29 2.61 22.74
CA ASN G 87 24.46 1.60 21.70
C ASN G 87 25.22 2.10 20.48
N GLU G 88 24.97 3.35 20.10
CA GLU G 88 25.46 3.86 18.83
C GLU G 88 26.70 4.71 18.98
N LEU G 89 26.56 5.93 19.48
CA LEU G 89 27.68 6.84 19.71
C LEU G 89 28.61 6.31 20.79
N ARG G 90 27.98 5.60 21.75
CA ARG G 90 28.61 5.01 22.92
C ARG G 90 29.00 6.10 23.90
N VAL G 91 27.95 6.79 24.35
CA VAL G 91 28.07 7.95 25.21
C VAL G 91 26.94 7.92 26.23
N ALA G 92 26.99 8.92 27.13
CA ALA G 92 26.04 9.09 28.22
C ALA G 92 25.44 10.50 28.25
N PRO G 93 24.12 10.65 28.08
CA PRO G 93 23.45 11.94 27.87
C PRO G 93 23.71 13.07 28.86
N GLU G 94 23.75 12.79 30.16
CA GLU G 94 24.09 13.72 31.23
C GLU G 94 25.47 14.38 31.15
N GLU G 95 26.34 13.78 30.35
CA GLU G 95 27.65 14.31 29.99
C GLU G 95 27.53 15.32 28.83
N HIS G 96 26.34 15.43 28.21
CA HIS G 96 26.21 16.03 26.91
C HIS G 96 25.24 17.18 26.65
N PRO G 97 25.74 18.26 26.04
CA PRO G 97 24.92 19.16 25.25
C PRO G 97 24.36 18.33 24.10
N VAL G 98 23.04 18.24 23.94
CA VAL G 98 22.43 17.51 22.84
C VAL G 98 21.64 18.54 22.04
N LEU G 99 21.66 18.44 20.72
CA LEU G 99 20.92 19.33 19.85
C LEU G 99 20.10 18.38 19.00
N LEU G 100 18.78 18.55 18.96
CA LEU G 100 17.90 17.67 18.22
C LEU G 100 17.18 18.57 17.23
N THR G 101 16.37 18.01 16.33
CA THR G 101 15.64 18.81 15.37
C THR G 101 14.13 18.76 15.51
N GLU G 102 13.41 19.58 14.73
CA GLU G 102 11.99 19.46 14.50
C GLU G 102 11.68 20.05 13.11
N ALA G 103 10.63 19.49 12.49
CA ALA G 103 10.23 19.95 11.18
C ALA G 103 9.31 21.15 11.30
N PRO G 104 9.55 22.27 10.59
CA PRO G 104 8.76 23.51 10.67
C PRO G 104 7.28 23.21 10.55
N MET G 105 6.38 23.90 11.26
CA MET G 105 5.05 23.38 11.50
C MET G 105 5.10 22.14 12.40
N ASN G 106 5.83 22.30 13.50
CA ASN G 106 5.74 21.35 14.60
C ASN G 106 5.01 22.10 15.71
N PRO G 107 3.94 21.52 16.28
CA PRO G 107 3.10 22.09 17.33
C PRO G 107 3.78 22.13 18.70
N LYS G 108 3.26 22.98 19.59
CA LYS G 108 3.90 23.32 20.85
C LYS G 108 4.14 22.14 21.78
N SER G 109 3.05 21.38 21.96
CA SER G 109 3.08 20.18 22.78
C SER G 109 4.11 19.20 22.26
N ASN G 110 4.24 19.13 20.93
CA ASN G 110 5.15 18.17 20.35
C ASN G 110 6.59 18.52 20.69
N ARG G 111 6.96 19.79 20.53
CA ARG G 111 8.23 20.29 21.03
C ARG G 111 8.37 19.98 22.54
N GLU G 112 7.51 20.61 23.35
CA GLU G 112 7.49 20.48 24.79
C GLU G 112 7.54 19.05 25.32
N LYS G 113 6.99 18.05 24.61
CA LYS G 113 7.13 16.69 25.07
C LYS G 113 8.58 16.25 25.01
N MET G 114 9.20 16.55 23.86
CA MET G 114 10.61 16.27 23.61
C MET G 114 11.47 17.03 24.62
N THR G 115 11.29 18.35 24.66
CA THR G 115 12.09 19.24 25.49
C THR G 115 12.15 18.80 26.95
N GLN G 116 11.01 18.36 27.51
CA GLN G 116 10.98 17.67 28.79
C GLN G 116 11.81 16.38 28.82
N ILE G 117 11.58 15.40 27.93
CA ILE G 117 12.17 14.06 28.07
C ILE G 117 13.69 14.08 28.12
N MET G 118 14.30 14.96 27.30
CA MET G 118 15.73 15.21 27.30
C MET G 118 16.28 15.75 28.61
N PHE G 119 15.47 16.56 29.28
CA PHE G 119 15.88 17.17 30.52
C PHE G 119 15.34 16.51 31.77
N GLU G 120 14.42 15.56 31.65
CA GLU G 120 13.91 14.81 32.79
C GLU G 120 14.34 13.36 32.83
N THR G 121 14.28 12.60 31.75
CA THR G 121 14.89 11.27 31.73
C THR G 121 16.39 11.43 31.49
N PHE G 122 16.74 12.00 30.34
CA PHE G 122 18.13 11.97 29.89
C PHE G 122 19.11 12.91 30.59
N ASN G 123 18.52 13.84 31.37
CA ASN G 123 19.23 14.77 32.24
C ASN G 123 20.52 15.37 31.67
N VAL G 124 20.42 15.70 30.36
CA VAL G 124 21.49 16.32 29.59
C VAL G 124 21.79 17.70 30.15
N PRO G 125 23.01 18.24 30.26
CA PRO G 125 23.26 19.58 30.79
C PRO G 125 22.81 20.72 29.89
N ALA G 126 22.81 20.54 28.57
CA ALA G 126 22.41 21.58 27.64
C ALA G 126 21.77 20.97 26.41
N PHE G 127 20.69 21.60 25.96
CA PHE G 127 19.87 21.01 24.92
C PHE G 127 19.34 22.11 24.03
N TYR G 128 19.35 21.90 22.71
CA TYR G 128 18.65 22.83 21.86
C TYR G 128 17.91 22.02 20.82
N VAL G 129 16.67 22.43 20.58
CA VAL G 129 15.85 21.94 19.49
C VAL G 129 16.09 22.97 18.38
N SER G 130 16.01 22.57 17.12
CA SER G 130 16.14 23.50 15.99
C SER G 130 15.32 23.18 14.74
N ILE G 131 15.09 24.26 13.99
CA ILE G 131 14.28 24.19 12.78
C ILE G 131 15.11 23.74 11.58
N GLN G 132 14.82 22.49 11.18
CA GLN G 132 15.49 21.79 10.08
C GLN G 132 15.88 22.65 8.87
N ALA G 133 14.96 23.53 8.44
CA ALA G 133 15.24 24.52 7.43
C ALA G 133 16.23 25.61 7.82
N VAL G 134 16.14 26.24 9.01
CA VAL G 134 17.07 27.32 9.36
C VAL G 134 18.50 26.76 9.48
N LEU G 135 18.57 25.51 9.96
CA LEU G 135 19.79 24.70 9.93
C LEU G 135 20.26 24.32 8.54
N SER G 136 19.37 24.07 7.58
CA SER G 136 19.78 23.90 6.19
C SER G 136 20.34 25.17 5.61
N LEU G 137 19.79 26.31 6.01
CA LEU G 137 20.30 27.56 5.52
C LEU G 137 21.68 27.87 6.09
N TYR G 138 21.84 27.57 7.39
CA TYR G 138 23.15 27.61 8.01
C TYR G 138 24.17 26.66 7.40
N SER G 139 23.80 25.44 6.97
CA SER G 139 24.72 24.65 6.13
C SER G 139 24.99 25.23 4.75
N SER G 140 24.09 26.06 4.21
CA SER G 140 24.27 26.65 2.89
C SER G 140 25.30 27.77 2.86
N GLY G 141 25.39 28.52 3.97
CA GLY G 141 26.13 29.77 3.99
C GLY G 141 25.27 30.97 3.58
N ARG G 142 24.12 31.13 4.24
CA ARG G 142 23.23 32.27 4.01
C ARG G 142 22.53 32.66 5.28
N THR G 143 22.11 33.92 5.39
CA THR G 143 21.11 34.31 6.37
C THR G 143 19.70 34.13 5.83
N THR G 144 19.56 34.24 4.49
CA THR G 144 18.32 34.31 3.76
C THR G 144 18.26 33.26 2.65
N GLY G 145 17.18 32.47 2.60
CA GLY G 145 16.94 31.60 1.46
C GLY G 145 15.65 30.81 1.60
N ILE G 146 14.98 30.59 0.47
CA ILE G 146 13.84 29.70 0.41
C ILE G 146 14.37 28.27 0.34
N VAL G 147 13.79 27.29 1.03
CA VAL G 147 14.39 26.00 1.29
C VAL G 147 13.34 24.93 1.03
N LEU G 148 13.62 24.04 0.10
CA LEU G 148 12.79 22.89 -0.18
C LEU G 148 13.44 21.76 0.59
N ASP G 149 13.11 21.65 1.89
CA ASP G 149 13.57 20.55 2.70
C ASP G 149 12.62 19.40 2.41
N SER G 150 12.81 18.78 1.25
CA SER G 150 11.97 17.66 0.86
C SER G 150 12.68 16.49 1.51
N GLY G 151 12.11 16.06 2.64
CA GLY G 151 12.56 14.84 3.24
C GLY G 151 11.94 13.60 2.60
N ASP G 152 12.05 12.54 3.43
CA ASP G 152 11.48 11.25 3.09
C ASP G 152 9.97 11.23 3.35
N GLY G 153 9.58 11.68 4.54
CA GLY G 153 8.18 11.82 4.88
C GLY G 153 7.52 13.17 4.55
N ASN G 154 8.25 14.26 4.78
CA ASN G 154 7.70 15.61 4.60
C ASN G 154 8.51 16.51 3.70
N THR G 155 7.83 17.10 2.71
CA THR G 155 8.38 18.18 1.93
C THR G 155 7.94 19.53 2.49
N HIS G 156 8.83 20.28 3.16
CA HIS G 156 8.50 21.61 3.67
C HIS G 156 9.23 22.69 2.86
N VAL G 157 8.56 23.72 2.33
CA VAL G 157 9.19 24.85 1.65
C VAL G 157 9.24 26.06 2.60
N VAL G 158 10.43 26.55 2.94
CA VAL G 158 10.58 27.65 3.89
C VAL G 158 11.27 28.85 3.23
N PRO G 159 10.73 30.08 3.27
CA PRO G 159 11.38 31.31 2.79
C PRO G 159 12.02 32.10 3.91
N ILE G 160 13.30 31.82 4.16
CA ILE G 160 14.03 32.45 5.24
C ILE G 160 14.68 33.75 4.76
N TYR G 161 14.70 34.68 5.71
CA TYR G 161 15.23 36.02 5.54
C TYR G 161 15.78 36.56 6.86
N ALA G 162 17.05 36.96 6.82
CA ALA G 162 17.82 37.44 7.96
C ALA G 162 17.76 36.53 9.19
N GLY G 163 17.87 35.22 8.93
CA GLY G 163 17.83 34.20 9.98
C GLY G 163 16.43 33.75 10.38
N PHE G 164 15.43 34.62 10.23
CA PHE G 164 14.05 34.23 10.49
C PHE G 164 13.43 33.54 9.30
N SER G 165 12.73 32.45 9.59
CA SER G 165 11.88 31.77 8.61
C SER G 165 10.60 32.58 8.45
N LEU G 166 10.11 32.95 7.26
CA LEU G 166 8.77 33.50 7.13
C LEU G 166 7.74 32.39 6.96
N PRO G 167 7.15 31.86 8.05
CA PRO G 167 6.27 30.70 8.01
C PRO G 167 4.92 31.02 7.39
N HIS G 168 4.54 32.30 7.45
CA HIS G 168 3.94 33.08 6.38
C HIS G 168 3.77 32.43 5.00
N ALA G 169 4.80 31.78 4.47
CA ALA G 169 4.62 31.05 3.26
C ALA G 169 5.10 29.60 3.37
N ILE G 170 5.21 28.99 4.56
CA ILE G 170 5.72 27.62 4.62
C ILE G 170 4.58 26.71 4.21
N LEU G 171 4.65 26.45 2.92
CA LEU G 171 3.77 25.52 2.27
C LEU G 171 4.47 24.18 2.23
N ARG G 172 3.61 23.20 2.49
CA ARG G 172 3.97 21.81 2.64
C ARG G 172 3.26 21.06 1.51
N ILE G 173 3.91 20.03 1.00
CA ILE G 173 3.34 19.10 0.05
C ILE G 173 3.40 17.72 0.68
N ASP G 174 2.32 16.95 0.54
CA ASP G 174 2.35 15.59 1.03
C ASP G 174 2.50 14.51 -0.04
N LEU G 175 3.67 14.64 -0.66
CA LEU G 175 4.40 13.52 -1.22
C LEU G 175 5.86 13.82 -0.93
N ALA G 176 6.77 12.84 -0.90
CA ALA G 176 8.17 13.05 -0.57
C ALA G 176 8.91 11.73 -0.84
N GLY G 177 10.11 11.47 -0.28
CA GLY G 177 10.93 10.30 -0.60
C GLY G 177 10.21 8.95 -0.58
N ARG G 178 9.43 8.68 0.48
CA ARG G 178 8.66 7.44 0.51
C ARG G 178 7.59 7.35 -0.55
N ASP G 179 6.84 8.44 -0.77
CA ASP G 179 5.70 8.44 -1.68
C ASP G 179 6.17 8.21 -3.12
N LEU G 180 7.42 8.63 -3.38
CA LEU G 180 8.08 8.32 -4.63
C LEU G 180 8.31 6.82 -4.83
N THR G 181 8.87 6.09 -3.86
CA THR G 181 9.19 4.67 -4.01
C THR G 181 7.92 3.89 -4.32
N ASP G 182 6.91 4.19 -3.52
CA ASP G 182 5.67 3.45 -3.51
C ASP G 182 4.82 3.75 -4.76
N TYR G 183 5.13 4.85 -5.47
CA TYR G 183 4.72 4.96 -6.86
C TYR G 183 5.53 4.04 -7.79
N LEU G 184 6.87 4.06 -7.67
CA LEU G 184 7.73 3.16 -8.43
C LEU G 184 7.44 1.68 -8.16
N MET G 185 6.93 1.35 -6.97
CA MET G 185 6.52 -0.01 -6.67
C MET G 185 5.34 -0.33 -7.57
N LYS G 186 4.40 0.60 -7.77
CA LYS G 186 3.25 0.32 -8.61
C LYS G 186 3.68 0.14 -10.06
N ILE G 187 4.53 1.04 -10.57
CA ILE G 187 4.83 1.07 -11.99
C ILE G 187 5.86 0.08 -12.53
N LEU G 188 6.75 -0.45 -11.68
CA LEU G 188 7.60 -1.56 -12.06
C LEU G 188 6.77 -2.80 -12.17
N SER G 189 5.86 -2.99 -11.19
CA SER G 189 4.89 -4.08 -11.24
C SER G 189 4.10 -4.09 -12.55
N GLU G 190 3.65 -2.90 -12.99
CA GLU G 190 3.04 -2.72 -14.30
C GLU G 190 3.88 -3.21 -15.47
N ARG G 191 5.22 -3.08 -15.39
CA ARG G 191 6.15 -3.63 -16.37
C ARG G 191 6.55 -5.07 -15.98
N GLY G 192 5.55 -5.85 -15.57
CA GLY G 192 5.69 -7.28 -15.37
C GLY G 192 6.57 -7.67 -14.20
N TYR G 193 6.41 -7.02 -13.04
CA TYR G 193 7.22 -7.36 -11.86
C TYR G 193 6.41 -7.62 -10.61
N SER G 194 7.06 -8.24 -9.63
CA SER G 194 6.42 -8.57 -8.37
C SER G 194 7.28 -7.96 -7.28
N PHE G 195 6.85 -6.79 -6.82
CA PHE G 195 7.49 -6.09 -5.73
C PHE G 195 6.31 -5.74 -4.85
N SER G 196 6.30 -6.32 -3.65
CA SER G 196 5.17 -6.22 -2.75
C SER G 196 5.61 -6.22 -1.29
N THR G 197 6.39 -7.24 -0.94
CA THR G 197 6.93 -7.40 0.41
C THR G 197 8.05 -6.40 0.68
N THR G 198 8.47 -6.22 1.94
CA THR G 198 9.62 -5.39 2.28
C THR G 198 10.85 -5.72 1.45
N ALA G 199 11.28 -6.98 1.34
CA ALA G 199 12.49 -7.32 0.58
C ALA G 199 12.40 -6.77 -0.85
N GLU G 200 11.30 -7.12 -1.50
CA GLU G 200 11.01 -6.63 -2.83
C GLU G 200 10.82 -5.11 -2.91
N ARG G 201 10.23 -4.49 -1.89
CA ARG G 201 9.99 -3.06 -1.89
C ARG G 201 11.32 -2.33 -1.70
N GLU G 202 12.24 -2.91 -0.93
CA GLU G 202 13.55 -2.30 -0.73
C GLU G 202 14.36 -2.37 -2.02
N ILE G 203 14.11 -3.39 -2.85
CA ILE G 203 14.70 -3.44 -4.18
C ILE G 203 14.22 -2.25 -5.02
N VAL G 204 12.92 -1.94 -4.91
CA VAL G 204 12.37 -0.71 -5.49
C VAL G 204 13.04 0.54 -4.92
N ARG G 205 13.31 0.55 -3.60
CA ARG G 205 13.96 1.70 -3.01
C ARG G 205 15.35 1.91 -3.60
N ASP G 206 16.14 0.84 -3.73
CA ASP G 206 17.48 0.95 -4.28
C ASP G 206 17.52 1.33 -5.75
N ILE G 207 16.63 0.77 -6.59
CA ILE G 207 16.46 1.20 -8.00
C ILE G 207 16.27 2.71 -8.16
N LYS G 208 15.51 3.26 -7.21
CA LYS G 208 15.15 4.66 -7.19
C LYS G 208 16.38 5.55 -6.96
N GLU G 209 17.10 5.27 -5.87
CA GLU G 209 18.31 5.99 -5.55
C GLU G 209 19.47 5.77 -6.50
N LYS G 210 19.52 4.66 -7.23
CA LYS G 210 20.55 4.48 -8.23
C LYS G 210 20.19 4.89 -9.66
N LEU G 211 19.21 4.22 -10.27
CA LEU G 211 19.01 4.26 -11.72
C LEU G 211 18.19 5.43 -12.24
N CYS G 212 17.41 6.06 -11.35
CA CYS G 212 16.42 7.06 -11.71
C CYS G 212 16.94 8.44 -12.16
N TYR G 213 16.06 9.28 -12.72
CA TYR G 213 16.42 10.59 -13.27
C TYR G 213 15.16 11.41 -13.49
N VAL G 214 15.24 12.74 -13.39
CA VAL G 214 14.15 13.65 -13.69
C VAL G 214 14.44 14.27 -15.05
N ALA G 215 13.67 13.82 -16.05
CA ALA G 215 13.65 14.42 -17.38
C ALA G 215 13.55 15.93 -17.36
N LEU G 216 14.29 16.61 -18.25
CA LEU G 216 14.17 18.04 -18.43
C LEU G 216 12.89 18.37 -19.18
N ASP G 217 12.44 17.47 -20.06
CA ASP G 217 11.11 17.56 -20.65
C ASP G 217 10.44 16.20 -20.67
N PHE G 218 9.21 16.18 -20.16
CA PHE G 218 8.47 14.94 -19.99
C PHE G 218 8.05 14.31 -21.31
N GLU G 219 7.84 15.15 -22.33
CA GLU G 219 7.44 14.66 -23.64
C GLU G 219 8.53 13.99 -24.47
N GLN G 220 9.64 14.73 -24.70
CA GLN G 220 10.79 14.24 -25.46
C GLN G 220 11.25 12.87 -24.97
N GLU G 221 11.26 12.76 -23.64
CA GLU G 221 11.67 11.55 -22.97
C GLU G 221 10.63 10.43 -23.00
N MET G 222 9.32 10.69 -22.96
CA MET G 222 8.34 9.61 -23.15
C MET G 222 8.50 8.96 -24.51
N GLN G 223 8.65 9.82 -25.53
CA GLN G 223 8.77 9.39 -26.92
C GLN G 223 10.04 8.59 -27.12
N THR G 224 11.16 9.08 -26.57
CA THR G 224 12.43 8.37 -26.64
C THR G 224 12.41 7.06 -25.88
N ALA G 225 11.94 6.99 -24.63
CA ALA G 225 11.90 5.74 -23.87
C ALA G 225 10.97 4.67 -24.46
N ALA G 226 10.01 5.13 -25.26
CA ALA G 226 9.19 4.24 -26.08
C ALA G 226 9.90 3.78 -27.35
N GLN G 227 11.13 4.24 -27.59
CA GLN G 227 11.92 3.86 -28.73
C GLN G 227 13.36 3.37 -28.46
N SER G 228 14.28 4.24 -28.01
CA SER G 228 15.68 3.85 -27.88
C SER G 228 16.00 3.39 -26.48
N SER G 229 16.58 2.21 -26.46
CA SER G 229 17.16 1.56 -25.29
C SER G 229 18.41 2.18 -24.63
N SER G 230 18.46 3.51 -24.65
CA SER G 230 19.47 4.30 -23.98
C SER G 230 18.99 4.60 -22.56
N ILE G 231 17.68 4.81 -22.46
CA ILE G 231 16.97 4.97 -21.20
C ILE G 231 17.05 3.66 -20.41
N GLU G 232 16.99 2.50 -21.07
CA GLU G 232 17.03 1.23 -20.37
C GLU G 232 18.29 1.08 -19.51
N LYS G 233 18.02 0.71 -18.26
CA LYS G 233 19.09 0.42 -17.32
C LYS G 233 19.01 -0.99 -16.75
N SER G 234 20.10 -1.74 -16.92
CA SER G 234 20.23 -3.08 -16.36
C SER G 234 20.40 -3.01 -14.83
N TYR G 235 19.91 -4.02 -14.09
CA TYR G 235 20.02 -4.02 -12.64
C TYR G 235 20.17 -5.44 -12.10
N GLU G 236 21.22 -5.66 -11.31
CA GLU G 236 21.40 -6.94 -10.64
C GLU G 236 20.64 -7.01 -9.32
N LEU G 237 19.62 -7.87 -9.38
CA LEU G 237 18.86 -8.23 -8.20
C LEU G 237 19.71 -9.15 -7.32
N PRO G 238 19.77 -8.99 -5.99
CA PRO G 238 20.62 -9.78 -5.08
C PRO G 238 20.44 -11.30 -5.08
N ASP G 239 19.44 -11.80 -5.82
CA ASP G 239 19.22 -13.22 -6.01
C ASP G 239 20.09 -13.77 -7.12
N GLY G 240 20.48 -12.92 -8.08
CA GLY G 240 21.29 -13.31 -9.21
C GLY G 240 20.82 -12.70 -10.53
N GLN G 241 19.51 -12.47 -10.72
CA GLN G 241 19.03 -12.02 -12.03
C GLN G 241 19.19 -10.54 -12.37
N VAL G 242 19.74 -10.31 -13.56
CA VAL G 242 19.77 -9.00 -14.16
C VAL G 242 18.46 -8.79 -14.93
N ILE G 243 17.81 -7.67 -14.58
CA ILE G 243 16.61 -7.21 -15.26
C ILE G 243 16.90 -5.86 -15.89
N THR G 244 15.95 -5.27 -16.63
CA THR G 244 16.13 -3.91 -17.12
C THR G 244 14.90 -3.05 -16.81
N ILE G 245 15.22 -1.88 -16.26
CA ILE G 245 14.25 -0.88 -15.86
C ILE G 245 14.26 0.25 -16.88
N GLY G 246 13.05 0.67 -17.29
CA GLY G 246 12.85 1.52 -18.46
C GLY G 246 12.27 2.89 -18.16
N ASN G 247 11.09 3.30 -18.66
CA ASN G 247 10.60 4.68 -18.52
C ASN G 247 10.10 5.10 -17.13
N GLU G 248 9.88 4.07 -16.32
CA GLU G 248 9.58 4.17 -14.91
C GLU G 248 10.68 4.98 -14.23
N ARG G 249 11.89 4.91 -14.79
CA ARG G 249 13.01 5.66 -14.27
C ARG G 249 12.81 7.17 -14.21
N PHE G 250 11.92 7.77 -15.03
CA PHE G 250 11.65 9.21 -14.92
C PHE G 250 10.23 9.54 -14.49
N ARG G 251 9.27 8.74 -14.96
CA ARG G 251 7.87 8.87 -14.55
C ARG G 251 7.68 8.71 -13.03
N ALA G 252 8.49 7.88 -12.36
CA ALA G 252 8.48 7.87 -10.91
C ALA G 252 9.03 9.16 -10.30
N PRO G 253 10.14 9.82 -10.66
CA PRO G 253 10.43 11.18 -10.22
C PRO G 253 9.38 12.22 -10.59
N GLU G 254 8.67 12.06 -11.73
CA GLU G 254 7.74 13.06 -12.22
C GLU G 254 6.45 13.20 -11.39
N ALA G 255 6.26 12.26 -10.46
CA ALA G 255 5.29 12.44 -9.39
C ALA G 255 5.50 13.74 -8.63
N LEU G 256 6.74 14.17 -8.37
CA LEU G 256 6.98 15.41 -7.62
C LEU G 256 6.43 16.69 -8.25
N PHE G 257 6.31 16.69 -9.58
CA PHE G 257 5.96 17.89 -10.33
C PHE G 257 4.54 17.77 -10.88
N HIS G 258 4.07 16.53 -11.02
CA HIS G 258 2.71 16.24 -11.44
C HIS G 258 2.10 15.21 -10.47
N PRO G 259 1.64 15.63 -9.27
CA PRO G 259 1.08 14.75 -8.23
C PRO G 259 -0.13 13.95 -8.71
N SER G 260 -0.81 14.57 -9.68
CA SER G 260 -1.85 13.96 -10.49
C SER G 260 -1.69 12.49 -10.87
N VAL G 261 -0.48 12.06 -11.23
CA VAL G 261 -0.22 10.67 -11.56
C VAL G 261 -0.45 9.70 -10.39
N LEU G 262 -0.18 10.20 -9.18
CA LEU G 262 -0.49 9.49 -7.93
C LEU G 262 -1.98 9.63 -7.62
N GLY G 263 -2.59 10.69 -8.16
CA GLY G 263 -3.97 11.01 -7.86
C GLY G 263 -4.04 11.88 -6.62
N LEU G 264 -3.04 12.75 -6.44
CA LEU G 264 -3.03 13.68 -5.33
C LEU G 264 -3.53 15.05 -5.76
N GLU G 265 -4.41 15.62 -4.95
CA GLU G 265 -4.94 16.96 -5.18
C GLU G 265 -3.92 18.00 -4.72
N SER G 266 -2.78 18.03 -5.40
CA SER G 266 -1.73 18.99 -5.12
C SER G 266 -1.20 19.42 -6.48
N ALA G 267 -0.39 20.48 -6.35
CA ALA G 267 0.44 20.97 -7.43
C ALA G 267 1.88 20.62 -7.10
N GLY G 268 2.79 20.77 -8.07
CA GLY G 268 4.15 20.27 -7.96
C GLY G 268 5.04 21.05 -7.00
N ILE G 269 6.12 20.38 -6.57
CA ILE G 269 7.13 21.01 -5.70
C ILE G 269 7.61 22.36 -6.23
N ASP G 270 7.96 22.42 -7.51
CA ASP G 270 8.21 23.67 -8.23
C ASP G 270 7.14 24.75 -8.06
N GLN G 271 5.87 24.43 -8.33
CA GLN G 271 4.76 25.39 -8.22
C GLN G 271 4.58 25.94 -6.81
N THR G 272 4.94 25.11 -5.84
CA THR G 272 4.82 25.48 -4.44
C THR G 272 5.89 26.48 -4.04
N THR G 273 7.11 26.33 -4.60
CA THR G 273 8.22 27.25 -4.36
C THR G 273 7.87 28.66 -4.81
N TYR G 274 7.23 28.70 -6.00
CA TYR G 274 6.67 29.92 -6.55
C TYR G 274 5.66 30.52 -5.58
N ASN G 275 4.63 29.77 -5.17
CA ASN G 275 3.61 30.27 -4.24
C ASN G 275 4.12 30.64 -2.86
N SER G 276 5.21 29.99 -2.45
CA SER G 276 5.88 30.33 -1.24
C SER G 276 6.65 31.62 -1.45
N ILE G 277 7.24 31.95 -2.59
CA ILE G 277 7.86 33.27 -2.81
C ILE G 277 6.80 34.38 -2.91
N MET G 278 5.75 34.10 -3.68
CA MET G 278 4.66 35.05 -3.89
C MET G 278 3.84 35.32 -2.65
N LYS G 279 3.73 34.35 -1.75
CA LYS G 279 3.15 34.61 -0.44
C LYS G 279 4.09 35.41 0.48
N CYS G 280 5.31 35.72 0.05
CA CYS G 280 6.14 36.70 0.74
C CYS G 280 6.16 38.10 0.13
N ASP G 281 6.81 39.06 0.80
CA ASP G 281 6.81 40.46 0.38
C ASP G 281 7.75 40.71 -0.80
N VAL G 282 7.42 41.75 -1.56
CA VAL G 282 7.97 42.00 -2.89
C VAL G 282 9.50 42.07 -2.89
N ASP G 283 10.10 42.79 -1.95
CA ASP G 283 11.55 42.86 -1.79
C ASP G 283 12.32 41.57 -1.58
N VAL G 284 11.81 40.68 -0.70
CA VAL G 284 12.58 39.48 -0.34
C VAL G 284 12.59 38.41 -1.43
N ARG G 285 11.57 38.53 -2.29
CA ARG G 285 11.30 37.65 -3.41
C ARG G 285 12.43 37.47 -4.40
N LYS G 286 13.25 38.52 -4.59
CA LYS G 286 14.37 38.45 -5.53
C LYS G 286 15.51 37.55 -5.05
N GLU G 287 15.77 37.62 -3.75
CA GLU G 287 16.71 36.75 -3.08
C GLU G 287 16.22 35.32 -2.93
N LEU G 288 14.93 35.14 -2.61
CA LEU G 288 14.32 33.82 -2.57
C LEU G 288 14.43 33.13 -3.93
N TYR G 289 14.02 33.83 -5.00
CA TYR G 289 14.32 33.40 -6.35
C TYR G 289 15.78 33.08 -6.61
N GLY G 290 16.77 33.84 -6.07
CA GLY G 290 18.18 33.50 -6.28
C GLY G 290 18.80 32.52 -5.29
N ASN G 291 18.08 32.20 -4.19
CA ASN G 291 18.62 31.44 -3.06
C ASN G 291 17.66 30.35 -2.56
N ILE G 292 17.33 29.51 -3.54
CA ILE G 292 16.55 28.32 -3.32
C ILE G 292 17.54 27.28 -2.82
N VAL G 293 17.56 27.04 -1.52
CA VAL G 293 18.30 25.91 -0.98
C VAL G 293 17.49 24.63 -1.21
N MET G 294 18.03 23.83 -2.13
CA MET G 294 17.64 22.44 -2.31
C MET G 294 18.37 21.64 -1.24
N SER G 295 17.68 20.71 -0.61
CA SER G 295 18.17 20.09 0.59
C SER G 295 17.55 18.70 0.67
N GLY G 296 18.17 17.76 1.39
CA GLY G 296 17.55 16.44 1.52
C GLY G 296 17.64 15.56 0.27
N GLY G 297 17.49 14.30 0.64
CA GLY G 297 17.76 13.16 -0.22
C GLY G 297 16.84 13.06 -1.42
N THR G 298 15.58 13.47 -1.22
CA THR G 298 14.60 13.58 -2.29
C THR G 298 15.07 14.52 -3.39
N THR G 299 15.74 15.63 -3.05
CA THR G 299 16.34 16.52 -4.05
C THR G 299 17.67 15.97 -4.59
N MET G 300 17.99 14.67 -4.49
CA MET G 300 19.25 14.13 -5.01
C MET G 300 19.19 13.43 -6.36
N PHE G 301 17.99 13.09 -6.85
CA PHE G 301 17.86 12.30 -8.08
C PHE G 301 18.37 13.06 -9.31
N PRO G 302 19.19 12.47 -10.20
CA PRO G 302 19.80 13.15 -11.34
C PRO G 302 18.88 14.06 -12.16
N GLY G 303 19.35 15.27 -12.45
CA GLY G 303 18.57 16.24 -13.22
C GLY G 303 17.67 17.16 -12.38
N ILE G 304 17.44 16.90 -11.09
CA ILE G 304 16.41 17.64 -10.34
C ILE G 304 16.70 19.11 -10.08
N ALA G 305 17.97 19.46 -9.90
CA ALA G 305 18.36 20.83 -9.59
C ALA G 305 18.22 21.74 -10.82
N GLU G 306 18.74 21.19 -11.92
CA GLU G 306 18.67 21.79 -13.25
C GLU G 306 17.23 21.91 -13.72
N ARG G 307 16.42 20.85 -13.51
CA ARG G 307 14.98 20.88 -13.77
C ARG G 307 14.26 22.00 -13.03
N MET G 308 14.55 22.17 -11.73
CA MET G 308 13.96 23.25 -10.95
C MET G 308 14.35 24.60 -11.50
N GLN G 309 15.63 24.82 -11.84
CA GLN G 309 16.08 26.02 -12.53
C GLN G 309 15.26 26.41 -13.76
N LYS G 310 14.97 25.41 -14.60
CA LYS G 310 14.17 25.59 -15.81
C LYS G 310 12.77 26.08 -15.49
N GLU G 311 12.00 25.28 -14.75
CA GLU G 311 10.59 25.60 -14.61
C GLU G 311 10.42 26.90 -13.82
N ILE G 312 11.25 27.07 -12.78
CA ILE G 312 11.22 28.27 -11.96
C ILE G 312 11.63 29.53 -12.74
N THR G 313 12.45 29.61 -13.81
CA THR G 313 12.58 30.89 -14.51
C THR G 313 11.34 31.22 -15.35
N ALA G 314 10.55 30.20 -15.72
CA ALA G 314 9.31 30.42 -16.42
C ALA G 314 8.18 30.82 -15.48
N LEU G 315 8.18 30.31 -14.24
CA LEU G 315 7.27 30.82 -13.22
C LEU G 315 7.65 32.21 -12.73
N ALA G 316 8.93 32.40 -12.40
CA ALA G 316 9.50 33.70 -12.06
C ALA G 316 9.48 34.74 -13.18
N PRO G 317 9.66 36.04 -12.88
CA PRO G 317 9.78 37.12 -13.84
C PRO G 317 10.82 36.96 -14.94
N SER G 318 10.49 37.56 -16.08
CA SER G 318 11.40 37.59 -17.22
C SER G 318 12.73 38.28 -16.91
N SER G 319 12.73 39.16 -15.91
CA SER G 319 13.93 39.80 -15.41
C SER G 319 14.58 39.02 -14.26
N MET G 320 14.22 37.77 -13.97
CA MET G 320 14.70 37.17 -12.73
C MET G 320 15.92 36.27 -12.84
N LYS G 321 16.80 36.49 -11.86
CA LYS G 321 17.87 35.56 -11.60
C LYS G 321 17.32 34.55 -10.59
N VAL G 322 16.75 33.48 -11.13
CA VAL G 322 16.55 32.29 -10.34
C VAL G 322 17.89 31.60 -10.16
N LYS G 323 18.17 31.17 -8.92
CA LYS G 323 19.24 30.21 -8.71
C LYS G 323 18.98 29.18 -7.62
N ILE G 324 19.05 27.94 -8.08
CA ILE G 324 19.13 26.79 -7.19
C ILE G 324 20.53 26.68 -6.58
N ILE G 325 20.56 26.43 -5.28
CA ILE G 325 21.78 26.07 -4.58
C ILE G 325 21.58 24.60 -4.22
N ALA G 326 22.54 23.79 -4.67
CA ALA G 326 22.48 22.36 -4.41
C ALA G 326 23.78 21.79 -3.82
N PRO G 327 23.81 21.51 -2.51
CA PRO G 327 24.94 20.85 -1.87
C PRO G 327 25.03 19.38 -2.28
N PRO G 328 26.21 18.79 -2.52
CA PRO G 328 26.37 17.33 -2.59
C PRO G 328 26.09 16.63 -1.26
N GLU G 329 26.28 17.36 -0.16
CA GLU G 329 26.03 16.90 1.21
C GLU G 329 24.63 17.20 1.77
N ARG G 330 23.69 17.49 0.85
CA ARG G 330 22.33 17.86 1.17
C ARG G 330 21.50 16.85 1.98
N LYS G 331 21.86 15.56 1.83
CA LYS G 331 21.31 14.47 2.64
C LYS G 331 21.58 14.55 4.15
N TYR G 332 22.61 15.31 4.52
CA TYR G 332 22.97 15.57 5.91
C TYR G 332 23.02 17.07 6.22
N SER G 333 22.44 17.89 5.33
CA SER G 333 22.46 19.34 5.36
C SER G 333 22.10 19.95 6.71
N VAL G 334 20.90 19.59 7.17
CA VAL G 334 20.41 19.91 8.50
C VAL G 334 21.45 19.51 9.56
N TRP G 335 22.16 18.39 9.37
CA TRP G 335 23.08 17.95 10.41
C TRP G 335 24.29 18.86 10.39
N ILE G 336 24.89 19.20 9.24
CA ILE G 336 26.06 20.07 9.22
C ILE G 336 25.76 21.49 9.71
N GLY G 337 24.61 22.02 9.28
CA GLY G 337 24.07 23.28 9.79
C GLY G 337 23.92 23.27 11.30
N GLY G 338 23.45 22.14 11.85
CA GLY G 338 23.42 21.89 13.28
C GLY G 338 24.80 21.82 13.91
N SER G 339 25.72 21.08 13.28
CA SER G 339 27.09 20.87 13.74
C SER G 339 27.83 22.17 13.96
N ILE G 340 27.83 23.04 12.93
CA ILE G 340 28.38 24.39 13.03
C ILE G 340 27.74 25.13 14.22
N LEU G 341 26.41 25.17 14.23
CA LEU G 341 25.64 25.92 15.22
C LEU G 341 25.91 25.45 16.64
N ALA G 342 26.03 24.14 16.86
CA ALA G 342 26.39 23.62 18.18
C ALA G 342 27.81 24.04 18.55
N SER G 343 28.77 23.81 17.65
CA SER G 343 30.15 24.25 17.85
C SER G 343 30.39 25.75 17.99
N LEU G 344 29.47 26.62 17.57
CA LEU G 344 29.74 28.05 17.58
C LEU G 344 29.94 28.73 18.92
N THR G 345 31.16 29.22 19.13
CA THR G 345 31.60 29.90 20.35
C THR G 345 30.69 31.04 20.82
N THR G 346 30.19 31.75 19.82
CA THR G 346 29.15 32.75 19.97
C THR G 346 27.85 32.12 20.45
N PHE G 347 27.33 31.18 19.65
CA PHE G 347 26.08 30.49 19.93
C PHE G 347 26.09 29.72 21.25
N GLN G 348 27.25 29.47 21.87
CA GLN G 348 27.33 28.85 23.18
C GLN G 348 26.42 29.44 24.25
N GLN G 349 26.14 30.73 24.15
CA GLN G 349 25.31 31.39 25.15
C GLN G 349 23.82 31.07 25.00
N MET G 350 23.47 30.50 23.85
CA MET G 350 22.12 30.06 23.60
C MET G 350 21.92 28.63 24.10
N TRP G 351 22.96 27.97 24.62
CA TRP G 351 22.75 26.65 25.20
C TRP G 351 21.94 26.74 26.49
N ILE G 352 20.64 26.44 26.29
CA ILE G 352 19.65 26.32 27.35
C ILE G 352 20.13 25.47 28.53
N SER G 353 20.39 26.16 29.65
CA SER G 353 20.95 25.49 30.81
C SER G 353 19.97 24.49 31.43
N LYS G 354 20.48 23.40 32.01
CA LYS G 354 19.64 22.55 32.85
C LYS G 354 18.95 23.34 33.95
N GLN G 355 19.56 24.40 34.49
CA GLN G 355 18.93 25.24 35.49
C GLN G 355 17.69 25.92 34.93
N GLU G 356 17.79 26.75 33.88
CA GLU G 356 16.65 27.49 33.37
C GLU G 356 15.49 26.61 32.94
N TYR G 357 15.76 25.38 32.48
CA TYR G 357 14.71 24.39 32.29
C TYR G 357 14.01 24.16 33.60
N ASP G 358 14.74 23.93 34.70
CA ASP G 358 14.11 23.57 35.96
C ASP G 358 13.34 24.71 36.60
N GLU G 359 13.63 25.95 36.16
CA GLU G 359 12.83 27.10 36.59
C GLU G 359 11.78 27.51 35.56
N SER G 360 11.97 27.34 34.25
CA SER G 360 11.04 27.85 33.23
C SER G 360 10.24 26.78 32.53
N GLY G 361 10.61 25.50 32.60
CA GLY G 361 9.95 24.47 31.82
C GLY G 361 10.25 24.50 30.31
N PRO G 362 9.66 23.57 29.55
CA PRO G 362 9.91 23.39 28.11
C PRO G 362 9.41 24.45 27.13
N SER G 363 8.43 25.29 27.52
CA SER G 363 7.87 26.35 26.68
C SER G 363 8.83 27.40 26.13
N ILE G 364 10.11 27.38 26.48
CA ILE G 364 11.04 28.46 26.14
C ILE G 364 11.78 28.25 24.82
N VAL G 365 11.16 27.59 23.83
CA VAL G 365 11.84 27.17 22.61
C VAL G 365 10.88 26.94 21.42
N THR H 1 -26.60 -12.41 -31.96
CA THR H 1 -25.32 -12.03 -32.51
C THR H 1 -24.17 -11.65 -31.58
N ALA H 2 -24.27 -10.72 -30.61
CA ALA H 2 -23.11 -10.34 -29.80
C ALA H 2 -22.72 -11.38 -28.75
N LEU H 3 -21.44 -11.40 -28.35
CA LEU H 3 -20.88 -12.41 -27.47
C LEU H 3 -20.28 -11.74 -26.25
N VAL H 4 -20.21 -12.44 -25.11
CA VAL H 4 -19.67 -11.90 -23.86
C VAL H 4 -18.83 -13.03 -23.26
N CYS H 5 -17.56 -12.75 -22.96
CA CYS H 5 -16.58 -13.74 -22.56
C CYS H 5 -15.59 -13.19 -21.53
N ASP H 6 -15.95 -13.50 -20.30
CA ASP H 6 -15.31 -13.13 -19.06
C ASP H 6 -14.17 -14.04 -18.61
N ASN H 7 -12.99 -13.44 -18.48
CA ASN H 7 -11.72 -14.17 -18.40
C ASN H 7 -11.36 -14.17 -16.92
N GLY H 8 -11.25 -15.30 -16.25
CA GLY H 8 -10.96 -15.24 -14.82
C GLY H 8 -9.73 -16.00 -14.39
N SER H 9 -9.18 -15.53 -13.26
CA SER H 9 -8.24 -16.29 -12.44
C SER H 9 -8.74 -17.72 -12.15
N GLY H 10 -10.06 -17.97 -12.21
CA GLY H 10 -10.56 -19.33 -12.17
C GLY H 10 -11.17 -19.81 -13.48
N LEU H 11 -12.16 -19.09 -14.01
CA LEU H 11 -13.00 -19.67 -15.04
C LEU H 11 -13.25 -18.62 -16.09
N VAL H 12 -13.26 -18.99 -17.37
CA VAL H 12 -13.85 -18.21 -18.44
C VAL H 12 -15.36 -18.44 -18.47
N LYS H 13 -16.10 -17.36 -18.71
CA LYS H 13 -17.54 -17.40 -18.83
C LYS H 13 -17.86 -16.76 -20.17
N ALA H 14 -18.32 -17.52 -21.14
CA ALA H 14 -18.59 -17.00 -22.46
C ALA H 14 -20.06 -17.18 -22.81
N GLY H 15 -20.54 -16.46 -23.80
CA GLY H 15 -21.80 -16.78 -24.42
C GLY H 15 -22.15 -15.74 -25.45
N PHE H 16 -23.45 -15.68 -25.71
CA PHE H 16 -24.00 -14.62 -26.52
C PHE H 16 -24.52 -13.57 -25.56
N ALA H 17 -24.98 -12.46 -26.14
CA ALA H 17 -25.58 -11.38 -25.39
C ALA H 17 -27.02 -11.74 -25.13
N GLY H 18 -27.62 -11.17 -24.11
CA GLY H 18 -29.03 -11.33 -23.86
C GLY H 18 -29.47 -12.71 -23.42
N ASP H 19 -28.60 -13.74 -23.39
CA ASP H 19 -28.84 -15.00 -22.67
C ASP H 19 -28.68 -14.67 -21.19
N ASP H 20 -29.54 -15.23 -20.33
CA ASP H 20 -29.48 -15.03 -18.88
C ASP H 20 -28.25 -15.52 -18.14
N ALA H 21 -27.70 -16.67 -18.54
CA ALA H 21 -26.65 -17.36 -17.79
C ALA H 21 -25.58 -17.85 -18.75
N PRO H 22 -24.26 -17.87 -18.46
CA PRO H 22 -23.22 -18.17 -19.44
C PRO H 22 -23.32 -19.45 -20.28
N ARG H 23 -23.06 -19.30 -21.58
CA ARG H 23 -23.15 -20.43 -22.48
C ARG H 23 -21.94 -21.35 -22.38
N ALA H 24 -20.72 -20.82 -22.43
CA ALA H 24 -19.54 -21.65 -22.23
C ALA H 24 -18.94 -21.28 -20.89
N VAL H 25 -18.31 -22.19 -20.14
CA VAL H 25 -17.76 -21.90 -18.81
C VAL H 25 -16.56 -22.83 -18.64
N PHE H 26 -15.32 -22.36 -18.50
CA PHE H 26 -14.22 -23.29 -18.34
C PHE H 26 -13.06 -22.77 -17.52
N PRO H 27 -12.41 -23.61 -16.71
CA PRO H 27 -11.18 -23.28 -16.03
C PRO H 27 -10.06 -22.81 -16.94
N SER H 28 -9.66 -21.60 -16.55
CA SER H 28 -8.47 -20.97 -17.07
C SER H 28 -7.28 -21.79 -16.58
N ILE H 29 -7.01 -22.80 -17.37
CA ILE H 29 -5.89 -23.69 -17.17
C ILE H 29 -5.38 -23.87 -18.58
N VAL H 30 -4.06 -23.88 -18.78
CA VAL H 30 -3.51 -24.42 -20.02
C VAL H 30 -2.49 -25.54 -19.74
N GLY H 31 -2.84 -26.81 -19.97
CA GLY H 31 -1.94 -27.94 -19.79
C GLY H 31 -1.07 -28.28 -21.00
N ARG H 32 0.13 -28.84 -20.77
CA ARG H 32 0.93 -29.49 -21.82
C ARG H 32 1.21 -30.96 -21.46
N PRO H 33 1.11 -31.94 -22.39
CA PRO H 33 1.37 -33.37 -22.12
C PRO H 33 2.80 -33.67 -21.69
N ARG H 34 3.03 -34.55 -20.70
CA ARG H 34 4.41 -34.84 -20.28
C ARG H 34 4.94 -36.18 -20.76
N HIS H 35 4.23 -36.83 -21.68
CA HIS H 35 4.49 -38.21 -22.02
C HIS H 35 4.16 -38.37 -23.49
N GLN H 36 5.06 -38.80 -24.36
CA GLN H 36 4.71 -38.89 -25.76
C GLN H 36 3.93 -40.15 -26.12
N GLY H 37 2.61 -40.04 -25.94
CA GLY H 37 1.72 -41.15 -26.21
C GLY H 37 0.37 -40.68 -26.78
N VAL H 38 -0.29 -41.54 -27.56
CA VAL H 38 -1.59 -41.20 -28.10
C VAL H 38 -2.78 -41.42 -27.19
N MET H 39 -3.37 -40.29 -26.80
CA MET H 39 -4.71 -40.32 -26.26
C MET H 39 -5.64 -40.71 -27.40
N VAL H 40 -5.86 -42.03 -27.49
CA VAL H 40 -6.63 -42.68 -28.53
C VAL H 40 -8.02 -42.07 -28.67
N GLY H 41 -8.05 -41.21 -29.67
CA GLY H 41 -9.20 -40.40 -30.01
C GLY H 41 -8.69 -39.17 -30.75
N MET H 42 -7.63 -38.59 -30.20
CA MET H 42 -6.92 -37.50 -30.84
C MET H 42 -5.67 -38.06 -31.50
N GLY H 43 -5.05 -37.26 -32.37
CA GLY H 43 -3.68 -37.51 -32.76
C GLY H 43 -2.75 -36.93 -31.71
N GLN H 44 -1.62 -36.37 -32.14
CA GLN H 44 -0.77 -35.60 -31.24
C GLN H 44 -1.45 -34.29 -30.84
N LYS H 45 -1.16 -33.78 -29.65
CA LYS H 45 -1.84 -32.58 -29.17
C LYS H 45 -0.82 -31.51 -28.81
N ASP H 46 -1.22 -30.24 -28.79
CA ASP H 46 -0.38 -29.10 -28.44
C ASP H 46 -0.45 -28.74 -26.95
N SER H 47 -1.68 -28.56 -26.48
CA SER H 47 -1.94 -27.97 -25.18
C SER H 47 -3.40 -28.25 -24.86
N TYR H 48 -3.79 -28.25 -23.59
CA TYR H 48 -5.16 -28.55 -23.18
C TYR H 48 -5.74 -27.42 -22.32
N VAL H 49 -6.93 -26.91 -22.63
CA VAL H 49 -7.49 -25.79 -21.90
C VAL H 49 -8.65 -26.35 -21.09
N GLY H 50 -8.94 -25.75 -19.94
CA GLY H 50 -10.17 -26.04 -19.23
C GLY H 50 -10.17 -27.44 -18.66
N ASP H 51 -11.27 -28.12 -18.94
CA ASP H 51 -11.57 -29.44 -18.40
C ASP H 51 -10.90 -30.59 -19.14
N GLU H 52 -10.47 -30.36 -20.39
CA GLU H 52 -9.43 -31.17 -21.01
C GLU H 52 -8.17 -31.23 -20.15
N ALA H 53 -7.75 -30.07 -19.63
CA ALA H 53 -6.60 -29.98 -18.77
C ALA H 53 -6.93 -30.42 -17.35
N GLN H 54 -8.12 -30.08 -16.86
CA GLN H 54 -8.49 -30.47 -15.51
C GLN H 54 -8.88 -31.95 -15.48
N SER H 55 -9.05 -32.65 -16.63
CA SER H 55 -9.06 -34.11 -16.59
C SER H 55 -7.64 -34.67 -16.56
N LYS H 56 -6.81 -34.25 -17.52
CA LYS H 56 -5.48 -34.82 -17.66
C LYS H 56 -4.37 -34.22 -16.80
N ARG H 57 -4.78 -33.46 -15.77
CA ARG H 57 -3.91 -32.82 -14.80
C ARG H 57 -2.68 -33.58 -14.28
N GLY H 58 -2.75 -34.92 -14.15
CA GLY H 58 -1.60 -35.72 -13.72
C GLY H 58 -0.55 -35.83 -14.83
N ILE H 59 -0.98 -36.25 -16.01
CA ILE H 59 -0.08 -36.34 -17.16
C ILE H 59 0.24 -34.99 -17.77
N LEU H 60 -0.34 -33.89 -17.30
CA LEU H 60 -0.02 -32.60 -17.87
C LEU H 60 0.96 -31.74 -17.07
N THR H 61 1.24 -30.59 -17.66
CA THR H 61 1.81 -29.45 -16.96
C THR H 61 0.84 -28.28 -17.10
N LEU H 62 0.16 -27.95 -15.99
CA LEU H 62 -0.90 -26.95 -15.95
C LEU H 62 -0.29 -25.58 -15.65
N LYS H 63 -0.87 -24.51 -16.19
CA LYS H 63 -0.33 -23.16 -16.06
C LYS H 63 -1.52 -22.22 -15.89
N TYR H 64 -1.44 -21.22 -15.01
CA TYR H 64 -2.55 -20.30 -14.78
C TYR H 64 -2.42 -19.01 -15.56
N PRO H 65 -2.96 -18.89 -16.77
CA PRO H 65 -2.60 -17.82 -17.73
C PRO H 65 -2.91 -16.39 -17.28
N ILE H 66 -3.85 -16.29 -16.33
CA ILE H 66 -4.41 -15.03 -15.91
C ILE H 66 -4.21 -14.98 -14.39
N GLU H 67 -3.00 -14.70 -13.89
CA GLU H 67 -2.82 -14.55 -12.45
C GLU H 67 -3.61 -13.34 -11.99
N HIS H 68 -4.58 -13.71 -11.16
CA HIS H 68 -5.36 -12.80 -10.32
C HIS H 68 -6.21 -11.77 -11.08
N GLY H 69 -6.66 -12.10 -12.30
CA GLY H 69 -7.44 -11.18 -13.10
C GLY H 69 -6.61 -10.27 -14.01
N ILE H 70 -5.29 -10.48 -14.07
CA ILE H 70 -4.41 -9.77 -14.98
C ILE H 70 -3.89 -10.82 -15.97
N ILE H 71 -3.98 -10.59 -17.28
CA ILE H 71 -3.46 -11.58 -18.23
C ILE H 71 -1.93 -11.65 -18.25
N THR H 72 -1.45 -12.78 -17.73
CA THR H 72 -0.03 -12.96 -17.40
C THR H 72 0.73 -13.67 -18.51
N ASN H 73 0.04 -14.37 -19.40
CA ASN H 73 0.71 -14.85 -20.57
C ASN H 73 -0.25 -14.86 -21.74
N TRP H 74 0.29 -14.39 -22.86
CA TRP H 74 -0.49 -14.23 -24.06
C TRP H 74 -0.50 -15.47 -24.95
N ASP H 75 0.53 -16.31 -24.90
CA ASP H 75 0.50 -17.60 -25.59
C ASP H 75 -0.67 -18.49 -25.17
N ASP H 76 -0.68 -18.80 -23.88
CA ASP H 76 -1.72 -19.58 -23.26
C ASP H 76 -3.08 -18.90 -23.43
N MET H 77 -3.16 -17.59 -23.14
CA MET H 77 -4.38 -16.83 -23.37
C MET H 77 -4.93 -16.93 -24.79
N GLU H 78 -4.13 -16.70 -25.84
CA GLU H 78 -4.59 -16.86 -27.22
C GLU H 78 -5.23 -18.23 -27.44
N LYS H 79 -4.61 -19.29 -26.91
CA LYS H 79 -5.21 -20.62 -26.97
C LYS H 79 -6.53 -20.75 -26.24
N ILE H 80 -6.66 -20.12 -25.06
CA ILE H 80 -7.92 -20.09 -24.32
C ILE H 80 -9.01 -19.56 -25.23
N TRP H 81 -8.82 -18.36 -25.83
CA TRP H 81 -9.78 -17.84 -26.79
C TRP H 81 -9.97 -18.63 -28.07
N HIS H 82 -8.89 -19.29 -28.52
CA HIS H 82 -8.92 -20.23 -29.64
C HIS H 82 -9.83 -21.40 -29.28
N HIS H 83 -9.88 -21.76 -27.98
CA HIS H 83 -10.78 -22.78 -27.49
C HIS H 83 -12.21 -22.24 -27.32
N THR H 84 -12.30 -20.99 -26.82
CA THR H 84 -13.54 -20.29 -26.54
C THR H 84 -14.50 -20.29 -27.72
N PHE H 85 -14.07 -19.80 -28.88
CA PHE H 85 -14.99 -19.63 -30.01
C PHE H 85 -15.39 -20.94 -30.65
N TYR H 86 -14.39 -21.72 -31.08
CA TYR H 86 -14.61 -22.85 -31.97
C TYR H 86 -15.19 -24.09 -31.34
N ASN H 87 -14.74 -24.42 -30.14
CA ASN H 87 -15.00 -25.74 -29.59
C ASN H 87 -16.19 -25.69 -28.66
N GLU H 88 -16.21 -24.59 -27.89
CA GLU H 88 -17.25 -24.29 -26.93
C GLU H 88 -18.48 -23.69 -27.58
N LEU H 89 -18.44 -22.45 -28.05
CA LEU H 89 -19.55 -21.83 -28.78
C LEU H 89 -19.82 -22.43 -30.15
N ARG H 90 -18.85 -23.17 -30.70
CA ARG H 90 -18.96 -23.95 -31.94
C ARG H 90 -19.19 -23.22 -33.25
N VAL H 91 -18.98 -21.90 -33.19
CA VAL H 91 -19.31 -20.96 -34.27
C VAL H 91 -18.06 -20.25 -34.76
N ALA H 92 -18.14 -19.28 -35.69
CA ALA H 92 -16.95 -18.58 -36.16
C ALA H 92 -16.86 -17.15 -35.63
N PRO H 93 -15.82 -16.76 -34.89
CA PRO H 93 -15.65 -15.41 -34.34
C PRO H 93 -16.00 -14.22 -35.23
N GLU H 94 -15.67 -14.29 -36.52
CA GLU H 94 -15.90 -13.21 -37.48
C GLU H 94 -17.32 -12.72 -37.74
N GLU H 95 -18.42 -13.44 -37.48
CA GLU H 95 -19.72 -12.78 -37.60
C GLU H 95 -20.26 -12.28 -36.26
N HIS H 96 -19.46 -12.30 -35.18
CA HIS H 96 -19.97 -12.08 -33.84
C HIS H 96 -19.29 -10.97 -33.03
N PRO H 97 -19.93 -9.83 -32.70
CA PRO H 97 -19.37 -8.81 -31.81
C PRO H 97 -18.97 -9.44 -30.47
N THR H 98 -17.84 -9.14 -29.80
CA THR H 98 -17.38 -9.95 -28.68
C THR H 98 -16.94 -9.07 -27.51
N LEU H 99 -17.73 -9.03 -26.45
CA LEU H 99 -17.45 -8.25 -25.25
C LEU H 99 -16.69 -9.18 -24.31
N LEU H 100 -15.62 -8.69 -23.72
CA LEU H 100 -14.78 -9.44 -22.79
C LEU H 100 -14.72 -8.61 -21.52
N THR H 101 -14.15 -9.07 -20.41
CA THR H 101 -14.05 -8.22 -19.22
C THR H 101 -12.61 -7.92 -18.84
N GLU H 102 -12.32 -6.92 -17.98
CA GLU H 102 -10.95 -6.68 -17.57
C GLU H 102 -10.83 -6.39 -16.08
N ALA H 103 -9.58 -6.47 -15.61
CA ALA H 103 -9.27 -6.16 -14.23
C ALA H 103 -9.48 -4.68 -13.90
N PRO H 104 -9.91 -4.37 -12.67
CA PRO H 104 -10.06 -2.99 -12.20
C PRO H 104 -8.79 -2.15 -12.25
N LEU H 105 -7.58 -2.74 -12.19
CA LEU H 105 -6.36 -1.96 -12.35
C LEU H 105 -5.61 -2.28 -13.65
N ASN H 106 -6.35 -2.76 -14.66
CA ASN H 106 -5.75 -3.43 -15.79
C ASN H 106 -4.98 -2.48 -16.70
N PRO H 107 -3.67 -2.73 -16.92
CA PRO H 107 -2.83 -1.94 -17.81
C PRO H 107 -3.37 -1.88 -19.23
N LYS H 108 -3.05 -0.71 -19.82
CA LYS H 108 -3.38 -0.40 -21.20
C LYS H 108 -2.95 -1.53 -22.13
N ALA H 109 -1.67 -1.92 -22.05
CA ALA H 109 -1.13 -3.05 -22.79
C ALA H 109 -1.99 -4.30 -22.79
N ASN H 110 -2.59 -4.63 -21.65
CA ASN H 110 -3.40 -5.82 -21.53
C ASN H 110 -4.73 -5.66 -22.25
N ARG H 111 -5.39 -4.51 -22.06
CA ARG H 111 -6.56 -4.14 -22.87
C ARG H 111 -6.28 -4.15 -24.36
N GLU H 112 -5.21 -3.49 -24.82
CA GLU H 112 -4.83 -3.41 -26.23
C GLU H 112 -4.37 -4.74 -26.82
N LYS H 113 -3.63 -5.54 -26.08
CA LYS H 113 -3.17 -6.84 -26.59
C LYS H 113 -4.31 -7.85 -26.68
N MET H 114 -5.28 -7.83 -25.75
CA MET H 114 -6.41 -8.74 -25.85
C MET H 114 -7.23 -8.49 -27.12
N THR H 115 -7.35 -7.19 -27.40
CA THR H 115 -7.91 -6.66 -28.64
C THR H 115 -7.08 -6.84 -29.88
N GLN H 116 -5.73 -6.92 -29.80
CA GLN H 116 -4.93 -7.30 -30.96
C GLN H 116 -5.31 -8.72 -31.34
N ILE H 117 -5.23 -9.63 -30.36
CA ILE H 117 -5.56 -11.04 -30.58
C ILE H 117 -6.96 -11.18 -31.13
N MET H 118 -7.93 -10.49 -30.50
CA MET H 118 -9.31 -10.41 -30.98
C MET H 118 -9.54 -10.17 -32.45
N PHE H 119 -9.06 -9.06 -33.02
CA PHE H 119 -9.21 -8.81 -34.44
C PHE H 119 -8.17 -9.58 -35.22
N GLU H 120 -6.89 -9.27 -35.02
CA GLU H 120 -5.83 -9.71 -35.91
C GLU H 120 -5.64 -11.21 -36.07
N THR H 121 -6.11 -12.05 -35.13
CA THR H 121 -6.07 -13.50 -35.35
C THR H 121 -7.46 -14.07 -35.59
N PHE H 122 -8.36 -13.95 -34.60
CA PHE H 122 -9.70 -14.49 -34.70
C PHE H 122 -10.66 -13.80 -35.65
N ASN H 123 -10.30 -12.58 -36.06
CA ASN H 123 -11.02 -11.83 -37.09
C ASN H 123 -12.41 -11.41 -36.64
N VAL H 124 -12.73 -11.30 -35.34
CA VAL H 124 -14.05 -10.86 -34.86
C VAL H 124 -14.48 -9.53 -35.47
N PRO H 125 -15.74 -9.14 -35.74
CA PRO H 125 -16.06 -7.87 -36.39
C PRO H 125 -15.96 -6.65 -35.47
N ALA H 126 -16.26 -6.87 -34.19
CA ALA H 126 -16.40 -5.83 -33.19
C ALA H 126 -16.19 -6.44 -31.80
N MET H 127 -15.53 -5.72 -30.91
CA MET H 127 -15.26 -6.27 -29.61
C MET H 127 -15.37 -5.18 -28.56
N TYR H 128 -15.55 -5.55 -27.29
CA TYR H 128 -15.49 -4.58 -26.21
C TYR H 128 -14.75 -5.21 -25.05
N VAL H 129 -14.09 -4.40 -24.20
CA VAL H 129 -13.38 -4.85 -23.00
C VAL H 129 -13.97 -4.05 -21.85
N ALA H 130 -14.45 -4.67 -20.76
CA ALA H 130 -15.06 -3.92 -19.66
C ALA H 130 -14.76 -4.39 -18.23
N ILE H 131 -14.50 -3.40 -17.36
CA ILE H 131 -14.00 -3.56 -15.99
C ILE H 131 -14.92 -4.34 -15.04
N GLN H 132 -14.47 -5.54 -14.66
CA GLN H 132 -15.20 -6.56 -13.91
C GLN H 132 -16.19 -6.06 -12.84
N ALA H 133 -15.75 -5.26 -11.86
CA ALA H 133 -16.67 -4.75 -10.86
C ALA H 133 -17.81 -3.88 -11.37
N VAL H 134 -17.58 -3.07 -12.42
CA VAL H 134 -18.64 -2.25 -13.01
C VAL H 134 -19.78 -3.12 -13.54
N LEU H 135 -19.37 -4.21 -14.19
CA LEU H 135 -20.34 -5.10 -14.77
C LEU H 135 -21.17 -5.81 -13.72
N SER H 136 -20.61 -6.04 -12.52
CA SER H 136 -21.44 -6.40 -11.40
C SER H 136 -22.39 -5.29 -11.00
N LEU H 137 -21.95 -4.03 -10.79
CA LEU H 137 -22.82 -2.88 -10.60
C LEU H 137 -23.91 -2.73 -11.67
N TYR H 138 -23.60 -3.11 -12.91
CA TYR H 138 -24.54 -3.07 -14.02
C TYR H 138 -25.48 -4.27 -13.98
N ALA H 139 -25.11 -5.42 -13.40
CA ALA H 139 -26.07 -6.47 -13.12
C ALA H 139 -26.95 -6.13 -11.92
N SER H 140 -26.41 -5.40 -10.94
CA SER H 140 -27.19 -4.76 -9.88
C SER H 140 -27.99 -3.55 -10.39
N GLY H 141 -27.81 -3.16 -11.65
CA GLY H 141 -28.61 -2.15 -12.33
C GLY H 141 -28.35 -0.71 -11.94
N ARG H 142 -27.39 -0.34 -11.08
CA ARG H 142 -27.27 1.03 -10.65
C ARG H 142 -26.04 1.72 -11.23
N THR H 143 -26.03 3.05 -11.24
CA THR H 143 -24.87 3.77 -11.74
C THR H 143 -23.81 4.10 -10.70
N THR H 144 -23.99 3.84 -9.40
CA THR H 144 -23.16 4.42 -8.34
C THR H 144 -23.03 3.48 -7.14
N GLY H 145 -21.89 3.47 -6.43
CA GLY H 145 -21.70 2.72 -5.20
C GLY H 145 -20.24 2.33 -4.97
N ILE H 146 -20.06 1.21 -4.27
CA ILE H 146 -18.75 0.63 -3.95
C ILE H 146 -18.84 -0.90 -3.94
N VAL H 147 -18.17 -1.44 -4.94
CA VAL H 147 -18.27 -2.82 -5.40
C VAL H 147 -17.08 -3.71 -5.02
N LEU H 148 -17.46 -4.59 -4.10
CA LEU H 148 -16.61 -5.55 -3.44
C LEU H 148 -16.49 -6.85 -4.23
N ASP H 149 -15.56 -6.79 -5.18
CA ASP H 149 -15.36 -7.86 -6.14
C ASP H 149 -14.30 -8.86 -5.68
N SER H 150 -14.76 -9.99 -5.13
CA SER H 150 -13.93 -11.09 -4.67
C SER H 150 -14.27 -12.38 -5.42
N GLY H 151 -13.35 -12.73 -6.31
CA GLY H 151 -13.40 -13.97 -7.07
C GLY H 151 -12.34 -14.94 -6.57
N ASP H 152 -11.76 -15.69 -7.49
CA ASP H 152 -10.84 -16.74 -7.12
C ASP H 152 -9.50 -16.14 -6.69
N GLY H 153 -9.05 -15.23 -7.55
CA GLY H 153 -7.71 -14.72 -7.46
C GLY H 153 -7.61 -13.41 -6.70
N VAL H 154 -8.65 -12.57 -6.67
CA VAL H 154 -8.51 -11.18 -6.22
C VAL H 154 -9.75 -10.68 -5.53
N THR H 155 -9.49 -9.84 -4.55
CA THR H 155 -10.58 -9.19 -3.83
C THR H 155 -10.42 -7.70 -4.10
N HIS H 156 -11.52 -6.99 -4.36
CA HIS H 156 -11.53 -5.59 -4.77
C HIS H 156 -12.63 -4.74 -4.14
N ASN H 157 -12.34 -3.45 -3.98
CA ASN H 157 -13.32 -2.44 -3.64
C ASN H 157 -13.27 -1.48 -4.82
N VAL H 158 -14.24 -1.46 -5.70
CA VAL H 158 -14.27 -0.51 -6.80
C VAL H 158 -15.46 0.41 -6.54
N PRO H 159 -15.25 1.66 -6.14
CA PRO H 159 -16.30 2.66 -6.18
C PRO H 159 -16.56 3.01 -7.64
N ILE H 160 -17.82 3.37 -7.91
CA ILE H 160 -18.25 3.94 -9.17
C ILE H 160 -19.28 5.01 -8.79
N TYR H 161 -19.32 6.15 -9.48
CA TYR H 161 -20.51 6.98 -9.56
C TYR H 161 -20.59 7.49 -10.99
N GLU H 162 -21.72 7.14 -11.63
CA GLU H 162 -21.96 7.29 -13.05
C GLU H 162 -21.02 6.56 -13.99
N GLY H 163 -21.37 5.27 -14.13
CA GLY H 163 -20.86 4.44 -15.19
C GLY H 163 -19.51 3.83 -14.89
N TYR H 164 -18.48 4.69 -14.84
CA TYR H 164 -17.06 4.34 -14.86
C TYR H 164 -16.36 4.18 -13.51
N ALA H 165 -15.45 3.19 -13.48
CA ALA H 165 -14.87 2.66 -12.25
C ALA H 165 -13.74 3.52 -11.70
N LEU H 166 -13.50 3.60 -10.40
CA LEU H 166 -12.67 4.71 -9.92
C LEU H 166 -11.24 4.29 -9.61
N PRO H 167 -10.30 4.53 -10.53
CA PRO H 167 -8.97 3.92 -10.53
C PRO H 167 -8.17 4.10 -9.25
N HIS H 168 -8.19 5.28 -8.64
CA HIS H 168 -7.42 5.52 -7.43
C HIS H 168 -8.19 5.22 -6.15
N ALA H 169 -9.42 4.70 -6.29
CA ALA H 169 -10.25 4.30 -5.17
C ALA H 169 -10.50 2.79 -5.20
N ILE H 170 -10.31 2.17 -6.36
CA ILE H 170 -10.22 0.72 -6.48
C ILE H 170 -9.15 0.20 -5.53
N MET H 171 -9.58 -0.50 -4.49
CA MET H 171 -8.65 -1.28 -3.68
C MET H 171 -8.62 -2.72 -4.19
N ARG H 172 -7.46 -3.35 -4.05
CA ARG H 172 -7.24 -4.70 -4.53
C ARG H 172 -6.57 -5.43 -3.36
N LEU H 173 -6.79 -6.72 -3.13
CA LEU H 173 -6.17 -7.40 -2.02
C LEU H 173 -6.11 -8.85 -2.47
N ASP H 174 -4.90 -9.30 -2.79
CA ASP H 174 -4.62 -10.61 -3.37
C ASP H 174 -4.52 -11.71 -2.31
N LEU H 175 -5.73 -11.95 -1.81
CA LEU H 175 -6.07 -13.15 -1.06
C LEU H 175 -7.56 -13.33 -1.33
N ALA H 176 -8.01 -14.46 -1.90
CA ALA H 176 -9.40 -14.61 -2.27
C ALA H 176 -9.85 -16.07 -2.35
N GLY H 177 -10.50 -16.55 -3.42
CA GLY H 177 -11.11 -17.86 -3.44
C GLY H 177 -10.14 -19.01 -3.27
N ARG H 178 -8.99 -18.88 -3.93
CA ARG H 178 -7.97 -19.90 -3.81
C ARG H 178 -7.42 -19.91 -2.40
N ASP H 179 -7.00 -18.75 -1.90
CA ASP H 179 -6.34 -18.62 -0.60
C ASP H 179 -7.21 -19.20 0.51
N LEU H 180 -8.50 -18.86 0.49
CA LEU H 180 -9.43 -19.55 1.36
C LEU H 180 -9.53 -21.07 1.19
N THR H 181 -9.66 -21.71 0.01
CA THR H 181 -9.80 -23.16 -0.11
C THR H 181 -8.58 -23.91 0.42
N ASP H 182 -7.40 -23.50 0.00
CA ASP H 182 -6.17 -24.16 0.41
C ASP H 182 -5.71 -23.85 1.83
N TYR H 183 -6.36 -22.85 2.43
CA TYR H 183 -6.41 -22.73 3.89
C TYR H 183 -7.33 -23.81 4.47
N LEU H 184 -8.56 -23.99 3.96
CA LEU H 184 -9.44 -25.04 4.45
C LEU H 184 -8.82 -26.43 4.32
N MET H 185 -7.97 -26.64 3.31
CA MET H 185 -7.02 -27.75 3.31
C MET H 185 -6.30 -27.88 4.65
N LYS H 186 -5.56 -26.86 5.12
CA LYS H 186 -4.73 -27.01 6.31
C LYS H 186 -5.54 -27.26 7.57
N ILE H 187 -6.58 -26.48 7.88
CA ILE H 187 -7.29 -26.62 9.16
C ILE H 187 -8.08 -27.92 9.32
N LEU H 188 -8.56 -28.42 8.19
CA LEU H 188 -9.24 -29.68 8.16
C LEU H 188 -8.22 -30.81 8.14
N THR H 189 -7.03 -30.67 7.55
CA THR H 189 -6.03 -31.73 7.68
C THR H 189 -5.49 -31.80 9.11
N GLU H 190 -5.20 -30.61 9.66
CA GLU H 190 -5.03 -30.34 11.09
C GLU H 190 -6.07 -31.02 11.97
N ARG H 191 -7.36 -30.96 11.61
CA ARG H 191 -8.40 -31.81 12.20
C ARG H 191 -8.28 -33.32 11.98
N GLY H 192 -7.10 -33.83 11.63
CA GLY H 192 -6.83 -35.26 11.56
C GLY H 192 -7.22 -35.88 10.23
N TYR H 193 -6.92 -35.24 9.09
CA TYR H 193 -7.31 -35.73 7.79
C TYR H 193 -6.21 -35.46 6.78
N SER H 194 -6.39 -35.95 5.55
CA SER H 194 -5.46 -35.75 4.46
C SER H 194 -6.15 -35.95 3.11
N PHE H 195 -6.19 -34.87 2.32
CA PHE H 195 -6.71 -34.95 0.95
C PHE H 195 -5.59 -35.35 0.00
N VAL H 196 -5.39 -36.66 -0.14
CA VAL H 196 -4.16 -37.20 -0.73
C VAL H 196 -4.18 -37.19 -2.26
N THR H 197 -5.32 -37.61 -2.81
CA THR H 197 -5.54 -37.68 -4.24
C THR H 197 -6.45 -36.58 -4.81
N THR H 198 -6.63 -36.69 -6.13
CA THR H 198 -7.30 -35.75 -7.00
C THR H 198 -8.74 -35.33 -6.65
N ALA H 199 -9.65 -36.27 -6.33
CA ALA H 199 -11.03 -35.88 -6.16
C ALA H 199 -11.34 -35.36 -4.78
N GLU H 200 -10.51 -35.66 -3.76
CA GLU H 200 -10.65 -35.00 -2.46
C GLU H 200 -9.78 -33.75 -2.32
N ARG H 201 -8.76 -33.62 -3.17
CA ARG H 201 -8.23 -32.31 -3.54
C ARG H 201 -9.38 -31.42 -4.04
N GLU H 202 -10.25 -32.04 -4.84
CA GLU H 202 -11.51 -31.43 -5.25
C GLU H 202 -12.48 -31.32 -4.07
N ILE H 203 -12.65 -32.33 -3.24
CA ILE H 203 -13.48 -32.21 -2.04
C ILE H 203 -13.12 -31.11 -1.07
N VAL H 204 -11.86 -30.78 -0.81
CA VAL H 204 -11.56 -29.55 -0.07
C VAL H 204 -12.07 -28.24 -0.71
N ARG H 205 -12.26 -28.25 -2.04
CA ARG H 205 -12.88 -27.13 -2.74
C ARG H 205 -14.39 -27.24 -2.56
N ASP H 206 -14.93 -28.44 -2.82
CA ASP H 206 -16.36 -28.68 -2.73
C ASP H 206 -16.95 -28.30 -1.36
N ILE H 207 -16.32 -28.81 -0.28
CA ILE H 207 -16.70 -28.53 1.10
C ILE H 207 -16.73 -27.03 1.32
N LYS H 208 -15.71 -26.32 0.82
CA LYS H 208 -15.67 -24.88 0.96
C LYS H 208 -16.90 -24.18 0.39
N GLU H 209 -17.31 -24.52 -0.84
CA GLU H 209 -18.53 -23.95 -1.42
C GLU H 209 -19.77 -24.32 -0.61
N LYS H 210 -20.11 -25.61 -0.61
CA LYS H 210 -21.38 -26.07 -0.08
C LYS H 210 -21.56 -25.89 1.42
N LEU H 211 -20.53 -26.21 2.19
CA LEU H 211 -20.74 -26.47 3.60
C LEU H 211 -20.41 -25.35 4.56
N CYS H 212 -19.77 -24.28 4.09
CA CYS H 212 -19.05 -23.34 4.95
C CYS H 212 -19.87 -22.11 5.34
N TYR H 213 -19.48 -21.32 6.34
CA TYR H 213 -20.30 -20.23 6.85
C TYR H 213 -19.45 -19.04 7.22
N VAL H 214 -19.87 -17.82 6.88
CA VAL H 214 -19.29 -16.66 7.55
C VAL H 214 -20.25 -16.47 8.71
N ALA H 215 -19.94 -17.14 9.83
CA ALA H 215 -20.76 -16.99 11.02
C ALA H 215 -20.79 -15.53 11.46
N LEU H 216 -21.99 -15.14 11.84
CA LEU H 216 -22.20 -13.80 12.38
C LEU H 216 -22.04 -13.97 13.88
N ASP H 217 -21.32 -13.02 14.49
CA ASP H 217 -20.65 -13.19 15.77
C ASP H 217 -19.79 -14.45 15.81
N PHE H 218 -18.56 -14.34 15.29
CA PHE H 218 -17.64 -15.47 15.31
C PHE H 218 -17.18 -15.87 16.70
N GLU H 219 -16.92 -14.87 17.56
CA GLU H 219 -16.37 -15.05 18.90
C GLU H 219 -17.26 -15.97 19.74
N ASN H 220 -18.51 -15.56 19.84
CA ASN H 220 -19.48 -16.37 20.58
C ASN H 220 -20.01 -17.53 19.75
N GLU H 221 -19.47 -17.71 18.54
CA GLU H 221 -19.60 -18.97 17.84
C GLU H 221 -18.34 -19.82 18.06
N MET H 222 -17.21 -19.25 18.47
CA MET H 222 -16.05 -20.02 18.89
C MET H 222 -16.35 -20.67 20.22
N ALA H 223 -17.06 -19.94 21.10
CA ALA H 223 -17.59 -20.51 22.34
C ALA H 223 -18.47 -21.73 22.02
N THR H 224 -19.42 -21.54 21.12
CA THR H 224 -20.28 -22.60 20.60
C THR H 224 -19.57 -23.74 19.88
N ALA H 225 -18.38 -23.52 19.32
CA ALA H 225 -17.53 -24.61 18.85
C ALA H 225 -16.88 -25.42 19.97
N ALA H 226 -16.43 -24.68 21.01
CA ALA H 226 -15.75 -25.24 22.17
C ALA H 226 -16.68 -25.93 23.17
N SER H 227 -17.85 -25.40 23.50
CA SER H 227 -18.86 -26.13 24.26
C SER H 227 -19.52 -27.26 23.49
N SER H 228 -19.15 -27.45 22.22
CA SER H 228 -19.72 -28.43 21.32
C SER H 228 -21.23 -28.46 21.14
N SER H 229 -21.63 -27.79 20.07
CA SER H 229 -23.02 -27.82 19.65
C SER H 229 -23.16 -28.77 18.45
N SER H 230 -24.35 -29.17 17.98
CA SER H 230 -24.42 -29.99 16.78
C SER H 230 -24.22 -29.20 15.49
N LEU H 231 -23.17 -28.38 15.45
CA LEU H 231 -22.86 -27.53 14.32
C LEU H 231 -22.05 -28.30 13.27
N GLU H 232 -21.45 -29.39 13.77
CA GLU H 232 -20.71 -30.39 13.02
C GLU H 232 -21.42 -30.90 11.78
N LYS H 233 -20.62 -31.02 10.72
CA LYS H 233 -21.17 -31.39 9.43
C LYS H 233 -20.31 -32.39 8.65
N SER H 234 -20.60 -33.67 8.89
CA SER H 234 -20.14 -34.74 8.00
C SER H 234 -20.52 -34.64 6.53
N TYR H 235 -19.65 -35.23 5.71
CA TYR H 235 -19.78 -35.29 4.26
C TYR H 235 -18.95 -36.49 3.82
N GLU H 236 -19.29 -37.21 2.77
CA GLU H 236 -18.55 -38.41 2.42
C GLU H 236 -17.50 -38.08 1.37
N LEU H 237 -16.41 -38.84 1.37
CA LEU H 237 -15.40 -38.79 0.31
C LEU H 237 -15.80 -39.68 -0.88
N PRO H 238 -14.99 -39.97 -1.90
CA PRO H 238 -15.28 -41.03 -2.85
C PRO H 238 -15.28 -42.40 -2.19
N ASP H 239 -14.46 -42.64 -1.17
CA ASP H 239 -14.65 -43.83 -0.35
C ASP H 239 -15.74 -43.57 0.70
N GLY H 240 -15.75 -44.30 1.83
CA GLY H 240 -16.80 -44.17 2.83
C GLY H 240 -16.31 -43.45 4.08
N GLN H 241 -15.14 -42.82 3.98
CA GLN H 241 -14.67 -41.92 5.01
C GLN H 241 -15.50 -40.65 5.00
N VAL H 242 -16.58 -40.77 5.76
CA VAL H 242 -17.29 -39.59 6.21
C VAL H 242 -16.32 -38.72 6.99
N ILE H 243 -16.10 -37.51 6.46
CA ILE H 243 -15.31 -36.49 7.11
C ILE H 243 -16.22 -35.57 7.91
N THR H 244 -15.84 -35.23 9.15
CA THR H 244 -16.64 -34.33 9.97
C THR H 244 -15.98 -32.96 10.10
N ILE H 245 -16.60 -32.04 9.35
CA ILE H 245 -16.21 -30.65 9.32
C ILE H 245 -17.18 -29.88 10.22
N GLY H 246 -16.78 -29.29 11.34
CA GLY H 246 -17.72 -28.51 12.13
C GLY H 246 -17.39 -27.03 12.20
N ASN H 247 -16.18 -26.69 12.61
CA ASN H 247 -15.93 -25.40 13.24
C ASN H 247 -15.13 -24.53 12.30
N GLU H 248 -14.02 -25.10 11.83
CA GLU H 248 -13.29 -24.70 10.64
C GLU H 248 -14.17 -24.22 9.49
N ARG H 249 -15.25 -24.96 9.25
CA ARG H 249 -16.40 -24.52 8.45
C ARG H 249 -16.75 -23.03 8.47
N PHE H 250 -16.65 -22.39 9.65
CA PHE H 250 -16.75 -20.95 9.78
C PHE H 250 -15.39 -20.28 10.02
N ARG H 251 -14.49 -20.98 10.74
CA ARG H 251 -13.11 -20.55 10.92
C ARG H 251 -12.24 -20.44 9.67
N CYS H 252 -12.78 -20.74 8.48
CA CYS H 252 -12.12 -20.48 7.21
C CYS H 252 -12.66 -19.24 6.49
N PRO H 253 -13.98 -18.98 6.29
CA PRO H 253 -14.48 -17.72 5.73
C PRO H 253 -14.08 -16.47 6.53
N GLU H 254 -13.76 -16.71 7.80
CA GLU H 254 -13.22 -15.71 8.73
C GLU H 254 -11.99 -14.96 8.21
N THR H 255 -11.32 -15.54 7.21
CA THR H 255 -10.17 -14.93 6.57
C THR H 255 -10.50 -13.69 5.75
N LEU H 256 -11.70 -13.54 5.18
CA LEU H 256 -12.11 -12.30 4.52
C LEU H 256 -12.38 -11.14 5.49
N PHE H 257 -12.27 -11.37 6.81
CA PHE H 257 -12.29 -10.25 7.75
C PHE H 257 -10.97 -10.03 8.46
N GLN H 258 -10.24 -11.10 8.74
CA GLN H 258 -8.90 -10.96 9.26
C GLN H 258 -7.91 -11.70 8.38
N PRO H 259 -7.07 -11.04 7.56
CA PRO H 259 -5.97 -11.64 6.78
C PRO H 259 -4.85 -12.35 7.54
N SER H 260 -4.89 -12.17 8.85
CA SER H 260 -4.03 -12.86 9.79
C SER H 260 -4.20 -14.38 9.75
N PHE H 261 -5.39 -14.92 9.44
CA PHE H 261 -5.63 -16.37 9.38
C PHE H 261 -4.74 -17.18 8.45
N ILE H 262 -4.36 -16.54 7.34
CA ILE H 262 -3.33 -17.07 6.46
C ILE H 262 -1.96 -16.50 6.80
N GLY H 263 -1.85 -15.18 6.99
CA GLY H 263 -0.57 -14.57 7.38
C GLY H 263 -0.33 -13.17 6.80
N MET H 264 -1.35 -12.44 6.36
CA MET H 264 -1.13 -11.08 5.89
C MET H 264 -1.46 -10.08 6.97
N GLU H 265 -0.51 -9.21 7.28
CA GLU H 265 -0.62 -8.26 8.38
C GLU H 265 -1.42 -7.03 7.96
N SER H 266 -2.58 -7.27 7.36
CA SER H 266 -3.30 -6.21 6.69
C SER H 266 -4.78 -6.24 7.04
N ALA H 267 -5.46 -5.14 6.71
CA ALA H 267 -6.84 -4.90 7.05
C ALA H 267 -7.82 -5.72 6.24
N GLY H 268 -8.81 -6.30 6.92
CA GLY H 268 -9.81 -7.11 6.28
C GLY H 268 -10.77 -6.28 5.47
N ILE H 269 -11.34 -6.92 4.44
CA ILE H 269 -12.25 -6.35 3.43
C ILE H 269 -13.15 -5.18 3.83
N HIS H 270 -13.75 -5.42 5.00
CA HIS H 270 -14.62 -4.48 5.67
C HIS H 270 -14.00 -3.10 5.89
N GLU H 271 -12.76 -3.11 6.37
CA GLU H 271 -12.04 -1.88 6.62
C GLU H 271 -11.65 -1.22 5.34
N THR H 272 -11.04 -1.97 4.44
CA THR H 272 -10.62 -1.50 3.12
C THR H 272 -11.75 -0.83 2.34
N THR H 273 -12.98 -1.29 2.59
CA THR H 273 -14.16 -0.58 2.11
C THR H 273 -14.28 0.81 2.70
N TYR H 274 -14.29 0.84 4.03
CA TYR H 274 -14.45 2.07 4.79
C TYR H 274 -13.34 3.03 4.37
N ASN H 275 -12.12 2.53 4.24
CA ASN H 275 -10.99 3.33 3.82
C ASN H 275 -11.15 3.91 2.44
N SER H 276 -11.69 3.12 1.49
CA SER H 276 -11.92 3.62 0.14
C SER H 276 -13.00 4.68 0.17
N ILE H 277 -14.03 4.52 1.03
CA ILE H 277 -15.09 5.50 1.15
C ILE H 277 -14.52 6.77 1.80
N MET H 278 -13.54 6.68 2.70
CA MET H 278 -12.79 7.85 3.18
C MET H 278 -12.04 8.59 2.09
N LYS H 279 -11.20 7.84 1.34
CA LYS H 279 -10.51 8.35 0.15
C LYS H 279 -11.39 8.88 -0.97
N CYS H 280 -12.62 8.40 -1.02
CA CYS H 280 -13.65 9.01 -1.84
C CYS H 280 -14.19 10.27 -1.18
N ASP H 281 -14.70 11.15 -2.04
CA ASP H 281 -15.29 12.41 -1.61
C ASP H 281 -16.38 12.28 -0.55
N ILE H 282 -16.60 13.42 0.10
CA ILE H 282 -17.53 13.53 1.21
C ILE H 282 -18.93 13.40 0.62
N ASP H 283 -19.29 14.27 -0.34
CA ASP H 283 -20.65 14.31 -0.88
C ASP H 283 -21.08 13.01 -1.52
N ILE H 284 -20.20 12.27 -2.19
CA ILE H 284 -20.57 10.96 -2.69
C ILE H 284 -20.97 10.01 -1.56
N ARG H 285 -20.23 10.02 -0.43
CA ARG H 285 -20.26 8.97 0.59
C ARG H 285 -21.59 8.30 0.88
N LYS H 286 -22.70 9.04 0.96
CA LYS H 286 -24.00 8.47 1.32
C LYS H 286 -24.51 7.43 0.32
N ASP H 287 -23.99 7.53 -0.90
CA ASP H 287 -24.25 6.58 -1.97
C ASP H 287 -23.39 5.35 -1.71
N LEU H 288 -22.09 5.54 -1.56
CA LEU H 288 -21.17 4.43 -1.36
C LEU H 288 -21.54 3.58 -0.16
N TYR H 289 -21.77 4.21 1.00
CA TYR H 289 -22.26 3.51 2.17
C TYR H 289 -23.56 2.75 1.96
N ALA H 290 -24.39 3.15 0.98
CA ALA H 290 -25.64 2.47 0.67
C ALA H 290 -25.68 1.70 -0.66
N ASN H 291 -24.62 1.74 -1.47
CA ASN H 291 -24.54 0.92 -2.66
C ASN H 291 -23.25 0.13 -2.75
N ASN H 292 -23.01 -0.56 -1.63
CA ASN H 292 -21.85 -1.42 -1.50
C ASN H 292 -22.17 -2.77 -2.13
N VAL H 293 -21.78 -3.08 -3.37
CA VAL H 293 -22.32 -4.26 -4.06
C VAL H 293 -21.25 -5.34 -4.10
N MET H 294 -21.50 -6.60 -3.77
CA MET H 294 -20.46 -7.61 -3.66
C MET H 294 -20.59 -8.58 -4.83
N SER H 295 -19.51 -9.10 -5.42
CA SER H 295 -19.60 -10.11 -6.47
C SER H 295 -18.30 -10.86 -6.66
N GLY H 296 -18.38 -11.86 -7.54
CA GLY H 296 -17.30 -12.79 -7.76
C GLY H 296 -17.58 -14.07 -6.99
N GLY H 297 -16.93 -15.19 -7.29
CA GLY H 297 -17.35 -16.49 -6.75
C GLY H 297 -17.29 -16.58 -5.23
N THR H 298 -16.19 -16.05 -4.68
CA THR H 298 -15.96 -16.03 -3.24
C THR H 298 -17.02 -15.33 -2.39
N THR H 299 -17.70 -14.29 -2.87
CA THR H 299 -18.77 -13.65 -2.11
C THR H 299 -20.01 -14.52 -1.80
N MET H 300 -20.11 -15.73 -2.37
CA MET H 300 -21.25 -16.62 -2.16
C MET H 300 -21.50 -17.19 -0.75
N TYR H 301 -20.56 -16.95 0.16
CA TYR H 301 -20.61 -17.49 1.51
C TYR H 301 -21.86 -17.24 2.33
N PRO H 302 -22.47 -18.24 2.96
CA PRO H 302 -23.60 -18.04 3.87
C PRO H 302 -23.20 -17.19 5.09
N GLY H 303 -23.52 -15.89 5.02
CA GLY H 303 -23.42 -14.99 6.17
C GLY H 303 -22.62 -13.71 5.93
N ILE H 304 -21.91 -13.72 4.79
CA ILE H 304 -20.98 -12.66 4.42
C ILE H 304 -21.56 -11.25 4.25
N ALA H 305 -22.84 -11.15 3.88
CA ALA H 305 -23.49 -9.87 3.65
C ALA H 305 -23.95 -9.21 4.94
N ASP H 306 -24.57 -10.00 5.83
CA ASP H 306 -24.86 -9.64 7.20
C ASP H 306 -23.61 -9.18 7.93
N ARG H 307 -22.55 -10.00 7.85
CA ARG H 307 -21.27 -9.68 8.47
C ARG H 307 -20.75 -8.35 7.95
N MET H 308 -20.58 -8.19 6.63
CA MET H 308 -20.30 -6.88 6.06
C MET H 308 -21.23 -5.76 6.50
N GLN H 309 -22.53 -6.06 6.66
CA GLN H 309 -23.49 -5.08 7.19
C GLN H 309 -23.00 -4.53 8.52
N LYS H 310 -22.76 -5.42 9.48
CA LYS H 310 -22.28 -4.99 10.78
C LYS H 310 -20.90 -4.37 10.85
N GLU H 311 -19.94 -4.90 10.11
CA GLU H 311 -18.59 -4.38 10.14
C GLU H 311 -18.49 -2.92 9.72
N ILE H 312 -19.09 -2.53 8.58
CA ILE H 312 -18.97 -1.14 8.19
C ILE H 312 -19.90 -0.25 9.00
N THR H 313 -21.08 -0.74 9.42
CA THR H 313 -21.91 0.01 10.37
C THR H 313 -21.23 0.29 11.69
N ALA H 314 -20.30 -0.58 12.14
CA ALA H 314 -19.52 -0.31 13.34
C ALA H 314 -18.38 0.68 13.09
N LEU H 315 -18.18 1.09 11.84
CA LEU H 315 -17.17 2.07 11.49
C LEU H 315 -17.73 3.40 11.00
N ALA H 316 -18.96 3.43 10.49
CA ALA H 316 -19.53 4.64 9.89
C ALA H 316 -20.13 5.66 10.87
N PRO H 317 -20.41 6.93 10.50
CA PRO H 317 -21.21 7.85 11.30
C PRO H 317 -22.64 7.32 11.48
N SER H 318 -23.21 7.40 12.68
CA SER H 318 -24.53 6.85 12.96
C SER H 318 -25.70 7.59 12.31
N THR H 319 -25.40 8.77 11.77
CA THR H 319 -26.31 9.51 10.91
C THR H 319 -26.45 8.90 9.52
N MET H 320 -25.62 7.91 9.20
CA MET H 320 -25.56 7.35 7.87
C MET H 320 -26.37 6.05 7.73
N LYS H 321 -27.07 6.04 6.60
CA LYS H 321 -27.70 4.85 6.06
C LYS H 321 -26.69 4.01 5.28
N ILE H 322 -26.61 2.73 5.66
CA ILE H 322 -25.71 1.74 5.07
C ILE H 322 -26.48 0.60 4.40
N LYS H 323 -25.94 0.07 3.29
CA LYS H 323 -26.45 -1.10 2.59
C LYS H 323 -25.45 -1.82 1.69
N ILE H 324 -25.30 -3.12 2.00
CA ILE H 324 -24.43 -4.04 1.27
C ILE H 324 -25.36 -4.84 0.37
N ILE H 325 -25.32 -4.72 -0.97
CA ILE H 325 -26.35 -5.36 -1.78
C ILE H 325 -25.77 -6.65 -2.31
N ALA H 326 -26.08 -7.80 -1.72
CA ALA H 326 -25.59 -9.06 -2.24
C ALA H 326 -26.66 -9.77 -3.07
N PRO H 327 -26.63 -9.73 -4.41
CA PRO H 327 -27.62 -10.37 -5.28
C PRO H 327 -27.56 -11.89 -5.19
N PRO H 328 -28.65 -12.67 -5.30
CA PRO H 328 -28.58 -14.11 -5.43
C PRO H 328 -27.75 -14.62 -6.61
N GLU H 329 -27.50 -13.80 -7.64
CA GLU H 329 -26.77 -14.25 -8.81
C GLU H 329 -25.26 -14.00 -8.76
N ARG H 330 -24.74 -13.23 -7.80
CA ARG H 330 -23.39 -12.66 -7.82
C ARG H 330 -22.14 -13.38 -8.41
N LYS H 331 -22.12 -14.70 -8.53
CA LYS H 331 -20.99 -15.40 -9.16
C LYS H 331 -20.96 -15.32 -10.69
N TYR H 332 -22.01 -14.79 -11.33
CA TYR H 332 -21.99 -14.58 -12.77
C TYR H 332 -22.29 -13.15 -13.22
N SER H 333 -22.50 -12.25 -12.25
CA SER H 333 -22.91 -10.87 -12.47
C SER H 333 -22.09 -10.07 -13.48
N VAL H 334 -20.78 -10.37 -13.46
CA VAL H 334 -19.81 -9.75 -14.33
C VAL H 334 -20.12 -10.05 -15.81
N TRP H 335 -20.79 -11.17 -16.05
CA TRP H 335 -21.24 -11.59 -17.37
C TRP H 335 -22.66 -11.11 -17.65
N ILE H 336 -23.58 -11.17 -16.68
CA ILE H 336 -24.95 -10.67 -16.83
C ILE H 336 -24.96 -9.20 -17.25
N GLY H 337 -24.18 -8.37 -16.55
CA GLY H 337 -23.95 -6.99 -16.94
C GLY H 337 -23.45 -6.85 -18.39
N GLY H 338 -22.43 -7.65 -18.74
CA GLY H 338 -21.89 -7.69 -20.09
C GLY H 338 -22.94 -8.00 -21.16
N SER H 339 -23.64 -9.11 -20.94
CA SER H 339 -24.74 -9.60 -21.75
C SER H 339 -25.84 -8.56 -21.96
N ILE H 340 -26.33 -7.94 -20.87
CA ILE H 340 -27.32 -6.88 -20.91
C ILE H 340 -26.76 -5.71 -21.70
N LEU H 341 -25.56 -5.22 -21.36
CA LEU H 341 -24.91 -4.13 -22.07
C LEU H 341 -24.78 -4.37 -23.57
N ALA H 342 -24.32 -5.56 -24.01
CA ALA H 342 -24.22 -5.87 -25.42
C ALA H 342 -25.58 -5.89 -26.13
N SER H 343 -26.57 -6.36 -25.37
CA SER H 343 -27.95 -6.39 -25.83
C SER H 343 -28.71 -5.07 -25.64
N LEU H 344 -28.04 -3.98 -25.26
CA LEU H 344 -28.71 -2.70 -25.13
C LEU H 344 -28.96 -1.99 -26.46
N SER H 345 -30.20 -1.52 -26.64
CA SER H 345 -30.60 -0.77 -27.82
C SER H 345 -29.80 0.52 -28.08
N THR H 346 -29.10 1.00 -27.06
CA THR H 346 -28.23 2.15 -27.18
C THR H 346 -26.76 1.82 -27.39
N PHE H 347 -26.35 0.56 -27.18
CA PHE H 347 -24.92 0.21 -27.18
C PHE H 347 -24.27 0.02 -28.55
N GLN H 348 -25.05 -0.02 -29.64
CA GLN H 348 -24.57 -0.48 -30.94
C GLN H 348 -23.50 0.44 -31.56
N GLN H 349 -23.68 1.72 -31.26
CA GLN H 349 -22.73 2.75 -31.63
C GLN H 349 -21.58 2.92 -30.64
N MET H 350 -21.47 2.01 -29.66
CA MET H 350 -20.25 1.78 -28.91
C MET H 350 -19.67 0.42 -29.27
N TRP H 351 -20.34 -0.42 -30.07
CA TRP H 351 -19.65 -1.56 -30.64
C TRP H 351 -18.49 -1.19 -31.55
N ILE H 352 -17.33 -1.24 -30.89
CA ILE H 352 -16.05 -0.92 -31.54
C ILE H 352 -15.65 -1.96 -32.58
N THR H 353 -15.79 -1.52 -33.83
CA THR H 353 -15.53 -2.36 -34.98
C THR H 353 -14.08 -2.34 -35.45
N LYS H 354 -13.80 -3.23 -36.40
CA LYS H 354 -12.56 -3.20 -37.16
C LYS H 354 -12.29 -1.89 -37.90
N GLN H 355 -13.32 -1.18 -38.36
CA GLN H 355 -13.13 0.11 -39.02
C GLN H 355 -12.48 1.06 -38.00
N GLU H 356 -13.09 1.24 -36.83
CA GLU H 356 -12.49 1.98 -35.73
C GLU H 356 -11.10 1.47 -35.33
N TYR H 357 -10.97 0.15 -35.19
CA TYR H 357 -9.70 -0.49 -34.85
C TYR H 357 -8.56 -0.23 -35.83
N ASP H 358 -8.74 -0.36 -37.14
CA ASP H 358 -7.60 -0.35 -38.05
C ASP H 358 -6.99 1.03 -38.18
N GLU H 359 -7.90 1.95 -38.53
CA GLU H 359 -7.54 3.34 -38.77
C GLU H 359 -6.90 4.00 -37.56
N ALA H 360 -7.37 3.68 -36.35
CA ALA H 360 -6.75 4.16 -35.12
C ALA H 360 -5.68 3.27 -34.51
N GLY H 361 -5.67 1.96 -34.77
CA GLY H 361 -4.77 1.05 -34.08
C GLY H 361 -5.27 0.70 -32.67
N PRO H 362 -4.57 -0.21 -31.95
CA PRO H 362 -4.97 -0.75 -30.65
C PRO H 362 -5.47 0.23 -29.59
N SER H 363 -5.05 1.48 -29.64
CA SER H 363 -5.38 2.47 -28.62
C SER H 363 -6.78 3.06 -28.71
N ILE H 364 -7.69 2.46 -29.49
CA ILE H 364 -9.07 2.94 -29.61
C ILE H 364 -10.03 2.29 -28.59
N VAL H 365 -9.61 1.22 -27.92
CA VAL H 365 -10.57 0.24 -27.43
C VAL H 365 -10.88 0.16 -25.91
N ALA I 1 18.28 -41.32 36.71
CA ALA I 1 18.42 -41.32 35.27
C ALA I 1 17.00 -41.34 34.75
N ALA I 2 16.78 -40.98 33.49
CA ALA I 2 15.48 -40.62 32.95
C ALA I 2 15.39 -41.16 31.52
N LEU I 3 14.29 -41.81 31.16
CA LEU I 3 14.17 -42.60 29.95
C LEU I 3 13.92 -41.80 28.68
N VAL I 4 14.12 -42.38 27.49
CA VAL I 4 13.84 -41.74 26.20
C VAL I 4 13.23 -42.82 25.33
N ILE I 5 12.02 -42.61 24.82
CA ILE I 5 11.31 -43.62 24.04
C ILE I 5 10.75 -42.92 22.81
N ASP I 6 11.52 -43.03 21.73
CA ASP I 6 11.18 -42.36 20.51
C ASP I 6 10.30 -43.27 19.68
N ASN I 7 9.10 -42.70 19.50
CA ASN I 7 7.97 -43.38 18.89
C ASN I 7 8.00 -43.33 17.37
N GLY I 8 8.95 -44.09 16.85
CA GLY I 8 9.05 -44.32 15.43
C GLY I 8 7.74 -44.92 14.90
N SER I 9 7.37 -44.58 13.66
CA SER I 9 6.15 -45.11 13.07
C SER I 9 6.23 -46.62 12.83
N GLY I 10 7.44 -47.09 12.47
CA GLY I 10 7.79 -48.50 12.49
C GLY I 10 8.91 -48.83 13.47
N MET I 11 9.80 -47.92 13.90
CA MET I 11 10.91 -48.27 14.79
C MET I 11 10.97 -47.48 16.10
N CYS I 12 10.63 -48.12 17.22
CA CYS I 12 10.64 -47.45 18.50
C CYS I 12 11.90 -47.85 19.25
N LYS I 13 12.58 -46.83 19.75
CA LYS I 13 13.83 -46.95 20.49
C LYS I 13 13.58 -46.39 21.88
N ALA I 14 14.06 -47.10 22.89
CA ALA I 14 13.95 -46.66 24.26
C ALA I 14 15.33 -46.61 24.87
N GLY I 15 15.38 -46.31 26.16
CA GLY I 15 16.63 -46.25 26.87
C GLY I 15 16.51 -45.10 27.85
N PHE I 16 17.68 -44.66 28.30
CA PHE I 16 17.79 -43.64 29.31
C PHE I 16 18.50 -42.42 28.73
N ALA I 17 18.68 -41.47 29.65
CA ALA I 17 19.65 -40.41 29.52
C ALA I 17 21.05 -40.99 29.65
N GLY I 18 21.98 -40.49 28.84
CA GLY I 18 23.40 -40.73 29.05
C GLY I 18 23.97 -41.86 28.22
N ASP I 19 23.24 -42.97 28.07
CA ASP I 19 23.63 -44.05 27.18
C ASP I 19 23.80 -43.51 25.76
N ASP I 20 24.91 -43.94 25.14
CA ASP I 20 25.28 -43.52 23.79
C ASP I 20 24.49 -44.29 22.74
N ALA I 21 24.38 -45.60 22.95
CA ALA I 21 23.58 -46.47 22.11
C ALA I 21 22.18 -46.60 22.70
N PRO I 22 21.12 -46.52 21.88
CA PRO I 22 19.74 -46.78 22.27
C PRO I 22 19.50 -48.16 22.89
N ARG I 23 18.96 -48.16 24.11
CA ARG I 23 18.82 -49.39 24.85
C ARG I 23 17.74 -50.30 24.31
N ALA I 24 16.54 -49.83 23.99
CA ALA I 24 15.53 -50.77 23.52
C ALA I 24 14.90 -50.46 22.17
N VAL I 25 15.51 -50.99 21.11
CA VAL I 25 15.12 -50.71 19.73
C VAL I 25 14.37 -51.93 19.23
N PHE I 26 13.16 -51.72 18.71
CA PHE I 26 12.30 -52.83 18.28
C PHE I 26 11.32 -52.47 17.16
N PRO I 27 10.77 -53.42 16.40
CA PRO I 27 9.64 -53.19 15.51
C PRO I 27 8.43 -52.72 16.32
N SER I 28 7.91 -51.55 15.97
CA SER I 28 6.91 -50.86 16.76
C SER I 28 5.54 -51.36 16.33
N ILE I 29 5.37 -52.66 16.57
CA ILE I 29 4.22 -53.40 16.09
C ILE I 29 3.50 -53.94 17.31
N VAL I 30 2.22 -53.58 17.43
CA VAL I 30 1.34 -54.19 18.44
C VAL I 30 0.82 -55.46 17.80
N GLY I 31 1.01 -56.64 18.41
CA GLY I 31 0.43 -57.86 17.87
C GLY I 31 -0.64 -58.46 18.77
N ARG I 32 -1.78 -58.89 18.24
CA ARG I 32 -2.81 -59.52 19.05
C ARG I 32 -3.14 -60.88 18.43
N PRO I 33 -3.37 -62.00 19.14
CA PRO I 33 -3.65 -63.29 18.52
C PRO I 33 -4.97 -63.39 17.76
N ARG I 34 -4.94 -64.03 16.58
CA ARG I 34 -6.15 -64.33 15.83
C ARG I 34 -7.20 -65.23 16.47
N HIS I 35 -6.88 -66.04 17.49
CA HIS I 35 -7.89 -66.73 18.28
C HIS I 35 -7.20 -66.82 19.64
N GLN I 36 -7.47 -65.93 20.60
CA GLN I 36 -6.78 -65.99 21.89
C GLN I 36 -7.22 -67.21 22.71
N GLY I 37 -6.22 -67.95 23.20
CA GLY I 37 -6.46 -69.29 23.72
C GLY I 37 -6.01 -69.44 25.17
N ILE I 38 -6.26 -70.62 25.73
CA ILE I 38 -6.13 -70.81 27.16
C ILE I 38 -4.69 -70.92 27.64
N MET I 39 -3.69 -71.21 26.78
CA MET I 39 -2.36 -71.57 27.26
C MET I 39 -1.12 -70.89 26.65
N VAL I 40 0.02 -71.25 27.25
CA VAL I 40 1.31 -70.66 26.89
C VAL I 40 1.78 -71.06 25.49
N GLY I 41 2.22 -70.10 24.69
CA GLY I 41 2.71 -70.35 23.33
C GLY I 41 1.60 -70.29 22.31
N MET I 42 0.43 -70.82 22.71
CA MET I 42 -0.82 -70.78 21.96
C MET I 42 -1.43 -69.41 21.69
N GLY I 43 -0.77 -68.26 21.88
CA GLY I 43 -1.42 -66.95 21.75
C GLY I 43 -2.36 -66.63 22.91
N GLN I 44 -1.73 -66.22 24.01
CA GLN I 44 -2.36 -66.14 25.33
C GLN I 44 -2.76 -64.75 25.83
N LYS I 45 -2.07 -63.73 25.31
CA LYS I 45 -2.06 -62.42 25.90
C LYS I 45 -2.62 -61.47 24.85
N ASP I 46 -3.37 -60.51 25.38
CA ASP I 46 -4.13 -59.58 24.57
C ASP I 46 -3.29 -58.59 23.77
N SER I 47 -1.98 -58.43 24.01
CA SER I 47 -1.08 -57.69 23.14
C SER I 47 0.39 -58.08 23.29
N TYR I 48 1.14 -58.16 22.20
CA TYR I 48 2.59 -58.29 22.24
C TYR I 48 3.18 -57.06 21.54
N VAL I 49 4.49 -56.82 21.59
CA VAL I 49 5.14 -55.70 20.89
C VAL I 49 6.56 -56.19 20.62
N GLY I 50 7.16 -55.70 19.53
CA GLY I 50 8.53 -56.01 19.20
C GLY I 50 8.69 -57.30 18.40
N ASP I 51 9.94 -57.76 18.51
CA ASP I 51 10.45 -58.93 17.80
C ASP I 51 9.71 -60.25 18.06
N GLU I 52 9.14 -60.39 19.26
CA GLU I 52 8.20 -61.44 19.59
C GLU I 52 6.96 -61.36 18.70
N ALA I 53 6.34 -60.18 18.59
CA ALA I 53 5.11 -60.04 17.83
C ALA I 53 5.40 -60.26 16.35
N GLN I 54 6.56 -59.70 15.96
CA GLN I 54 7.13 -59.87 14.64
C GLN I 54 7.26 -61.32 14.19
N SER I 55 7.88 -62.25 14.91
CA SER I 55 7.91 -63.63 14.44
C SER I 55 6.52 -64.26 14.53
N LYS I 56 5.78 -63.90 15.58
CA LYS I 56 4.46 -64.47 15.84
C LYS I 56 3.29 -64.04 14.94
N ARG I 57 3.56 -63.32 13.84
CA ARG I 57 2.56 -62.91 12.83
C ARG I 57 1.55 -64.00 12.47
N GLY I 58 2.14 -65.18 12.24
CA GLY I 58 1.43 -66.43 11.96
C GLY I 58 0.31 -66.70 12.94
N ILE I 59 0.46 -66.34 14.21
CA ILE I 59 -0.69 -66.34 15.10
C ILE I 59 -1.32 -64.96 15.25
N LEU I 60 -0.68 -63.84 14.91
CA LEU I 60 -1.25 -62.53 15.20
C LEU I 60 -1.91 -61.73 14.06
N THR I 61 -2.55 -60.61 14.43
CA THR I 61 -2.94 -59.58 13.49
C THR I 61 -2.16 -58.31 13.87
N LEU I 62 -1.20 -57.86 13.06
CA LEU I 62 -0.28 -56.77 13.42
C LEU I 62 -0.78 -55.34 13.17
N ARG I 63 -0.47 -54.40 14.07
CA ARG I 63 -0.85 -53.00 13.92
C ARG I 63 0.32 -52.06 14.11
N TYR I 64 0.24 -50.96 13.38
CA TYR I 64 1.17 -49.85 13.49
C TYR I 64 0.27 -48.71 13.91
N PRO I 65 0.30 -48.25 15.17
CA PRO I 65 -0.55 -47.16 15.63
C PRO I 65 -0.12 -45.78 15.16
N ILE I 66 1.10 -45.66 14.63
CA ILE I 66 1.67 -44.35 14.39
C ILE I 66 1.80 -44.26 12.89
N GLU I 67 1.08 -43.32 12.28
CA GLU I 67 1.11 -43.12 10.84
C GLU I 67 1.52 -41.70 10.53
N HIS I 68 2.73 -41.57 10.00
CA HIS I 68 3.32 -40.30 9.57
C HIS I 68 3.73 -39.48 10.78
N GLY I 69 4.34 -40.24 11.70
CA GLY I 69 4.67 -39.75 13.03
C GLY I 69 3.50 -39.12 13.79
N ILE I 70 2.26 -39.34 13.33
CA ILE I 70 1.08 -38.89 14.00
C ILE I 70 0.47 -40.18 14.49
N VAL I 71 0.34 -40.24 15.81
CA VAL I 71 -0.22 -41.41 16.47
C VAL I 71 -1.70 -41.43 16.20
N THR I 72 -2.03 -42.30 15.25
CA THR I 72 -3.40 -42.52 14.85
C THR I 72 -4.13 -43.57 15.66
N ASN I 73 -3.48 -44.35 16.55
CA ASN I 73 -4.21 -45.12 17.55
C ASN I 73 -3.54 -45.09 18.91
N TRP I 74 -4.25 -44.47 19.84
CA TRP I 74 -3.77 -44.32 21.21
C TRP I 74 -3.93 -45.57 22.05
N ASP I 75 -5.00 -46.35 21.81
CA ASP I 75 -5.27 -47.53 22.62
C ASP I 75 -4.25 -48.65 22.33
N ASP I 76 -3.52 -48.47 21.24
CA ASP I 76 -2.37 -49.30 20.93
C ASP I 76 -1.07 -48.61 21.34
N MET I 77 -0.87 -47.30 21.05
CA MET I 77 0.30 -46.57 21.53
C MET I 77 0.61 -46.73 23.02
N GLU I 78 -0.44 -46.67 23.86
CA GLU I 78 -0.30 -46.88 25.30
C GLU I 78 0.39 -48.20 25.60
N LYS I 79 -0.20 -49.26 25.05
CA LYS I 79 0.19 -50.64 25.35
C LYS I 79 1.57 -51.01 24.76
N ILE I 80 2.02 -50.23 23.77
CA ILE I 80 3.41 -50.29 23.35
C ILE I 80 4.23 -49.79 24.53
N TRP I 81 3.91 -48.62 25.09
CA TRP I 81 4.71 -48.07 26.17
C TRP I 81 4.74 -49.05 27.33
N HIS I 82 3.58 -49.63 27.70
CA HIS I 82 3.51 -50.61 28.79
C HIS I 82 4.40 -51.82 28.55
N HIS I 83 4.74 -52.18 27.30
CA HIS I 83 5.75 -53.20 27.00
C HIS I 83 7.16 -52.58 26.98
N THR I 84 7.27 -51.34 26.54
CA THR I 84 8.55 -50.69 26.37
C THR I 84 9.20 -50.47 27.75
N PHE I 85 8.40 -50.07 28.72
CA PHE I 85 8.82 -49.91 30.09
C PHE I 85 9.09 -51.27 30.74
N TYR I 86 8.04 -52.10 30.83
CA TYR I 86 8.09 -53.29 31.68
C TYR I 86 8.77 -54.48 31.04
N ASN I 87 8.73 -54.57 29.72
CA ASN I 87 9.27 -55.75 29.06
C ASN I 87 10.59 -55.43 28.37
N GLU I 88 10.80 -54.26 27.77
CA GLU I 88 12.10 -53.94 27.20
C GLU I 88 13.11 -53.52 28.27
N LEU I 89 12.92 -52.31 28.81
CA LEU I 89 13.79 -51.75 29.83
C LEU I 89 13.65 -52.41 31.20
N ARG I 90 12.52 -53.11 31.38
CA ARG I 90 12.22 -53.92 32.56
C ARG I 90 12.10 -53.10 33.84
N VAL I 91 11.57 -51.88 33.67
CA VAL I 91 11.44 -50.90 34.74
C VAL I 91 10.02 -50.33 34.83
N ALA I 92 9.76 -49.69 35.99
CA ALA I 92 8.46 -49.11 36.31
C ALA I 92 8.35 -47.62 35.95
N PRO I 93 7.44 -47.24 35.05
CA PRO I 93 7.29 -45.87 34.55
C PRO I 93 7.26 -44.73 35.55
N GLU I 94 6.68 -44.97 36.73
CA GLU I 94 6.53 -44.01 37.81
C GLU I 94 7.84 -43.60 38.50
N GLU I 95 8.93 -44.30 38.19
CA GLU I 95 10.24 -44.00 38.73
C GLU I 95 11.17 -43.11 37.90
N HIS I 96 11.04 -43.15 36.57
CA HIS I 96 12.01 -42.48 35.73
C HIS I 96 11.36 -41.33 34.99
N PRO I 97 11.87 -40.09 34.96
CA PRO I 97 11.37 -39.04 34.09
C PRO I 97 11.44 -39.53 32.64
N VAL I 98 10.43 -39.29 31.82
CA VAL I 98 10.43 -39.83 30.48
C VAL I 98 10.53 -38.68 29.50
N LEU I 99 11.30 -38.92 28.44
CA LEU I 99 11.34 -38.07 27.29
C LEU I 99 10.86 -38.97 26.16
N LEU I 100 9.89 -38.45 25.42
CA LEU I 100 9.26 -39.14 24.29
C LEU I 100 9.18 -38.10 23.19
N THR I 101 9.03 -38.46 21.93
CA THR I 101 9.18 -37.52 20.82
C THR I 101 7.93 -37.17 20.00
N GLU I 102 8.13 -36.28 19.00
CA GLU I 102 7.06 -35.99 18.04
C GLU I 102 7.50 -35.58 16.64
N ALA I 103 6.65 -35.99 15.70
CA ALA I 103 6.83 -35.58 14.31
C ALA I 103 6.44 -34.12 14.17
N PRO I 104 7.26 -33.30 13.49
CA PRO I 104 7.03 -31.86 13.35
C PRO I 104 5.68 -31.49 12.77
N MET I 105 5.07 -30.48 13.41
CA MET I 105 3.72 -29.99 13.13
C MET I 105 2.61 -30.90 13.67
N ASN I 106 2.91 -31.52 14.82
CA ASN I 106 1.98 -32.39 15.53
C ASN I 106 0.77 -31.56 15.96
N PRO I 107 -0.46 -31.99 15.65
CA PRO I 107 -1.68 -31.36 16.14
C PRO I 107 -1.69 -31.45 17.66
N LYS I 108 -1.55 -30.26 18.24
CA LYS I 108 -1.42 -30.02 19.67
C LYS I 108 -2.14 -30.99 20.59
N SER I 109 -3.42 -31.30 20.32
CA SER I 109 -4.23 -32.25 21.07
C SER I 109 -3.58 -33.63 21.20
N ASN I 110 -3.02 -34.10 20.08
CA ASN I 110 -2.29 -35.35 20.04
C ASN I 110 -1.08 -35.28 20.95
N ARG I 111 -0.33 -34.17 20.96
CA ARG I 111 0.70 -33.97 21.98
C ARG I 111 0.09 -34.05 23.38
N GLU I 112 -0.91 -33.20 23.67
CA GLU I 112 -1.61 -33.13 24.95
C GLU I 112 -2.14 -34.47 25.43
N LYS I 113 -2.52 -35.31 24.47
CA LYS I 113 -2.95 -36.68 24.71
C LYS I 113 -1.79 -37.60 25.04
N MET I 114 -0.61 -37.47 24.43
CA MET I 114 0.57 -38.19 24.89
C MET I 114 0.88 -37.77 26.34
N THR I 115 0.93 -36.45 26.53
CA THR I 115 1.01 -35.81 27.83
C THR I 115 -0.01 -36.34 28.83
N GLN I 116 -1.26 -36.58 28.41
CA GLN I 116 -2.26 -37.19 29.28
C GLN I 116 -1.84 -38.58 29.72
N ILE I 117 -1.64 -39.53 28.78
CA ILE I 117 -1.42 -40.94 29.11
C ILE I 117 -0.17 -41.20 29.98
N MET I 118 0.92 -40.52 29.62
CA MET I 118 2.16 -40.54 30.39
C MET I 118 2.02 -40.32 31.88
N PHE I 119 1.30 -39.27 32.25
CA PHE I 119 1.11 -38.95 33.64
C PHE I 119 -0.07 -39.68 34.28
N GLU I 120 -1.13 -39.95 33.51
CA GLU I 120 -2.28 -40.68 34.03
C GLU I 120 -2.11 -42.20 34.09
N THR I 121 -2.27 -43.01 33.03
CA THR I 121 -2.05 -44.46 33.13
C THR I 121 -0.61 -44.79 33.55
N PHE I 122 0.36 -44.04 33.05
CA PHE I 122 1.75 -44.34 33.34
C PHE I 122 2.39 -43.69 34.56
N ASN I 123 1.76 -42.63 35.10
CA ASN I 123 2.17 -41.98 36.34
C ASN I 123 3.64 -41.59 36.44
N VAL I 124 4.29 -41.37 35.28
CA VAL I 124 5.72 -41.08 35.19
C VAL I 124 6.03 -39.82 35.98
N PRO I 125 7.08 -39.66 36.81
CA PRO I 125 7.24 -38.50 37.67
C PRO I 125 7.39 -37.18 36.91
N ALA I 126 7.94 -37.27 35.69
CA ALA I 126 8.17 -36.11 34.86
C ALA I 126 8.21 -36.55 33.41
N PHE I 127 8.00 -35.60 32.49
CA PHE I 127 7.90 -35.88 31.08
C PHE I 127 8.28 -34.61 30.29
N TYR I 128 8.60 -34.72 29.01
CA TYR I 128 8.76 -33.59 28.09
C TYR I 128 8.73 -34.29 26.74
N VAL I 129 7.99 -33.71 25.80
CA VAL I 129 7.84 -34.24 24.46
C VAL I 129 8.85 -33.50 23.61
N SER I 130 9.44 -34.13 22.59
CA SER I 130 10.42 -33.44 21.75
C SER I 130 10.47 -33.72 20.25
N ILE I 131 10.59 -32.61 19.51
CA ILE I 131 10.55 -32.63 18.06
C ILE I 131 11.74 -33.36 17.42
N GLN I 132 11.37 -34.34 16.59
CA GLN I 132 12.32 -35.28 16.01
C GLN I 132 13.53 -34.71 15.27
N ALA I 133 13.30 -33.71 14.44
CA ALA I 133 14.39 -33.09 13.70
C ALA I 133 15.34 -32.35 14.63
N VAL I 134 14.73 -31.77 15.68
CA VAL I 134 15.40 -30.82 16.55
C VAL I 134 16.30 -31.61 17.46
N LEU I 135 15.93 -32.86 17.81
CA LEU I 135 16.82 -33.71 18.58
C LEU I 135 17.95 -34.27 17.74
N SER I 136 17.67 -34.63 16.49
CA SER I 136 18.69 -35.15 15.59
C SER I 136 19.77 -34.10 15.32
N LEU I 137 19.33 -32.83 15.29
CA LEU I 137 20.22 -31.69 15.15
C LEU I 137 21.11 -31.50 16.39
N TYR I 138 20.56 -31.83 17.56
CA TYR I 138 21.31 -31.81 18.81
C TYR I 138 22.33 -32.93 18.80
N SER I 139 22.02 -34.10 18.23
CA SER I 139 23.04 -35.09 17.92
C SER I 139 23.98 -34.77 16.75
N SER I 140 24.05 -33.50 16.29
CA SER I 140 25.20 -33.01 15.54
C SER I 140 25.92 -31.91 16.33
N GLY I 141 25.38 -31.55 17.49
CA GLY I 141 25.88 -30.43 18.28
C GLY I 141 25.58 -29.08 17.63
N ARG I 142 24.42 -28.94 17.01
CA ARG I 142 24.00 -27.67 16.44
C ARG I 142 22.77 -27.06 17.12
N THR I 143 22.70 -25.75 16.98
CA THR I 143 21.50 -24.98 17.25
C THR I 143 20.73 -24.79 15.95
N THR I 144 21.48 -24.45 14.90
CA THR I 144 20.89 -23.89 13.70
C THR I 144 21.05 -24.92 12.58
N GLY I 145 20.20 -24.95 11.56
CA GLY I 145 20.24 -26.00 10.57
C GLY I 145 18.86 -26.51 10.20
N ILE I 146 18.67 -26.49 8.88
CA ILE I 146 17.49 -27.05 8.25
C ILE I 146 17.79 -28.54 8.11
N VAL I 147 16.86 -29.31 8.68
CA VAL I 147 16.99 -30.75 8.81
C VAL I 147 15.84 -31.40 8.07
N LEU I 148 16.13 -32.61 7.60
CA LEU I 148 15.25 -33.38 6.77
C LEU I 148 15.33 -34.80 7.26
N ASP I 149 14.33 -35.22 8.05
CA ASP I 149 14.14 -36.62 8.36
C ASP I 149 13.46 -37.31 7.19
N SER I 150 13.92 -38.54 6.96
CA SER I 150 13.20 -39.49 6.15
C SER I 150 13.36 -40.78 6.96
N GLY I 151 12.28 -41.15 7.63
CA GLY I 151 12.24 -42.39 8.38
C GLY I 151 11.39 -43.42 7.66
N ASP I 152 10.97 -44.39 8.47
CA ASP I 152 10.08 -45.46 8.07
C ASP I 152 8.73 -44.84 7.72
N GLY I 153 8.32 -43.96 8.62
CA GLY I 153 7.03 -43.32 8.58
C GLY I 153 6.83 -42.23 7.53
N VAL I 154 7.61 -41.14 7.61
CA VAL I 154 7.29 -39.87 6.98
C VAL I 154 8.54 -38.99 6.89
N THR I 155 8.55 -38.12 5.90
CA THR I 155 9.74 -37.39 5.54
C THR I 155 9.51 -35.90 5.83
N HIS I 156 10.32 -35.29 6.70
CA HIS I 156 10.05 -33.98 7.31
C HIS I 156 11.27 -33.04 7.35
N VAL I 157 11.13 -31.88 6.68
CA VAL I 157 12.10 -30.78 6.60
C VAL I 157 11.69 -29.62 7.52
N VAL I 158 12.63 -29.09 8.32
CA VAL I 158 12.30 -28.08 9.31
C VAL I 158 13.34 -26.97 9.25
N PRO I 159 13.03 -25.68 9.07
CA PRO I 159 13.99 -24.59 9.26
C PRO I 159 14.28 -24.28 10.73
N ILE I 160 15.17 -25.13 11.28
CA ILE I 160 15.63 -24.92 12.64
C ILE I 160 16.69 -23.84 12.59
N TYR I 161 16.19 -22.65 12.85
CA TYR I 161 17.07 -21.51 13.03
C TYR I 161 17.25 -21.36 14.52
N ALA I 162 18.49 -21.48 14.97
CA ALA I 162 18.92 -21.27 16.35
C ALA I 162 18.11 -21.95 17.44
N GLY I 163 17.80 -23.25 17.30
CA GLY I 163 17.09 -23.99 18.36
C GLY I 163 15.58 -23.86 18.35
N PHE I 164 15.06 -23.17 17.33
CA PHE I 164 13.63 -23.01 17.13
C PHE I 164 13.22 -23.44 15.72
N SER I 165 12.14 -24.21 15.62
CA SER I 165 11.55 -24.52 14.32
C SER I 165 10.74 -23.36 13.77
N LEU I 166 10.94 -22.95 12.52
CA LEU I 166 10.03 -22.03 11.85
C LEU I 166 8.92 -22.76 11.08
N PRO I 167 7.72 -22.88 11.69
CA PRO I 167 6.62 -23.73 11.25
C PRO I 167 6.27 -23.67 9.77
N HIS I 168 6.22 -22.43 9.27
CA HIS I 168 5.80 -22.14 7.91
C HIS I 168 6.54 -22.84 6.76
N ALA I 169 7.71 -23.43 7.01
CA ALA I 169 8.40 -24.19 5.99
C ALA I 169 8.61 -25.64 6.40
N ILE I 170 8.08 -26.05 7.57
CA ILE I 170 8.17 -27.44 8.01
C ILE I 170 7.37 -28.33 7.05
N LEU I 171 8.11 -28.78 6.05
CA LEU I 171 7.51 -29.52 4.97
C LEU I 171 7.65 -31.01 5.18
N ARG I 172 6.65 -31.67 4.62
CA ARG I 172 6.45 -33.08 4.78
C ARG I 172 6.22 -33.67 3.40
N ILE I 173 6.76 -34.87 3.22
CA ILE I 173 6.48 -35.72 2.08
C ILE I 173 6.02 -37.00 2.75
N ASP I 174 4.86 -37.54 2.36
CA ASP I 174 4.33 -38.74 2.96
C ASP I 174 4.73 -40.04 2.25
N LEU I 175 5.70 -39.92 1.33
CA LEU I 175 6.43 -41.07 0.78
C LEU I 175 7.73 -41.28 1.54
N ALA I 176 8.00 -42.45 2.10
CA ALA I 176 9.08 -42.59 3.05
C ALA I 176 9.73 -43.97 2.99
N GLY I 177 10.46 -44.36 4.03
CA GLY I 177 11.22 -45.59 4.12
C GLY I 177 10.38 -46.85 4.02
N ARG I 178 9.18 -46.86 4.60
CA ARG I 178 8.19 -47.89 4.29
C ARG I 178 7.87 -47.92 2.80
N ASP I 179 7.33 -46.83 2.26
CA ASP I 179 6.94 -46.73 0.86
C ASP I 179 8.12 -46.89 -0.10
N LEU I 180 9.37 -46.75 0.38
CA LEU I 180 10.53 -47.14 -0.40
C LEU I 180 10.75 -48.65 -0.43
N THR I 181 10.58 -49.38 0.66
CA THR I 181 10.63 -50.84 0.64
C THR I 181 9.56 -51.39 -0.29
N ASP I 182 8.39 -50.74 -0.18
CA ASP I 182 7.30 -50.89 -1.12
C ASP I 182 7.76 -50.54 -2.52
N TYR I 183 8.50 -49.45 -2.72
CA TYR I 183 8.99 -49.09 -4.05
C TYR I 183 9.81 -50.23 -4.64
N LEU I 184 10.60 -50.92 -3.83
CA LEU I 184 11.31 -52.10 -4.28
C LEU I 184 10.37 -53.29 -4.54
N MET I 185 9.39 -53.49 -3.65
CA MET I 185 8.42 -54.57 -3.66
C MET I 185 7.48 -54.50 -4.85
N LYS I 186 7.35 -53.30 -5.43
CA LYS I 186 6.78 -53.15 -6.76
C LYS I 186 7.66 -53.87 -7.77
N ILE I 187 8.89 -53.36 -7.88
CA ILE I 187 9.65 -53.41 -9.12
C ILE I 187 10.57 -54.61 -9.30
N LEU I 188 10.38 -55.62 -8.45
CA LEU I 188 11.12 -56.86 -8.58
C LEU I 188 10.31 -57.99 -9.19
N SER I 189 9.04 -57.77 -9.50
CA SER I 189 8.12 -58.83 -9.79
C SER I 189 8.33 -59.62 -11.08
N GLU I 190 8.69 -59.01 -12.22
CA GLU I 190 8.79 -59.76 -13.48
C GLU I 190 10.13 -60.47 -13.71
N ARG I 191 10.99 -60.42 -12.69
CA ARG I 191 12.00 -61.44 -12.55
C ARG I 191 11.53 -62.51 -11.57
N GLY I 192 10.20 -62.69 -11.55
CA GLY I 192 9.56 -63.61 -10.65
C GLY I 192 9.91 -63.35 -9.20
N TYR I 193 10.29 -62.15 -8.76
CA TYR I 193 10.62 -62.04 -7.35
C TYR I 193 9.36 -61.99 -6.52
N SER I 194 9.49 -62.84 -5.50
CA SER I 194 8.40 -63.11 -4.59
C SER I 194 8.50 -62.25 -3.36
N PHE I 195 7.79 -61.13 -3.36
CA PHE I 195 7.65 -60.30 -2.17
C PHE I 195 6.18 -59.99 -2.11
N SER I 196 5.51 -60.54 -1.08
CA SER I 196 4.07 -60.45 -0.92
C SER I 196 3.51 -60.83 0.44
N THR I 197 4.20 -61.70 1.17
CA THR I 197 3.88 -61.98 2.56
C THR I 197 4.67 -60.98 3.39
N THR I 198 4.43 -60.81 4.69
CA THR I 198 5.21 -59.86 5.46
C THR I 198 6.64 -60.38 5.58
N ALA I 199 6.81 -61.70 5.58
CA ALA I 199 8.15 -62.27 5.57
C ALA I 199 8.92 -61.88 4.32
N GLU I 200 8.30 -62.09 3.16
CA GLU I 200 8.95 -61.68 1.93
C GLU I 200 9.19 -60.19 1.88
N ARG I 201 8.22 -59.38 2.31
CA ARG I 201 8.38 -57.94 2.30
C ARG I 201 9.50 -57.52 3.24
N GLU I 202 9.77 -58.31 4.27
CA GLU I 202 10.94 -58.05 5.10
C GLU I 202 12.23 -58.17 4.31
N ILE I 203 12.28 -59.22 3.48
CA ILE I 203 13.46 -59.51 2.67
C ILE I 203 13.69 -58.36 1.70
N VAL I 204 12.65 -57.82 1.06
CA VAL I 204 12.79 -56.65 0.19
C VAL I 204 13.22 -55.38 0.93
N ARG I 205 12.96 -55.34 2.24
CA ARG I 205 13.40 -54.23 3.07
C ARG I 205 14.91 -54.32 3.29
N ASP I 206 15.39 -55.53 3.53
CA ASP I 206 16.82 -55.81 3.69
C ASP I 206 17.64 -55.43 2.46
N ILE I 207 17.16 -55.83 1.27
CA ILE I 207 17.79 -55.46 -0.01
C ILE I 207 17.87 -53.94 -0.21
N LYS I 208 16.84 -53.24 0.28
CA LYS I 208 16.80 -51.79 0.21
C LYS I 208 17.95 -51.22 1.01
N GLU I 209 18.09 -51.64 2.27
CA GLU I 209 19.21 -51.22 3.11
C GLU I 209 20.56 -51.58 2.49
N LYS I 210 20.80 -52.87 2.20
CA LYS I 210 22.08 -53.34 1.71
C LYS I 210 22.55 -52.91 0.33
N LEU I 211 21.68 -52.79 -0.67
CA LEU I 211 22.14 -52.58 -2.05
C LEU I 211 21.72 -51.30 -2.75
N CYS I 212 20.65 -50.70 -2.24
CA CYS I 212 20.00 -49.58 -2.89
C CYS I 212 20.69 -48.28 -2.51
N TYR I 213 20.95 -47.49 -3.55
CA TYR I 213 21.73 -46.28 -3.51
C TYR I 213 21.13 -45.22 -4.44
N VAL I 214 21.51 -43.97 -4.18
CA VAL I 214 21.15 -42.86 -5.02
C VAL I 214 22.27 -42.61 -6.01
N ALA I 215 22.00 -43.03 -7.26
CA ALA I 215 22.78 -42.66 -8.44
C ALA I 215 23.07 -41.17 -8.49
N LEU I 216 24.25 -40.71 -8.92
CA LEU I 216 24.54 -39.29 -8.99
C LEU I 216 23.86 -38.59 -10.16
N ASP I 217 23.38 -39.35 -11.15
CA ASP I 217 22.71 -38.79 -12.32
C ASP I 217 21.90 -39.97 -12.83
N PHE I 218 20.56 -39.90 -12.86
CA PHE I 218 19.76 -41.11 -12.98
C PHE I 218 19.87 -41.82 -14.34
N GLU I 219 19.81 -40.98 -15.38
CA GLU I 219 19.78 -41.43 -16.76
C GLU I 219 21.09 -42.07 -17.19
N GLN I 220 22.23 -41.41 -16.88
CA GLN I 220 23.57 -41.93 -17.16
C GLN I 220 23.79 -43.32 -16.57
N GLU I 221 23.33 -43.43 -15.32
CA GLU I 221 23.44 -44.63 -14.51
C GLU I 221 22.75 -45.82 -15.17
N MET I 222 21.48 -45.60 -15.51
CA MET I 222 20.62 -46.51 -16.26
C MET I 222 21.37 -47.12 -17.43
N GLN I 223 21.99 -46.26 -18.24
CA GLN I 223 22.72 -46.77 -19.39
C GLN I 223 23.96 -47.57 -19.01
N THR I 224 24.60 -47.29 -17.88
CA THR I 224 25.61 -48.20 -17.32
C THR I 224 25.02 -49.51 -16.76
N ALA I 225 23.75 -49.53 -16.34
CA ALA I 225 23.08 -50.75 -15.91
C ALA I 225 22.64 -51.60 -17.09
N ALA I 226 22.37 -50.92 -18.20
CA ALA I 226 22.23 -51.56 -19.49
C ALA I 226 23.57 -52.09 -20.01
N GLN I 227 24.54 -51.23 -20.28
CA GLN I 227 25.85 -51.66 -20.76
C GLN I 227 26.58 -52.67 -19.89
N SER I 228 26.66 -52.46 -18.58
CA SER I 228 27.30 -53.45 -17.74
C SER I 228 26.51 -53.82 -16.49
N SER I 229 26.72 -55.11 -16.22
CA SER I 229 26.49 -55.71 -14.92
C SER I 229 27.28 -55.08 -13.77
N SER I 230 28.07 -54.04 -14.03
CA SER I 230 28.60 -53.10 -13.04
C SER I 230 27.67 -52.76 -11.86
N ILE I 231 26.38 -52.62 -12.15
CA ILE I 231 25.41 -52.34 -11.10
C ILE I 231 24.94 -53.65 -10.44
N GLU I 232 24.84 -54.68 -11.29
CA GLU I 232 24.27 -55.97 -10.98
C GLU I 232 25.05 -56.74 -9.91
N LYS I 233 24.43 -56.73 -8.74
CA LYS I 233 24.92 -57.44 -7.58
C LYS I 233 23.94 -58.49 -7.07
N SER I 234 24.48 -59.69 -7.01
CA SER I 234 23.76 -60.85 -6.51
C SER I 234 23.53 -60.87 -5.01
N TYR I 235 22.53 -61.66 -4.59
CA TYR I 235 22.09 -61.74 -3.21
C TYR I 235 21.45 -63.11 -3.05
N GLU I 236 21.69 -63.77 -1.92
CA GLU I 236 21.02 -65.03 -1.61
C GLU I 236 19.83 -64.81 -0.66
N LEU I 237 18.65 -65.01 -1.25
CA LEU I 237 17.37 -64.99 -0.52
C LEU I 237 17.32 -66.07 0.54
N PRO I 238 16.77 -65.88 1.75
CA PRO I 238 16.83 -66.84 2.86
C PRO I 238 16.49 -68.29 2.58
N ASP I 239 15.68 -68.60 1.56
CA ASP I 239 15.48 -69.97 1.12
C ASP I 239 16.76 -70.60 0.58
N GLY I 240 17.46 -69.78 -0.21
CA GLY I 240 18.73 -70.11 -0.82
C GLY I 240 18.89 -69.55 -2.23
N GLN I 241 17.89 -68.84 -2.79
CA GLN I 241 17.98 -68.39 -4.17
C GLN I 241 18.96 -67.27 -4.43
N VAL I 242 20.06 -67.65 -5.10
CA VAL I 242 20.95 -66.69 -5.72
C VAL I 242 20.20 -65.85 -6.75
N ILE I 243 19.71 -64.72 -6.27
CA ILE I 243 19.17 -63.69 -7.15
C ILE I 243 20.23 -62.67 -7.55
N THR I 244 19.94 -61.77 -8.46
CA THR I 244 20.87 -60.69 -8.77
C THR I 244 20.02 -59.43 -8.72
N ILE I 245 20.57 -58.31 -8.29
CA ILE I 245 19.80 -57.09 -8.12
C ILE I 245 20.58 -56.04 -8.91
N GLY I 246 19.92 -55.28 -9.78
CA GLY I 246 20.59 -54.24 -10.57
C GLY I 246 19.89 -52.89 -10.54
N ASN I 247 19.21 -52.43 -11.58
CA ASN I 247 18.59 -51.09 -11.69
C ASN I 247 17.82 -50.52 -10.48
N GLU I 248 17.04 -51.41 -9.87
CA GLU I 248 16.36 -51.24 -8.59
C GLU I 248 17.26 -50.77 -7.45
N ARG I 249 18.51 -51.23 -7.45
CA ARG I 249 19.54 -50.66 -6.59
C ARG I 249 19.57 -49.15 -6.69
N PHE I 250 19.54 -48.50 -7.85
CA PHE I 250 19.43 -47.04 -7.87
C PHE I 250 18.03 -46.46 -8.08
N ARG I 251 17.10 -47.31 -8.53
CA ARG I 251 15.74 -46.87 -8.83
C ARG I 251 14.92 -46.77 -7.55
N ALA I 252 15.11 -47.70 -6.61
CA ALA I 252 14.42 -47.68 -5.33
C ALA I 252 14.65 -46.47 -4.42
N PRO I 253 15.85 -45.93 -4.14
CA PRO I 253 16.01 -44.73 -3.32
C PRO I 253 15.53 -43.45 -3.99
N GLU I 254 15.60 -43.44 -5.33
CA GLU I 254 15.26 -42.29 -6.17
C GLU I 254 13.81 -41.76 -6.09
N ALA I 255 12.90 -42.52 -5.49
CA ALA I 255 11.58 -42.02 -5.15
C ALA I 255 11.61 -40.85 -4.17
N LEU I 256 12.67 -40.75 -3.36
CA LEU I 256 12.88 -39.55 -2.56
C LEU I 256 13.13 -38.29 -3.39
N PHE I 257 13.67 -38.41 -4.60
CA PHE I 257 13.97 -37.24 -5.42
C PHE I 257 12.92 -37.07 -6.51
N HIS I 258 12.25 -38.16 -6.86
CA HIS I 258 11.17 -38.15 -7.82
C HIS I 258 9.98 -38.92 -7.25
N PRO I 259 9.13 -38.31 -6.39
CA PRO I 259 7.98 -38.96 -5.76
C PRO I 259 7.00 -39.61 -6.73
N SER I 260 6.96 -38.99 -7.91
CA SER I 260 6.27 -39.48 -9.09
C SER I 260 6.39 -40.97 -9.40
N VAL I 261 7.54 -41.63 -9.25
CA VAL I 261 7.65 -43.06 -9.57
C VAL I 261 6.81 -43.97 -8.65
N LEU I 262 6.46 -43.44 -7.47
CA LEU I 262 5.48 -44.03 -6.57
C LEU I 262 4.05 -43.64 -6.99
N GLY I 263 3.90 -42.42 -7.48
CA GLY I 263 2.59 -41.87 -7.78
C GLY I 263 2.21 -40.81 -6.75
N LEU I 264 3.04 -39.79 -6.61
CA LEU I 264 2.69 -38.64 -5.79
C LEU I 264 3.38 -37.44 -6.40
N GLU I 265 2.66 -36.53 -7.05
CA GLU I 265 3.26 -35.29 -7.55
C GLU I 265 3.59 -34.30 -6.44
N SER I 266 4.60 -34.71 -5.69
CA SER I 266 5.13 -33.93 -4.58
C SER I 266 6.56 -33.66 -5.00
N ALA I 267 7.07 -32.58 -4.41
CA ALA I 267 8.43 -32.15 -4.63
C ALA I 267 9.40 -33.13 -4.00
N GLY I 268 10.54 -33.34 -4.65
CA GLY I 268 11.59 -34.20 -4.13
C GLY I 268 12.26 -33.59 -2.92
N ILE I 269 12.92 -34.39 -2.09
CA ILE I 269 13.59 -33.92 -0.88
C ILE I 269 14.46 -32.67 -1.09
N ASP I 270 15.27 -32.70 -2.14
CA ASP I 270 16.04 -31.55 -2.62
C ASP I 270 15.16 -30.33 -2.88
N GLN I 271 14.09 -30.48 -3.68
CA GLN I 271 13.23 -29.36 -4.03
C GLN I 271 12.53 -28.78 -2.79
N THR I 272 12.21 -29.69 -1.89
CA THR I 272 11.58 -29.40 -0.63
C THR I 272 12.54 -28.73 0.35
N THR I 273 13.84 -29.08 0.40
CA THR I 273 14.81 -28.35 1.20
C THR I 273 14.84 -26.90 0.75
N TYR I 274 15.07 -26.75 -0.55
CA TYR I 274 15.18 -25.45 -1.20
C TYR I 274 13.95 -24.61 -0.88
N ASN I 275 12.78 -25.16 -1.22
CA ASN I 275 11.51 -24.50 -0.94
C ASN I 275 11.19 -24.21 0.52
N SER I 276 11.73 -24.97 1.47
CA SER I 276 11.67 -24.62 2.86
C SER I 276 12.60 -23.44 3.11
N ILE I 277 13.85 -23.44 2.60
CA ILE I 277 14.84 -22.39 2.86
C ILE I 277 14.34 -21.03 2.37
N MET I 278 13.82 -20.93 1.14
CA MET I 278 13.28 -19.69 0.63
C MET I 278 12.12 -19.16 1.46
N LYS I 279 11.25 -20.08 1.89
CA LYS I 279 10.17 -19.73 2.81
C LYS I 279 10.63 -19.19 4.17
N CYS I 280 11.92 -19.25 4.48
CA CYS I 280 12.48 -18.49 5.58
C CYS I 280 13.07 -17.13 5.21
N ASP I 281 13.28 -16.30 6.23
CA ASP I 281 13.80 -14.95 6.02
C ASP I 281 15.24 -15.03 5.52
N VAL I 282 15.60 -14.02 4.74
CA VAL I 282 16.84 -13.95 3.97
C VAL I 282 18.06 -14.33 4.78
N ASP I 283 18.26 -13.70 5.95
CA ASP I 283 19.38 -14.07 6.79
C ASP I 283 19.35 -15.44 7.44
N VAL I 284 18.17 -16.05 7.61
CA VAL I 284 18.06 -17.41 8.15
C VAL I 284 18.62 -18.41 7.13
N ARG I 285 18.40 -18.02 5.87
CA ARG I 285 18.66 -18.86 4.70
C ARG I 285 20.11 -19.26 4.54
N LYS I 286 21.04 -18.39 4.94
CA LYS I 286 22.45 -18.61 4.69
C LYS I 286 23.02 -19.83 5.40
N GLU I 287 22.72 -19.93 6.68
CA GLU I 287 23.21 -21.02 7.54
C GLU I 287 22.56 -22.36 7.20
N LEU I 288 21.25 -22.29 6.94
CA LEU I 288 20.45 -23.43 6.49
C LEU I 288 21.10 -24.09 5.27
N TYR I 289 21.36 -23.31 4.21
CA TYR I 289 22.20 -23.76 3.11
C TYR I 289 23.52 -24.45 3.45
N GLY I 290 24.23 -23.98 4.48
CA GLY I 290 25.49 -24.58 4.86
C GLY I 290 25.40 -25.63 5.96
N ASN I 291 24.22 -25.83 6.54
CA ASN I 291 24.02 -26.75 7.67
C ASN I 291 22.74 -27.55 7.53
N ILE I 292 22.68 -28.27 6.40
CA ILE I 292 21.59 -29.19 6.12
C ILE I 292 22.00 -30.51 6.73
N VAL I 293 21.35 -30.92 7.84
CA VAL I 293 21.73 -32.15 8.53
C VAL I 293 20.75 -33.26 8.18
N MET I 294 21.18 -34.45 7.72
CA MET I 294 20.24 -35.50 7.32
C MET I 294 19.87 -36.33 8.54
N SER I 295 18.63 -36.82 8.68
CA SER I 295 18.32 -37.67 9.82
C SER I 295 17.38 -38.81 9.46
N GLY I 296 17.24 -39.80 10.34
CA GLY I 296 16.35 -40.92 10.08
C GLY I 296 17.07 -42.10 9.44
N GLY I 297 16.26 -43.01 8.89
CA GLY I 297 16.75 -44.28 8.37
C GLY I 297 16.92 -44.25 6.87
N THR I 298 16.01 -43.52 6.23
CA THR I 298 15.93 -43.43 4.79
C THR I 298 16.94 -42.42 4.24
N THR I 299 17.62 -41.65 5.08
CA THR I 299 18.77 -40.87 4.65
C THR I 299 20.08 -41.65 4.63
N MET I 300 20.05 -42.98 4.81
CA MET I 300 21.25 -43.83 4.79
C MET I 300 21.85 -44.21 3.45
N PHE I 301 21.07 -44.18 2.37
CA PHE I 301 21.49 -44.76 1.11
C PHE I 301 22.78 -44.18 0.56
N PRO I 302 23.75 -45.01 0.14
CA PRO I 302 24.97 -44.57 -0.54
C PRO I 302 24.60 -43.70 -1.72
N GLY I 303 25.30 -42.56 -1.79
CA GLY I 303 25.03 -41.53 -2.76
C GLY I 303 24.36 -40.31 -2.16
N ILE I 304 23.57 -40.43 -1.09
CA ILE I 304 22.57 -39.41 -0.77
C ILE I 304 23.12 -38.02 -0.40
N ALA I 305 24.24 -37.94 0.32
CA ALA I 305 24.82 -36.66 0.72
C ALA I 305 25.51 -35.94 -0.43
N GLU I 306 26.23 -36.72 -1.24
CA GLU I 306 26.95 -36.21 -2.40
C GLU I 306 25.95 -35.75 -3.45
N ARG I 307 24.87 -36.53 -3.66
CA ARG I 307 23.76 -36.16 -4.53
C ARG I 307 23.03 -34.91 -4.05
N MET I 308 22.68 -34.84 -2.76
CA MET I 308 22.04 -33.64 -2.23
C MET I 308 22.93 -32.43 -2.35
N GLN I 309 24.24 -32.64 -2.17
CA GLN I 309 25.24 -31.61 -2.37
C GLN I 309 25.27 -31.15 -3.82
N LYS I 310 25.24 -32.06 -4.81
CA LYS I 310 25.12 -31.71 -6.22
C LYS I 310 23.88 -30.86 -6.52
N GLU I 311 22.70 -31.37 -6.16
CA GLU I 311 21.47 -30.76 -6.64
C GLU I 311 21.23 -29.40 -5.97
N ILE I 312 21.36 -29.30 -4.64
CA ILE I 312 21.23 -28.01 -3.95
C ILE I 312 22.25 -26.97 -4.44
N THR I 313 23.42 -27.38 -4.96
CA THR I 313 24.34 -26.48 -5.65
C THR I 313 23.74 -25.94 -6.94
N ALA I 314 23.07 -26.79 -7.74
CA ALA I 314 22.39 -26.29 -8.93
C ALA I 314 21.28 -25.34 -8.52
N LEU I 315 20.49 -25.74 -7.52
CA LEU I 315 19.39 -24.93 -6.99
C LEU I 315 19.75 -23.63 -6.28
N ALA I 316 20.91 -23.52 -5.62
CA ALA I 316 21.31 -22.28 -4.97
C ALA I 316 22.18 -21.44 -5.90
N PRO I 317 22.52 -20.16 -5.64
CA PRO I 317 23.56 -19.46 -6.37
C PRO I 317 24.88 -20.21 -6.34
N SER I 318 25.63 -20.10 -7.44
CA SER I 318 26.96 -20.67 -7.58
C SER I 318 27.85 -20.35 -6.37
N SER I 319 27.83 -19.09 -5.93
CA SER I 319 28.55 -18.65 -4.75
C SER I 319 27.80 -18.78 -3.42
N MET I 320 26.85 -19.71 -3.33
CA MET I 320 26.16 -19.96 -2.06
C MET I 320 26.76 -21.18 -1.39
N LYS I 321 27.04 -21.05 -0.09
CA LYS I 321 27.63 -22.16 0.62
C LYS I 321 26.61 -23.22 1.01
N VAL I 322 26.39 -24.09 0.03
CA VAL I 322 25.72 -25.36 0.25
C VAL I 322 26.67 -26.29 0.99
N LYS I 323 26.15 -26.98 2.03
CA LYS I 323 26.90 -27.98 2.77
C LYS I 323 26.00 -28.93 3.54
N ILE I 324 26.07 -30.20 3.12
CA ILE I 324 25.38 -31.30 3.80
C ILE I 324 26.19 -31.91 4.95
N ILE I 325 25.58 -32.20 6.09
CA ILE I 325 26.20 -32.93 7.18
C ILE I 325 25.29 -34.12 7.50
N ALA I 326 25.82 -35.34 7.48
CA ALA I 326 25.03 -36.53 7.75
C ALA I 326 25.65 -37.36 8.86
N PRO I 327 24.91 -37.75 9.90
CA PRO I 327 25.37 -38.65 10.95
C PRO I 327 25.41 -40.10 10.49
N PRO I 328 26.52 -40.84 10.64
CA PRO I 328 26.62 -42.28 10.39
C PRO I 328 25.59 -43.07 11.22
N GLU I 329 25.21 -42.48 12.35
CA GLU I 329 24.17 -43.01 13.21
C GLU I 329 22.75 -42.48 12.90
N ARG I 330 22.44 -41.84 11.76
CA ARG I 330 21.17 -41.15 11.60
C ARG I 330 19.84 -41.86 11.85
N LYS I 331 19.79 -43.21 11.91
CA LYS I 331 18.58 -43.96 12.25
C LYS I 331 18.27 -43.90 13.74
N TYR I 332 19.22 -43.32 14.49
CA TYR I 332 19.26 -43.29 15.95
C TYR I 332 19.51 -41.93 16.58
N SER I 333 19.93 -40.94 15.76
CA SER I 333 20.10 -39.56 16.23
C SER I 333 18.92 -38.98 17.01
N VAL I 334 17.71 -39.25 16.52
CA VAL I 334 16.46 -38.78 17.13
C VAL I 334 16.31 -39.27 18.57
N TRP I 335 16.73 -40.53 18.77
CA TRP I 335 16.90 -41.03 20.11
C TRP I 335 18.10 -40.39 20.81
N ILE I 336 19.22 -40.14 20.13
CA ILE I 336 20.40 -39.66 20.83
C ILE I 336 20.15 -38.26 21.39
N GLY I 337 19.50 -37.44 20.57
CA GLY I 337 18.98 -36.14 20.96
C GLY I 337 18.12 -36.26 22.20
N GLY I 338 17.32 -37.33 22.39
CA GLY I 338 16.61 -37.54 23.63
C GLY I 338 17.57 -37.73 24.79
N SER I 339 18.41 -38.78 24.73
CA SER I 339 19.37 -39.11 25.77
C SER I 339 20.30 -37.97 26.20
N ILE I 340 20.82 -37.20 25.24
CA ILE I 340 21.53 -35.96 25.49
C ILE I 340 20.62 -34.98 26.21
N LEU I 341 19.43 -34.70 25.68
CA LEU I 341 18.54 -33.72 26.29
C LEU I 341 18.15 -34.08 27.73
N ALA I 342 17.80 -35.33 28.02
CA ALA I 342 17.51 -35.76 29.37
C ALA I 342 18.70 -35.65 30.33
N SER I 343 19.89 -36.07 29.90
CA SER I 343 21.11 -35.84 30.66
C SER I 343 21.56 -34.41 30.82
N LEU I 344 21.17 -33.48 29.95
CA LEU I 344 21.53 -32.07 30.12
C LEU I 344 21.07 -31.48 31.44
N THR I 345 22.03 -31.25 32.34
CA THR I 345 21.81 -30.72 33.68
C THR I 345 20.92 -29.48 33.69
N THR I 346 21.26 -28.58 32.79
CA THR I 346 20.54 -27.34 32.54
C THR I 346 19.02 -27.49 32.39
N PHE I 347 18.69 -28.60 31.72
CA PHE I 347 17.35 -29.00 31.36
C PHE I 347 16.59 -29.64 32.52
N GLN I 348 17.12 -29.79 33.75
CA GLN I 348 16.38 -30.50 34.80
C GLN I 348 15.17 -29.73 35.37
N GLN I 349 15.27 -28.40 35.24
CA GLN I 349 14.15 -27.53 35.49
C GLN I 349 13.26 -27.34 34.26
N MET I 350 13.58 -27.93 33.09
CA MET I 350 12.74 -27.77 31.91
C MET I 350 11.73 -28.89 31.70
N TRP I 351 11.92 -30.06 32.32
CA TRP I 351 10.89 -31.12 32.33
C TRP I 351 9.50 -30.68 32.77
N ILE I 352 8.46 -31.31 32.23
CA ILE I 352 7.11 -31.19 32.76
C ILE I 352 7.02 -32.06 34.01
N SER I 353 6.85 -31.34 35.12
CA SER I 353 6.69 -31.93 36.44
C SER I 353 5.36 -32.67 36.61
N LYS I 354 5.27 -33.64 37.52
CA LYS I 354 3.95 -34.07 37.98
C LYS I 354 3.12 -32.95 38.63
N GLN I 355 3.80 -31.98 39.24
CA GLN I 355 3.14 -30.85 39.87
C GLN I 355 2.32 -30.09 38.84
N GLU I 356 2.96 -29.42 37.87
CA GLU I 356 2.33 -28.71 36.76
C GLU I 356 1.24 -29.49 36.05
N TYR I 357 1.41 -30.80 35.93
CA TYR I 357 0.38 -31.65 35.38
C TYR I 357 -0.89 -31.61 36.21
N ASP I 358 -0.76 -31.62 37.53
CA ASP I 358 -1.92 -31.68 38.36
C ASP I 358 -2.45 -30.32 38.77
N GLU I 359 -1.63 -29.27 38.69
CA GLU I 359 -2.15 -27.92 38.82
C GLU I 359 -2.69 -27.39 37.49
N SER I 360 -1.95 -27.58 36.40
CA SER I 360 -2.34 -27.03 35.12
C SER I 360 -2.82 -27.97 34.02
N GLY I 361 -2.47 -29.26 33.99
CA GLY I 361 -3.12 -30.22 33.10
C GLY I 361 -2.51 -30.41 31.71
N PRO I 362 -3.05 -31.30 30.86
CA PRO I 362 -2.47 -31.66 29.55
C PRO I 362 -2.22 -30.54 28.54
N SER I 363 -3.09 -29.53 28.54
CA SER I 363 -3.06 -28.44 27.59
C SER I 363 -1.85 -27.52 27.56
N ILE I 364 -0.94 -27.63 28.53
CA ILE I 364 0.09 -26.62 28.76
C ILE I 364 1.29 -26.61 27.81
N VAL I 365 1.19 -27.39 26.73
CA VAL I 365 2.29 -27.68 25.83
C VAL I 365 1.85 -27.67 24.36
N THR J 1 6.02 -59.52 -40.10
CA THR J 1 5.17 -59.17 -38.97
C THR J 1 5.76 -59.86 -37.73
N ALA J 2 5.08 -59.70 -36.59
CA ALA J 2 5.56 -60.04 -35.28
C ALA J 2 4.82 -61.22 -34.65
N LEU J 3 5.49 -61.83 -33.67
CA LEU J 3 4.95 -62.94 -32.94
C LEU J 3 4.83 -62.51 -31.50
N VAL J 4 3.82 -62.99 -30.78
CA VAL J 4 3.59 -62.70 -29.38
C VAL J 4 3.56 -64.07 -28.75
N CYS J 5 4.16 -64.27 -27.57
CA CYS J 5 4.30 -65.57 -26.94
C CYS J 5 4.19 -65.46 -25.42
N ASP J 6 2.98 -65.77 -24.88
CA ASP J 6 2.73 -65.82 -23.45
C ASP J 6 3.24 -67.15 -22.92
N ASN J 7 4.34 -66.99 -22.18
CA ASN J 7 4.96 -68.06 -21.41
C ASN J 7 4.23 -68.22 -20.09
N GLY J 8 3.38 -69.24 -19.94
CA GLY J 8 2.85 -69.49 -18.62
C GLY J 8 3.80 -70.39 -17.83
N SER J 9 3.44 -70.60 -16.57
CA SER J 9 4.00 -71.69 -15.78
C SER J 9 3.58 -73.05 -16.37
N GLY J 10 2.37 -73.06 -16.94
CA GLY J 10 1.72 -74.26 -17.45
C GLY J 10 1.24 -74.17 -18.90
N LEU J 11 0.86 -73.00 -19.43
CA LEU J 11 0.44 -72.87 -20.83
C LEU J 11 1.15 -71.72 -21.53
N VAL J 12 1.64 -71.99 -22.74
CA VAL J 12 2.44 -71.11 -23.57
C VAL J 12 1.75 -70.95 -24.91
N LYS J 13 1.38 -69.68 -25.17
CA LYS J 13 0.47 -69.30 -26.25
C LYS J 13 1.19 -68.33 -27.19
N ALA J 14 1.13 -68.49 -28.50
CA ALA J 14 1.99 -67.75 -29.39
C ALA J 14 1.37 -67.56 -30.76
N GLY J 15 1.69 -66.49 -31.45
CA GLY J 15 1.23 -66.35 -32.82
C GLY J 15 1.62 -65.00 -33.35
N PHE J 16 1.02 -64.75 -34.52
CA PHE J 16 1.42 -63.66 -35.37
C PHE J 16 0.60 -62.45 -34.97
N ALA J 17 1.22 -61.37 -34.50
CA ALA J 17 0.58 -60.08 -34.43
C ALA J 17 -0.13 -59.74 -35.74
N GLY J 18 -1.46 -59.74 -35.57
CA GLY J 18 -2.37 -59.48 -36.67
C GLY J 18 -3.71 -60.16 -36.43
N ASP J 19 -3.71 -61.37 -35.89
CA ASP J 19 -4.95 -62.11 -35.71
C ASP J 19 -5.60 -61.85 -34.35
N ASP J 20 -6.85 -62.28 -34.22
CA ASP J 20 -7.60 -62.15 -32.97
C ASP J 20 -7.18 -63.20 -31.95
N ALA J 21 -6.78 -64.41 -32.38
CA ALA J 21 -6.72 -65.56 -31.49
C ALA J 21 -5.45 -66.37 -31.72
N PRO J 22 -4.69 -66.74 -30.68
CA PRO J 22 -3.36 -67.34 -30.80
C PRO J 22 -3.23 -68.65 -31.57
N ARG J 23 -2.04 -68.87 -32.12
CA ARG J 23 -1.79 -70.02 -32.99
C ARG J 23 -1.20 -71.15 -32.16
N ALA J 24 0.03 -71.03 -31.65
CA ALA J 24 0.63 -72.07 -30.82
C ALA J 24 0.08 -71.96 -29.41
N VAL J 25 -0.54 -73.00 -28.84
CA VAL J 25 -1.05 -72.95 -27.46
C VAL J 25 -0.72 -74.30 -26.84
N PHE J 26 0.36 -74.39 -26.07
CA PHE J 26 0.84 -75.67 -25.57
C PHE J 26 1.23 -75.61 -24.10
N PRO J 27 1.17 -76.71 -23.35
CA PRO J 27 1.72 -76.78 -22.01
C PRO J 27 3.21 -76.52 -21.91
N SER J 28 3.61 -75.75 -20.88
CA SER J 28 4.98 -75.36 -20.67
C SER J 28 5.75 -76.52 -20.07
N ILE J 29 5.77 -77.68 -20.69
CA ILE J 29 6.51 -78.81 -20.14
C ILE J 29 7.68 -79.14 -21.01
N VAL J 30 8.80 -79.42 -20.34
CA VAL J 30 9.88 -80.21 -20.92
C VAL J 30 9.94 -81.56 -20.18
N GLY J 31 9.50 -82.59 -20.89
CA GLY J 31 9.68 -83.97 -20.48
C GLY J 31 11.07 -84.51 -20.80
N ARG J 32 11.46 -85.65 -20.22
CA ARG J 32 12.75 -86.32 -20.46
C ARG J 32 12.55 -87.83 -20.24
N PRO J 33 13.03 -88.73 -21.13
CA PRO J 33 12.74 -90.16 -21.08
C PRO J 33 13.25 -90.92 -19.88
N ARG J 34 12.46 -91.87 -19.37
CA ARG J 34 12.87 -92.62 -18.20
C ARG J 34 13.59 -93.93 -18.49
N HIS J 35 13.84 -94.28 -19.76
CA HIS J 35 14.52 -95.52 -20.14
C HIS J 35 15.04 -95.47 -21.57
N GLN J 36 16.20 -96.06 -21.87
CA GLN J 36 16.66 -96.14 -23.25
C GLN J 36 15.83 -97.09 -24.11
N GLY J 37 14.82 -96.48 -24.73
CA GLY J 37 13.97 -97.17 -25.68
C GLY J 37 13.92 -96.36 -26.96
N VAL J 38 13.60 -97.02 -28.07
CA VAL J 38 13.48 -96.33 -29.34
C VAL J 38 12.03 -95.95 -29.58
N MET J 39 11.85 -94.68 -29.89
CA MET J 39 10.58 -94.20 -30.40
C MET J 39 10.35 -94.72 -31.82
N VAL J 40 9.08 -95.01 -32.11
CA VAL J 40 8.69 -95.65 -33.36
C VAL J 40 8.99 -94.74 -34.54
N GLY J 41 10.19 -94.99 -35.08
CA GLY J 41 10.66 -94.31 -36.27
C GLY J 41 11.31 -92.98 -35.95
N MET J 42 11.81 -92.80 -34.72
CA MET J 42 12.45 -91.55 -34.33
C MET J 42 13.79 -91.88 -33.70
N GLY J 43 14.63 -90.85 -33.53
CA GLY J 43 15.74 -90.94 -32.59
C GLY J 43 15.18 -90.94 -31.17
N GLN J 44 15.89 -91.51 -30.21
CA GLN J 44 15.41 -91.62 -28.82
C GLN J 44 14.87 -90.37 -28.15
N LYS J 45 15.42 -89.22 -28.61
CA LYS J 45 15.09 -87.88 -28.14
C LYS J 45 15.33 -87.52 -26.69
N ASP J 46 16.07 -86.43 -26.46
CA ASP J 46 16.63 -86.13 -25.15
C ASP J 46 15.58 -85.55 -24.21
N SER J 47 14.53 -84.99 -24.82
CA SER J 47 13.49 -84.25 -24.14
C SER J 47 12.26 -84.09 -25.01
N TYR J 48 11.14 -83.68 -24.40
CA TYR J 48 9.88 -83.58 -25.10
C TYR J 48 9.24 -82.28 -24.70
N VAL J 49 8.75 -81.38 -25.57
CA VAL J 49 8.21 -80.09 -25.12
C VAL J 49 6.72 -80.05 -25.42
N GLY J 50 5.94 -79.37 -24.58
CA GLY J 50 4.51 -79.17 -24.78
C GLY J 50 3.65 -80.42 -24.83
N ASP J 51 3.16 -80.60 -26.05
CA ASP J 51 2.21 -81.62 -26.48
C ASP J 51 2.71 -83.06 -26.54
N GLU J 52 3.84 -83.35 -27.19
CA GLU J 52 4.46 -84.67 -27.21
C GLU J 52 5.11 -84.98 -25.88
N ALA J 53 5.50 -83.93 -25.16
CA ALA J 53 5.77 -84.05 -23.73
C ALA J 53 4.56 -84.52 -22.94
N GLN J 54 3.39 -83.93 -23.21
CA GLN J 54 2.14 -84.34 -22.60
C GLN J 54 1.78 -85.76 -22.99
N SER J 55 1.75 -86.17 -24.26
CA SER J 55 1.32 -87.52 -24.59
C SER J 55 2.31 -88.58 -24.14
N LYS J 56 3.63 -88.38 -24.28
CA LYS J 56 4.60 -89.40 -23.92
C LYS J 56 5.04 -89.33 -22.46
N ARG J 57 4.26 -88.63 -21.62
CA ARG J 57 4.56 -88.35 -20.23
C ARG J 57 4.84 -89.51 -19.30
N GLY J 58 4.20 -90.65 -19.63
CA GLY J 58 4.19 -91.83 -18.79
C GLY J 58 5.59 -92.39 -18.74
N ILE J 59 6.18 -92.60 -19.91
CA ILE J 59 7.56 -93.07 -19.94
C ILE J 59 8.53 -91.91 -19.64
N LEU J 60 8.13 -90.83 -18.96
CA LEU J 60 8.92 -89.61 -18.91
C LEU J 60 8.91 -89.01 -17.52
N THR J 61 9.72 -87.97 -17.35
CA THR J 61 9.48 -87.08 -16.24
C THR J 61 9.38 -85.67 -16.83
N LEU J 62 8.34 -84.98 -16.37
CA LEU J 62 7.98 -83.68 -16.90
C LEU J 62 8.38 -82.61 -15.89
N LYS J 63 9.20 -81.68 -16.37
CA LYS J 63 9.49 -80.45 -15.65
C LYS J 63 8.83 -79.35 -16.46
N TYR J 64 8.28 -78.41 -15.72
CA TYR J 64 7.83 -77.11 -16.23
C TYR J 64 8.95 -76.15 -15.96
N PRO J 65 9.50 -75.33 -16.88
CA PRO J 65 10.53 -74.34 -16.57
C PRO J 65 10.11 -73.01 -15.95
N ILE J 66 8.83 -72.81 -15.64
CA ILE J 66 8.35 -71.56 -15.07
C ILE J 66 7.50 -71.98 -13.90
N GLU J 67 7.85 -71.37 -12.79
CA GLU J 67 7.21 -71.64 -11.52
C GLU J 67 6.82 -70.27 -11.01
N HIS J 68 5.58 -70.09 -10.53
CA HIS J 68 5.20 -68.89 -9.79
C HIS J 68 5.46 -67.53 -10.44
N GLY J 69 5.68 -67.49 -11.75
CA GLY J 69 5.94 -66.25 -12.48
C GLY J 69 7.39 -66.09 -12.94
N ILE J 70 8.27 -66.86 -12.25
CA ILE J 70 9.71 -66.86 -12.50
C ILE J 70 9.99 -67.88 -13.57
N ILE J 71 10.71 -67.49 -14.62
CA ILE J 71 11.44 -68.50 -15.40
C ILE J 71 12.58 -69.05 -14.52
N THR J 72 12.55 -70.29 -14.07
CA THR J 72 13.55 -70.77 -13.13
C THR J 72 14.72 -71.44 -13.81
N ASN J 73 14.42 -72.38 -14.71
CA ASN J 73 15.42 -73.01 -15.54
C ASN J 73 15.45 -72.29 -16.88
N TRP J 74 16.66 -72.08 -17.40
CA TRP J 74 16.88 -71.30 -18.60
C TRP J 74 17.15 -72.07 -19.89
N ASP J 75 17.56 -73.34 -19.76
CA ASP J 75 17.66 -74.24 -20.89
C ASP J 75 16.30 -74.74 -21.34
N ASP J 76 15.54 -75.18 -20.34
CA ASP J 76 14.19 -75.64 -20.61
C ASP J 76 13.31 -74.52 -21.16
N MET J 77 13.54 -73.25 -20.80
CA MET J 77 12.93 -72.15 -21.54
C MET J 77 13.29 -72.10 -23.02
N GLU J 78 14.57 -72.25 -23.37
CA GLU J 78 14.95 -72.34 -24.78
C GLU J 78 14.20 -73.42 -25.55
N LYS J 79 14.06 -74.60 -24.96
CA LYS J 79 13.33 -75.69 -25.58
C LYS J 79 11.87 -75.37 -25.86
N ILE J 80 11.26 -74.60 -24.94
CA ILE J 80 9.95 -74.05 -25.19
C ILE J 80 9.99 -73.04 -26.32
N TRP J 81 10.91 -72.07 -26.27
CA TRP J 81 10.95 -71.03 -27.29
C TRP J 81 11.26 -71.60 -28.67
N HIS J 82 12.01 -72.70 -28.72
CA HIS J 82 12.33 -73.44 -29.93
C HIS J 82 11.09 -74.13 -30.46
N HIS J 83 10.37 -74.80 -29.55
CA HIS J 83 9.20 -75.60 -29.88
C HIS J 83 8.08 -74.75 -30.45
N THR J 84 8.01 -73.48 -30.07
CA THR J 84 7.16 -72.50 -30.73
C THR J 84 7.52 -72.42 -32.20
N PHE J 85 8.66 -71.81 -32.56
CA PHE J 85 8.94 -71.43 -33.93
C PHE J 85 9.06 -72.69 -34.78
N TYR J 86 10.06 -73.51 -34.44
CA TYR J 86 10.47 -74.62 -35.28
C TYR J 86 9.58 -75.84 -35.15
N ASN J 87 8.54 -75.78 -34.31
CA ASN J 87 7.59 -76.89 -34.23
C ASN J 87 6.15 -76.46 -34.37
N GLU J 88 5.65 -75.58 -33.50
CA GLU J 88 4.28 -75.13 -33.53
C GLU J 88 4.04 -74.15 -34.68
N LEU J 89 4.69 -72.99 -34.69
CA LEU J 89 4.44 -71.95 -35.67
C LEU J 89 4.99 -72.13 -37.08
N ARG J 90 5.83 -73.16 -37.31
CA ARG J 90 6.42 -73.46 -38.62
C ARG J 90 7.27 -72.32 -39.18
N VAL J 91 7.88 -71.53 -38.29
CA VAL J 91 8.60 -70.33 -38.69
C VAL J 91 10.06 -70.33 -38.25
N ALA J 92 10.77 -69.43 -38.93
CA ALA J 92 12.18 -69.21 -38.72
C ALA J 92 12.33 -67.85 -38.02
N PRO J 93 12.92 -67.78 -36.83
CA PRO J 93 12.92 -66.61 -35.96
C PRO J 93 13.31 -65.28 -36.57
N GLU J 94 14.36 -65.27 -37.40
CA GLU J 94 14.92 -64.07 -38.04
C GLU J 94 13.95 -63.32 -38.97
N GLU J 95 12.87 -63.99 -39.32
CA GLU J 95 11.81 -63.39 -40.10
C GLU J 95 10.97 -62.44 -39.24
N HIS J 96 10.94 -62.61 -37.91
CA HIS J 96 9.89 -62.01 -37.06
C HIS J 96 10.29 -61.21 -35.84
N PRO J 97 9.78 -59.99 -35.62
CA PRO J 97 9.73 -59.39 -34.28
C PRO J 97 8.95 -60.35 -33.38
N THR J 98 9.38 -60.54 -32.13
CA THR J 98 8.68 -61.41 -31.22
C THR J 98 8.45 -60.62 -29.94
N LEU J 99 7.38 -60.99 -29.24
CA LEU J 99 6.95 -60.35 -28.02
C LEU J 99 6.63 -61.48 -27.05
N LEU J 100 7.00 -61.26 -25.79
CA LEU J 100 6.75 -62.21 -24.70
C LEU J 100 6.23 -61.47 -23.46
N THR J 101 5.66 -62.16 -22.48
CA THR J 101 5.06 -61.53 -21.32
C THR J 101 5.55 -61.99 -19.94
N GLU J 102 5.35 -61.07 -19.01
CA GLU J 102 6.08 -61.03 -17.74
C GLU J 102 5.25 -60.58 -16.53
N ALA J 103 5.70 -60.77 -15.29
CA ALA J 103 4.82 -60.66 -14.13
C ALA J 103 4.74 -59.33 -13.34
N PRO J 104 3.82 -58.41 -13.64
CA PRO J 104 3.82 -57.00 -13.22
C PRO J 104 4.96 -56.28 -12.48
N LEU J 105 5.83 -55.56 -13.22
CA LEU J 105 6.94 -54.72 -12.73
C LEU J 105 8.33 -55.35 -12.54
N ASN J 106 9.10 -55.10 -13.60
CA ASN J 106 10.42 -55.68 -13.81
C ASN J 106 11.61 -54.86 -13.37
N PRO J 107 12.63 -55.59 -12.90
CA PRO J 107 14.03 -55.21 -12.90
C PRO J 107 14.64 -55.64 -14.22
N LYS J 108 15.54 -56.63 -14.30
CA LYS J 108 16.55 -56.67 -15.35
C LYS J 108 17.01 -58.07 -15.75
N ALA J 109 17.87 -58.74 -14.97
CA ALA J 109 18.54 -59.98 -15.41
C ALA J 109 17.75 -61.15 -15.99
N ASN J 110 16.59 -61.51 -15.41
CA ASN J 110 15.72 -62.50 -16.04
C ASN J 110 15.16 -62.03 -17.37
N ARG J 111 14.88 -60.73 -17.49
CA ARG J 111 14.57 -60.17 -18.79
C ARG J 111 15.84 -60.15 -19.62
N GLU J 112 17.04 -59.80 -19.12
CA GLU J 112 18.29 -59.86 -19.87
C GLU J 112 18.43 -61.21 -20.55
N LYS J 113 18.36 -62.27 -19.76
CA LYS J 113 18.37 -63.64 -20.24
C LYS J 113 17.29 -64.02 -21.23
N MET J 114 16.14 -63.34 -21.18
CA MET J 114 15.07 -63.55 -22.15
C MET J 114 15.50 -62.90 -23.47
N THR J 115 15.75 -61.58 -23.39
CA THR J 115 16.23 -60.72 -24.48
C THR J 115 17.45 -61.28 -25.19
N GLN J 116 18.41 -61.79 -24.39
CA GLN J 116 19.69 -62.30 -24.85
C GLN J 116 19.48 -63.48 -25.80
N ILE J 117 18.86 -64.52 -25.24
CA ILE J 117 18.69 -65.80 -25.92
C ILE J 117 17.90 -65.66 -27.21
N MET J 118 16.92 -64.75 -27.18
CA MET J 118 16.18 -64.35 -28.36
C MET J 118 17.06 -63.93 -29.54
N PHE J 119 17.80 -62.83 -29.36
CA PHE J 119 18.64 -62.28 -30.39
C PHE J 119 19.84 -63.11 -30.80
N GLU J 120 20.41 -63.88 -29.85
CA GLU J 120 21.54 -64.74 -30.14
C GLU J 120 21.17 -66.12 -30.67
N THR J 121 20.60 -67.03 -29.86
CA THR J 121 20.30 -68.41 -30.27
C THR J 121 19.30 -68.42 -31.43
N PHE J 122 18.21 -67.65 -31.29
CA PHE J 122 17.13 -67.68 -32.27
C PHE J 122 17.31 -66.70 -33.43
N ASN J 123 17.78 -65.49 -33.13
CA ASN J 123 18.17 -64.46 -34.09
C ASN J 123 16.97 -63.69 -34.63
N VAL J 124 15.90 -63.59 -33.81
CA VAL J 124 14.72 -62.78 -34.09
C VAL J 124 15.12 -61.33 -34.35
N PRO J 125 14.70 -60.59 -35.40
CA PRO J 125 15.15 -59.24 -35.64
C PRO J 125 14.72 -58.27 -34.55
N ALA J 126 13.62 -58.56 -33.83
CA ALA J 126 13.23 -57.74 -32.69
C ALA J 126 12.54 -58.55 -31.61
N MET J 127 12.68 -58.02 -30.39
CA MET J 127 11.95 -58.55 -29.26
C MET J 127 11.22 -57.41 -28.55
N TYR J 128 10.08 -57.69 -27.90
CA TYR J 128 9.57 -56.84 -26.84
C TYR J 128 9.00 -57.76 -25.76
N VAL J 129 9.26 -57.45 -24.48
CA VAL J 129 8.60 -58.15 -23.38
C VAL J 129 7.62 -57.19 -22.71
N ALA J 130 6.35 -57.57 -22.52
CA ALA J 130 5.33 -56.66 -22.02
C ALA J 130 4.50 -57.28 -20.90
N ILE J 131 3.92 -56.48 -20.00
CA ILE J 131 3.44 -56.97 -18.71
C ILE J 131 2.17 -57.83 -18.81
N GLN J 132 2.08 -59.00 -18.15
CA GLN J 132 0.98 -59.97 -18.29
C GLN J 132 -0.38 -59.44 -17.83
N ALA J 133 -0.44 -58.87 -16.63
CA ALA J 133 -1.69 -58.27 -16.18
C ALA J 133 -2.02 -56.97 -16.89
N VAL J 134 -0.99 -56.14 -17.12
CA VAL J 134 -1.19 -54.89 -17.85
C VAL J 134 -1.65 -55.13 -19.29
N LEU J 135 -1.08 -56.09 -20.02
CA LEU J 135 -1.65 -56.62 -21.26
C LEU J 135 -3.06 -57.18 -21.16
N SER J 136 -3.48 -57.79 -20.04
CA SER J 136 -4.91 -58.05 -19.88
C SER J 136 -5.68 -56.73 -19.79
N LEU J 137 -5.12 -55.62 -19.28
CA LEU J 137 -5.86 -54.35 -19.30
C LEU J 137 -5.96 -53.82 -20.73
N TYR J 138 -4.86 -53.98 -21.48
CA TYR J 138 -4.88 -53.73 -22.91
C TYR J 138 -5.88 -54.58 -23.67
N ALA J 139 -6.09 -55.84 -23.28
CA ALA J 139 -7.15 -56.67 -23.87
C ALA J 139 -8.55 -56.23 -23.47
N SER J 140 -8.68 -55.83 -22.21
CA SER J 140 -9.92 -55.24 -21.73
C SER J 140 -10.23 -53.86 -22.31
N GLY J 141 -9.23 -53.24 -22.95
CA GLY J 141 -9.43 -52.07 -23.79
C GLY J 141 -9.64 -50.77 -23.03
N ARG J 142 -8.85 -50.56 -21.98
CA ARG J 142 -8.94 -49.41 -21.09
C ARG J 142 -7.55 -49.03 -20.56
N THR J 143 -7.50 -48.03 -19.68
CA THR J 143 -6.26 -47.61 -19.05
C THR J 143 -6.10 -48.18 -17.64
N THR J 144 -6.95 -47.64 -16.75
CA THR J 144 -6.99 -47.89 -15.33
C THR J 144 -7.78 -49.11 -14.94
N GLY J 145 -7.38 -49.66 -13.79
CA GLY J 145 -8.16 -50.69 -13.13
C GLY J 145 -7.31 -51.59 -12.26
N ILE J 146 -7.93 -52.58 -11.64
CA ILE J 146 -7.19 -53.61 -10.94
C ILE J 146 -7.43 -55.01 -11.50
N VAL J 147 -6.34 -55.63 -12.00
CA VAL J 147 -6.38 -56.95 -12.60
C VAL J 147 -6.22 -58.04 -11.55
N LEU J 148 -6.78 -59.24 -11.73
CA LEU J 148 -6.38 -60.38 -10.94
C LEU J 148 -5.98 -61.39 -12.00
N ASP J 149 -4.67 -61.49 -12.30
CA ASP J 149 -4.11 -62.45 -13.23
C ASP J 149 -3.60 -63.66 -12.47
N SER J 150 -4.36 -64.77 -12.47
CA SER J 150 -4.01 -65.97 -11.72
C SER J 150 -3.99 -67.17 -12.64
N GLY J 151 -2.76 -67.58 -12.95
CA GLY J 151 -2.55 -68.82 -13.66
C GLY J 151 -2.27 -70.01 -12.74
N ASP J 152 -1.34 -70.83 -13.19
CA ASP J 152 -0.94 -72.05 -12.51
C ASP J 152 -0.16 -71.73 -11.24
N GLY J 153 0.79 -70.81 -11.38
CA GLY J 153 1.78 -70.57 -10.35
C GLY J 153 1.41 -69.48 -9.36
N VAL J 154 0.84 -68.36 -9.79
CA VAL J 154 1.03 -67.09 -9.09
C VAL J 154 -0.18 -66.25 -9.38
N THR J 155 -0.90 -65.79 -8.36
CA THR J 155 -1.99 -64.88 -8.60
C THR J 155 -1.42 -63.47 -8.57
N HIS J 156 -2.09 -62.48 -9.17
CA HIS J 156 -1.73 -61.07 -8.97
C HIS J 156 -2.92 -60.12 -8.99
N ASN J 157 -3.12 -59.38 -7.89
CA ASN J 157 -3.97 -58.18 -7.90
C ASN J 157 -3.08 -57.07 -8.42
N VAL J 158 -3.40 -56.40 -9.54
CA VAL J 158 -2.56 -55.35 -10.07
C VAL J 158 -3.40 -54.09 -10.26
N PRO J 159 -3.31 -53.02 -9.45
CA PRO J 159 -3.98 -51.74 -9.69
C PRO J 159 -3.24 -50.85 -10.68
N ILE J 160 -3.91 -50.19 -11.62
CA ILE J 160 -3.30 -49.57 -12.79
C ILE J 160 -3.86 -48.17 -13.00
N TYR J 161 -3.00 -47.19 -13.28
CA TYR J 161 -3.40 -45.84 -13.67
C TYR J 161 -2.48 -45.43 -14.83
N GLU J 162 -3.04 -44.70 -15.80
CA GLU J 162 -2.49 -44.61 -17.16
C GLU J 162 -2.35 -46.00 -17.78
N GLY J 163 -1.25 -46.40 -18.44
CA GLY J 163 -1.10 -47.77 -18.91
C GLY J 163 -0.52 -48.66 -17.83
N TYR J 164 0.10 -48.05 -16.83
CA TYR J 164 0.89 -48.80 -15.88
C TYR J 164 0.20 -49.01 -14.55
N ALA J 165 0.61 -50.11 -13.91
CA ALA J 165 0.28 -50.35 -12.53
C ALA J 165 0.66 -49.22 -11.59
N LEU J 166 -0.23 -48.90 -10.63
CA LEU J 166 0.10 -48.19 -9.39
C LEU J 166 0.75 -49.15 -8.38
N PRO J 167 1.95 -49.63 -8.74
CA PRO J 167 2.46 -50.97 -8.44
C PRO J 167 2.65 -51.37 -6.99
N HIS J 168 2.59 -50.40 -6.08
CA HIS J 168 2.89 -50.67 -4.69
C HIS J 168 1.84 -51.55 -4.03
N ALA J 169 0.68 -51.61 -4.68
CA ALA J 169 -0.35 -52.50 -4.27
C ALA J 169 -0.38 -53.81 -5.03
N ILE J 170 0.53 -54.15 -5.95
CA ILE J 170 0.52 -55.44 -6.62
C ILE J 170 0.92 -56.52 -5.63
N MET J 171 -0.06 -57.02 -4.89
CA MET J 171 0.15 -58.19 -4.08
C MET J 171 0.30 -59.41 -4.97
N ARG J 172 1.40 -60.16 -4.80
CA ARG J 172 1.42 -61.54 -5.24
C ARG J 172 0.70 -62.36 -4.17
N LEU J 173 0.31 -63.57 -4.51
CA LEU J 173 0.15 -64.62 -3.53
C LEU J 173 0.47 -65.80 -4.43
N ASP J 174 1.36 -66.67 -3.99
CA ASP J 174 1.67 -67.86 -4.75
C ASP J 174 0.71 -69.00 -4.37
N LEU J 175 -0.58 -68.69 -4.35
CA LEU J 175 -1.64 -69.63 -4.04
C LEU J 175 -2.43 -69.63 -5.34
N ALA J 176 -2.41 -70.68 -6.16
CA ALA J 176 -2.93 -70.61 -7.53
C ALA J 176 -3.12 -72.01 -8.11
N GLY J 177 -3.14 -72.22 -9.45
CA GLY J 177 -3.61 -73.44 -10.10
C GLY J 177 -3.12 -74.79 -9.58
N ARG J 178 -1.81 -74.84 -9.32
CA ARG J 178 -1.15 -76.03 -8.84
C ARG J 178 -1.68 -76.48 -7.49
N ASP J 179 -1.49 -75.69 -6.42
CA ASP J 179 -2.02 -76.03 -5.12
C ASP J 179 -3.54 -76.13 -5.08
N LEU J 180 -4.28 -75.52 -6.03
CA LEU J 180 -5.71 -75.80 -6.09
C LEU J 180 -6.00 -77.25 -6.52
N THR J 181 -5.22 -77.84 -7.45
CA THR J 181 -5.38 -79.24 -7.83
C THR J 181 -4.94 -80.15 -6.69
N ASP J 182 -3.86 -79.80 -5.97
CA ASP J 182 -3.42 -80.56 -4.80
C ASP J 182 -4.50 -80.68 -3.74
N TYR J 183 -5.34 -79.65 -3.63
CA TYR J 183 -6.45 -79.73 -2.72
C TYR J 183 -7.48 -80.74 -3.23
N LEU J 184 -7.91 -80.64 -4.49
CA LEU J 184 -8.89 -81.56 -5.05
C LEU J 184 -8.41 -83.01 -4.94
N MET J 185 -7.11 -83.21 -5.17
CA MET J 185 -6.46 -84.51 -5.03
C MET J 185 -6.60 -85.05 -3.62
N LYS J 186 -6.37 -84.20 -2.61
CA LYS J 186 -6.54 -84.59 -1.22
C LYS J 186 -8.01 -84.77 -0.87
N ILE J 187 -8.92 -83.88 -1.27
CA ILE J 187 -10.31 -83.96 -0.83
C ILE J 187 -11.13 -85.06 -1.50
N LEU J 188 -10.57 -85.66 -2.57
CA LEU J 188 -11.08 -86.88 -3.17
C LEU J 188 -10.47 -88.13 -2.55
N THR J 189 -9.21 -88.09 -2.08
CA THR J 189 -8.68 -89.19 -1.27
C THR J 189 -9.41 -89.29 0.05
N GLU J 190 -9.62 -88.12 0.68
CA GLU J 190 -10.53 -87.91 1.82
C GLU J 190 -11.92 -88.49 1.58
N ARG J 191 -12.54 -88.12 0.45
CA ARG J 191 -13.77 -88.73 -0.06
C ARG J 191 -13.72 -90.26 -0.24
N GLY J 192 -12.53 -90.89 -0.17
CA GLY J 192 -12.43 -92.33 -0.22
C GLY J 192 -11.70 -92.86 -1.45
N TYR J 193 -11.12 -92.01 -2.30
CA TYR J 193 -10.39 -92.45 -3.49
C TYR J 193 -8.86 -92.39 -3.36
N SER J 194 -8.13 -92.48 -4.48
CA SER J 194 -6.68 -92.39 -4.48
C SER J 194 -6.28 -91.85 -5.84
N PHE J 195 -5.10 -91.25 -5.97
CA PHE J 195 -4.50 -90.96 -7.28
C PHE J 195 -3.00 -91.16 -7.21
N VAL J 196 -2.39 -91.72 -8.26
CA VAL J 196 -0.96 -91.97 -8.28
C VAL J 196 -0.25 -91.15 -9.37
N THR J 197 -0.40 -91.38 -10.67
CA THR J 197 0.48 -90.73 -11.65
C THR J 197 0.20 -89.26 -11.86
N THR J 198 1.09 -88.57 -12.60
CA THR J 198 0.85 -87.20 -12.90
C THR J 198 -0.27 -87.08 -13.94
N ALA J 199 -0.38 -88.05 -14.86
CA ALA J 199 -1.54 -88.20 -15.72
C ALA J 199 -2.83 -88.18 -14.90
N GLU J 200 -2.87 -88.99 -13.84
CA GLU J 200 -3.95 -88.93 -12.86
C GLU J 200 -4.09 -87.59 -12.15
N ARG J 201 -2.98 -86.91 -11.86
CA ARG J 201 -2.98 -85.50 -11.44
C ARG J 201 -3.46 -84.59 -12.59
N GLU J 202 -3.34 -84.92 -13.89
CA GLU J 202 -4.02 -84.18 -14.94
C GLU J 202 -5.50 -84.41 -14.82
N ILE J 203 -5.95 -85.65 -14.64
CA ILE J 203 -7.37 -85.96 -14.52
C ILE J 203 -8.00 -85.27 -13.30
N VAL J 204 -7.24 -85.10 -12.23
CA VAL J 204 -7.64 -84.22 -11.13
C VAL J 204 -7.68 -82.78 -11.64
N ARG J 205 -6.59 -82.30 -12.26
CA ARG J 205 -6.45 -80.92 -12.75
C ARG J 205 -7.59 -80.44 -13.66
N ASP J 206 -8.10 -81.49 -14.34
CA ASP J 206 -9.19 -81.50 -15.29
C ASP J 206 -10.57 -81.42 -14.65
N ILE J 207 -10.93 -82.28 -13.68
CA ILE J 207 -12.16 -82.17 -12.88
C ILE J 207 -12.35 -80.79 -12.24
N LYS J 208 -11.19 -80.16 -12.03
CA LYS J 208 -11.13 -78.79 -11.58
C LYS J 208 -11.73 -77.84 -12.61
N GLU J 209 -11.41 -77.99 -13.89
CA GLU J 209 -11.96 -77.17 -14.95
C GLU J 209 -13.46 -77.47 -15.11
N LYS J 210 -13.81 -78.75 -15.21
CA LYS J 210 -15.19 -79.14 -15.50
C LYS J 210 -16.21 -79.11 -14.37
N LEU J 211 -15.82 -79.43 -13.13
CA LEU J 211 -16.74 -79.61 -12.02
C LEU J 211 -16.57 -78.68 -10.83
N CYS J 212 -15.47 -77.94 -10.74
CA CYS J 212 -15.17 -77.07 -9.61
C CYS J 212 -15.65 -75.63 -9.80
N TYR J 213 -16.40 -75.09 -8.85
CA TYR J 213 -17.11 -73.84 -9.04
C TYR J 213 -17.08 -72.95 -7.81
N VAL J 214 -17.43 -71.69 -8.01
CA VAL J 214 -17.37 -70.73 -6.93
C VAL J 214 -18.78 -70.28 -6.60
N ALA J 215 -19.25 -70.72 -5.44
CA ALA J 215 -20.48 -70.21 -4.86
C ALA J 215 -20.39 -68.74 -4.48
N LEU J 216 -21.55 -68.09 -4.56
CA LEU J 216 -21.76 -66.72 -4.07
C LEU J 216 -21.71 -66.52 -2.56
N ASP J 217 -21.77 -67.67 -1.89
CA ASP J 217 -21.84 -67.77 -0.44
C ASP J 217 -21.51 -69.22 -0.17
N PHE J 218 -20.50 -69.39 0.68
CA PHE J 218 -19.98 -70.70 1.05
C PHE J 218 -20.89 -71.37 2.06
N GLU J 219 -21.42 -70.57 2.97
CA GLU J 219 -22.12 -71.11 4.12
C GLU J 219 -23.45 -71.73 3.76
N ASN J 220 -24.17 -71.02 2.88
CA ASN J 220 -25.37 -71.57 2.26
C ASN J 220 -25.12 -72.70 1.28
N GLU J 221 -23.96 -72.67 0.60
CA GLU J 221 -23.58 -73.77 -0.27
C GLU J 221 -23.30 -75.03 0.54
N MET J 222 -22.53 -74.97 1.64
CA MET J 222 -22.35 -76.11 2.54
C MET J 222 -23.69 -76.63 3.05
N ALA J 223 -24.61 -75.71 3.35
CA ALA J 223 -25.98 -76.08 3.67
C ALA J 223 -26.70 -76.81 2.54
N THR J 224 -26.70 -76.33 1.29
CA THR J 224 -27.38 -77.03 0.21
C THR J 224 -26.68 -78.34 -0.17
N ALA J 225 -25.36 -78.44 0.01
CA ALA J 225 -24.66 -79.72 -0.07
C ALA J 225 -25.20 -80.68 0.97
N ALA J 226 -25.40 -80.22 2.21
CA ALA J 226 -26.00 -81.01 3.26
C ALA J 226 -27.50 -81.29 3.11
N SER J 227 -28.18 -80.54 2.23
CA SER J 227 -29.56 -80.81 1.90
C SER J 227 -29.78 -81.75 0.72
N SER J 228 -29.13 -81.55 -0.42
CA SER J 228 -29.47 -82.35 -1.59
C SER J 228 -28.27 -82.75 -2.41
N SER J 229 -28.49 -83.92 -2.98
CA SER J 229 -27.54 -84.55 -3.87
C SER J 229 -27.27 -83.68 -5.08
N SER J 230 -28.22 -82.78 -5.40
CA SER J 230 -28.10 -81.77 -6.45
C SER J 230 -26.69 -81.33 -6.84
N LEU J 231 -25.83 -81.08 -5.86
CA LEU J 231 -24.47 -80.67 -6.14
C LEU J 231 -23.55 -81.79 -6.64
N GLU J 232 -23.80 -83.04 -6.25
CA GLU J 232 -23.04 -84.16 -6.73
C GLU J 232 -23.16 -84.29 -8.23
N LYS J 233 -21.95 -84.36 -8.74
CA LYS J 233 -21.70 -84.44 -10.16
C LYS J 233 -20.65 -85.52 -10.30
N SER J 234 -21.16 -86.58 -10.90
CA SER J 234 -20.36 -87.70 -11.33
C SER J 234 -19.68 -87.36 -12.66
N TYR J 235 -18.74 -88.22 -13.05
CA TYR J 235 -17.89 -88.10 -14.25
C TYR J 235 -17.21 -89.47 -14.45
N GLU J 236 -17.17 -90.13 -15.62
CA GLU J 236 -16.37 -91.34 -15.82
C GLU J 236 -14.88 -91.02 -15.82
N LEU J 237 -14.22 -91.41 -14.72
CA LEU J 237 -12.77 -91.41 -14.63
C LEU J 237 -12.30 -92.45 -15.64
N PRO J 238 -11.46 -92.04 -16.62
CA PRO J 238 -11.13 -92.77 -17.84
C PRO J 238 -11.13 -94.28 -17.84
N ASP J 239 -10.46 -94.85 -16.82
CA ASP J 239 -10.44 -96.27 -16.56
C ASP J 239 -11.82 -96.88 -16.60
N GLY J 240 -12.67 -96.28 -15.76
CA GLY J 240 -13.98 -96.73 -15.37
C GLY J 240 -14.57 -95.86 -14.29
N GLN J 241 -13.96 -95.79 -13.10
CA GLN J 241 -14.49 -95.20 -11.88
C GLN J 241 -15.27 -93.90 -12.00
N VAL J 242 -16.53 -94.03 -12.43
CA VAL J 242 -17.54 -93.00 -12.22
C VAL J 242 -17.71 -92.70 -10.73
N ILE J 243 -16.88 -91.73 -10.39
CA ILE J 243 -16.74 -91.17 -9.05
C ILE J 243 -17.72 -90.02 -8.77
N THR J 244 -18.20 -89.88 -7.54
CA THR J 244 -19.09 -88.78 -7.20
C THR J 244 -18.31 -87.70 -6.47
N ILE J 245 -18.54 -86.44 -6.86
CA ILE J 245 -17.90 -85.32 -6.24
C ILE J 245 -19.08 -84.42 -5.90
N GLY J 246 -19.14 -84.05 -4.62
CA GLY J 246 -20.18 -83.21 -4.06
C GLY J 246 -19.57 -81.95 -3.45
N ASN J 247 -19.61 -81.78 -2.12
CA ASN J 247 -19.15 -80.56 -1.46
C ASN J 247 -17.72 -80.10 -1.77
N GLU J 248 -16.83 -81.03 -2.10
CA GLU J 248 -15.50 -80.78 -2.66
C GLU J 248 -15.48 -79.79 -3.81
N ARG J 249 -16.48 -79.93 -4.70
CA ARG J 249 -16.50 -79.20 -5.95
C ARG J 249 -16.45 -77.70 -5.78
N PHE J 250 -16.88 -77.18 -4.62
CA PHE J 250 -16.63 -75.79 -4.29
C PHE J 250 -15.50 -75.68 -3.29
N ARG J 251 -15.39 -76.67 -2.39
CA ARG J 251 -14.39 -76.67 -1.33
C ARG J 251 -12.95 -76.64 -1.81
N CYS J 252 -12.69 -76.93 -3.09
CA CYS J 252 -11.39 -76.68 -3.67
C CYS J 252 -11.35 -75.24 -4.17
N PRO J 253 -11.93 -74.76 -5.29
CA PRO J 253 -11.76 -73.39 -5.80
C PRO J 253 -11.94 -72.23 -4.83
N GLU J 254 -12.67 -72.50 -3.72
CA GLU J 254 -12.67 -71.64 -2.54
C GLU J 254 -11.33 -71.10 -2.07
N THR J 255 -10.29 -71.91 -2.24
CA THR J 255 -8.93 -71.70 -1.73
C THR J 255 -8.27 -70.34 -1.97
N LEU J 256 -8.71 -69.66 -3.05
CA LEU J 256 -8.29 -68.29 -3.26
C LEU J 256 -8.79 -67.44 -2.10
N PHE J 257 -10.07 -67.58 -1.79
CA PHE J 257 -10.71 -66.87 -0.69
C PHE J 257 -10.29 -67.42 0.67
N GLN J 258 -10.13 -68.74 0.82
CA GLN J 258 -9.62 -69.30 2.07
C GLN J 258 -8.37 -70.18 1.93
N PRO J 259 -7.16 -69.64 2.14
CA PRO J 259 -5.90 -70.42 2.23
C PRO J 259 -5.81 -71.28 3.49
N SER J 260 -6.59 -70.89 4.50
CA SER J 260 -6.90 -71.67 5.68
C SER J 260 -7.33 -73.10 5.36
N PHE J 261 -8.08 -73.21 4.26
CA PHE J 261 -8.52 -74.50 3.74
C PHE J 261 -7.38 -75.40 3.35
N ILE J 262 -6.27 -74.91 2.76
CA ILE J 262 -5.13 -75.78 2.55
C ILE J 262 -4.27 -75.77 3.81
N GLY J 263 -4.39 -74.74 4.64
CA GLY J 263 -3.57 -74.53 5.81
C GLY J 263 -2.37 -73.69 5.44
N MET J 264 -2.64 -72.45 5.06
CA MET J 264 -1.61 -71.47 4.74
C MET J 264 -1.94 -70.18 5.49
N GLU J 265 -0.91 -69.50 5.98
CA GLU J 265 -1.08 -68.20 6.61
C GLU J 265 -1.26 -67.03 5.66
N SER J 266 -2.22 -67.14 4.74
CA SER J 266 -2.66 -65.99 3.97
C SER J 266 -4.13 -65.72 4.17
N ALA J 267 -4.38 -64.40 4.11
CA ALA J 267 -5.73 -63.89 4.07
C ALA J 267 -6.23 -64.16 2.65
N GLY J 268 -7.54 -64.10 2.44
CA GLY J 268 -8.09 -64.51 1.16
C GLY J 268 -7.99 -63.43 0.10
N ILE J 269 -8.00 -63.90 -1.15
CA ILE J 269 -8.12 -63.06 -2.34
C ILE J 269 -9.12 -61.91 -2.25
N HIS J 270 -10.28 -62.12 -1.62
CA HIS J 270 -11.31 -61.09 -1.50
C HIS J 270 -10.84 -59.84 -0.77
N GLU J 271 -9.94 -60.08 0.17
CA GLU J 271 -9.46 -59.08 1.10
C GLU J 271 -8.25 -58.36 0.53
N THR J 272 -7.36 -59.15 -0.07
CA THR J 272 -6.15 -58.66 -0.73
C THR J 272 -6.49 -57.60 -1.77
N THR J 273 -7.64 -57.74 -2.47
CA THR J 273 -8.08 -56.67 -3.34
C THR J 273 -8.26 -55.40 -2.52
N TYR J 274 -9.00 -55.47 -1.41
CA TYR J 274 -9.29 -54.27 -0.63
C TYR J 274 -8.00 -53.66 -0.11
N ASN J 275 -7.10 -54.47 0.44
CA ASN J 275 -5.82 -54.01 0.96
C ASN J 275 -4.86 -53.42 -0.06
N SER J 276 -4.83 -53.97 -1.27
CA SER J 276 -4.01 -53.42 -2.33
C SER J 276 -4.53 -52.02 -2.62
N ILE J 277 -5.85 -51.91 -2.78
CA ILE J 277 -6.47 -50.64 -3.09
C ILE J 277 -6.34 -49.62 -1.95
N MET J 278 -6.44 -50.07 -0.70
CA MET J 278 -6.19 -49.22 0.45
C MET J 278 -4.75 -48.75 0.52
N LYS J 279 -3.83 -49.63 0.12
CA LYS J 279 -2.44 -49.23 -0.10
C LYS J 279 -2.26 -48.16 -1.16
N CYS J 280 -3.20 -47.98 -2.09
CA CYS J 280 -3.09 -46.99 -3.15
C CYS J 280 -3.69 -45.65 -2.82
N ASP J 281 -3.23 -44.62 -3.55
CA ASP J 281 -3.85 -43.31 -3.52
C ASP J 281 -5.37 -43.25 -3.71
N ILE J 282 -5.99 -42.43 -2.88
CA ILE J 282 -7.30 -42.76 -2.31
C ILE J 282 -8.53 -42.53 -3.18
N ASP J 283 -8.47 -41.59 -4.12
CA ASP J 283 -9.60 -41.20 -4.94
C ASP J 283 -9.59 -41.87 -6.29
N ILE J 284 -8.39 -42.05 -6.84
CA ILE J 284 -8.23 -42.80 -8.08
C ILE J 284 -8.63 -44.26 -7.89
N ARG J 285 -8.52 -44.74 -6.63
CA ARG J 285 -9.12 -46.00 -6.18
C ARG J 285 -10.49 -46.31 -6.75
N LYS J 286 -11.34 -45.28 -6.81
CA LYS J 286 -12.68 -45.36 -7.37
C LYS J 286 -12.68 -45.96 -8.77
N ASP J 287 -11.72 -45.54 -9.60
CA ASP J 287 -11.55 -46.03 -10.97
C ASP J 287 -11.07 -47.49 -10.98
N LEU J 288 -10.15 -47.76 -10.03
CA LEU J 288 -9.59 -49.08 -9.82
C LEU J 288 -10.68 -50.08 -9.47
N TYR J 289 -11.43 -49.88 -8.38
CA TYR J 289 -12.66 -50.60 -8.11
C TYR J 289 -13.62 -50.73 -9.29
N ALA J 290 -13.92 -49.61 -9.95
CA ALA J 290 -14.77 -49.64 -11.13
C ALA J 290 -14.24 -50.46 -12.30
N ASN J 291 -12.93 -50.72 -12.36
CA ASN J 291 -12.40 -51.68 -13.31
C ASN J 291 -11.57 -52.78 -12.66
N ASN J 292 -12.19 -53.62 -11.82
CA ASN J 292 -11.50 -54.82 -11.36
C ASN J 292 -11.47 -55.88 -12.46
N VAL J 293 -10.41 -56.11 -13.24
CA VAL J 293 -10.43 -57.07 -14.35
C VAL J 293 -9.75 -58.41 -14.06
N MET J 294 -10.20 -59.60 -14.50
CA MET J 294 -9.56 -60.89 -14.20
C MET J 294 -9.02 -61.65 -15.42
N SER J 295 -8.07 -62.56 -15.25
CA SER J 295 -7.29 -63.14 -16.36
C SER J 295 -6.54 -64.40 -15.96
N GLY J 296 -6.09 -65.25 -16.90
CA GLY J 296 -5.24 -66.38 -16.57
C GLY J 296 -5.94 -67.74 -16.59
N GLY J 297 -5.64 -68.64 -15.65
CA GLY J 297 -6.20 -69.99 -15.67
C GLY J 297 -7.25 -70.21 -14.58
N THR J 298 -6.77 -70.16 -13.34
CA THR J 298 -7.60 -70.30 -12.13
C THR J 298 -8.74 -69.31 -11.96
N THR J 299 -8.78 -68.27 -12.78
CA THR J 299 -9.86 -67.31 -12.83
C THR J 299 -11.04 -67.85 -13.67
N MET J 300 -10.90 -69.01 -14.32
CA MET J 300 -11.97 -69.52 -15.16
C MET J 300 -13.18 -70.08 -14.41
N TYR J 301 -13.12 -70.24 -13.08
CA TYR J 301 -14.18 -70.88 -12.29
C TYR J 301 -15.59 -70.30 -12.35
N PRO J 302 -16.62 -71.14 -12.54
CA PRO J 302 -18.03 -70.75 -12.60
C PRO J 302 -18.62 -70.14 -11.33
N GLY J 303 -18.56 -68.81 -11.30
CA GLY J 303 -19.24 -68.03 -10.26
C GLY J 303 -18.35 -66.94 -9.67
N ILE J 304 -17.04 -67.05 -9.93
CA ILE J 304 -16.03 -66.22 -9.31
C ILE J 304 -16.23 -64.69 -9.39
N ALA J 305 -16.78 -64.21 -10.51
CA ALA J 305 -16.99 -62.79 -10.72
C ALA J 305 -18.13 -62.24 -9.86
N ASP J 306 -19.33 -62.84 -9.92
CA ASP J 306 -20.42 -62.41 -9.07
C ASP J 306 -20.10 -62.54 -7.59
N ARG J 307 -19.35 -63.59 -7.23
CA ARG J 307 -18.92 -63.71 -5.84
C ARG J 307 -17.95 -62.61 -5.44
N MET J 308 -16.97 -62.25 -6.29
CA MET J 308 -16.13 -61.09 -6.04
C MET J 308 -16.96 -59.85 -5.83
N GLN J 309 -18.16 -59.78 -6.41
CA GLN J 309 -19.06 -58.69 -6.10
C GLN J 309 -19.69 -58.78 -4.72
N LYS J 310 -20.13 -59.96 -4.24
CA LYS J 310 -20.55 -60.13 -2.85
C LYS J 310 -19.45 -59.71 -1.86
N GLU J 311 -18.31 -60.36 -2.04
CA GLU J 311 -17.17 -60.24 -1.15
C GLU J 311 -16.55 -58.86 -1.03
N ILE J 312 -16.12 -58.27 -2.16
CA ILE J 312 -15.33 -57.04 -2.14
C ILE J 312 -16.14 -55.82 -1.69
N THR J 313 -17.44 -55.83 -1.96
CA THR J 313 -18.37 -54.83 -1.45
C THR J 313 -18.63 -54.90 0.06
N ALA J 314 -18.50 -56.09 0.65
CA ALA J 314 -18.59 -56.26 2.10
C ALA J 314 -17.30 -55.85 2.80
N LEU J 315 -16.17 -56.05 2.11
CA LEU J 315 -14.93 -55.41 2.53
C LEU J 315 -14.95 -53.89 2.42
N ALA J 316 -15.36 -53.34 1.28
CA ALA J 316 -15.20 -51.91 1.05
C ALA J 316 -16.41 -51.11 1.52
N PRO J 317 -16.28 -49.84 1.90
CA PRO J 317 -17.41 -48.93 2.12
C PRO J 317 -18.45 -48.93 1.01
N SER J 318 -19.72 -49.01 1.43
CA SER J 318 -20.82 -49.40 0.56
C SER J 318 -21.00 -48.62 -0.75
N THR J 319 -20.60 -47.34 -0.75
CA THR J 319 -20.71 -46.46 -1.91
C THR J 319 -19.54 -46.56 -2.89
N MET J 320 -18.74 -47.63 -2.76
CA MET J 320 -17.47 -47.75 -3.44
C MET J 320 -17.48 -47.83 -4.97
N LYS J 321 -18.57 -48.36 -5.53
CA LYS J 321 -18.76 -48.51 -6.98
C LYS J 321 -17.71 -49.43 -7.59
N ILE J 322 -17.94 -50.70 -7.27
CA ILE J 322 -17.01 -51.75 -7.63
C ILE J 322 -17.59 -52.42 -8.87
N LYS J 323 -16.71 -52.81 -9.79
CA LYS J 323 -17.13 -53.52 -10.99
C LYS J 323 -16.03 -54.44 -11.48
N ILE J 324 -16.34 -55.73 -11.33
CA ILE J 324 -15.46 -56.83 -11.72
C ILE J 324 -15.67 -57.23 -13.19
N ILE J 325 -14.65 -57.26 -14.06
CA ILE J 325 -14.80 -57.72 -15.42
C ILE J 325 -13.91 -58.95 -15.49
N ALA J 326 -14.34 -59.99 -16.20
CA ALA J 326 -13.52 -61.18 -16.35
C ALA J 326 -13.79 -61.77 -17.73
N PRO J 327 -13.03 -61.37 -18.77
CA PRO J 327 -13.24 -61.75 -20.17
C PRO J 327 -13.61 -63.21 -20.42
N PRO J 328 -14.65 -63.55 -21.22
CA PRO J 328 -15.00 -64.93 -21.56
C PRO J 328 -13.84 -65.68 -22.23
N GLU J 329 -13.07 -64.92 -23.00
CA GLU J 329 -11.80 -65.33 -23.57
C GLU J 329 -10.62 -65.39 -22.59
N ARG J 330 -10.81 -65.18 -21.28
CA ARG J 330 -9.71 -64.90 -20.35
C ARG J 330 -8.41 -65.70 -20.29
N LYS J 331 -8.34 -66.95 -20.78
CA LYS J 331 -7.09 -67.70 -20.81
C LYS J 331 -6.10 -67.03 -21.76
N TYR J 332 -6.66 -66.35 -22.77
CA TYR J 332 -5.90 -65.76 -23.87
C TYR J 332 -5.81 -64.23 -23.84
N SER J 333 -6.44 -63.57 -22.88
CA SER J 333 -6.42 -62.11 -22.75
C SER J 333 -5.06 -61.42 -22.83
N VAL J 334 -4.02 -61.95 -22.18
CA VAL J 334 -2.65 -61.45 -22.23
C VAL J 334 -2.09 -61.49 -23.65
N TRP J 335 -2.60 -62.45 -24.43
CA TRP J 335 -2.24 -62.57 -25.81
C TRP J 335 -3.11 -61.63 -26.66
N ILE J 336 -4.43 -61.52 -26.46
CA ILE J 336 -5.26 -60.57 -27.22
C ILE J 336 -4.68 -59.15 -27.05
N GLY J 337 -4.42 -58.80 -25.79
CA GLY J 337 -3.72 -57.56 -25.44
C GLY J 337 -2.39 -57.42 -26.15
N GLY J 338 -1.64 -58.53 -26.20
CA GLY J 338 -0.37 -58.64 -26.93
C GLY J 338 -0.46 -58.44 -28.44
N SER J 339 -1.34 -59.16 -29.17
CA SER J 339 -1.37 -59.16 -30.63
C SER J 339 -1.60 -57.75 -31.16
N ILE J 340 -2.65 -57.15 -30.60
CA ILE J 340 -3.09 -55.81 -30.96
C ILE J 340 -2.00 -54.79 -30.66
N LEU J 341 -1.43 -54.79 -29.44
CA LEU J 341 -0.35 -53.88 -29.09
C LEU J 341 0.89 -54.08 -29.96
N ALA J 342 1.22 -55.34 -30.26
CA ALA J 342 2.34 -55.64 -31.12
C ALA J 342 2.12 -55.12 -32.54
N SER J 343 0.88 -55.26 -33.01
CA SER J 343 0.45 -54.72 -34.28
C SER J 343 0.13 -53.22 -34.23
N LEU J 344 0.48 -52.45 -33.17
CA LEU J 344 0.12 -51.03 -33.12
C LEU J 344 1.13 -50.01 -33.62
N SER J 345 0.70 -49.21 -34.61
CA SER J 345 1.56 -48.27 -35.33
C SER J 345 2.30 -47.22 -34.50
N THR J 346 1.66 -46.72 -33.43
CA THR J 346 2.33 -45.78 -32.53
C THR J 346 3.32 -46.46 -31.57
N PHE J 347 3.18 -47.79 -31.46
CA PHE J 347 3.98 -48.62 -30.58
C PHE J 347 5.12 -49.29 -31.37
N GLN J 348 5.06 -49.34 -32.70
CA GLN J 348 6.12 -49.91 -33.51
C GLN J 348 7.55 -49.42 -33.20
N GLN J 349 7.65 -48.14 -32.82
CA GLN J 349 8.88 -47.56 -32.32
C GLN J 349 9.40 -48.10 -31.00
N MET J 350 8.55 -48.64 -30.13
CA MET J 350 8.95 -49.08 -28.80
C MET J 350 9.63 -50.44 -28.73
N TRP J 351 9.49 -51.26 -29.77
CA TRP J 351 10.16 -52.55 -29.90
C TRP J 351 11.67 -52.51 -29.72
N ILE J 352 12.30 -53.55 -29.17
CA ILE J 352 13.74 -53.57 -29.04
C ILE J 352 14.32 -54.20 -30.29
N THR J 353 15.09 -53.35 -30.96
CA THR J 353 15.77 -53.75 -32.17
C THR J 353 16.88 -54.77 -31.89
N LYS J 354 17.24 -55.58 -32.90
CA LYS J 354 18.51 -56.29 -32.89
C LYS J 354 19.70 -55.37 -32.61
N GLN J 355 19.64 -54.15 -33.17
CA GLN J 355 20.76 -53.25 -33.15
C GLN J 355 21.12 -52.86 -31.72
N GLU J 356 20.12 -52.32 -30.99
CA GLU J 356 20.22 -52.06 -29.56
C GLU J 356 20.75 -53.23 -28.75
N TYR J 357 20.56 -54.50 -29.13
CA TYR J 357 21.22 -55.62 -28.45
C TYR J 357 22.71 -55.58 -28.71
N ASP J 358 23.11 -55.46 -29.97
CA ASP J 358 24.52 -55.64 -30.32
C ASP J 358 25.42 -54.51 -29.85
N GLU J 359 24.82 -53.34 -29.72
CA GLU J 359 25.46 -52.22 -29.07
C GLU J 359 25.24 -52.16 -27.58
N ALA J 360 24.00 -52.08 -27.07
CA ALA J 360 23.77 -51.82 -25.65
C ALA J 360 23.74 -53.05 -24.76
N GLY J 361 23.37 -54.22 -25.32
CA GLY J 361 23.46 -55.45 -24.55
C GLY J 361 22.19 -55.78 -23.76
N PRO J 362 22.10 -56.97 -23.15
CA PRO J 362 20.88 -57.55 -22.61
C PRO J 362 19.98 -56.73 -21.68
N SER J 363 20.51 -55.84 -20.84
CA SER J 363 19.66 -55.07 -19.95
C SER J 363 19.02 -53.84 -20.57
N ILE J 364 18.44 -54.01 -21.77
CA ILE J 364 17.87 -52.89 -22.51
C ILE J 364 16.64 -52.35 -21.78
N VAL J 365 15.85 -53.26 -21.18
CA VAL J 365 14.58 -52.87 -20.61
C VAL J 365 14.28 -53.60 -19.29
N THR K 1 -3.45 -91.15 36.50
CA THR K 1 -4.80 -91.45 36.08
C THR K 1 -5.01 -91.57 34.59
N ALA K 2 -4.59 -90.60 33.75
CA ALA K 2 -4.95 -90.56 32.34
C ALA K 2 -4.27 -91.56 31.42
N LEU K 3 -4.83 -91.77 30.23
CA LEU K 3 -4.42 -92.82 29.32
C LEU K 3 -4.10 -92.17 27.99
N VAL K 4 -3.15 -92.72 27.23
CA VAL K 4 -2.79 -92.23 25.91
C VAL K 4 -2.77 -93.46 25.01
N CYS K 5 -3.40 -93.36 23.84
CA CYS K 5 -3.59 -94.48 22.93
C CYS K 5 -3.48 -94.05 21.48
N ASP K 6 -2.49 -94.61 20.80
CA ASP K 6 -2.04 -94.14 19.52
C ASP K 6 -2.19 -95.23 18.48
N ASN K 7 -2.91 -94.77 17.45
CA ASN K 7 -3.54 -95.61 16.44
C ASN K 7 -2.77 -95.43 15.15
N GLY K 8 -1.88 -96.41 14.99
CA GLY K 8 -1.18 -96.58 13.75
C GLY K 8 -2.00 -97.44 12.79
N SER K 9 -1.59 -97.44 11.52
CA SER K 9 -2.17 -98.31 10.51
C SER K 9 -1.70 -99.77 10.67
N GLY K 10 -0.69 -99.97 11.54
CA GLY K 10 -0.29 -101.30 11.96
C GLY K 10 -0.38 -101.49 13.46
N LEU K 11 0.29 -100.64 14.24
CA LEU K 11 0.32 -100.81 15.69
C LEU K 11 -0.42 -99.75 16.51
N VAL K 12 -1.11 -100.21 17.56
CA VAL K 12 -1.74 -99.36 18.55
C VAL K 12 -0.81 -99.31 19.76
N LYS K 13 -0.63 -98.13 20.33
CA LYS K 13 0.26 -97.93 21.46
C LYS K 13 -0.57 -97.24 22.53
N ALA K 14 -0.82 -97.89 23.65
CA ALA K 14 -1.60 -97.30 24.70
C ALA K 14 -0.77 -97.24 25.97
N GLY K 15 -1.31 -96.57 26.95
CA GLY K 15 -0.79 -96.65 28.29
C GLY K 15 -1.44 -95.57 29.10
N PHE K 16 -0.70 -95.21 30.15
CA PHE K 16 -1.08 -94.11 31.01
C PHE K 16 -0.28 -92.90 30.57
N ALA K 17 -0.62 -91.74 31.12
CA ALA K 17 0.13 -90.53 30.90
C ALA K 17 1.41 -90.59 31.72
N GLY K 18 2.45 -89.89 31.29
CA GLY K 18 3.64 -89.70 32.11
C GLY K 18 4.53 -90.92 32.23
N ASP K 19 4.13 -92.09 31.71
CA ASP K 19 5.01 -93.21 31.46
C ASP K 19 5.86 -92.87 30.23
N ASP K 20 7.15 -93.25 30.30
CA ASP K 20 8.11 -93.07 29.22
C ASP K 20 7.86 -93.91 27.98
N ALA K 21 7.39 -95.15 28.12
CA ALA K 21 7.29 -96.09 27.01
C ALA K 21 5.93 -96.79 27.06
N PRO K 22 5.22 -97.09 25.96
CA PRO K 22 3.85 -97.60 25.99
C PRO K 22 3.55 -98.87 26.78
N ARG K 23 2.41 -98.84 27.46
CA ARG K 23 1.96 -99.97 28.26
C ARG K 23 1.25 -101.02 27.40
N ALA K 24 0.50 -100.64 26.35
CA ALA K 24 -0.08 -101.64 25.47
C ALA K 24 0.34 -101.43 24.02
N VAL K 25 1.02 -102.39 23.40
CA VAL K 25 1.38 -102.29 22.00
C VAL K 25 0.67 -103.42 21.27
N PHE K 26 -0.40 -103.15 20.52
CA PHE K 26 -1.10 -104.25 19.89
C PHE K 26 -1.45 -103.97 18.45
N PRO K 27 -1.28 -104.97 17.57
CA PRO K 27 -1.63 -104.88 16.17
C PRO K 27 -3.10 -104.66 15.86
N SER K 28 -3.27 -103.58 15.10
CA SER K 28 -4.55 -103.13 14.61
C SER K 28 -5.08 -104.16 13.60
N ILE K 29 -5.49 -105.36 13.99
CA ILE K 29 -6.12 -106.30 13.07
C ILE K 29 -7.28 -106.89 13.82
N VAL K 30 -8.41 -107.03 13.13
CA VAL K 30 -9.59 -107.64 13.74
C VAL K 30 -9.96 -108.85 12.88
N GLY K 31 -9.93 -110.07 13.39
CA GLY K 31 -10.12 -111.24 12.56
C GLY K 31 -11.38 -112.00 12.92
N ARG K 32 -12.15 -112.46 11.93
CA ARG K 32 -13.32 -113.27 12.22
C ARG K 32 -13.02 -114.68 11.75
N PRO K 33 -13.33 -115.75 12.50
CA PRO K 33 -13.18 -117.11 12.01
C PRO K 33 -14.04 -117.37 10.77
N ARG K 34 -13.55 -118.28 9.92
CA ARG K 34 -14.26 -118.70 8.71
C ARG K 34 -15.05 -120.00 8.91
N HIS K 35 -15.19 -120.38 10.19
CA HIS K 35 -15.94 -121.55 10.65
C HIS K 35 -16.39 -121.25 12.08
N GLN K 36 -17.37 -121.99 12.58
CA GLN K 36 -17.63 -122.04 14.02
C GLN K 36 -16.56 -122.88 14.68
N GLY K 37 -15.39 -122.26 14.76
CA GLY K 37 -14.14 -122.96 15.01
C GLY K 37 -13.91 -123.17 16.49
N VAL K 38 -14.50 -124.21 17.05
CA VAL K 38 -14.27 -124.59 18.43
C VAL K 38 -12.81 -124.82 18.80
N MET K 39 -12.16 -123.75 19.24
CA MET K 39 -10.95 -123.87 20.03
C MET K 39 -11.23 -124.75 21.25
N VAL K 40 -10.79 -126.01 21.10
CA VAL K 40 -10.85 -127.01 22.15
C VAL K 40 -10.06 -126.53 23.36
N GLY K 41 -10.82 -125.87 24.23
CA GLY K 41 -10.30 -125.35 25.48
C GLY K 41 -10.95 -124.03 25.86
N MET K 42 -11.68 -123.42 24.93
CA MET K 42 -12.46 -122.21 25.16
C MET K 42 -13.85 -122.43 24.56
N GLY K 43 -14.80 -121.52 24.78
CA GLY K 43 -16.10 -121.60 24.12
C GLY K 43 -16.04 -121.00 22.71
N GLN K 44 -17.18 -120.54 22.20
CA GLN K 44 -17.18 -119.84 20.91
C GLN K 44 -16.73 -118.39 21.10
N LYS K 45 -15.99 -117.89 20.11
CA LYS K 45 -15.48 -116.52 20.12
C LYS K 45 -15.85 -115.76 18.84
N ASP K 46 -16.12 -114.46 19.05
CA ASP K 46 -16.65 -113.54 18.05
C ASP K 46 -15.65 -112.88 17.10
N SER K 47 -14.77 -112.05 17.65
CA SER K 47 -13.83 -111.25 16.90
C SER K 47 -12.54 -111.50 17.68
N TYR K 48 -11.41 -111.62 17.01
CA TYR K 48 -10.14 -111.52 17.70
C TYR K 48 -9.46 -110.21 17.33
N VAL K 49 -8.91 -109.45 18.28
CA VAL K 49 -8.21 -108.21 17.98
C VAL K 49 -6.73 -108.46 18.21
N GLY K 50 -5.84 -107.86 17.43
CA GLY K 50 -4.41 -107.90 17.68
C GLY K 50 -3.80 -109.29 17.82
N ASP K 51 -3.04 -109.42 18.90
CA ASP K 51 -2.21 -110.59 19.14
C ASP K 51 -2.90 -111.93 19.07
N GLU K 52 -4.07 -112.14 19.67
CA GLU K 52 -4.82 -113.38 19.43
C GLU K 52 -5.24 -113.62 17.99
N ALA K 53 -5.80 -112.59 17.33
CA ALA K 53 -6.09 -112.58 15.89
C ALA K 53 -4.87 -112.74 14.99
N GLN K 54 -3.73 -112.35 15.55
CA GLN K 54 -2.47 -112.45 14.83
C GLN K 54 -1.82 -113.82 15.03
N SER K 55 -1.97 -114.47 16.19
CA SER K 55 -1.48 -115.84 16.36
C SER K 55 -2.40 -116.81 15.62
N LYS K 56 -3.70 -116.54 15.64
CA LYS K 56 -4.66 -117.40 14.96
C LYS K 56 -5.06 -116.95 13.56
N ARG K 57 -4.26 -116.10 12.91
CA ARG K 57 -4.63 -115.51 11.63
C ARG K 57 -5.09 -116.48 10.53
N GLY K 58 -4.55 -117.70 10.62
CA GLY K 58 -4.85 -118.76 9.67
C GLY K 58 -6.34 -118.99 9.56
N ILE K 59 -7.00 -119.20 10.70
CA ILE K 59 -8.44 -119.49 10.71
C ILE K 59 -9.32 -118.27 10.41
N LEU K 60 -8.72 -117.11 10.16
CA LEU K 60 -9.48 -115.88 10.16
C LEU K 60 -9.64 -115.23 8.78
N THR K 61 -10.34 -114.10 8.90
CA THR K 61 -10.45 -113.10 7.86
C THR K 61 -9.89 -111.77 8.37
N LEU K 62 -8.57 -111.58 8.33
CA LEU K 62 -7.97 -110.36 8.89
C LEU K 62 -8.26 -109.11 8.07
N LYS K 63 -8.28 -107.93 8.69
CA LYS K 63 -8.62 -106.62 8.10
C LYS K 63 -8.05 -105.58 9.06
N TYR K 64 -7.59 -104.42 8.55
CA TYR K 64 -7.01 -103.34 9.36
C TYR K 64 -7.95 -102.12 9.38
N PRO K 65 -8.42 -101.58 10.51
CA PRO K 65 -9.38 -100.45 10.56
C PRO K 65 -8.87 -99.06 10.15
N ILE K 66 -7.58 -98.92 10.45
CA ILE K 66 -6.83 -97.71 10.24
C ILE K 66 -5.99 -97.98 9.01
N GLU K 67 -6.40 -97.44 7.88
CA GLU K 67 -5.69 -97.64 6.63
C GLU K 67 -5.01 -96.30 6.41
N HIS K 68 -3.68 -96.30 6.27
CA HIS K 68 -2.89 -95.10 6.01
C HIS K 68 -3.21 -93.88 6.89
N GLY K 69 -3.29 -94.12 8.20
CA GLY K 69 -3.50 -93.08 9.19
C GLY K 69 -4.97 -92.76 9.41
N ILE K 70 -5.81 -93.14 8.44
CA ILE K 70 -7.21 -92.79 8.45
C ILE K 70 -7.96 -93.99 9.02
N ILE K 71 -9.15 -93.73 9.56
CA ILE K 71 -9.98 -94.85 9.98
C ILE K 71 -11.04 -95.04 8.91
N THR K 72 -11.01 -96.23 8.30
CA THR K 72 -11.96 -96.63 7.28
C THR K 72 -13.13 -97.40 7.87
N ASN K 73 -12.90 -98.02 9.02
CA ASN K 73 -13.96 -98.79 9.61
C ASN K 73 -14.03 -98.56 11.11
N TRP K 74 -15.22 -98.13 11.51
CA TRP K 74 -15.46 -97.80 12.88
C TRP K 74 -15.96 -98.98 13.71
N ASP K 75 -16.53 -100.02 13.10
CA ASP K 75 -16.95 -101.20 13.87
C ASP K 75 -15.79 -101.87 14.61
N ASP K 76 -14.79 -102.14 13.78
CA ASP K 76 -13.55 -102.76 14.19
C ASP K 76 -12.69 -101.88 15.07
N MET K 77 -12.73 -100.59 14.75
CA MET K 77 -12.11 -99.58 15.59
C MET K 77 -12.68 -99.62 17.01
N GLU K 78 -14.01 -99.62 17.13
CA GLU K 78 -14.62 -99.66 18.45
C GLU K 78 -14.24 -100.89 19.26
N LYS K 79 -14.40 -102.11 18.71
CA LYS K 79 -14.00 -103.29 19.46
C LYS K 79 -12.52 -103.36 19.81
N ILE K 80 -11.69 -102.73 18.97
CA ILE K 80 -10.28 -102.50 19.31
C ILE K 80 -10.15 -101.69 20.59
N TRP K 81 -10.92 -100.61 20.74
CA TRP K 81 -10.76 -99.74 21.90
C TRP K 81 -11.35 -100.27 23.20
N HIS K 82 -12.46 -101.04 23.12
CA HIS K 82 -12.96 -101.76 24.29
C HIS K 82 -11.89 -102.73 24.79
N HIS K 83 -11.23 -103.35 23.80
CA HIS K 83 -10.10 -104.24 24.04
C HIS K 83 -8.89 -103.52 24.64
N THR K 84 -8.60 -102.30 24.16
CA THR K 84 -7.54 -101.46 24.69
C THR K 84 -7.77 -101.21 26.18
N PHE K 85 -8.96 -100.73 26.53
CA PHE K 85 -9.34 -100.49 27.91
C PHE K 85 -9.36 -101.72 28.80
N TYR K 86 -10.36 -102.59 28.63
CA TYR K 86 -10.67 -103.62 29.63
C TYR K 86 -9.72 -104.81 29.69
N ASN K 87 -9.05 -105.06 28.57
CA ASN K 87 -8.24 -106.24 28.44
C ASN K 87 -6.77 -105.85 28.50
N GLU K 88 -6.35 -104.93 27.62
CA GLU K 88 -4.96 -104.53 27.56
C GLU K 88 -4.52 -103.66 28.72
N LEU K 89 -5.04 -102.44 28.86
CA LEU K 89 -4.76 -101.61 30.04
C LEU K 89 -5.45 -102.06 31.31
N ARG K 90 -6.50 -102.88 31.14
CA ARG K 90 -7.27 -103.51 32.21
C ARG K 90 -8.12 -102.51 32.99
N VAL K 91 -8.48 -101.40 32.33
CA VAL K 91 -9.09 -100.29 33.04
C VAL K 91 -10.61 -100.24 32.94
N ALA K 92 -11.20 -99.44 33.85
CA ALA K 92 -12.58 -99.03 33.71
C ALA K 92 -12.61 -97.63 33.09
N PRO K 93 -12.97 -97.47 31.81
CA PRO K 93 -12.95 -96.19 31.09
C PRO K 93 -13.53 -94.97 31.80
N GLU K 94 -14.65 -95.08 32.52
CA GLU K 94 -15.25 -93.96 33.24
C GLU K 94 -14.45 -93.30 34.37
N GLU K 95 -13.32 -93.87 34.82
CA GLU K 95 -12.47 -93.21 35.81
C GLU K 95 -11.15 -92.71 35.22
N HIS K 96 -10.78 -93.25 34.06
CA HIS K 96 -9.46 -93.03 33.50
C HIS K 96 -9.55 -92.24 32.21
N PRO K 97 -9.29 -90.92 32.23
CA PRO K 97 -9.34 -90.03 31.07
C PRO K 97 -8.43 -90.53 29.95
N THR K 98 -8.82 -90.45 28.69
CA THR K 98 -8.09 -91.10 27.63
C THR K 98 -7.61 -90.04 26.64
N LEU K 99 -6.46 -90.27 26.03
CA LEU K 99 -5.95 -89.44 24.95
C LEU K 99 -5.70 -90.39 23.78
N LEU K 100 -5.90 -89.91 22.56
CA LEU K 100 -5.75 -90.70 21.34
C LEU K 100 -4.92 -89.91 20.34
N THR K 101 -4.46 -90.46 19.22
CA THR K 101 -3.80 -89.69 18.18
C THR K 101 -4.56 -89.64 16.85
N GLU K 102 -4.25 -88.73 15.92
CA GLU K 102 -4.86 -88.80 14.59
C GLU K 102 -3.91 -88.48 13.45
N ALA K 103 -4.29 -88.76 12.21
CA ALA K 103 -3.45 -88.42 11.06
C ALA K 103 -3.28 -86.91 10.89
N PRO K 104 -2.13 -86.39 10.46
CA PRO K 104 -1.91 -84.97 10.16
C PRO K 104 -2.98 -84.27 9.31
N LEU K 105 -3.69 -85.03 8.48
CA LEU K 105 -4.79 -84.47 7.72
C LEU K 105 -6.13 -85.03 8.18
N ASN K 106 -6.32 -85.50 9.42
CA ASN K 106 -7.51 -86.26 9.75
C ASN K 106 -8.77 -85.42 9.70
N PRO K 107 -9.84 -85.89 9.02
CA PRO K 107 -11.11 -85.20 8.95
C PRO K 107 -11.77 -84.93 10.30
N LYS K 108 -12.52 -83.82 10.24
CA LYS K 108 -13.38 -83.38 11.34
C LYS K 108 -14.28 -84.51 11.83
N ALA K 109 -15.05 -85.10 10.92
CA ALA K 109 -15.91 -86.23 11.22
C ALA K 109 -15.18 -87.40 11.86
N ASN K 110 -13.96 -87.70 11.40
CA ASN K 110 -13.18 -88.76 12.01
C ASN K 110 -12.88 -88.43 13.46
N ARG K 111 -12.22 -87.28 13.70
CA ARG K 111 -12.03 -86.74 15.05
C ARG K 111 -13.28 -86.80 15.94
N GLU K 112 -14.43 -86.37 15.42
CA GLU K 112 -15.70 -86.45 16.12
C GLU K 112 -16.20 -87.87 16.34
N LYS K 113 -15.98 -88.80 15.40
CA LYS K 113 -16.48 -90.14 15.62
C LYS K 113 -15.65 -90.80 16.71
N MET K 114 -14.33 -90.55 16.79
CA MET K 114 -13.58 -91.07 17.94
C MET K 114 -13.92 -90.40 19.27
N THR K 115 -14.47 -89.18 19.22
CA THR K 115 -14.96 -88.52 20.42
C THR K 115 -16.37 -88.97 20.76
N GLN K 116 -17.18 -89.35 19.79
CA GLN K 116 -18.49 -89.92 20.04
C GLN K 116 -18.30 -91.26 20.77
N ILE K 117 -17.50 -92.14 20.16
CA ILE K 117 -17.26 -93.46 20.71
C ILE K 117 -16.64 -93.42 22.11
N MET K 118 -15.59 -92.62 22.35
CA MET K 118 -14.97 -92.51 23.68
C MET K 118 -15.90 -92.13 24.82
N PHE K 119 -16.81 -91.18 24.63
CA PHE K 119 -17.77 -90.86 25.67
C PHE K 119 -18.94 -91.82 25.60
N GLU K 120 -19.73 -91.73 24.53
CA GLU K 120 -21.04 -92.37 24.47
C GLU K 120 -21.08 -93.88 24.67
N THR K 121 -20.07 -94.65 24.25
CA THR K 121 -20.08 -96.08 24.56
C THR K 121 -19.23 -96.40 25.78
N PHE K 122 -18.00 -95.88 25.81
CA PHE K 122 -17.03 -96.23 26.86
C PHE K 122 -17.19 -95.46 28.16
N ASN K 123 -17.66 -94.22 28.04
CA ASN K 123 -18.06 -93.36 29.15
C ASN K 123 -16.88 -92.72 29.86
N VAL K 124 -15.73 -92.53 29.18
CA VAL K 124 -14.54 -91.91 29.75
C VAL K 124 -14.79 -90.51 30.30
N PRO K 125 -14.23 -90.04 31.42
CA PRO K 125 -14.54 -88.71 31.96
C PRO K 125 -14.04 -87.56 31.09
N ALA K 126 -12.97 -87.77 30.33
CA ALA K 126 -12.33 -86.74 29.54
C ALA K 126 -11.43 -87.44 28.52
N MET K 127 -11.54 -86.98 27.28
CA MET K 127 -10.81 -87.60 26.20
C MET K 127 -10.15 -86.53 25.36
N TYR K 128 -9.03 -86.91 24.75
CA TYR K 128 -8.38 -85.99 23.83
C TYR K 128 -7.99 -86.85 22.65
N VAL K 129 -8.05 -86.25 21.46
CA VAL K 129 -7.40 -86.78 20.26
C VAL K 129 -6.29 -85.78 19.96
N ALA K 130 -5.05 -86.17 19.63
CA ALA K 130 -4.05 -85.19 19.24
C ALA K 130 -3.63 -85.42 17.80
N ILE K 131 -2.68 -84.70 17.19
CA ILE K 131 -2.34 -84.87 15.77
C ILE K 131 -0.93 -85.45 15.60
N GLN K 132 -0.84 -86.69 15.11
CA GLN K 132 0.36 -87.56 15.14
C GLN K 132 1.74 -86.91 15.11
N ALA K 133 2.36 -86.63 13.96
CA ALA K 133 3.64 -85.93 13.89
C ALA K 133 3.85 -84.70 14.76
N VAL K 134 2.79 -83.93 14.99
CA VAL K 134 2.89 -82.69 15.76
C VAL K 134 3.30 -83.04 17.19
N LEU K 135 2.80 -84.20 17.64
CA LEU K 135 3.14 -84.76 18.94
C LEU K 135 4.53 -85.32 18.98
N SER K 136 5.05 -85.82 17.85
CA SER K 136 6.46 -86.15 17.79
C SER K 136 7.31 -84.90 17.95
N LEU K 137 6.98 -83.72 17.40
CA LEU K 137 7.63 -82.46 17.79
C LEU K 137 7.51 -82.10 19.28
N TYR K 138 6.42 -82.51 19.94
CA TYR K 138 6.35 -82.44 21.40
C TYR K 138 7.25 -83.49 22.06
N ALA K 139 7.47 -84.68 21.49
CA ALA K 139 8.50 -85.57 22.00
C ALA K 139 9.89 -85.00 21.75
N SER K 140 10.07 -84.20 20.68
CA SER K 140 11.33 -83.49 20.48
C SER K 140 11.45 -82.17 21.26
N GLY K 141 10.45 -81.86 22.08
CA GLY K 141 10.45 -80.74 22.99
C GLY K 141 10.42 -79.35 22.37
N ARG K 142 9.71 -79.11 21.26
CA ARG K 142 9.65 -77.77 20.68
C ARG K 142 8.30 -77.42 20.06
N THR K 143 8.07 -76.12 19.90
CA THR K 143 6.87 -75.65 19.24
C THR K 143 6.93 -75.61 17.71
N THR K 144 8.06 -75.26 17.10
CA THR K 144 8.14 -75.04 15.65
C THR K 144 9.22 -75.88 14.93
N GLY K 145 8.97 -76.34 13.71
CA GLY K 145 9.91 -77.18 12.95
C GLY K 145 9.18 -78.11 12.00
N ILE K 146 9.85 -79.02 11.27
CA ILE K 146 9.19 -79.89 10.30
C ILE K 146 9.55 -81.34 10.59
N VAL K 147 8.51 -82.18 10.71
CA VAL K 147 8.54 -83.57 11.13
C VAL K 147 8.13 -84.56 10.02
N LEU K 148 9.02 -85.52 9.79
CA LEU K 148 8.90 -86.58 8.81
C LEU K 148 8.43 -87.86 9.52
N ASP K 149 7.10 -87.93 9.58
CA ASP K 149 6.43 -89.02 10.26
C ASP K 149 6.16 -90.14 9.26
N SER K 150 7.04 -91.15 9.30
CA SER K 150 7.04 -92.27 8.37
C SER K 150 6.89 -93.60 9.10
N GLY K 151 5.77 -94.29 8.85
CA GLY K 151 5.33 -95.33 9.75
C GLY K 151 5.40 -96.68 9.10
N ASP K 152 4.46 -97.49 9.52
CA ASP K 152 4.22 -98.79 8.98
C ASP K 152 3.48 -98.62 7.65
N GLY K 153 2.62 -97.60 7.55
CA GLY K 153 1.81 -97.44 6.36
C GLY K 153 1.71 -96.03 5.79
N VAL K 154 2.34 -95.01 6.40
CA VAL K 154 2.21 -93.64 5.91
C VAL K 154 3.46 -92.85 6.23
N THR K 155 3.91 -92.13 5.23
CA THR K 155 5.03 -91.22 5.37
C THR K 155 4.47 -89.80 5.32
N HIS K 156 4.95 -88.85 6.15
CA HIS K 156 4.41 -87.49 6.25
C HIS K 156 5.51 -86.45 6.49
N ASN K 157 5.31 -85.21 6.02
CA ASN K 157 6.12 -84.07 6.44
C ASN K 157 5.13 -83.09 7.05
N VAL K 158 5.38 -82.66 8.30
CA VAL K 158 4.54 -81.69 8.98
C VAL K 158 5.37 -80.52 9.55
N PRO K 159 5.18 -79.29 9.03
CA PRO K 159 5.68 -78.06 9.64
C PRO K 159 4.67 -77.46 10.60
N ILE K 160 5.05 -77.24 11.86
CA ILE K 160 4.17 -76.71 12.88
C ILE K 160 4.72 -75.34 13.26
N TYR K 161 3.91 -74.28 13.15
CA TYR K 161 4.29 -73.03 13.78
C TYR K 161 3.54 -72.84 15.08
N GLU K 162 4.30 -72.68 16.18
CA GLU K 162 3.79 -72.45 17.53
C GLU K 162 2.53 -73.20 17.97
N GLY K 163 2.36 -74.45 17.52
CA GLY K 163 1.20 -75.25 17.89
C GLY K 163 0.40 -75.62 16.65
N TYR K 164 0.20 -74.64 15.78
CA TYR K 164 -0.54 -74.81 14.53
C TYR K 164 0.30 -75.45 13.42
N ALA K 165 -0.05 -76.66 13.00
CA ALA K 165 0.49 -77.22 11.75
C ALA K 165 -0.07 -76.46 10.55
N LEU K 166 0.69 -76.22 9.48
CA LEU K 166 0.18 -75.60 8.26
C LEU K 166 -0.04 -76.59 7.09
N PRO K 167 -1.19 -77.29 6.99
CA PRO K 167 -1.43 -78.37 6.05
C PRO K 167 -1.08 -78.27 4.56
N HIS K 168 -0.97 -77.09 3.95
CA HIS K 168 -0.48 -76.97 2.58
C HIS K 168 0.94 -77.51 2.41
N ALA K 169 1.74 -77.40 3.47
CA ALA K 169 3.08 -77.93 3.45
C ALA K 169 3.05 -79.40 3.82
N ILE K 170 2.03 -79.82 4.59
CA ILE K 170 1.87 -81.21 5.00
C ILE K 170 1.64 -82.17 3.84
N MET K 171 2.80 -82.72 3.53
CA MET K 171 2.94 -83.81 2.59
C MET K 171 2.76 -85.18 3.23
N ARG K 172 2.49 -86.14 2.34
CA ARG K 172 2.00 -87.46 2.71
C ARG K 172 2.49 -88.38 1.61
N LEU K 173 2.80 -89.63 1.92
CA LEU K 173 3.28 -90.55 0.91
C LEU K 173 2.92 -91.94 1.39
N ASP K 174 1.97 -92.56 0.70
CA ASP K 174 1.44 -93.88 1.04
C ASP K 174 2.39 -95.00 0.58
N LEU K 175 3.65 -94.93 1.06
CA LEU K 175 4.71 -95.88 0.79
C LEU K 175 5.68 -95.80 1.96
N ALA K 176 5.73 -96.86 2.77
CA ALA K 176 6.40 -96.81 4.06
C ALA K 176 6.88 -98.17 4.57
N GLY K 177 6.87 -98.43 5.88
CA GLY K 177 7.26 -99.71 6.46
C GLY K 177 6.55 -100.93 5.92
N ARG K 178 5.36 -100.80 5.35
CA ARG K 178 4.63 -101.91 4.77
C ARG K 178 5.09 -102.11 3.35
N ASP K 179 5.06 -101.05 2.54
CA ASP K 179 5.48 -101.14 1.14
C ASP K 179 6.93 -101.57 1.06
N LEU K 180 7.78 -100.99 1.90
CA LEU K 180 9.07 -101.55 2.19
C LEU K 180 9.09 -102.94 2.79
N THR K 181 8.30 -103.47 3.76
CA THR K 181 8.41 -104.87 4.18
C THR K 181 8.24 -105.87 3.05
N ASP K 182 7.18 -105.67 2.27
CA ASP K 182 6.97 -106.49 1.07
C ASP K 182 8.00 -106.23 0.00
N TYR K 183 8.54 -105.02 -0.11
CA TYR K 183 9.65 -104.80 -1.03
C TYR K 183 10.89 -105.57 -0.57
N LEU K 184 11.15 -105.78 0.73
CA LEU K 184 12.20 -106.72 1.10
C LEU K 184 11.86 -108.15 0.66
N MET K 185 10.64 -108.62 0.90
CA MET K 185 10.15 -109.93 0.46
C MET K 185 10.47 -110.27 -0.99
N LYS K 186 10.12 -109.35 -1.89
CA LYS K 186 10.41 -109.60 -3.28
C LYS K 186 11.90 -109.57 -3.60
N ILE K 187 12.73 -108.65 -3.10
CA ILE K 187 14.11 -108.61 -3.56
C ILE K 187 15.01 -109.76 -3.13
N LEU K 188 14.53 -110.45 -2.08
CA LEU K 188 15.09 -111.73 -1.69
C LEU K 188 14.59 -112.90 -2.52
N THR K 189 13.35 -112.91 -3.03
CA THR K 189 12.86 -114.05 -3.80
C THR K 189 13.78 -114.44 -4.95
N GLU K 190 14.14 -113.54 -5.86
CA GLU K 190 15.28 -113.82 -6.69
C GLU K 190 16.65 -113.58 -6.07
N ARG K 191 16.95 -113.03 -4.87
CA ARG K 191 18.28 -113.21 -4.28
C ARG K 191 18.57 -114.71 -4.14
N GLY K 192 17.49 -115.46 -3.93
CA GLY K 192 17.46 -116.86 -4.26
C GLY K 192 16.60 -117.59 -3.25
N TYR K 193 15.47 -116.97 -2.89
CA TYR K 193 14.74 -117.43 -1.73
C TYR K 193 13.27 -117.54 -2.00
N SER K 194 12.60 -118.23 -1.09
CA SER K 194 11.19 -118.48 -1.24
C SER K 194 10.65 -118.32 0.18
N PHE K 195 10.28 -117.09 0.58
CA PHE K 195 9.60 -116.89 1.86
C PHE K 195 8.17 -117.41 1.75
N VAL K 196 8.14 -118.73 1.90
CA VAL K 196 6.98 -119.55 1.59
C VAL K 196 6.05 -119.69 2.76
N THR K 197 6.44 -120.37 3.84
CA THR K 197 5.54 -120.52 4.97
C THR K 197 5.36 -119.27 5.84
N THR K 198 4.40 -119.30 6.76
CA THR K 198 3.86 -118.05 7.29
C THR K 198 4.85 -117.23 8.11
N ALA K 199 5.63 -117.88 8.96
CA ALA K 199 6.66 -117.19 9.74
C ALA K 199 7.75 -116.59 8.86
N GLU K 200 7.82 -116.94 7.58
CA GLU K 200 8.77 -116.33 6.68
C GLU K 200 8.25 -115.06 6.04
N ARG K 201 6.92 -115.03 5.89
CA ARG K 201 6.19 -113.85 5.48
C ARG K 201 6.26 -112.80 6.59
N GLU K 202 6.85 -113.13 7.73
CA GLU K 202 6.97 -112.26 8.88
C GLU K 202 8.44 -112.07 9.23
N ILE K 203 9.26 -113.12 9.10
CA ILE K 203 10.70 -113.00 9.30
C ILE K 203 11.27 -112.06 8.25
N VAL K 204 10.63 -111.91 7.10
CA VAL K 204 11.05 -110.86 6.17
C VAL K 204 10.84 -109.46 6.76
N ARG K 205 9.85 -109.30 7.66
CA ARG K 205 9.63 -108.04 8.38
C ARG K 205 10.73 -107.86 9.41
N ASP K 206 11.03 -108.97 10.10
CA ASP K 206 12.09 -109.01 11.10
C ASP K 206 13.49 -108.70 10.54
N ILE K 207 13.91 -109.35 9.46
CA ILE K 207 15.15 -109.07 8.74
C ILE K 207 15.19 -107.59 8.34
N LYS K 208 14.06 -107.01 7.90
CA LYS K 208 13.97 -105.56 7.73
C LYS K 208 14.42 -104.76 8.95
N GLU K 209 13.82 -105.06 10.11
CA GLU K 209 14.16 -104.39 11.36
C GLU K 209 15.63 -104.62 11.75
N LYS K 210 16.09 -105.87 11.63
CA LYS K 210 17.40 -106.28 12.08
C LYS K 210 18.56 -105.83 11.19
N LEU K 211 18.43 -105.94 9.86
CA LEU K 211 19.58 -105.70 9.00
C LEU K 211 19.56 -104.42 8.19
N CYS K 212 18.39 -103.85 7.89
CA CYS K 212 18.29 -102.65 7.09
C CYS K 212 19.00 -101.41 7.63
N TYR K 213 19.48 -100.66 6.64
CA TYR K 213 20.20 -99.41 6.82
C TYR K 213 19.88 -98.57 5.60
N VAL K 214 19.89 -97.25 5.77
CA VAL K 214 19.83 -96.31 4.67
C VAL K 214 21.27 -95.84 4.47
N ALA K 215 21.97 -96.59 3.62
CA ALA K 215 23.36 -96.29 3.31
C ALA K 215 23.57 -94.91 2.72
N LEU K 216 24.65 -94.34 3.23
CA LEU K 216 25.08 -93.02 2.86
C LEU K 216 26.17 -93.30 1.85
N ASP K 217 26.17 -92.51 0.77
CA ASP K 217 26.71 -92.86 -0.53
C ASP K 217 26.15 -94.20 -1.04
N PHE K 218 24.87 -94.21 -1.42
CA PHE K 218 24.26 -95.40 -2.02
C PHE K 218 24.89 -95.92 -3.30
N GLU K 219 25.36 -95.00 -4.15
CA GLU K 219 25.99 -95.30 -5.44
C GLU K 219 27.27 -96.12 -5.33
N ASN K 220 28.29 -95.60 -4.64
CA ASN K 220 29.52 -96.37 -4.49
C ASN K 220 29.30 -97.62 -3.65
N GLU K 221 28.29 -97.57 -2.78
CA GLU K 221 27.81 -98.78 -2.12
C GLU K 221 27.26 -99.81 -3.10
N MET K 222 26.62 -99.39 -4.20
CA MET K 222 26.36 -100.32 -5.31
C MET K 222 27.64 -100.94 -5.87
N ALA K 223 28.75 -100.18 -5.93
CA ALA K 223 30.03 -100.77 -6.30
C ALA K 223 30.60 -101.70 -5.23
N THR K 224 30.41 -101.38 -3.93
CA THR K 224 30.67 -102.30 -2.83
C THR K 224 29.89 -103.60 -2.97
N ALA K 225 28.62 -103.52 -3.42
CA ALA K 225 27.86 -104.72 -3.75
C ALA K 225 28.56 -105.53 -4.84
N ALA K 226 28.90 -104.86 -5.95
CA ALA K 226 29.66 -105.47 -7.03
C ALA K 226 31.05 -105.94 -6.62
N SER K 227 31.73 -105.32 -5.66
CA SER K 227 33.01 -105.79 -5.21
C SER K 227 32.92 -106.84 -4.11
N SER K 228 31.70 -107.25 -3.74
CA SER K 228 31.40 -108.21 -2.66
C SER K 228 32.45 -108.59 -1.63
N SER K 229 32.61 -107.61 -0.75
CA SER K 229 33.32 -107.84 0.48
C SER K 229 32.37 -108.32 1.57
N SER K 230 32.89 -108.33 2.79
CA SER K 230 32.17 -108.65 3.99
C SER K 230 31.08 -107.65 4.45
N LEU K 231 30.40 -107.00 3.50
CA LEU K 231 29.05 -106.52 3.75
C LEU K 231 28.09 -107.70 3.84
N GLU K 232 28.46 -108.85 3.25
CA GLU K 232 27.67 -110.06 3.42
C GLU K 232 27.54 -110.55 4.85
N LYS K 233 26.28 -110.58 5.27
CA LYS K 233 25.93 -110.85 6.64
C LYS K 233 24.82 -111.89 6.68
N SER K 234 25.22 -113.09 7.06
CA SER K 234 24.25 -114.15 7.31
C SER K 234 23.38 -113.92 8.53
N TYR K 235 22.23 -114.60 8.50
CA TYR K 235 21.28 -114.63 9.60
C TYR K 235 20.64 -116.02 9.63
N GLU K 236 20.40 -116.57 10.82
CA GLU K 236 19.66 -117.82 10.95
C GLU K 236 18.17 -117.49 10.89
N LEU K 237 17.42 -118.28 10.13
CA LEU K 237 16.00 -118.09 9.85
C LEU K 237 15.17 -118.60 11.05
N PRO K 238 13.82 -118.73 11.10
CA PRO K 238 13.13 -119.37 12.21
C PRO K 238 13.53 -120.83 12.38
N ASP K 239 13.99 -121.49 11.30
CA ASP K 239 14.68 -122.77 11.40
C ASP K 239 16.20 -122.58 11.53
N GLY K 240 17.06 -123.28 10.77
CA GLY K 240 18.50 -123.06 10.80
C GLY K 240 19.07 -122.62 9.46
N GLN K 241 18.28 -122.39 8.42
CA GLN K 241 18.79 -122.06 7.10
C GLN K 241 19.38 -120.65 7.11
N VAL K 242 20.69 -120.61 7.30
CA VAL K 242 21.43 -119.36 7.16
C VAL K 242 21.19 -118.69 5.81
N ILE K 243 20.43 -117.60 5.90
CA ILE K 243 20.19 -116.72 4.77
C ILE K 243 21.21 -115.58 4.78
N THR K 244 21.97 -115.37 3.69
CA THR K 244 22.88 -114.25 3.65
C THR K 244 22.34 -113.16 2.74
N ILE K 245 22.18 -112.02 3.41
CA ILE K 245 21.51 -110.83 2.91
C ILE K 245 22.59 -109.78 3.09
N GLY K 246 22.95 -109.01 2.06
CA GLY K 246 24.06 -108.09 2.20
C GLY K 246 23.79 -106.76 1.56
N ASN K 247 23.31 -106.84 0.31
CA ASN K 247 23.25 -105.70 -0.59
C ASN K 247 21.85 -105.12 -0.59
N GLU K 248 20.84 -105.88 -1.00
CA GLU K 248 19.42 -105.52 -0.82
C GLU K 248 19.03 -104.93 0.54
N ARG K 249 19.76 -105.36 1.57
CA ARG K 249 19.74 -104.80 2.92
C ARG K 249 19.69 -103.28 2.97
N PHE K 250 20.62 -102.61 2.28
CA PHE K 250 20.57 -101.16 2.09
C PHE K 250 19.76 -100.77 0.86
N ARG K 251 19.91 -101.59 -0.20
CA ARG K 251 19.16 -101.45 -1.46
C ARG K 251 17.63 -101.62 -1.38
N CYS K 252 17.11 -101.72 -0.15
CA CYS K 252 15.70 -101.61 0.14
C CYS K 252 15.28 -100.29 0.80
N PRO K 253 15.83 -99.74 1.90
CA PRO K 253 15.52 -98.39 2.39
C PRO K 253 15.79 -97.30 1.37
N GLU K 254 16.69 -97.58 0.43
CA GLU K 254 16.94 -96.75 -0.74
C GLU K 254 15.69 -96.26 -1.47
N THR K 255 14.62 -97.07 -1.42
CA THR K 255 13.35 -96.71 -2.02
C THR K 255 12.76 -95.45 -1.43
N LEU K 256 13.10 -95.06 -0.19
CA LEU K 256 12.66 -93.81 0.41
C LEU K 256 13.21 -92.55 -0.26
N PHE K 257 14.15 -92.68 -1.20
CA PHE K 257 14.56 -91.52 -1.96
C PHE K 257 14.04 -91.61 -3.38
N GLN K 258 13.87 -92.83 -3.86
CA GLN K 258 13.59 -93.08 -5.26
C GLN K 258 12.38 -94.01 -5.51
N PRO K 259 11.10 -93.64 -5.33
CA PRO K 259 9.92 -94.52 -5.48
C PRO K 259 9.75 -95.34 -6.77
N SER K 260 10.55 -94.97 -7.77
CA SER K 260 10.82 -95.75 -8.96
C SER K 260 11.20 -97.20 -8.69
N PHE K 261 11.88 -97.52 -7.58
CA PHE K 261 12.17 -98.91 -7.20
C PHE K 261 10.94 -99.81 -7.07
N ILE K 262 9.84 -99.22 -6.57
CA ILE K 262 8.55 -99.91 -6.50
C ILE K 262 7.52 -99.54 -7.57
N GLY K 263 7.73 -98.46 -8.31
CA GLY K 263 6.80 -98.06 -9.35
C GLY K 263 5.84 -97.02 -8.80
N MET K 264 6.45 -95.92 -8.33
CA MET K 264 5.75 -94.67 -8.18
C MET K 264 6.54 -93.54 -8.80
N GLU K 265 5.77 -92.71 -9.48
CA GLU K 265 6.26 -91.51 -10.13
C GLU K 265 6.40 -90.32 -9.19
N SER K 266 6.07 -90.59 -7.93
CA SER K 266 6.12 -89.64 -6.86
C SER K 266 7.56 -89.46 -6.40
N ALA K 267 7.74 -88.29 -5.83
CA ALA K 267 9.01 -87.88 -5.26
C ALA K 267 9.30 -88.55 -3.92
N GLY K 268 10.60 -88.58 -3.65
CA GLY K 268 11.11 -89.12 -2.41
C GLY K 268 10.93 -88.18 -1.22
N ILE K 269 11.22 -88.76 -0.05
CA ILE K 269 11.12 -88.12 1.24
C ILE K 269 11.76 -86.73 1.33
N HIS K 270 13.05 -86.71 1.00
CA HIS K 270 13.89 -85.50 1.03
C HIS K 270 13.33 -84.32 0.26
N GLU K 271 12.93 -84.56 -0.98
CA GLU K 271 12.36 -83.51 -1.81
C GLU K 271 11.09 -82.98 -1.21
N THR K 272 10.31 -83.91 -0.70
CA THR K 272 9.01 -83.63 -0.12
C THR K 272 9.15 -82.82 1.16
N THR K 273 10.32 -82.87 1.82
CA THR K 273 10.61 -81.86 2.84
C THR K 273 10.87 -80.49 2.22
N TYR K 274 11.71 -80.46 1.19
CA TYR K 274 12.11 -79.22 0.55
C TYR K 274 10.90 -78.47 -0.01
N ASN K 275 9.99 -79.19 -0.66
CA ASN K 275 8.76 -78.64 -1.20
C ASN K 275 7.83 -78.16 -0.10
N SER K 276 7.90 -78.77 1.07
CA SER K 276 7.03 -78.40 2.18
C SER K 276 7.47 -77.04 2.69
N ILE K 277 8.73 -76.99 3.15
CA ILE K 277 9.39 -75.77 3.58
C ILE K 277 9.27 -74.66 2.51
N MET K 278 9.36 -75.02 1.23
CA MET K 278 8.93 -74.15 0.15
C MET K 278 7.48 -73.69 0.16
N LYS K 279 6.43 -74.53 0.12
CA LYS K 279 5.03 -74.06 0.09
C LYS K 279 4.64 -73.19 1.28
N CYS K 280 5.34 -73.46 2.40
CA CYS K 280 5.38 -72.60 3.57
C CYS K 280 5.96 -71.19 3.39
N ASP K 281 5.59 -70.36 4.36
CA ASP K 281 6.08 -68.98 4.48
C ASP K 281 7.60 -68.86 4.58
N ILE K 282 8.17 -67.70 4.25
CA ILE K 282 9.58 -67.64 3.89
C ILE K 282 10.46 -67.36 5.10
N ASP K 283 10.06 -66.43 5.98
CA ASP K 283 10.72 -66.28 7.27
C ASP K 283 10.64 -67.54 8.12
N ILE K 284 9.58 -68.34 8.03
CA ILE K 284 9.52 -69.53 8.85
C ILE K 284 10.47 -70.58 8.34
N ARG K 285 10.82 -70.57 7.04
CA ARG K 285 11.66 -71.59 6.42
C ARG K 285 12.86 -72.02 7.26
N LYS K 286 13.47 -70.99 7.87
CA LYS K 286 14.69 -71.11 8.69
C LYS K 286 14.57 -72.07 9.87
N ASP K 287 13.39 -72.07 10.51
CA ASP K 287 13.10 -72.87 11.70
C ASP K 287 12.98 -74.30 11.28
N LEU K 288 12.19 -74.48 10.23
CA LEU K 288 11.92 -75.76 9.61
C LEU K 288 13.21 -76.45 9.16
N TYR K 289 13.99 -75.74 8.33
CA TYR K 289 15.35 -76.11 8.01
C TYR K 289 16.25 -76.42 9.19
N ALA K 290 16.07 -75.70 10.30
CA ALA K 290 16.78 -76.02 11.54
C ALA K 290 16.10 -76.96 12.54
N ASN K 291 14.83 -77.38 12.38
CA ASN K 291 14.23 -78.32 13.32
C ASN K 291 13.51 -79.44 12.56
N ASN K 292 14.24 -80.18 11.73
CA ASN K 292 13.63 -81.21 10.90
C ASN K 292 13.70 -82.56 11.60
N VAL K 293 12.59 -83.08 12.15
CA VAL K 293 12.56 -84.25 13.01
C VAL K 293 11.87 -85.47 12.39
N MET K 294 12.57 -86.60 12.33
CA MET K 294 11.96 -87.87 11.92
C MET K 294 11.21 -88.60 13.02
N SER K 295 10.11 -89.25 12.69
CA SER K 295 9.45 -90.13 13.62
C SER K 295 8.75 -91.22 12.85
N GLY K 296 8.76 -92.38 13.53
CA GLY K 296 7.94 -93.48 13.08
C GLY K 296 8.74 -94.68 12.62
N GLY K 297 8.00 -95.64 12.09
CA GLY K 297 8.42 -97.03 11.91
C GLY K 297 9.46 -97.21 10.81
N THR K 298 9.28 -96.54 9.67
CA THR K 298 10.32 -96.50 8.66
C THR K 298 11.58 -95.78 9.18
N THR K 299 11.54 -94.73 10.03
CA THR K 299 12.75 -93.95 10.39
C THR K 299 13.85 -94.65 11.19
N MET K 300 13.55 -95.87 11.65
CA MET K 300 14.43 -96.62 12.52
C MET K 300 15.73 -97.04 11.84
N TYR K 301 15.66 -97.19 10.51
CA TYR K 301 16.79 -97.67 9.73
C TYR K 301 17.98 -96.73 9.85
N PRO K 302 19.17 -97.18 10.29
CA PRO K 302 20.35 -96.34 10.47
C PRO K 302 20.84 -95.60 9.23
N GLY K 303 21.50 -94.48 9.49
CA GLY K 303 22.01 -93.62 8.42
C GLY K 303 20.96 -92.67 7.85
N ILE K 304 19.68 -92.85 8.18
CA ILE K 304 18.60 -92.00 7.68
C ILE K 304 18.70 -90.58 8.22
N ALA K 305 19.24 -90.42 9.43
CA ALA K 305 19.61 -89.12 9.96
C ALA K 305 20.68 -88.46 9.10
N ASP K 306 21.85 -89.10 8.93
CA ASP K 306 22.90 -88.58 8.07
C ASP K 306 22.39 -88.23 6.67
N ARG K 307 21.56 -89.14 6.14
CA ARG K 307 21.01 -89.04 4.80
C ARG K 307 20.23 -87.75 4.59
N MET K 308 19.13 -87.50 5.31
CA MET K 308 18.43 -86.22 5.22
C MET K 308 19.29 -84.98 5.48
N GLN K 309 20.34 -85.12 6.30
CA GLN K 309 21.29 -84.03 6.49
C GLN K 309 21.95 -83.60 5.18
N LYS K 310 22.63 -84.55 4.52
CA LYS K 310 23.29 -84.25 3.26
C LYS K 310 22.36 -84.08 2.07
N GLU K 311 21.24 -84.79 2.04
CA GLU K 311 20.23 -84.58 1.01
C GLU K 311 19.72 -83.15 0.97
N ILE K 312 19.19 -82.60 2.06
CA ILE K 312 18.61 -81.26 1.97
C ILE K 312 19.67 -80.17 1.90
N THR K 313 20.87 -80.34 2.46
CA THR K 313 21.95 -79.40 2.19
C THR K 313 22.40 -79.34 0.72
N ALA K 314 22.11 -80.39 -0.08
CA ALA K 314 22.39 -80.34 -1.51
C ALA K 314 21.28 -79.66 -2.28
N LEU K 315 20.04 -79.84 -1.79
CA LEU K 315 18.85 -79.29 -2.43
C LEU K 315 18.67 -77.81 -2.13
N ALA K 316 18.71 -77.44 -0.84
CA ALA K 316 18.50 -76.07 -0.43
C ALA K 316 19.80 -75.29 -0.28
N PRO K 317 20.03 -74.19 -0.99
CA PRO K 317 21.28 -73.44 -0.94
C PRO K 317 21.60 -72.69 0.35
N SER K 318 22.68 -71.93 0.28
CA SER K 318 23.77 -72.13 1.22
C SER K 318 24.01 -71.13 2.35
N THR K 319 23.17 -70.10 2.50
CA THR K 319 23.16 -69.30 3.72
C THR K 319 22.53 -69.98 4.95
N MET K 320 21.93 -71.15 4.72
CA MET K 320 21.08 -71.78 5.71
C MET K 320 21.73 -72.74 6.71
N LYS K 321 21.19 -72.73 7.92
CA LYS K 321 21.43 -73.76 8.91
C LYS K 321 20.38 -74.86 8.78
N ILE K 322 20.83 -76.06 8.40
CA ILE K 322 20.03 -77.27 8.40
C ILE K 322 20.29 -78.11 9.66
N LYS K 323 19.23 -78.64 10.27
CA LYS K 323 19.37 -79.63 11.33
C LYS K 323 18.22 -80.64 11.41
N ILE K 324 18.63 -81.87 11.07
CA ILE K 324 17.80 -83.06 11.13
C ILE K 324 17.99 -83.69 12.50
N ILE K 325 16.93 -83.88 13.31
CA ILE K 325 17.07 -84.44 14.66
C ILE K 325 16.34 -85.77 14.72
N ALA K 326 17.07 -86.86 14.94
CA ALA K 326 16.46 -88.17 15.04
C ALA K 326 16.63 -88.70 16.46
N PRO K 327 15.57 -88.80 17.27
CA PRO K 327 15.64 -89.30 18.65
C PRO K 327 15.99 -90.79 18.74
N PRO K 328 16.65 -91.32 19.78
CA PRO K 328 16.75 -92.76 20.01
C PRO K 328 15.40 -93.43 20.23
N GLU K 329 14.39 -92.72 20.74
CA GLU K 329 13.06 -93.26 20.95
C GLU K 329 12.23 -93.45 19.69
N ARG K 330 12.46 -92.64 18.65
CA ARG K 330 11.46 -92.32 17.62
C ARG K 330 10.29 -93.21 17.20
N LYS K 331 10.34 -94.53 17.32
CA LYS K 331 9.22 -95.40 16.97
C LYS K 331 8.04 -95.29 17.94
N TYR K 332 8.15 -94.52 19.04
CA TYR K 332 7.03 -94.28 19.94
C TYR K 332 6.76 -92.82 20.22
N SER K 333 7.51 -91.90 19.62
CA SER K 333 7.43 -90.47 19.96
C SER K 333 6.05 -89.81 19.92
N VAL K 334 5.23 -90.28 18.98
CA VAL K 334 3.83 -89.94 18.85
C VAL K 334 3.06 -90.29 20.12
N TRP K 335 3.42 -91.39 20.79
CA TRP K 335 2.84 -91.72 22.08
C TRP K 335 3.52 -90.94 23.19
N ILE K 336 4.85 -90.78 23.17
CA ILE K 336 5.59 -90.15 24.27
C ILE K 336 5.19 -88.68 24.40
N GLY K 337 4.96 -88.13 23.21
CA GLY K 337 4.43 -86.79 23.02
C GLY K 337 3.02 -86.64 23.57
N GLY K 338 2.17 -87.69 23.52
CA GLY K 338 0.84 -87.62 24.10
C GLY K 338 0.87 -87.68 25.61
N SER K 339 1.55 -88.72 26.11
CA SER K 339 1.73 -89.05 27.51
C SER K 339 2.17 -87.90 28.43
N ILE K 340 3.28 -87.28 28.04
CA ILE K 340 3.89 -86.22 28.82
C ILE K 340 3.03 -84.97 28.70
N LEU K 341 2.39 -84.73 27.54
CA LEU K 341 1.51 -83.58 27.38
C LEU K 341 0.26 -83.73 28.24
N ALA K 342 -0.24 -84.96 28.31
CA ALA K 342 -1.45 -85.31 29.05
C ALA K 342 -1.28 -85.05 30.53
N SER K 343 -0.11 -85.47 31.03
CA SER K 343 0.26 -85.22 32.40
C SER K 343 0.76 -83.81 32.70
N LEU K 344 0.82 -82.92 31.72
CA LEU K 344 1.32 -81.57 31.98
C LEU K 344 0.41 -80.78 32.91
N SER K 345 1.05 -79.99 33.79
CA SER K 345 0.36 -79.18 34.78
C SER K 345 -0.45 -78.04 34.18
N THR K 346 -0.22 -77.72 32.91
CA THR K 346 -0.99 -76.70 32.22
C THR K 346 -2.03 -77.26 31.26
N PHE K 347 -2.24 -78.58 31.27
CA PHE K 347 -3.03 -79.25 30.24
C PHE K 347 -4.46 -79.57 30.64
N GLN K 348 -4.80 -79.37 31.91
CA GLN K 348 -6.09 -79.78 32.46
C GLN K 348 -7.27 -78.99 31.87
N GLN K 349 -6.90 -77.78 31.47
CA GLN K 349 -7.76 -76.85 30.75
C GLN K 349 -7.86 -77.10 29.24
N MET K 350 -7.20 -78.16 28.74
CA MET K 350 -7.52 -78.76 27.46
C MET K 350 -8.16 -80.13 27.61
N TRP K 351 -8.19 -80.73 28.80
CA TRP K 351 -9.00 -81.92 29.00
C TRP K 351 -10.49 -81.66 28.82
N ILE K 352 -10.92 -81.86 27.57
CA ILE K 352 -12.32 -81.72 27.18
C ILE K 352 -13.19 -82.83 27.76
N THR K 353 -13.92 -82.45 28.80
CA THR K 353 -14.76 -83.37 29.55
C THR K 353 -16.12 -83.62 28.92
N LYS K 354 -16.87 -84.53 29.56
CA LYS K 354 -18.26 -84.73 29.24
C LYS K 354 -19.16 -83.50 29.38
N GLN K 355 -18.88 -82.57 30.30
CA GLN K 355 -19.71 -81.37 30.50
C GLN K 355 -19.73 -80.57 29.20
N GLU K 356 -18.54 -80.18 28.70
CA GLU K 356 -18.37 -79.56 27.40
C GLU K 356 -18.97 -80.38 26.26
N TYR K 357 -18.67 -81.68 26.25
CA TYR K 357 -19.15 -82.60 25.22
C TYR K 357 -20.66 -82.69 25.12
N ASP K 358 -21.44 -82.77 26.18
CA ASP K 358 -22.87 -83.01 26.02
C ASP K 358 -23.62 -81.80 25.54
N GLU K 359 -23.22 -80.67 26.13
CA GLU K 359 -23.80 -79.39 25.78
C GLU K 359 -23.41 -78.96 24.37
N ALA K 360 -22.12 -78.94 24.04
CA ALA K 360 -21.70 -78.58 22.69
C ALA K 360 -21.84 -79.68 21.64
N GLY K 361 -21.85 -80.94 22.05
CA GLY K 361 -21.93 -82.06 21.12
C GLY K 361 -20.58 -82.34 20.47
N PRO K 362 -20.46 -83.28 19.53
CA PRO K 362 -19.21 -83.65 18.87
C PRO K 362 -18.32 -82.50 18.42
N SER K 363 -18.92 -81.38 18.00
CA SER K 363 -18.17 -80.23 17.50
C SER K 363 -17.39 -79.41 18.54
N ILE K 364 -17.34 -79.89 19.79
CA ILE K 364 -16.50 -79.30 20.83
C ILE K 364 -15.01 -79.64 20.68
N VAL K 365 -14.66 -80.74 20.02
CA VAL K 365 -13.28 -81.23 20.03
C VAL K 365 -12.41 -80.63 18.91
N ALA L 1 17.28 -117.50 -35.53
CA ALA L 1 16.10 -117.61 -34.70
C ALA L 1 16.65 -117.72 -33.29
N ALA L 2 16.02 -117.01 -32.35
CA ALA L 2 16.44 -116.96 -30.96
C ALA L 2 15.61 -117.92 -30.10
N LEU L 3 15.88 -117.98 -28.81
CA LEU L 3 15.22 -118.97 -27.96
C LEU L 3 14.24 -118.33 -26.99
N VAL L 4 13.21 -119.08 -26.64
CA VAL L 4 12.30 -118.73 -25.57
C VAL L 4 12.33 -119.98 -24.69
N VAL L 5 12.68 -119.79 -23.42
CA VAL L 5 12.84 -120.88 -22.48
C VAL L 5 12.01 -120.62 -21.21
N ASP L 6 10.85 -121.28 -21.17
CA ASP L 6 9.89 -121.06 -20.10
C ASP L 6 10.03 -122.13 -19.02
N ASN L 7 10.97 -121.87 -18.12
CA ASN L 7 11.21 -122.73 -16.98
C ASN L 7 10.14 -122.58 -15.90
N GLY L 8 8.94 -123.05 -16.24
CA GLY L 8 7.87 -123.19 -15.26
C GLY L 8 8.35 -124.08 -14.14
N SER L 9 7.85 -123.90 -12.91
CA SER L 9 8.52 -124.45 -11.73
C SER L 9 9.03 -125.89 -11.78
N GLY L 10 8.18 -126.78 -12.31
CA GLY L 10 8.56 -128.16 -12.50
C GLY L 10 8.77 -128.57 -13.95
N MET L 11 8.65 -127.67 -14.93
CA MET L 11 8.52 -128.07 -16.32
C MET L 11 9.01 -126.97 -17.26
N CYS L 12 10.19 -127.17 -17.82
CA CYS L 12 10.81 -126.24 -18.73
C CYS L 12 10.28 -126.40 -20.16
N LYS L 13 10.03 -125.24 -20.76
CA LYS L 13 9.66 -125.11 -22.15
C LYS L 13 10.78 -124.42 -22.92
N ALA L 14 10.94 -124.70 -24.19
CA ALA L 14 12.03 -124.14 -24.96
C ALA L 14 11.60 -124.10 -26.41
N GLY L 15 12.44 -123.54 -27.26
CA GLY L 15 12.17 -123.48 -28.68
C GLY L 15 12.67 -122.17 -29.23
N PHE L 16 11.93 -121.67 -30.20
CA PHE L 16 12.37 -120.52 -30.97
C PHE L 16 11.34 -119.41 -30.98
N ALA L 17 11.91 -118.23 -31.18
CA ALA L 17 11.16 -116.99 -31.24
C ALA L 17 10.36 -116.89 -32.54
N GLY L 18 9.12 -117.37 -32.49
CA GLY L 18 8.25 -117.26 -33.65
C GLY L 18 7.33 -118.46 -33.91
N ASP L 19 7.32 -119.39 -32.95
CA ASP L 19 6.49 -120.57 -33.01
C ASP L 19 5.22 -120.42 -32.16
N ASP L 20 4.30 -121.32 -32.43
CA ASP L 20 2.92 -121.33 -31.95
C ASP L 20 2.64 -122.28 -30.79
N ALA L 21 3.66 -123.07 -30.43
CA ALA L 21 3.62 -124.04 -29.34
C ALA L 21 5.07 -124.40 -28.99
N PRO L 22 5.46 -124.56 -27.71
CA PRO L 22 6.84 -124.83 -27.27
C PRO L 22 7.56 -126.05 -27.84
N ARG L 23 8.77 -125.78 -28.31
CA ARG L 23 9.45 -126.76 -29.15
C ARG L 23 10.29 -127.75 -28.37
N ALA L 24 10.66 -127.48 -27.13
CA ALA L 24 11.10 -128.54 -26.24
C ALA L 24 10.37 -128.37 -24.93
N VAL L 25 9.60 -129.37 -24.52
CA VAL L 25 8.91 -129.35 -23.24
C VAL L 25 9.48 -130.50 -22.40
N PHE L 26 9.78 -130.24 -21.12
CA PHE L 26 10.37 -131.24 -20.24
C PHE L 26 10.24 -130.91 -18.75
N PRO L 27 10.23 -131.91 -17.85
CA PRO L 27 10.35 -131.69 -16.42
C PRO L 27 11.72 -131.15 -16.03
N SER L 28 11.74 -129.98 -15.40
CA SER L 28 12.95 -129.37 -14.89
C SER L 28 13.38 -130.21 -13.69
N ILE L 29 13.92 -131.39 -13.89
CA ILE L 29 14.44 -132.21 -12.81
C ILE L 29 15.89 -132.47 -13.10
N VAL L 30 16.67 -132.34 -12.05
CA VAL L 30 18.01 -132.88 -12.09
C VAL L 30 18.03 -134.11 -11.22
N GLY L 31 18.57 -135.12 -11.87
CA GLY L 31 18.85 -136.36 -11.21
C GLY L 31 20.31 -136.49 -10.80
N ARG L 32 20.61 -136.57 -9.52
CA ARG L 32 21.98 -136.87 -9.08
C ARG L 32 22.10 -138.40 -8.93
N PRO L 33 22.84 -139.13 -9.78
CA PRO L 33 23.04 -140.57 -9.69
C PRO L 33 23.59 -141.03 -8.34
N ARG L 34 23.08 -142.14 -7.79
CA ARG L 34 23.41 -142.65 -6.46
C ARG L 34 22.85 -143.99 -5.99
N HIS L 35 23.76 -144.68 -5.32
CA HIS L 35 23.40 -145.76 -4.41
C HIS L 35 24.09 -145.72 -3.05
N GLN L 36 24.84 -144.63 -2.75
CA GLN L 36 25.64 -144.46 -1.52
C GLN L 36 26.75 -145.52 -1.33
N GLY L 37 27.19 -145.80 -0.10
CA GLY L 37 27.90 -147.03 0.27
C GLY L 37 29.33 -147.18 -0.25
N VAL L 38 29.83 -146.16 -0.95
CA VAL L 38 31.05 -146.18 -1.74
C VAL L 38 30.97 -147.23 -2.86
N MET L 39 29.98 -146.96 -3.73
CA MET L 39 29.89 -147.60 -5.03
C MET L 39 31.17 -147.38 -5.84
N VAL L 40 31.78 -148.47 -6.34
CA VAL L 40 33.08 -148.42 -6.99
C VAL L 40 33.06 -147.73 -8.36
N GLY L 41 31.90 -147.76 -9.03
CA GLY L 41 31.74 -147.19 -10.35
C GLY L 41 30.29 -146.79 -10.54
N MET L 42 30.04 -145.53 -10.89
CA MET L 42 28.69 -145.03 -11.00
C MET L 42 28.12 -145.10 -12.42
N GLY L 43 28.61 -144.25 -13.33
CA GLY L 43 28.10 -144.20 -14.68
C GLY L 43 28.58 -142.93 -15.38
N GLN L 44 27.89 -142.55 -16.45
CA GLN L 44 28.30 -141.44 -17.27
C GLN L 44 27.41 -140.24 -16.95
N LYS L 45 28.03 -139.04 -16.87
CA LYS L 45 27.37 -137.78 -16.55
C LYS L 45 26.86 -137.67 -15.12
N ASP L 46 27.44 -136.70 -14.41
CA ASP L 46 27.30 -136.51 -12.97
C ASP L 46 25.89 -136.19 -12.49
N SER L 47 25.13 -135.70 -13.44
CA SER L 47 23.76 -135.30 -13.21
C SER L 47 23.07 -135.62 -14.51
N TYR L 48 21.94 -136.29 -14.40
CA TYR L 48 21.01 -136.30 -15.49
C TYR L 48 20.03 -135.17 -15.27
N VAL L 49 19.22 -134.98 -16.30
CA VAL L 49 18.26 -133.89 -16.33
C VAL L 49 17.12 -134.19 -17.30
N GLY L 50 15.91 -133.71 -17.01
CA GLY L 50 14.78 -133.82 -17.93
C GLY L 50 14.14 -135.21 -18.03
N ASP L 51 13.62 -135.56 -19.22
CA ASP L 51 12.86 -136.81 -19.39
C ASP L 51 13.75 -138.07 -19.26
N GLU L 52 15.06 -137.87 -19.46
CA GLU L 52 16.03 -138.90 -19.13
C GLU L 52 15.95 -139.22 -17.63
N ALA L 53 16.04 -138.15 -16.84
CA ALA L 53 16.09 -138.28 -15.40
C ALA L 53 14.80 -138.90 -14.88
N GLN L 54 13.67 -138.62 -15.56
CA GLN L 54 12.39 -139.26 -15.25
C GLN L 54 12.34 -140.77 -15.36
N SER L 55 12.82 -141.31 -16.48
CA SER L 55 13.04 -142.74 -16.55
C SER L 55 14.06 -143.20 -15.52
N LYS L 56 15.17 -142.48 -15.38
CA LYS L 56 16.30 -142.96 -14.59
C LYS L 56 16.10 -142.96 -13.08
N ARG L 57 15.24 -142.08 -12.56
CA ARG L 57 14.70 -142.07 -11.21
C ARG L 57 15.34 -142.96 -10.15
N GLY L 58 15.00 -144.24 -10.11
CA GLY L 58 15.59 -145.17 -9.17
C GLY L 58 16.98 -145.59 -9.61
N ILE L 59 17.87 -144.66 -9.30
CA ILE L 59 19.31 -144.69 -9.45
C ILE L 59 19.69 -143.22 -9.38
N LEU L 60 18.80 -142.26 -9.64
CA LEU L 60 19.07 -140.85 -9.39
C LEU L 60 18.44 -140.29 -8.10
N THR L 61 18.84 -139.08 -7.73
CA THR L 61 18.16 -138.30 -6.72
C THR L 61 17.43 -137.34 -7.66
N LEU L 62 16.10 -137.35 -7.66
CA LEU L 62 15.34 -136.45 -8.50
C LEU L 62 14.90 -135.27 -7.67
N LYS L 63 15.13 -134.05 -8.14
CA LYS L 63 14.57 -132.87 -7.49
C LYS L 63 14.45 -131.80 -8.54
N TYR L 64 13.37 -131.05 -8.42
CA TYR L 64 13.20 -129.84 -9.19
C TYR L 64 14.21 -128.81 -8.69
N PRO L 65 15.09 -128.24 -9.53
CA PRO L 65 16.00 -127.16 -9.14
C PRO L 65 15.27 -125.89 -8.74
N ILE L 66 14.09 -125.71 -9.32
CA ILE L 66 13.32 -124.49 -9.18
C ILE L 66 12.35 -124.70 -8.03
N GLU L 67 12.00 -123.60 -7.35
CA GLU L 67 10.94 -123.58 -6.37
C GLU L 67 10.16 -122.28 -6.61
N HIS L 68 8.87 -122.44 -6.91
CA HIS L 68 7.91 -121.34 -7.10
C HIS L 68 8.16 -120.39 -8.27
N GLY L 69 9.17 -120.69 -9.11
CA GLY L 69 9.66 -119.77 -10.12
C GLY L 69 11.14 -119.47 -9.86
N ILE L 70 11.52 -119.48 -8.59
CA ILE L 70 12.85 -119.11 -8.14
C ILE L 70 13.81 -120.26 -8.41
N VAL L 71 14.97 -120.00 -9.01
CA VAL L 71 16.07 -120.96 -8.96
C VAL L 71 16.40 -121.26 -7.49
N THR L 72 16.08 -122.42 -6.87
CA THR L 72 16.52 -122.64 -5.50
C THR L 72 18.03 -122.81 -5.48
N ASN L 73 18.50 -123.62 -6.43
CA ASN L 73 19.89 -124.02 -6.49
C ASN L 73 20.38 -123.79 -7.90
N TRP L 74 21.43 -122.95 -8.00
CA TRP L 74 22.03 -122.58 -9.28
C TRP L 74 22.79 -123.67 -10.02
N ASP L 75 23.41 -124.59 -9.28
CA ASP L 75 24.18 -125.65 -9.90
C ASP L 75 23.28 -126.56 -10.73
N ASP L 76 22.30 -127.21 -10.09
CA ASP L 76 21.46 -128.14 -10.82
C ASP L 76 20.51 -127.47 -11.80
N MET L 77 20.11 -126.22 -11.51
CA MET L 77 19.46 -125.37 -12.50
C MET L 77 20.32 -125.09 -13.74
N GLU L 78 21.63 -124.83 -13.59
CA GLU L 78 22.52 -124.65 -14.74
C GLU L 78 22.49 -125.88 -15.63
N LYS L 79 22.42 -127.07 -15.01
CA LYS L 79 22.24 -128.31 -15.76
C LYS L 79 20.92 -128.34 -16.55
N ILE L 80 19.87 -127.67 -16.04
CA ILE L 80 18.66 -127.52 -16.83
C ILE L 80 18.97 -126.72 -18.10
N TRP L 81 19.62 -125.56 -18.02
CA TRP L 81 19.89 -124.84 -19.26
C TRP L 81 20.87 -125.57 -20.16
N HIS L 82 21.92 -126.16 -19.58
CA HIS L 82 22.86 -126.99 -20.33
C HIS L 82 22.18 -128.09 -21.14
N HIS L 83 21.11 -128.67 -20.58
CA HIS L 83 20.28 -129.66 -21.26
C HIS L 83 19.59 -128.97 -22.43
N THR L 84 18.90 -127.85 -22.20
CA THR L 84 18.08 -127.17 -23.21
C THR L 84 18.80 -126.98 -24.54
N PHE L 85 20.05 -126.53 -24.41
CA PHE L 85 20.86 -126.24 -25.57
C PHE L 85 21.37 -127.55 -26.15
N TYR L 86 22.32 -128.19 -25.48
CA TYR L 86 23.10 -129.26 -26.08
C TYR L 86 22.47 -130.65 -25.90
N ASN L 87 21.19 -130.68 -25.51
CA ASN L 87 20.41 -131.91 -25.49
C ASN L 87 19.04 -131.68 -26.09
N GLU L 88 18.23 -130.75 -25.58
CA GLU L 88 16.86 -130.58 -26.07
C GLU L 88 16.75 -130.04 -27.48
N LEU L 89 17.06 -128.77 -27.77
CA LEU L 89 16.96 -128.22 -29.12
C LEU L 89 18.18 -128.49 -30.01
N ARG L 90 19.15 -129.13 -29.35
CA ARG L 90 20.48 -129.45 -29.86
C ARG L 90 21.23 -128.21 -30.34
N VAL L 91 20.99 -127.08 -29.66
CA VAL L 91 21.56 -125.81 -30.05
C VAL L 91 22.82 -125.41 -29.28
N ALA L 92 23.41 -124.34 -29.81
CA ALA L 92 24.61 -123.71 -29.31
C ALA L 92 24.34 -122.27 -28.86
N PRO L 93 24.29 -121.98 -27.56
CA PRO L 93 23.90 -120.68 -27.01
C PRO L 93 24.70 -119.46 -27.45
N GLU L 94 25.94 -119.67 -27.89
CA GLU L 94 26.85 -118.64 -28.37
C GLU L 94 26.39 -118.00 -29.67
N GLU L 95 25.48 -118.70 -30.35
CA GLU L 95 24.83 -118.27 -31.58
C GLU L 95 23.42 -117.73 -31.29
N HIS L 96 22.84 -118.23 -30.20
CA HIS L 96 21.41 -118.08 -29.96
C HIS L 96 21.08 -117.24 -28.74
N PRO L 97 20.71 -115.95 -28.88
CA PRO L 97 20.26 -115.08 -27.80
C PRO L 97 19.00 -115.64 -27.14
N VAL L 98 18.90 -115.61 -25.82
CA VAL L 98 17.84 -116.31 -25.15
C VAL L 98 16.98 -115.37 -24.32
N LEU L 99 15.68 -115.37 -24.57
CA LEU L 99 14.72 -114.81 -23.66
C LEU L 99 14.64 -115.80 -22.50
N LEU L 100 14.66 -115.25 -21.29
CA LEU L 100 14.60 -116.02 -20.08
C LEU L 100 13.44 -115.51 -19.25
N THR L 101 12.61 -116.51 -18.91
CA THR L 101 11.40 -116.34 -18.11
C THR L 101 11.77 -115.93 -16.68
N GLU L 102 11.00 -115.12 -15.95
CA GLU L 102 11.21 -114.88 -14.52
C GLU L 102 9.87 -114.78 -13.83
N ALA L 103 9.69 -115.24 -12.60
CA ALA L 103 8.35 -115.27 -12.00
C ALA L 103 7.73 -113.92 -11.59
N PRO L 104 6.42 -113.76 -11.39
CA PRO L 104 5.89 -112.61 -10.67
C PRO L 104 6.32 -112.65 -9.21
N LEU L 105 6.93 -111.53 -8.79
CA LEU L 105 7.66 -111.40 -7.54
C LEU L 105 8.96 -112.21 -7.47
N ASN L 106 9.88 -111.81 -8.38
CA ASN L 106 11.20 -112.42 -8.49
C ASN L 106 12.33 -111.40 -8.76
N PRO L 107 12.66 -110.44 -7.89
CA PRO L 107 13.98 -109.73 -7.92
C PRO L 107 14.94 -110.12 -6.77
N LYS L 108 16.24 -109.83 -6.60
CA LYS L 108 17.11 -109.25 -7.62
C LYS L 108 18.27 -110.19 -8.01
N ALA L 109 18.92 -110.81 -7.01
CA ALA L 109 20.25 -111.35 -7.26
C ALA L 109 20.38 -112.55 -8.18
N ASN L 110 19.31 -113.24 -8.57
CA ASN L 110 19.47 -114.30 -9.55
C ASN L 110 19.54 -113.72 -10.94
N ARG L 111 18.83 -112.64 -11.27
CA ARG L 111 19.02 -111.88 -12.52
C ARG L 111 20.49 -111.50 -12.66
N GLU L 112 20.96 -110.89 -11.56
CA GLU L 112 22.35 -110.51 -11.36
C GLU L 112 23.30 -111.73 -11.54
N LYS L 113 22.94 -112.90 -10.99
CA LYS L 113 23.69 -114.14 -11.17
C LYS L 113 23.50 -114.85 -12.53
N MET L 114 22.34 -114.60 -13.14
CA MET L 114 21.89 -115.29 -14.34
C MET L 114 22.68 -114.78 -15.52
N THR L 115 22.86 -113.46 -15.51
CA THR L 115 23.60 -112.75 -16.54
C THR L 115 25.09 -113.05 -16.49
N GLN L 116 25.59 -113.43 -15.31
CA GLN L 116 26.95 -113.92 -15.16
C GLN L 116 27.10 -115.23 -15.92
N ILE L 117 26.37 -116.26 -15.46
CA ILE L 117 26.53 -117.62 -16.01
C ILE L 117 26.29 -117.68 -17.51
N MET L 118 25.17 -117.12 -17.95
CA MET L 118 24.80 -117.14 -19.36
C MET L 118 25.77 -116.37 -20.25
N PHE L 119 26.45 -115.32 -19.78
CA PHE L 119 27.41 -114.64 -20.62
C PHE L 119 28.85 -115.14 -20.52
N GLU L 120 29.23 -115.76 -19.39
CA GLU L 120 30.54 -116.39 -19.27
C GLU L 120 30.54 -117.90 -19.55
N THR L 121 29.76 -118.72 -18.83
CA THR L 121 29.74 -120.17 -19.05
C THR L 121 29.13 -120.56 -20.40
N PHE L 122 27.95 -120.02 -20.70
CA PHE L 122 27.19 -120.36 -21.92
C PHE L 122 27.25 -119.37 -23.08
N ASN L 123 28.10 -118.35 -22.92
CA ASN L 123 28.30 -117.23 -23.86
C ASN L 123 27.22 -116.89 -24.89
N THR L 124 25.98 -116.80 -24.39
CA THR L 124 24.86 -116.17 -25.10
C THR L 124 25.23 -114.85 -25.79
N PRO L 125 24.79 -114.47 -27.00
CA PRO L 125 25.11 -113.18 -27.59
C PRO L 125 24.40 -112.04 -26.88
N ALA L 126 23.19 -112.30 -26.38
CA ALA L 126 22.35 -111.28 -25.80
C ALA L 126 21.29 -112.00 -25.00
N MET L 127 20.62 -111.32 -24.08
CA MET L 127 19.57 -111.91 -23.28
C MET L 127 18.64 -110.86 -22.67
N TYR L 128 17.50 -111.34 -22.21
CA TYR L 128 16.47 -110.51 -21.60
C TYR L 128 15.76 -111.45 -20.65
N VAL L 129 15.70 -111.07 -19.37
CA VAL L 129 14.96 -111.82 -18.35
C VAL L 129 13.59 -111.15 -18.30
N ALA L 130 12.47 -111.87 -18.21
CA ALA L 130 11.16 -111.29 -18.49
C ALA L 130 10.03 -111.86 -17.65
N ILE L 131 9.15 -111.01 -17.11
CA ILE L 131 8.13 -111.53 -16.20
C ILE L 131 7.09 -112.38 -16.94
N GLN L 132 6.99 -113.61 -16.45
CA GLN L 132 6.01 -114.60 -16.89
C GLN L 132 4.63 -114.02 -17.17
N ALA L 133 4.01 -113.30 -16.23
CA ALA L 133 2.72 -112.66 -16.50
C ALA L 133 2.82 -111.53 -17.53
N VAL L 134 3.94 -110.81 -17.54
CA VAL L 134 4.08 -109.64 -18.42
C VAL L 134 4.06 -110.02 -19.89
N LEU L 135 4.52 -111.24 -20.20
CA LEU L 135 4.41 -111.89 -21.51
C LEU L 135 3.07 -112.59 -21.71
N SER L 136 2.52 -113.16 -20.64
CA SER L 136 1.19 -113.75 -20.67
C SER L 136 0.16 -112.72 -21.14
N LEU L 137 0.22 -111.45 -20.71
CA LEU L 137 -0.63 -110.42 -21.29
C LEU L 137 -0.35 -110.15 -22.77
N TYR L 138 0.92 -110.19 -23.17
CA TYR L 138 1.29 -110.13 -24.57
C TYR L 138 0.69 -111.22 -25.43
N ALA L 139 0.57 -112.48 -24.99
CA ALA L 139 -0.09 -113.52 -25.77
C ALA L 139 -1.56 -113.26 -26.09
N SER L 140 -2.19 -112.53 -25.17
CA SER L 140 -3.57 -112.10 -25.32
C SER L 140 -3.74 -110.77 -26.05
N GLY L 141 -2.63 -110.33 -26.66
CA GLY L 141 -2.59 -109.18 -27.54
C GLY L 141 -2.79 -107.88 -26.78
N ARG L 142 -2.25 -107.79 -25.56
CA ARG L 142 -2.58 -106.68 -24.68
C ARG L 142 -1.34 -106.05 -24.09
N THR L 143 -1.53 -104.94 -23.37
CA THR L 143 -0.46 -104.17 -22.76
C THR L 143 -0.83 -103.59 -21.40
N THR L 144 -1.96 -102.91 -21.22
CA THR L 144 -2.43 -102.64 -19.87
C THR L 144 -3.34 -103.77 -19.41
N GLY L 145 -3.43 -104.03 -18.09
CA GLY L 145 -4.34 -105.04 -17.57
C GLY L 145 -3.91 -105.65 -16.23
N ILE L 146 -4.56 -106.73 -15.82
CA ILE L 146 -4.12 -107.51 -14.68
C ILE L 146 -4.29 -108.97 -15.03
N VAL L 147 -3.15 -109.64 -14.97
CA VAL L 147 -3.06 -111.06 -15.29
C VAL L 147 -3.04 -111.86 -13.99
N MET L 148 -3.75 -112.97 -13.98
CA MET L 148 -3.86 -113.88 -12.85
C MET L 148 -3.28 -115.21 -13.27
N ASP L 149 -2.10 -115.59 -12.75
CA ASP L 149 -1.55 -116.93 -12.97
C ASP L 149 -1.91 -117.82 -11.79
N SER L 150 -2.27 -119.07 -12.07
CA SER L 150 -2.30 -120.14 -11.07
C SER L 150 -1.80 -121.41 -11.74
N GLY L 151 -0.61 -121.92 -11.36
CA GLY L 151 0.04 -123.01 -12.08
C GLY L 151 -0.08 -124.36 -11.37
N ASP L 152 0.86 -124.58 -10.45
CA ASP L 152 0.96 -125.79 -9.64
C ASP L 152 0.77 -125.43 -8.17
N GLY L 153 1.49 -124.41 -7.66
CA GLY L 153 1.35 -124.00 -6.27
C GLY L 153 1.29 -122.48 -6.04
N VAL L 154 0.87 -121.71 -7.03
CA VAL L 154 0.99 -120.29 -6.96
C VAL L 154 -0.15 -119.64 -7.73
N THR L 155 -0.87 -118.72 -7.07
CA THR L 155 -1.64 -117.73 -7.78
C THR L 155 -0.79 -116.48 -7.92
N HIS L 156 -1.12 -115.64 -8.90
CA HIS L 156 -0.33 -114.47 -9.22
C HIS L 156 -1.20 -113.43 -9.87
N THR L 157 -1.29 -112.22 -9.31
CA THR L 157 -2.06 -111.15 -9.92
C THR L 157 -1.11 -109.98 -10.13
N VAL L 158 -0.89 -109.60 -11.38
CA VAL L 158 0.16 -108.63 -11.70
C VAL L 158 -0.43 -107.38 -12.35
N PRO L 159 -0.52 -106.21 -11.70
CA PRO L 159 -1.07 -104.98 -12.27
C PRO L 159 -0.21 -104.40 -13.40
N ILE L 160 -0.56 -104.75 -14.63
CA ILE L 160 0.20 -104.29 -15.76
C ILE L 160 -0.30 -102.94 -16.30
N TYR L 161 0.66 -102.02 -16.21
CA TYR L 161 0.61 -100.72 -16.88
C TYR L 161 1.51 -100.69 -18.11
N GLU L 162 0.86 -100.75 -19.28
CA GLU L 162 1.50 -100.57 -20.58
C GLU L 162 2.62 -101.57 -20.93
N GLY L 163 2.54 -102.81 -20.46
CA GLY L 163 3.64 -103.76 -20.63
C GLY L 163 4.69 -103.64 -19.53
N TYR L 164 4.31 -102.91 -18.47
CA TYR L 164 5.12 -102.83 -17.27
C TYR L 164 4.29 -103.26 -16.08
N ALA L 165 4.84 -104.17 -15.28
CA ALA L 165 4.22 -104.52 -14.01
C ALA L 165 4.49 -103.44 -12.97
N LEU L 166 3.55 -103.14 -12.07
CA LEU L 166 3.78 -102.29 -10.90
C LEU L 166 4.06 -103.07 -9.61
N PRO L 167 5.31 -103.56 -9.46
CA PRO L 167 5.68 -104.68 -8.60
C PRO L 167 5.09 -104.85 -7.20
N HIS L 168 4.98 -103.76 -6.43
CA HIS L 168 4.34 -103.77 -5.12
C HIS L 168 2.97 -104.45 -5.07
N ALA L 169 2.17 -104.30 -6.13
CA ALA L 169 0.83 -104.84 -6.06
C ALA L 169 0.74 -106.29 -6.50
N ILE L 170 1.80 -106.76 -7.19
CA ILE L 170 1.88 -108.13 -7.67
C ILE L 170 1.71 -109.03 -6.47
N LEU L 171 0.58 -109.73 -6.50
CA LEU L 171 0.30 -110.68 -5.48
C LEU L 171 0.62 -112.06 -5.99
N ARG L 172 1.10 -112.78 -4.98
CA ARG L 172 1.39 -114.18 -5.08
C ARG L 172 0.53 -114.74 -3.96
N LEU L 173 -0.29 -115.76 -4.21
CA LEU L 173 -0.95 -116.43 -3.12
C LEU L 173 -0.73 -117.93 -3.19
N ASP L 174 -0.70 -118.50 -1.99
CA ASP L 174 -0.34 -119.89 -1.83
C ASP L 174 -1.55 -120.77 -2.07
N LEU L 175 -2.04 -120.80 -3.31
CA LEU L 175 -3.22 -121.57 -3.65
C LEU L 175 -3.15 -121.88 -5.13
N ALA L 176 -2.99 -123.18 -5.42
CA ALA L 176 -3.15 -123.68 -6.77
C ALA L 176 -3.18 -125.20 -6.78
N GLY L 177 -3.07 -125.77 -7.98
CA GLY L 177 -2.75 -127.15 -8.30
C GLY L 177 -2.76 -128.16 -7.17
N ARG L 178 -1.65 -128.31 -6.46
CA ARG L 178 -1.48 -129.36 -5.47
C ARG L 178 -2.48 -129.17 -4.35
N ASP L 179 -2.59 -127.91 -3.92
CA ASP L 179 -3.42 -127.51 -2.81
C ASP L 179 -4.88 -127.80 -3.15
N LEU L 180 -5.23 -127.75 -4.45
CA LEU L 180 -6.49 -128.32 -4.89
C LEU L 180 -6.48 -129.84 -5.11
N THR L 181 -5.40 -130.48 -5.53
CA THR L 181 -5.33 -131.91 -5.78
C THR L 181 -5.25 -132.74 -4.49
N ASP L 182 -4.37 -132.47 -3.53
CA ASP L 182 -4.36 -133.05 -2.18
C ASP L 182 -5.64 -132.78 -1.40
N TYR L 183 -6.19 -131.57 -1.59
CA TYR L 183 -7.52 -131.28 -1.11
C TYR L 183 -8.53 -132.14 -1.84
N LEU L 184 -8.46 -132.36 -3.16
CA LEU L 184 -9.38 -133.24 -3.87
C LEU L 184 -9.18 -134.67 -3.40
N MET L 185 -7.96 -135.04 -3.00
CA MET L 185 -7.68 -136.29 -2.33
C MET L 185 -8.42 -136.38 -1.00
N LYS L 186 -8.45 -135.27 -0.26
CA LYS L 186 -9.24 -135.16 0.95
C LYS L 186 -10.73 -135.04 0.61
N ILE L 187 -11.18 -134.64 -0.58
CA ILE L 187 -12.59 -134.73 -0.94
C ILE L 187 -13.02 -136.19 -1.21
N LEU L 188 -12.19 -136.96 -1.89
CA LEU L 188 -12.40 -138.41 -1.98
C LEU L 188 -11.88 -139.22 -0.77
N THR L 189 -12.20 -138.73 0.43
CA THR L 189 -11.95 -139.45 1.69
C THR L 189 -13.17 -139.48 2.63
N GLU L 190 -14.32 -138.95 2.22
CA GLU L 190 -15.57 -139.12 2.94
C GLU L 190 -16.31 -140.40 2.59
N ARG L 191 -16.18 -140.70 1.28
CA ARG L 191 -16.73 -141.88 0.63
C ARG L 191 -15.92 -143.17 0.80
N GLY L 192 -14.58 -143.28 0.73
CA GLY L 192 -13.71 -142.43 -0.07
C GLY L 192 -12.84 -143.27 -1.01
N TYR L 193 -12.28 -142.75 -2.11
CA TYR L 193 -11.68 -143.64 -3.11
C TYR L 193 -10.17 -143.82 -3.03
N SER L 194 -9.77 -144.46 -1.93
CA SER L 194 -8.43 -144.95 -1.62
C SER L 194 -7.06 -144.42 -2.03
N PHE L 195 -6.88 -143.50 -2.97
CA PHE L 195 -5.63 -143.23 -3.67
C PHE L 195 -4.41 -142.92 -2.81
N THR L 196 -4.64 -142.17 -1.71
CA THR L 196 -3.62 -141.73 -0.77
C THR L 196 -2.28 -141.29 -1.37
N THR L 197 -1.13 -141.92 -1.09
CA THR L 197 -0.04 -141.97 -2.05
C THR L 197 0.68 -143.30 -1.96
N THR L 198 -0.01 -144.27 -2.57
CA THR L 198 0.62 -145.56 -2.81
C THR L 198 0.72 -145.94 -4.29
N ALA L 199 0.74 -145.17 -5.39
CA ALA L 199 0.80 -143.71 -5.47
C ALA L 199 -0.10 -143.20 -6.59
N GLU L 200 -1.39 -143.47 -6.37
CA GLU L 200 -2.47 -143.01 -7.24
C GLU L 200 -2.88 -141.54 -7.06
N ARG L 201 -2.00 -140.72 -6.47
CA ARG L 201 -2.15 -139.27 -6.38
C ARG L 201 -2.31 -138.62 -7.75
N GLU L 202 -1.54 -139.21 -8.66
CA GLU L 202 -1.63 -138.81 -10.06
C GLU L 202 -2.99 -138.99 -10.67
N ILE L 203 -3.67 -140.07 -10.28
CA ILE L 203 -5.00 -140.39 -10.80
C ILE L 203 -6.01 -139.39 -10.23
N VAL L 204 -5.73 -138.89 -9.01
CA VAL L 204 -6.53 -137.82 -8.39
C VAL L 204 -6.43 -136.58 -9.26
N ARG L 205 -5.20 -136.19 -9.64
CA ARG L 205 -4.95 -135.09 -10.58
C ARG L 205 -5.66 -135.30 -11.91
N ASP L 206 -5.61 -136.56 -12.35
CA ASP L 206 -6.24 -137.03 -13.57
C ASP L 206 -7.76 -136.84 -13.51
N ILE L 207 -8.38 -136.98 -12.32
CA ILE L 207 -9.81 -136.69 -12.14
C ILE L 207 -10.06 -135.19 -12.30
N LYS L 208 -9.29 -134.43 -11.50
CA LYS L 208 -9.29 -132.96 -11.48
C LYS L 208 -9.49 -132.30 -12.84
N GLU L 209 -8.76 -132.78 -13.85
CA GLU L 209 -8.82 -132.20 -15.17
C GLU L 209 -10.07 -132.68 -15.90
N LYS L 210 -10.22 -133.99 -16.05
CA LYS L 210 -11.24 -134.55 -16.92
C LYS L 210 -12.68 -134.45 -16.41
N LEU L 211 -12.91 -134.40 -15.09
CA LEU L 211 -14.25 -134.48 -14.54
C LEU L 211 -14.75 -133.36 -13.62
N CYS L 212 -13.89 -132.40 -13.23
CA CYS L 212 -14.25 -131.32 -12.31
C CYS L 212 -14.61 -130.01 -13.03
N TYR L 213 -15.26 -129.01 -12.42
CA TYR L 213 -15.70 -127.82 -13.14
C TYR L 213 -15.99 -126.68 -12.16
N VAL L 214 -16.59 -125.54 -12.51
CA VAL L 214 -16.91 -124.58 -11.46
C VAL L 214 -18.40 -124.29 -11.37
N ALA L 215 -18.88 -124.50 -10.15
CA ALA L 215 -20.17 -123.96 -9.73
C ALA L 215 -20.20 -122.42 -9.82
N LEU L 216 -21.10 -121.90 -10.66
CA LEU L 216 -21.39 -120.46 -10.76
C LEU L 216 -21.98 -119.91 -9.46
N ASP L 217 -22.71 -120.78 -8.79
CA ASP L 217 -23.29 -120.49 -7.50
C ASP L 217 -23.13 -121.81 -6.78
N PHE L 218 -22.64 -121.74 -5.54
CA PHE L 218 -22.32 -122.95 -4.80
C PHE L 218 -23.58 -123.63 -4.28
N GLU L 219 -24.51 -122.82 -3.77
CA GLU L 219 -25.66 -123.31 -3.03
C GLU L 219 -26.65 -124.01 -3.93
N GLN L 220 -27.04 -123.35 -5.03
CA GLN L 220 -27.95 -124.00 -5.95
C GLN L 220 -27.39 -125.22 -6.65
N GLU L 221 -26.07 -125.20 -6.80
CA GLU L 221 -25.35 -126.37 -7.27
C GLU L 221 -25.26 -127.46 -6.22
N MET L 222 -25.27 -127.13 -4.93
CA MET L 222 -25.29 -128.17 -3.91
C MET L 222 -26.59 -128.96 -3.95
N ALA L 223 -27.72 -128.26 -3.88
CA ALA L 223 -29.05 -128.85 -3.95
C ALA L 223 -29.30 -129.62 -5.24
N THR L 224 -28.84 -129.02 -6.35
CA THR L 224 -28.84 -129.69 -7.64
C THR L 224 -28.01 -130.97 -7.61
N ALA L 225 -26.80 -130.99 -7.03
CA ALA L 225 -26.05 -132.24 -6.85
C ALA L 225 -26.78 -133.26 -5.97
N ALA L 226 -27.39 -132.80 -4.88
CA ALA L 226 -28.26 -133.65 -4.06
C ALA L 226 -29.46 -134.21 -4.83
N SER L 227 -29.86 -133.57 -5.93
CA SER L 227 -30.83 -134.14 -6.87
C SER L 227 -30.24 -135.21 -7.79
N SER L 228 -28.94 -135.50 -7.64
CA SER L 228 -28.30 -136.74 -8.07
C SER L 228 -28.20 -137.04 -9.58
N SER L 229 -27.45 -138.09 -9.94
CA SER L 229 -27.42 -138.66 -11.29
C SER L 229 -26.91 -137.87 -12.50
N SER L 230 -27.19 -136.59 -12.73
CA SER L 230 -26.64 -135.91 -13.90
C SER L 230 -25.25 -135.32 -13.66
N LEU L 231 -25.01 -134.96 -12.40
CA LEU L 231 -23.77 -134.34 -11.97
C LEU L 231 -22.75 -135.43 -11.67
N GLU L 232 -23.22 -136.55 -11.09
CA GLU L 232 -22.38 -137.73 -10.91
C GLU L 232 -21.76 -138.17 -12.22
N LYS L 233 -20.44 -138.27 -12.19
CA LYS L 233 -19.70 -138.78 -13.33
C LYS L 233 -18.88 -140.00 -12.94
N SER L 234 -19.00 -141.07 -13.73
CA SER L 234 -18.26 -142.30 -13.53
C SER L 234 -16.77 -142.10 -13.82
N TYR L 235 -15.93 -142.44 -12.84
CA TYR L 235 -14.50 -142.54 -13.09
C TYR L 235 -14.10 -144.01 -13.02
N GLU L 236 -14.40 -144.69 -14.12
CA GLU L 236 -14.20 -146.13 -14.23
C GLU L 236 -12.71 -146.45 -14.34
N LEU L 237 -12.36 -147.67 -13.98
CA LEU L 237 -11.01 -148.15 -14.12
C LEU L 237 -11.12 -149.21 -15.20
N PRO L 238 -10.14 -149.38 -16.09
CA PRO L 238 -10.06 -150.52 -17.00
C PRO L 238 -9.66 -151.79 -16.23
N ASP L 239 -10.42 -152.07 -15.16
CA ASP L 239 -10.08 -153.03 -14.12
C ASP L 239 -11.20 -153.13 -13.07
N GLY L 240 -11.21 -152.29 -12.03
CA GLY L 240 -11.88 -152.61 -10.78
C GLY L 240 -13.24 -151.97 -10.64
N GLN L 241 -13.29 -150.82 -9.98
CA GLN L 241 -14.59 -150.23 -9.71
C GLN L 241 -14.95 -149.11 -10.67
N VAL L 242 -16.24 -149.04 -10.98
CA VAL L 242 -16.80 -147.93 -11.74
C VAL L 242 -17.14 -146.90 -10.66
N ILE L 243 -16.09 -146.24 -10.17
CA ILE L 243 -16.25 -145.30 -9.07
C ILE L 243 -17.06 -144.09 -9.52
N THR L 244 -17.82 -143.45 -8.64
CA THR L 244 -18.75 -142.42 -9.04
C THR L 244 -18.28 -141.18 -8.31
N ILE L 245 -18.06 -140.02 -8.95
CA ILE L 245 -17.85 -138.80 -8.20
C ILE L 245 -18.90 -137.77 -8.57
N GLY L 246 -19.43 -137.24 -7.47
CA GLY L 246 -20.54 -136.30 -7.53
C GLY L 246 -20.13 -134.94 -7.04
N ASN L 247 -20.26 -134.72 -5.73
CA ASN L 247 -20.22 -133.41 -5.07
C ASN L 247 -18.87 -132.69 -5.29
N GLU L 248 -17.87 -133.58 -5.33
CA GLU L 248 -16.45 -133.37 -5.63
C GLU L 248 -16.15 -132.32 -6.67
N ARG L 249 -16.91 -132.45 -7.76
CA ARG L 249 -16.56 -131.83 -9.03
C ARG L 249 -16.58 -130.31 -8.97
N PHE L 250 -17.44 -129.78 -8.10
CA PHE L 250 -17.51 -128.34 -7.86
C PHE L 250 -16.91 -127.97 -6.51
N ARG L 251 -17.04 -128.90 -5.54
CA ARG L 251 -16.35 -128.81 -4.26
C ARG L 251 -14.89 -128.41 -4.35
N CYS L 252 -14.07 -129.14 -5.12
CA CYS L 252 -12.65 -128.82 -5.16
C CYS L 252 -12.27 -127.48 -5.79
N PRO L 253 -12.83 -126.93 -6.87
CA PRO L 253 -12.53 -125.55 -7.30
C PRO L 253 -12.90 -124.48 -6.27
N GLU L 254 -13.90 -124.75 -5.42
CA GLU L 254 -14.45 -123.75 -4.52
C GLU L 254 -13.46 -123.20 -3.49
N ALA L 255 -12.38 -123.92 -3.18
CA ALA L 255 -11.36 -123.46 -2.24
C ALA L 255 -10.57 -122.23 -2.69
N LEU L 256 -10.64 -121.97 -4.00
CA LEU L 256 -10.15 -120.71 -4.56
C LEU L 256 -10.94 -119.52 -4.04
N PHE L 257 -12.26 -119.67 -3.88
CA PHE L 257 -13.11 -118.55 -3.52
C PHE L 257 -13.31 -118.49 -2.01
N GLN L 258 -13.44 -119.66 -1.37
CA GLN L 258 -13.52 -119.78 0.07
C GLN L 258 -12.38 -120.59 0.68
N PRO L 259 -11.33 -119.95 1.18
CA PRO L 259 -10.20 -120.62 1.84
C PRO L 259 -10.53 -121.25 3.21
N SER L 260 -11.79 -121.15 3.58
CA SER L 260 -12.46 -122.03 4.50
C SER L 260 -12.24 -123.53 4.25
N PHE L 261 -12.31 -123.96 2.98
CA PHE L 261 -12.29 -125.37 2.59
C PHE L 261 -11.01 -126.15 2.88
N LEU L 262 -9.92 -125.39 2.85
CA LEU L 262 -8.55 -125.85 3.04
C LEU L 262 -7.87 -125.32 4.30
N GLY L 263 -8.57 -124.57 5.15
CA GLY L 263 -7.97 -123.99 6.34
C GLY L 263 -7.11 -122.76 6.10
N MET L 264 -6.38 -122.65 4.99
CA MET L 264 -5.59 -121.46 4.61
C MET L 264 -6.19 -120.06 4.66
N GLU L 265 -5.42 -119.12 5.23
CA GLU L 265 -5.79 -117.71 5.22
C GLU L 265 -5.69 -117.10 3.82
N SER L 266 -6.87 -116.76 3.31
CA SER L 266 -6.96 -115.97 2.11
C SER L 266 -8.31 -115.31 2.04
N CYS L 267 -8.13 -114.16 1.42
CA CYS L 267 -9.17 -113.41 0.77
C CYS L 267 -9.51 -114.26 -0.46
N GLY L 268 -10.66 -114.10 -1.11
CA GLY L 268 -10.92 -114.89 -2.30
C GLY L 268 -9.97 -114.50 -3.43
N ILE L 269 -9.79 -115.42 -4.39
CA ILE L 269 -9.03 -115.14 -5.61
C ILE L 269 -9.50 -113.87 -6.36
N HIS L 270 -10.80 -113.63 -6.21
CA HIS L 270 -11.43 -112.37 -6.61
C HIS L 270 -10.85 -111.16 -5.86
N GLU L 271 -10.65 -111.28 -4.55
CA GLU L 271 -10.08 -110.19 -3.77
C GLU L 271 -8.57 -110.06 -3.92
N THR L 272 -7.84 -111.14 -4.20
CA THR L 272 -6.44 -111.11 -4.64
C THR L 272 -6.26 -110.14 -5.82
N THR L 273 -7.16 -110.31 -6.81
CA THR L 273 -7.25 -109.44 -7.95
C THR L 273 -7.45 -107.99 -7.53
N PHE L 274 -8.47 -107.78 -6.67
CA PHE L 274 -8.78 -106.47 -6.11
C PHE L 274 -7.60 -105.85 -5.36
N ASN L 275 -6.88 -106.70 -4.62
CA ASN L 275 -5.71 -106.29 -3.86
C ASN L 275 -4.40 -106.22 -4.65
N SER L 276 -4.46 -106.29 -5.98
CA SER L 276 -3.39 -105.75 -6.81
C SER L 276 -3.84 -104.38 -7.30
N ILE L 277 -5.10 -104.32 -7.73
CA ILE L 277 -5.66 -103.16 -8.40
C ILE L 277 -5.67 -101.90 -7.52
N MET L 278 -6.37 -101.99 -6.40
CA MET L 278 -6.55 -100.86 -5.48
C MET L 278 -5.24 -100.40 -4.85
N LYS L 279 -4.26 -101.31 -4.76
CA LYS L 279 -2.89 -100.94 -4.39
C LYS L 279 -2.14 -100.10 -5.42
N CYS L 280 -2.70 -99.89 -6.61
CA CYS L 280 -2.04 -99.15 -7.67
C CYS L 280 -2.87 -98.02 -8.30
N ASP L 281 -2.29 -97.43 -9.36
CA ASP L 281 -2.90 -96.48 -10.29
C ASP L 281 -4.41 -96.61 -10.49
N VAL L 282 -5.05 -95.45 -10.46
CA VAL L 282 -6.49 -95.42 -10.45
C VAL L 282 -6.97 -95.13 -11.85
N ASP L 283 -6.23 -94.35 -12.65
CA ASP L 283 -6.68 -94.02 -13.99
C ASP L 283 -6.68 -95.20 -14.95
N ILE L 284 -6.06 -96.30 -14.51
CA ILE L 284 -6.15 -97.55 -15.26
C ILE L 284 -7.16 -98.58 -14.74
N ARG L 285 -7.90 -98.31 -13.66
CA ARG L 285 -8.71 -99.34 -12.99
C ARG L 285 -9.83 -100.11 -13.69
N LYS L 286 -10.86 -99.62 -14.40
CA LYS L 286 -11.61 -100.49 -15.32
C LYS L 286 -10.80 -100.86 -16.57
N ASP L 287 -9.71 -100.18 -16.95
CA ASP L 287 -8.83 -100.80 -17.96
C ASP L 287 -8.04 -102.01 -17.42
N LEU L 288 -7.91 -102.11 -16.10
CA LEU L 288 -7.51 -103.32 -15.41
C LEU L 288 -8.71 -104.27 -15.34
N TYR L 289 -9.84 -103.90 -14.72
CA TYR L 289 -11.06 -104.75 -14.65
C TYR L 289 -11.66 -105.22 -15.98
N ALA L 290 -11.32 -104.51 -17.05
CA ALA L 290 -11.66 -104.92 -18.41
C ALA L 290 -10.47 -105.41 -19.23
N ASN L 291 -9.30 -105.56 -18.63
CA ASN L 291 -8.26 -106.41 -19.18
C ASN L 291 -7.73 -107.28 -18.05
N THR L 292 -8.66 -107.96 -17.36
CA THR L 292 -8.32 -108.95 -16.34
C THR L 292 -8.21 -110.30 -17.07
N VAL L 293 -7.04 -110.92 -17.09
CA VAL L 293 -6.65 -112.02 -17.99
C VAL L 293 -6.09 -113.23 -17.24
N LEU L 294 -6.30 -114.48 -17.68
CA LEU L 294 -5.79 -115.67 -16.97
C LEU L 294 -4.58 -116.45 -17.52
N SER L 295 -3.75 -117.06 -16.65
CA SER L 295 -2.62 -117.83 -17.09
C SER L 295 -2.31 -119.06 -16.24
N GLY L 296 -2.16 -120.20 -16.91
CA GLY L 296 -1.67 -121.38 -16.22
C GLY L 296 -2.68 -122.51 -16.09
N GLY L 297 -2.11 -123.60 -15.57
CA GLY L 297 -2.76 -124.89 -15.47
C GLY L 297 -3.97 -124.91 -14.57
N THR L 298 -3.93 -124.25 -13.40
CA THR L 298 -5.08 -124.23 -12.50
C THR L 298 -6.07 -123.13 -12.93
N THR L 299 -5.84 -122.32 -13.98
CA THR L 299 -6.90 -121.46 -14.48
C THR L 299 -7.94 -122.22 -15.30
N MET L 300 -7.51 -123.34 -15.89
CA MET L 300 -8.31 -124.01 -16.90
C MET L 300 -9.54 -124.76 -16.42
N TYR L 301 -9.94 -124.62 -15.15
CA TYR L 301 -11.18 -125.20 -14.65
C TYR L 301 -12.41 -124.63 -15.36
N PRO L 302 -13.24 -125.50 -15.99
CA PRO L 302 -14.38 -125.11 -16.80
C PRO L 302 -15.51 -124.48 -15.99
N GLY L 303 -15.45 -123.15 -15.88
CA GLY L 303 -16.53 -122.37 -15.26
C GLY L 303 -16.02 -121.22 -14.39
N ILE L 304 -14.70 -121.16 -14.17
CA ILE L 304 -14.07 -120.12 -13.37
C ILE L 304 -14.40 -118.69 -13.78
N ALA L 305 -14.45 -118.43 -15.10
CA ALA L 305 -14.70 -117.11 -15.66
C ALA L 305 -16.07 -116.54 -15.31
N ASP L 306 -17.17 -117.21 -15.66
CA ASP L 306 -18.51 -116.86 -15.17
C ASP L 306 -18.58 -116.70 -13.67
N ARG L 307 -17.88 -117.60 -12.96
CA ARG L 307 -17.76 -117.42 -11.53
C ARG L 307 -16.96 -116.17 -11.16
N MET L 308 -15.90 -115.81 -11.89
CA MET L 308 -14.99 -114.75 -11.50
C MET L 308 -15.68 -113.41 -11.69
N GLN L 309 -16.28 -113.22 -12.88
CA GLN L 309 -16.90 -111.97 -13.30
C GLN L 309 -17.97 -111.50 -12.29
N LYS L 310 -18.71 -112.50 -11.84
CA LYS L 310 -19.70 -112.36 -10.78
C LYS L 310 -19.04 -111.99 -9.45
N GLU L 311 -18.04 -112.78 -9.04
CA GLU L 311 -17.45 -112.64 -7.73
C GLU L 311 -16.64 -111.34 -7.63
N ILE L 312 -16.16 -110.76 -8.74
CA ILE L 312 -15.55 -109.44 -8.70
C ILE L 312 -16.63 -108.38 -8.68
N THR L 313 -17.73 -108.54 -9.44
CA THR L 313 -18.92 -107.70 -9.36
C THR L 313 -19.49 -107.56 -7.96
N ALA L 314 -19.39 -108.58 -7.10
CA ALA L 314 -19.71 -108.42 -5.68
C ALA L 314 -18.87 -107.39 -4.91
N LEU L 315 -17.72 -106.98 -5.47
CA LEU L 315 -16.74 -106.16 -4.79
C LEU L 315 -16.56 -104.79 -5.41
N ALA L 316 -16.25 -104.76 -6.71
CA ALA L 316 -15.75 -103.56 -7.37
C ALA L 316 -16.83 -102.51 -7.53
N PRO L 317 -16.54 -101.20 -7.69
CA PRO L 317 -17.53 -100.19 -8.03
C PRO L 317 -18.39 -100.66 -9.21
N SER L 318 -19.68 -100.36 -9.13
CA SER L 318 -20.66 -100.79 -10.12
C SER L 318 -20.27 -100.45 -11.55
N THR L 319 -19.66 -99.27 -11.61
CA THR L 319 -19.31 -98.52 -12.79
C THR L 319 -17.96 -98.88 -13.43
N MET L 320 -17.72 -100.18 -13.63
CA MET L 320 -16.47 -100.73 -14.15
C MET L 320 -16.82 -101.97 -14.96
N LYS L 321 -16.45 -102.22 -16.23
CA LYS L 321 -16.82 -103.47 -16.86
C LYS L 321 -15.87 -104.62 -16.55
N ILE L 322 -16.39 -105.54 -15.73
CA ILE L 322 -15.68 -106.77 -15.41
C ILE L 322 -15.75 -107.65 -16.67
N LYS L 323 -14.57 -107.90 -17.25
CA LYS L 323 -14.50 -108.56 -18.56
C LYS L 323 -13.40 -109.62 -18.57
N ILE L 324 -13.68 -110.85 -18.15
CA ILE L 324 -12.63 -111.83 -17.84
C ILE L 324 -12.06 -112.49 -19.10
N ILE L 325 -10.89 -111.99 -19.51
CA ILE L 325 -10.23 -112.49 -20.68
C ILE L 325 -9.42 -113.74 -20.31
N ALA L 326 -9.98 -114.89 -20.68
CA ALA L 326 -9.23 -116.11 -20.56
C ALA L 326 -8.90 -116.57 -21.98
N PRO L 327 -7.65 -116.69 -22.43
CA PRO L 327 -7.34 -117.21 -23.77
C PRO L 327 -7.57 -118.71 -23.93
N PRO L 328 -7.81 -119.25 -25.15
CA PRO L 328 -7.91 -120.69 -25.39
C PRO L 328 -6.65 -121.42 -24.92
N GLU L 329 -5.48 -121.14 -25.51
CA GLU L 329 -4.24 -121.73 -25.04
C GLU L 329 -3.68 -120.97 -23.83
N ARG L 330 -4.34 -121.00 -22.68
CA ARG L 330 -3.73 -120.37 -21.51
C ARG L 330 -2.71 -121.18 -20.73
N LYS L 331 -2.42 -122.42 -21.13
CA LYS L 331 -1.33 -123.14 -20.50
C LYS L 331 0.00 -122.55 -20.93
N TYR L 332 0.15 -122.29 -22.23
CA TYR L 332 1.43 -121.83 -22.77
C TYR L 332 1.59 -120.33 -23.05
N SER L 333 0.63 -119.52 -22.61
CA SER L 333 0.61 -118.06 -22.87
C SER L 333 1.94 -117.32 -22.75
N VAL L 334 2.76 -117.69 -21.76
CA VAL L 334 4.08 -117.08 -21.55
C VAL L 334 5.03 -117.32 -22.73
N TRP L 335 5.04 -118.54 -23.28
CA TRP L 335 6.01 -118.88 -24.32
C TRP L 335 5.59 -118.19 -25.62
N ILE L 336 4.27 -118.27 -25.87
CA ILE L 336 3.67 -117.63 -27.03
C ILE L 336 3.96 -116.14 -27.00
N GLY L 337 3.65 -115.50 -25.88
CA GLY L 337 3.92 -114.07 -25.66
C GLY L 337 5.39 -113.70 -25.83
N GLY L 338 6.27 -114.58 -25.33
CA GLY L 338 7.70 -114.49 -25.55
C GLY L 338 8.16 -114.66 -27.00
N SER L 339 7.49 -115.54 -27.75
CA SER L 339 7.72 -115.82 -29.16
C SER L 339 7.43 -114.57 -29.99
N ILE L 340 6.28 -113.95 -29.71
CA ILE L 340 5.88 -112.68 -30.30
C ILE L 340 6.91 -111.60 -29.97
N LEU L 341 7.19 -111.40 -28.67
CA LEU L 341 8.23 -110.49 -28.23
C LEU L 341 9.57 -110.71 -28.91
N ALA L 342 10.13 -111.91 -28.92
CA ALA L 342 11.40 -112.10 -29.63
C ALA L 342 11.22 -112.29 -31.13
N SER L 343 10.04 -111.95 -31.68
CA SER L 343 9.86 -111.75 -33.11
C SER L 343 9.79 -110.27 -33.45
N LEU L 344 9.81 -109.41 -32.42
CA LEU L 344 10.02 -108.01 -32.66
C LEU L 344 11.47 -107.78 -33.05
N SER L 345 11.70 -107.09 -34.16
CA SER L 345 13.03 -106.61 -34.53
C SER L 345 13.53 -105.67 -33.43
N THR L 346 12.58 -104.87 -32.93
CA THR L 346 12.67 -104.09 -31.73
C THR L 346 12.91 -104.95 -30.47
N PHE L 347 13.16 -106.26 -30.49
CA PHE L 347 13.70 -106.97 -29.32
C PHE L 347 15.21 -106.84 -29.32
N GLN L 348 15.77 -106.65 -30.52
CA GLN L 348 17.12 -106.14 -30.68
C GLN L 348 17.26 -104.78 -30.04
N GLN L 349 16.38 -103.80 -30.26
CA GLN L 349 16.45 -102.54 -29.53
C GLN L 349 15.93 -102.61 -28.08
N MET L 350 16.29 -103.68 -27.31
CA MET L 350 15.61 -103.99 -26.07
C MET L 350 16.33 -104.97 -25.12
N TRP L 351 16.88 -106.10 -25.57
CA TRP L 351 17.63 -107.00 -24.68
C TRP L 351 19.00 -106.48 -24.29
N ILE L 352 19.71 -107.08 -23.32
CA ILE L 352 21.08 -106.69 -23.00
C ILE L 352 22.06 -107.56 -23.79
N SER L 353 23.00 -106.94 -24.51
CA SER L 353 24.01 -107.70 -25.23
C SER L 353 25.27 -108.01 -24.42
N LYS L 354 26.12 -108.86 -25.02
CA LYS L 354 27.43 -109.21 -24.48
C LYS L 354 28.24 -107.99 -24.02
N GLN L 355 28.30 -106.99 -24.91
CA GLN L 355 28.95 -105.70 -24.68
C GLN L 355 28.67 -105.15 -23.29
N GLU L 356 27.38 -105.01 -22.98
CA GLU L 356 26.93 -104.32 -21.79
C GLU L 356 27.13 -105.17 -20.54
N TYR L 357 27.30 -106.49 -20.68
CA TYR L 357 27.73 -107.34 -19.58
C TYR L 357 29.23 -107.14 -19.32
N ASP L 358 30.07 -107.13 -20.35
CA ASP L 358 31.50 -107.02 -20.13
C ASP L 358 31.85 -105.65 -19.55
N GLU L 359 31.02 -104.63 -19.81
CA GLU L 359 31.10 -103.39 -19.06
C GLU L 359 30.35 -103.45 -17.73
N SER L 360 29.01 -103.57 -17.67
CA SER L 360 28.24 -103.44 -16.43
C SER L 360 28.24 -104.62 -15.47
N GLY L 361 28.47 -105.85 -15.96
CA GLY L 361 28.35 -107.04 -15.14
C GLY L 361 26.93 -107.35 -14.67
N PRO L 362 26.76 -107.97 -13.48
CA PRO L 362 25.48 -108.44 -12.94
C PRO L 362 24.26 -107.52 -12.91
N SER L 363 24.39 -106.29 -12.42
CA SER L 363 23.23 -105.45 -12.13
C SER L 363 22.60 -104.83 -13.38
N ILE L 364 22.83 -105.36 -14.59
CA ILE L 364 22.52 -104.65 -15.83
C ILE L 364 21.07 -104.83 -16.29
N VAL L 365 20.33 -105.76 -15.71
CA VAL L 365 19.03 -106.09 -16.27
C VAL L 365 17.89 -105.34 -15.55
N ALA M 1 -11.87 -149.38 31.35
CA ALA M 1 -10.71 -149.13 30.51
C ALA M 1 -11.03 -149.45 29.05
N ALA M 2 -10.46 -148.61 28.19
CA ALA M 2 -10.64 -148.68 26.74
C ALA M 2 -9.54 -149.54 26.11
N LEU M 3 -9.51 -149.71 24.79
CA LEU M 3 -8.65 -150.67 24.13
C LEU M 3 -7.67 -149.99 23.18
N VAL M 4 -6.57 -150.68 22.85
CA VAL M 4 -5.60 -150.27 21.84
C VAL M 4 -5.26 -151.54 21.04
N VAL M 5 -5.40 -151.53 19.72
CA VAL M 5 -5.26 -152.70 18.86
C VAL M 5 -4.38 -152.41 17.63
N ASP M 6 -3.10 -152.64 17.90
CA ASP M 6 -2.00 -152.55 16.97
C ASP M 6 -1.94 -153.76 16.05
N ASN M 7 -2.71 -153.61 14.97
CA ASN M 7 -2.72 -154.56 13.87
C ASN M 7 -1.57 -154.31 12.91
N GLY M 8 -0.36 -154.51 13.45
CA GLY M 8 0.83 -154.69 12.64
C GLY M 8 0.60 -155.81 11.65
N SER M 9 0.91 -155.53 10.39
CA SER M 9 0.57 -156.38 9.24
C SER M 9 0.44 -157.91 9.42
N GLY M 10 1.40 -158.61 10.06
CA GLY M 10 1.24 -160.02 10.41
C GLY M 10 1.06 -160.29 11.90
N MET M 11 1.21 -159.28 12.76
CA MET M 11 1.11 -159.46 14.18
C MET M 11 0.35 -158.30 14.81
N CYS M 12 -0.84 -158.66 15.26
CA CYS M 12 -1.71 -157.80 16.04
C CYS M 12 -1.19 -157.64 17.47
N LYS M 13 -1.60 -156.56 18.12
CA LYS M 13 -1.31 -156.28 19.52
C LYS M 13 -2.53 -155.55 20.07
N ALA M 14 -3.04 -155.99 21.19
CA ALA M 14 -4.30 -155.51 21.72
C ALA M 14 -4.18 -155.34 23.21
N GLY M 15 -5.22 -154.84 23.85
CA GLY M 15 -5.20 -154.63 25.26
C GLY M 15 -5.92 -153.33 25.50
N PHE M 16 -5.60 -152.82 26.68
CA PHE M 16 -6.28 -151.67 27.21
C PHE M 16 -5.37 -150.45 27.28
N ALA M 17 -6.03 -149.37 27.68
CA ALA M 17 -5.37 -148.14 28.11
C ALA M 17 -4.83 -148.28 29.53
N GLY M 18 -3.68 -147.69 29.84
CA GLY M 18 -3.07 -147.84 31.16
C GLY M 18 -2.05 -148.96 31.27
N ASP M 19 -2.12 -150.02 30.45
CA ASP M 19 -1.21 -151.15 30.53
C ASP M 19 0.12 -150.85 29.85
N ASP M 20 1.22 -151.25 30.51
CA ASP M 20 2.60 -151.12 30.01
C ASP M 20 2.97 -151.66 28.63
N ALA M 21 2.51 -152.89 28.36
CA ALA M 21 2.94 -153.69 27.21
C ALA M 21 1.75 -154.47 26.66
N PRO M 22 1.68 -154.83 25.36
CA PRO M 22 0.49 -155.41 24.73
C PRO M 22 -0.15 -156.63 25.37
N ARG M 23 -1.47 -156.52 25.57
CA ARG M 23 -2.19 -157.53 26.31
C ARG M 23 -2.73 -158.70 25.52
N ALA M 24 -2.92 -158.57 24.21
CA ALA M 24 -3.09 -159.74 23.37
C ALA M 24 -2.20 -159.55 22.15
N VAL M 25 -1.29 -160.48 21.85
CA VAL M 25 -0.25 -160.23 20.85
C VAL M 25 -0.35 -161.45 19.95
N PHE M 26 -0.67 -161.30 18.67
CA PHE M 26 -0.97 -162.48 17.88
C PHE M 26 -0.81 -162.37 16.37
N PRO M 27 -0.46 -163.48 15.71
CA PRO M 27 -0.58 -163.64 14.26
C PRO M 27 -1.96 -163.26 13.75
N SER M 28 -1.92 -162.09 13.10
CA SER M 28 -3.02 -161.53 12.36
C SER M 28 -3.25 -162.47 11.18
N ILE M 29 -4.06 -163.49 11.49
CA ILE M 29 -4.44 -164.50 10.53
C ILE M 29 -5.80 -164.98 10.97
N VAL M 30 -6.51 -165.33 9.93
CA VAL M 30 -7.88 -165.80 10.02
C VAL M 30 -7.83 -166.87 8.96
N GLY M 31 -8.09 -168.10 9.37
CA GLY M 31 -8.03 -169.22 8.46
C GLY M 31 -9.41 -169.74 8.18
N ARG M 32 -9.77 -169.94 6.92
CA ARG M 32 -11.06 -170.52 6.60
C ARG M 32 -10.89 -172.03 6.63
N PRO M 33 -11.81 -172.89 7.10
CA PRO M 33 -11.72 -174.33 6.91
C PRO M 33 -11.61 -174.71 5.44
N ARG M 34 -10.88 -175.78 5.13
CA ARG M 34 -10.75 -176.19 3.73
C ARG M 34 -10.72 -177.70 3.61
N HIS M 35 -10.42 -178.16 2.40
CA HIS M 35 -9.89 -179.49 2.09
C HIS M 35 -10.16 -179.86 0.64
N GLN M 36 -11.26 -179.33 0.08
CA GLN M 36 -11.75 -179.70 -1.26
C GLN M 36 -12.11 -181.19 -1.36
N GLY M 37 -12.32 -181.83 -2.52
CA GLY M 37 -12.85 -183.17 -2.54
C GLY M 37 -14.35 -183.07 -2.79
N VAL M 38 -15.03 -182.45 -1.81
CA VAL M 38 -16.49 -182.44 -1.66
C VAL M 38 -16.86 -183.78 -1.07
N MET M 39 -17.46 -183.65 0.11
CA MET M 39 -17.60 -184.73 1.06
C MET M 39 -18.80 -184.43 1.96
N VAL M 40 -18.82 -184.81 3.24
CA VAL M 40 -19.97 -184.62 4.11
C VAL M 40 -20.20 -183.16 4.49
N GLY M 41 -19.14 -182.47 4.95
CA GLY M 41 -19.26 -181.09 5.40
C GLY M 41 -18.06 -180.71 6.24
N MET M 42 -18.31 -179.94 7.31
CA MET M 42 -17.25 -179.44 8.19
C MET M 42 -17.85 -179.09 9.55
N GLY M 43 -18.77 -178.12 9.60
CA GLY M 43 -19.53 -177.86 10.81
C GLY M 43 -19.09 -176.64 11.61
N GLN M 44 -18.10 -176.76 12.49
CA GLN M 44 -17.93 -175.80 13.57
C GLN M 44 -16.84 -174.76 13.32
N LYS M 45 -17.23 -173.50 13.56
CA LYS M 45 -16.37 -172.31 13.52
C LYS M 45 -15.83 -171.93 12.16
N ASP M 46 -16.56 -171.06 11.46
CA ASP M 46 -16.34 -170.80 10.04
C ASP M 46 -15.01 -170.13 9.74
N SER M 47 -14.34 -169.68 10.80
CA SER M 47 -13.01 -169.11 10.74
C SER M 47 -12.40 -169.26 12.13
N TYR M 48 -11.34 -170.07 12.15
CA TYR M 48 -10.45 -170.16 13.30
C TYR M 48 -9.37 -169.14 13.02
N VAL M 49 -8.98 -168.39 14.05
CA VAL M 49 -8.34 -167.10 13.90
C VAL M 49 -7.35 -166.87 15.04
N GLY M 50 -6.31 -166.04 14.84
CA GLY M 50 -5.24 -165.86 15.83
C GLY M 50 -4.32 -167.06 15.92
N ASP M 51 -3.64 -167.33 17.05
CA ASP M 51 -2.82 -168.54 17.21
C ASP M 51 -3.50 -169.89 17.06
N GLU M 52 -4.81 -169.95 17.31
CA GLU M 52 -5.59 -171.14 16.98
C GLU M 52 -5.44 -171.52 15.52
N ALA M 53 -5.54 -170.49 14.67
CA ALA M 53 -5.30 -170.64 13.23
C ALA M 53 -3.84 -170.98 12.95
N GLN M 54 -2.90 -170.40 13.71
CA GLN M 54 -1.48 -170.69 13.51
C GLN M 54 -1.05 -172.12 13.81
N SER M 55 -1.56 -172.74 14.87
CA SER M 55 -1.46 -174.19 15.04
C SER M 55 -2.21 -174.98 13.97
N LYS M 56 -3.44 -174.56 13.62
CA LYS M 56 -4.25 -175.26 12.64
C LYS M 56 -3.58 -175.35 11.28
N ARG M 57 -3.41 -174.19 10.61
CA ARG M 57 -2.69 -174.03 9.35
C ARG M 57 -3.02 -175.04 8.25
N GLY M 58 -2.50 -176.26 8.37
CA GLY M 58 -2.67 -177.31 7.39
C GLY M 58 -3.96 -178.06 7.69
N ILE M 59 -5.04 -177.31 7.48
CA ILE M 59 -6.44 -177.70 7.63
C ILE M 59 -7.31 -176.46 7.33
N LEU M 60 -6.70 -175.27 7.32
CA LEU M 60 -7.39 -174.03 7.09
C LEU M 60 -6.65 -173.22 6.03
N THR M 61 -7.35 -172.52 5.14
CA THR M 61 -6.71 -171.54 4.29
C THR M 61 -6.40 -170.36 5.21
N LEU M 62 -5.24 -170.29 5.86
CA LEU M 62 -4.80 -169.07 6.54
C LEU M 62 -4.40 -168.02 5.52
N LYS M 63 -4.64 -166.74 5.77
CA LYS M 63 -4.21 -165.68 4.86
C LYS M 63 -3.72 -164.53 5.71
N TYR M 64 -2.87 -163.64 5.17
CA TYR M 64 -2.50 -162.41 5.86
C TYR M 64 -3.37 -161.21 5.52
N PRO M 65 -4.18 -160.72 6.47
CA PRO M 65 -5.11 -159.62 6.28
C PRO M 65 -4.51 -158.26 5.95
N ILE M 66 -3.21 -158.04 6.15
CA ILE M 66 -2.64 -156.74 5.86
C ILE M 66 -1.36 -156.99 5.06
N GLU M 67 -0.96 -156.02 4.25
CA GLU M 67 0.32 -156.06 3.58
C GLU M 67 0.75 -154.62 3.32
N HIS M 68 1.95 -154.21 3.74
CA HIS M 68 2.43 -152.82 3.58
C HIS M 68 1.61 -151.77 4.35
N GLY M 69 0.96 -152.28 5.40
CA GLY M 69 0.10 -151.46 6.26
C GLY M 69 -1.23 -151.09 5.61
N ILE M 70 -1.53 -151.86 4.55
CA ILE M 70 -2.74 -151.76 3.77
C ILE M 70 -3.53 -153.03 4.01
N VAL M 71 -4.77 -152.86 4.43
CA VAL M 71 -5.68 -153.98 4.62
C VAL M 71 -6.09 -154.55 3.26
N THR M 72 -5.78 -155.85 3.11
CA THR M 72 -6.02 -156.57 1.87
C THR M 72 -7.45 -157.10 1.77
N ASN M 73 -8.16 -157.31 2.87
CA ASN M 73 -9.49 -157.86 2.81
C ASN M 73 -10.15 -157.40 4.10
N TRP M 74 -11.46 -157.17 4.08
CA TRP M 74 -12.13 -156.73 5.28
C TRP M 74 -12.84 -157.82 6.06
N ASP M 75 -13.30 -158.87 5.39
CA ASP M 75 -14.03 -159.94 6.06
C ASP M 75 -13.14 -160.68 7.04
N ASP M 76 -11.99 -161.14 6.55
CA ASP M 76 -11.01 -161.78 7.42
C ASP M 76 -10.64 -160.86 8.59
N MET M 77 -10.34 -159.60 8.28
CA MET M 77 -9.96 -158.55 9.23
C MET M 77 -10.97 -158.24 10.35
N GLU M 78 -12.26 -158.21 9.98
CA GLU M 78 -13.35 -158.07 10.94
C GLU M 78 -13.27 -159.15 12.03
N LYS M 79 -13.00 -160.37 11.54
CA LYS M 79 -12.77 -161.48 12.43
C LYS M 79 -11.45 -161.40 13.20
N ILE M 80 -10.44 -160.66 12.74
CA ILE M 80 -9.32 -160.35 13.63
C ILE M 80 -9.85 -159.56 14.82
N TRP M 81 -10.66 -158.50 14.65
CA TRP M 81 -11.17 -157.78 15.80
C TRP M 81 -12.08 -158.62 16.67
N HIS M 82 -12.97 -159.41 16.05
CA HIS M 82 -13.87 -160.30 16.77
C HIS M 82 -13.13 -161.31 17.63
N HIS M 83 -12.07 -161.91 17.09
CA HIS M 83 -11.13 -162.73 17.87
C HIS M 83 -10.58 -161.91 19.03
N THR M 84 -9.97 -160.75 18.75
CA THR M 84 -9.48 -159.81 19.75
C THR M 84 -10.44 -159.57 20.91
N PHE M 85 -11.71 -159.35 20.59
CA PHE M 85 -12.70 -159.11 21.61
C PHE M 85 -13.07 -160.43 22.26
N TYR M 86 -13.87 -161.27 21.64
CA TYR M 86 -14.53 -162.38 22.34
C TYR M 86 -13.68 -163.65 22.43
N ASN M 87 -12.38 -163.56 22.13
CA ASN M 87 -11.45 -164.67 22.32
C ASN M 87 -10.21 -164.20 23.05
N GLU M 88 -9.47 -163.23 22.47
CA GLU M 88 -8.23 -162.75 23.05
C GLU M 88 -8.41 -162.01 24.36
N LEU M 89 -9.00 -160.82 24.37
CA LEU M 89 -9.23 -160.08 25.59
C LEU M 89 -10.53 -160.48 26.29
N ARG M 90 -11.29 -161.35 25.62
CA ARG M 90 -12.58 -161.89 26.07
C ARG M 90 -13.65 -160.82 26.27
N VAL M 91 -13.47 -159.68 25.61
CA VAL M 91 -14.33 -158.51 25.77
C VAL M 91 -15.38 -158.32 24.69
N ALA M 92 -16.29 -157.43 25.08
CA ALA M 92 -17.39 -156.96 24.25
C ALA M 92 -17.20 -155.45 24.09
N PRO M 93 -16.85 -154.95 22.90
CA PRO M 93 -16.53 -153.55 22.63
C PRO M 93 -17.60 -152.47 22.80
N GLU M 94 -18.86 -152.84 23.01
CA GLU M 94 -19.98 -151.92 23.24
C GLU M 94 -19.87 -151.22 24.59
N GLU M 95 -19.13 -151.91 25.45
CA GLU M 95 -18.69 -151.34 26.71
C GLU M 95 -17.31 -150.72 26.50
N HIS M 96 -16.43 -151.38 25.74
CA HIS M 96 -15.03 -150.99 25.69
C HIS M 96 -14.66 -150.23 24.43
N PRO M 97 -14.43 -148.91 24.50
CA PRO M 97 -13.95 -148.08 23.40
C PRO M 97 -12.60 -148.52 22.85
N VAL M 98 -12.25 -148.31 21.59
CA VAL M 98 -11.02 -148.86 21.03
C VAL M 98 -10.12 -147.77 20.48
N LEU M 99 -8.82 -148.04 20.44
CA LEU M 99 -7.87 -147.21 19.74
C LEU M 99 -7.19 -148.14 18.75
N LEU M 100 -7.08 -147.60 17.54
CA LEU M 100 -6.58 -148.36 16.42
C LEU M 100 -5.50 -147.57 15.74
N THR M 101 -4.62 -148.29 15.08
CA THR M 101 -3.42 -147.72 14.56
C THR M 101 -3.19 -148.32 13.17
N GLU M 102 -2.94 -147.43 12.22
CA GLU M 102 -2.88 -147.80 10.81
C GLU M 102 -1.52 -147.49 10.22
N ALA M 103 -1.33 -147.61 8.91
CA ALA M 103 -0.09 -147.17 8.30
C ALA M 103 0.00 -145.66 8.09
N PRO M 104 1.20 -145.09 8.02
CA PRO M 104 1.40 -143.74 7.53
C PRO M 104 1.02 -143.67 6.05
N LEU M 105 -0.17 -143.08 5.83
CA LEU M 105 -0.82 -143.06 4.52
C LEU M 105 -1.39 -144.43 4.17
N ASN M 106 -1.98 -145.03 5.22
CA ASN M 106 -2.96 -146.08 5.05
C ASN M 106 -4.08 -145.47 4.22
N PRO M 107 -4.45 -146.13 3.11
CA PRO M 107 -5.40 -145.64 2.13
C PRO M 107 -6.74 -145.23 2.70
N LYS M 108 -7.12 -144.00 2.40
CA LYS M 108 -8.41 -143.38 2.74
C LYS M 108 -9.57 -144.30 3.11
N ALA M 109 -10.18 -145.01 2.14
CA ALA M 109 -11.28 -145.94 2.41
C ALA M 109 -11.08 -147.05 3.42
N ASN M 110 -9.84 -147.30 3.80
CA ASN M 110 -9.51 -148.39 4.69
C ASN M 110 -9.70 -147.93 6.12
N ARG M 111 -9.44 -146.63 6.31
CA ARG M 111 -9.59 -145.94 7.59
C ARG M 111 -11.07 -145.93 7.98
N GLU M 112 -11.86 -145.49 7.00
CA GLU M 112 -13.28 -145.32 7.22
C GLU M 112 -13.95 -146.66 7.37
N LYS M 113 -13.65 -147.59 6.45
CA LYS M 113 -14.29 -148.90 6.47
C LYS M 113 -14.06 -149.58 7.81
N MET M 114 -12.82 -149.49 8.30
CA MET M 114 -12.42 -149.89 9.65
C MET M 114 -13.40 -149.44 10.72
N THR M 115 -13.79 -148.17 10.61
CA THR M 115 -14.54 -147.52 11.66
C THR M 115 -15.99 -147.99 11.63
N GLN M 116 -16.56 -148.07 10.40
CA GLN M 116 -17.88 -148.64 10.14
C GLN M 116 -18.05 -149.97 10.87
N ILE M 117 -17.10 -150.89 10.59
CA ILE M 117 -17.11 -152.21 11.19
C ILE M 117 -17.11 -152.12 12.71
N MET M 118 -16.22 -151.28 13.25
CA MET M 118 -16.22 -151.01 14.68
C MET M 118 -17.48 -150.30 15.18
N PHE M 119 -18.19 -149.48 14.39
CA PHE M 119 -19.29 -148.71 14.97
C PHE M 119 -20.70 -149.25 14.84
N GLU M 120 -20.92 -150.07 13.84
CA GLU M 120 -22.21 -150.72 13.67
C GLU M 120 -22.09 -152.21 13.91
N THR M 121 -21.11 -152.91 13.32
CA THR M 121 -20.91 -154.31 13.65
C THR M 121 -20.41 -154.51 15.09
N PHE M 122 -19.34 -153.86 15.59
CA PHE M 122 -18.84 -154.08 16.94
C PHE M 122 -19.21 -153.02 17.98
N ASN M 123 -20.22 -152.23 17.63
CA ASN M 123 -20.63 -150.99 18.29
C ASN M 123 -19.74 -150.42 19.39
N THR M 124 -18.60 -149.83 19.08
CA THR M 124 -17.81 -149.19 20.12
C THR M 124 -18.50 -147.93 20.67
N PRO M 125 -18.36 -147.57 21.96
CA PRO M 125 -18.80 -146.29 22.49
C PRO M 125 -17.93 -145.24 21.85
N ALA M 126 -16.63 -145.53 21.72
CA ALA M 126 -15.70 -144.61 21.12
C ALA M 126 -14.49 -145.35 20.57
N MET M 127 -13.84 -144.58 19.71
CA MET M 127 -12.64 -145.03 19.07
C MET M 127 -11.74 -143.89 18.65
N TYR M 128 -10.44 -144.03 18.82
CA TYR M 128 -9.53 -143.06 18.22
C TYR M 128 -8.70 -143.88 17.26
N VAL M 129 -8.73 -143.63 15.95
CA VAL M 129 -7.81 -144.26 15.03
C VAL M 129 -6.65 -143.27 14.84
N ALA M 130 -5.43 -143.74 14.59
CA ALA M 130 -4.38 -142.86 14.11
C ALA M 130 -3.27 -143.64 13.42
N ILE M 131 -2.31 -142.95 12.83
CA ILE M 131 -1.14 -143.56 12.20
C ILE M 131 -0.17 -144.19 13.20
N GLN M 132 0.17 -145.47 12.99
CA GLN M 132 1.17 -146.23 13.76
C GLN M 132 2.42 -145.44 14.16
N ALA M 133 2.91 -144.62 13.23
CA ALA M 133 4.08 -143.81 13.50
C ALA M 133 3.87 -142.65 14.47
N VAL M 134 2.68 -141.99 14.42
CA VAL M 134 2.44 -140.82 15.26
C VAL M 134 2.53 -141.23 16.72
N LEU M 135 1.82 -142.32 17.02
CA LEU M 135 1.87 -142.99 18.32
C LEU M 135 3.30 -143.35 18.73
N SER M 136 4.06 -143.99 17.85
CA SER M 136 5.49 -144.21 18.04
C SER M 136 6.32 -142.96 18.28
N LEU M 137 5.97 -141.76 17.80
CA LEU M 137 6.64 -140.55 18.23
C LEU M 137 6.27 -140.18 19.67
N TYR M 138 5.05 -140.53 20.08
CA TYR M 138 4.58 -140.29 21.45
C TYR M 138 5.22 -141.27 22.40
N ALA M 139 5.37 -142.55 22.00
CA ALA M 139 6.23 -143.50 22.68
C ALA M 139 7.64 -142.94 22.79
N SER M 140 8.20 -142.39 21.71
CA SER M 140 9.53 -141.80 21.79
C SER M 140 9.67 -140.53 22.64
N GLY M 141 8.58 -140.08 23.24
CA GLY M 141 8.57 -138.94 24.15
C GLY M 141 8.56 -137.60 23.42
N ARG M 142 8.10 -137.60 22.17
CA ARG M 142 8.13 -136.40 21.34
C ARG M 142 6.74 -136.03 20.87
N THR M 143 6.67 -134.85 20.25
CA THR M 143 5.45 -134.36 19.62
C THR M 143 5.75 -133.96 18.19
N THR M 144 6.67 -133.01 17.95
CA THR M 144 7.27 -132.82 16.64
C THR M 144 8.42 -133.82 16.40
N GLY M 145 8.77 -134.10 15.13
CA GLY M 145 9.89 -134.98 14.80
C GLY M 145 9.67 -135.72 13.49
N ILE M 146 10.58 -136.58 13.04
CA ILE M 146 10.32 -137.49 11.94
C ILE M 146 10.73 -138.89 12.36
N VAL M 147 9.80 -139.80 12.08
CA VAL M 147 9.93 -141.23 12.29
C VAL M 147 10.24 -141.95 10.97
N MET M 148 11.25 -142.82 11.02
CA MET M 148 11.65 -143.66 9.91
C MET M 148 11.33 -145.08 10.37
N ASP M 149 10.13 -145.58 10.08
CA ASP M 149 9.76 -146.92 10.49
C ASP M 149 10.14 -147.91 9.40
N SER M 150 10.61 -149.10 9.84
CA SER M 150 10.76 -150.26 8.97
C SER M 150 10.29 -151.54 9.68
N GLY M 151 9.01 -151.87 9.64
CA GLY M 151 8.54 -153.26 9.80
C GLY M 151 9.03 -154.27 8.75
N ASP M 152 8.19 -155.28 8.51
CA ASP M 152 8.56 -156.44 7.69
C ASP M 152 8.46 -156.17 6.18
N GLY M 153 7.52 -155.26 5.89
CA GLY M 153 7.08 -155.00 4.54
C GLY M 153 7.55 -153.69 3.92
N VAL M 154 7.46 -152.55 4.62
CA VAL M 154 7.82 -151.29 3.98
C VAL M 154 8.30 -150.31 5.01
N THR M 155 9.12 -149.34 4.58
CA THR M 155 9.42 -148.20 5.43
C THR M 155 8.27 -147.19 5.40
N HIS M 156 8.40 -146.15 6.23
CA HIS M 156 7.57 -144.98 6.22
C HIS M 156 8.37 -143.88 6.90
N THR M 157 8.43 -142.64 6.42
CA THR M 157 9.15 -141.56 7.08
C THR M 157 8.13 -140.45 7.22
N VAL M 158 7.72 -140.15 8.46
CA VAL M 158 6.50 -139.42 8.76
C VAL M 158 6.85 -138.13 9.47
N PRO M 159 6.91 -136.96 8.81
CA PRO M 159 7.15 -135.67 9.46
C PRO M 159 5.96 -135.28 10.32
N ILE M 160 6.13 -135.51 11.61
CA ILE M 160 5.11 -135.17 12.56
C ILE M 160 5.38 -133.78 13.12
N TYR M 161 4.40 -132.90 12.91
CA TYR M 161 4.38 -131.60 13.54
C TYR M 161 3.33 -131.49 14.64
N GLU M 162 3.90 -131.39 15.84
CA GLU M 162 3.19 -131.22 17.10
C GLU M 162 2.15 -132.31 17.39
N GLY M 163 2.44 -133.58 17.09
CA GLY M 163 1.46 -134.65 17.23
C GLY M 163 0.56 -134.83 16.02
N TYR M 164 0.94 -134.19 14.89
CA TYR M 164 0.21 -134.32 13.64
C TYR M 164 1.12 -134.71 12.49
N ALA M 165 0.73 -135.76 11.76
CA ALA M 165 1.46 -136.17 10.57
C ALA M 165 1.13 -135.34 9.33
N LEU M 166 2.16 -134.92 8.58
CA LEU M 166 2.01 -134.25 7.28
C LEU M 166 2.19 -135.08 5.99
N PRO M 167 1.09 -135.61 5.42
CA PRO M 167 1.07 -136.60 4.33
C PRO M 167 1.83 -136.35 3.04
N HIS M 168 1.99 -135.07 2.69
CA HIS M 168 2.73 -134.68 1.50
C HIS M 168 4.24 -134.90 1.64
N ALA M 169 4.79 -134.97 2.86
CA ALA M 169 6.18 -135.35 2.99
C ALA M 169 6.40 -136.83 3.30
N ILE M 170 5.47 -137.45 4.05
CA ILE M 170 5.54 -138.86 4.45
C ILE M 170 5.81 -139.80 3.29
N LEU M 171 7.05 -140.29 3.18
CA LEU M 171 7.38 -141.31 2.19
C LEU M 171 7.44 -142.71 2.77
N ARG M 172 7.39 -143.65 1.84
CA ARG M 172 7.17 -145.07 2.10
C ARG M 172 8.09 -145.78 1.11
N LEU M 173 9.06 -146.61 1.52
CA LEU M 173 10.01 -147.18 0.57
C LEU M 173 10.05 -148.69 0.75
N ASP M 174 9.95 -149.48 -0.33
CA ASP M 174 9.81 -150.94 -0.24
C ASP M 174 11.14 -151.59 0.07
N LEU M 175 11.61 -151.41 1.30
CA LEU M 175 12.85 -152.00 1.77
C LEU M 175 12.54 -152.24 3.22
N ALA M 176 12.44 -153.53 3.58
CA ALA M 176 12.18 -153.91 4.94
C ALA M 176 12.50 -155.37 5.28
N GLY M 177 11.87 -155.91 6.34
CA GLY M 177 12.16 -157.19 6.95
C GLY M 177 12.35 -158.35 5.99
N ARG M 178 11.40 -158.57 5.08
CA ARG M 178 11.53 -159.61 4.06
C ARG M 178 12.81 -159.40 3.28
N ASP M 179 12.96 -158.18 2.74
CA ASP M 179 13.93 -157.86 1.70
C ASP M 179 15.35 -158.00 2.21
N LEU M 180 15.55 -157.68 3.50
CA LEU M 180 16.82 -157.98 4.13
C LEU M 180 17.18 -159.47 4.18
N THR M 181 16.22 -160.30 4.59
CA THR M 181 16.43 -161.71 4.90
C THR M 181 16.59 -162.53 3.63
N ASP M 182 15.78 -162.24 2.61
CA ASP M 182 15.82 -162.92 1.32
C ASP M 182 17.18 -162.73 0.63
N TYR M 183 17.74 -161.53 0.79
CA TYR M 183 19.13 -161.29 0.43
C TYR M 183 20.05 -162.18 1.28
N LEU M 184 19.92 -162.11 2.62
CA LEU M 184 20.78 -162.84 3.55
C LEU M 184 20.82 -164.34 3.29
N MET M 185 19.71 -164.93 2.84
CA MET M 185 19.69 -166.31 2.38
C MET M 185 20.59 -166.51 1.15
N LYS M 186 20.46 -165.61 0.16
CA LYS M 186 21.15 -165.73 -1.12
C LYS M 186 22.67 -165.60 -0.93
N ILE M 187 23.03 -164.90 0.14
CA ILE M 187 24.39 -164.62 0.58
C ILE M 187 24.99 -165.64 1.54
N LEU M 188 24.20 -166.51 2.19
CA LEU M 188 24.76 -167.62 2.95
C LEU M 188 25.22 -168.70 1.99
N THR M 189 24.35 -168.91 0.98
CA THR M 189 24.59 -169.91 -0.05
C THR M 189 25.96 -169.81 -0.76
N GLU M 190 26.78 -168.76 -0.74
CA GLU M 190 28.12 -168.78 -1.35
C GLU M 190 29.10 -169.82 -0.77
N ARG M 191 28.84 -170.13 0.49
CA ARG M 191 29.57 -171.17 1.18
C ARG M 191 28.80 -172.48 1.11
N GLY M 192 27.74 -172.53 0.27
CA GLY M 192 26.91 -173.70 0.12
C GLY M 192 26.05 -173.98 1.34
N TYR M 193 25.76 -172.97 2.16
CA TYR M 193 24.94 -173.18 3.36
C TYR M 193 23.53 -173.69 3.11
N SER M 194 22.90 -173.10 2.09
CA SER M 194 21.74 -173.66 1.41
C SER M 194 20.54 -174.17 2.22
N PHE M 195 20.03 -173.30 3.09
CA PHE M 195 18.84 -173.62 3.87
C PHE M 195 17.53 -173.55 3.09
N THR M 196 17.61 -172.85 1.95
CA THR M 196 16.61 -172.67 0.91
C THR M 196 15.13 -172.72 1.25
N THR M 197 14.60 -173.93 1.46
CA THR M 197 13.15 -174.16 1.44
C THR M 197 12.86 -175.48 2.17
N THR M 198 13.63 -175.69 3.24
CA THR M 198 13.45 -176.79 4.15
C THR M 198 12.32 -176.47 5.12
N ALA M 199 12.53 -175.34 5.79
CA ALA M 199 11.76 -174.80 6.91
C ALA M 199 12.57 -173.65 7.51
N GLU M 200 13.89 -173.75 7.36
CA GLU M 200 14.86 -172.81 7.90
C GLU M 200 14.88 -171.38 7.32
N ARG M 201 13.74 -170.78 6.92
CA ARG M 201 13.75 -169.36 6.55
C ARG M 201 13.81 -168.57 7.85
N GLU M 202 12.93 -168.92 8.78
CA GLU M 202 12.98 -168.45 10.15
C GLU M 202 14.31 -168.55 10.88
N ILE M 203 15.17 -169.48 10.44
CA ILE M 203 16.56 -169.56 10.88
C ILE M 203 17.44 -168.52 10.19
N VAL M 204 17.31 -168.28 8.88
CA VAL M 204 17.95 -167.11 8.26
C VAL M 204 17.49 -165.78 8.90
N ARG M 205 16.23 -165.74 9.37
CA ARG M 205 15.68 -164.69 10.23
C ARG M 205 16.31 -164.68 11.62
N ASP M 206 16.48 -165.84 12.26
CA ASP M 206 17.16 -165.91 13.55
C ASP M 206 18.58 -165.38 13.48
N ILE M 207 19.28 -165.67 12.37
CA ILE M 207 20.61 -165.13 12.12
C ILE M 207 20.51 -163.60 12.10
N LYS M 208 19.72 -163.06 11.18
CA LYS M 208 19.39 -161.63 11.06
C LYS M 208 19.37 -160.83 12.36
N GLU M 209 18.54 -161.28 13.31
CA GLU M 209 18.37 -160.58 14.58
C GLU M 209 19.61 -160.78 15.44
N LYS M 210 19.98 -162.05 15.64
CA LYS M 210 20.97 -162.45 16.61
C LYS M 210 22.42 -162.19 16.23
N LEU M 211 22.76 -162.00 14.93
CA LEU M 211 24.15 -161.89 14.47
C LEU M 211 24.50 -160.75 13.50
N CYS M 212 23.54 -160.00 12.96
CA CYS M 212 23.79 -158.94 12.00
C CYS M 212 23.90 -157.56 12.64
N TYR M 213 24.41 -156.54 11.92
CA TYR M 213 24.58 -155.18 12.43
C TYR M 213 24.73 -154.24 11.25
N VAL M 214 25.13 -152.97 11.36
CA VAL M 214 25.34 -152.12 10.19
C VAL M 214 26.75 -151.57 10.29
N ALA M 215 27.55 -151.81 9.25
CA ALA M 215 28.89 -151.25 9.10
C ALA M 215 28.90 -149.74 9.33
N LEU M 216 29.93 -149.18 9.99
CA LEU M 216 29.94 -147.76 10.30
C LEU M 216 30.39 -146.94 9.10
N ASP M 217 31.62 -147.23 8.64
CA ASP M 217 32.00 -146.98 7.27
C ASP M 217 32.04 -148.36 6.64
N PHE M 218 31.80 -148.45 5.32
CA PHE M 218 31.70 -149.73 4.63
C PHE M 218 33.04 -150.28 4.16
N GLU M 219 33.89 -149.45 3.55
CA GLU M 219 35.09 -150.00 2.92
C GLU M 219 36.11 -150.39 3.97
N GLN M 220 36.19 -149.61 5.05
CA GLN M 220 37.06 -150.02 6.13
C GLN M 220 36.58 -151.14 7.03
N GLU M 221 35.26 -151.37 7.03
CA GLU M 221 34.71 -152.59 7.61
C GLU M 221 34.98 -153.78 6.71
N MET M 222 35.06 -153.55 5.40
CA MET M 222 35.41 -154.61 4.47
C MET M 222 36.81 -155.14 4.78
N ALA M 223 37.83 -154.27 4.79
CA ALA M 223 39.19 -154.66 5.13
C ALA M 223 39.34 -155.23 6.54
N THR M 224 38.61 -154.66 7.50
CA THR M 224 38.58 -155.20 8.84
C THR M 224 38.04 -156.63 8.90
N ALA M 225 36.96 -156.99 8.19
CA ALA M 225 36.51 -158.38 8.08
C ALA M 225 37.54 -159.30 7.42
N ALA M 226 38.15 -158.75 6.37
CA ALA M 226 39.29 -159.38 5.70
C ALA M 226 40.58 -159.43 6.52
N SER M 227 40.55 -159.02 7.80
CA SER M 227 41.60 -159.40 8.75
C SER M 227 41.07 -160.35 9.83
N SER M 228 39.85 -160.81 9.63
CA SER M 228 39.38 -162.14 10.00
C SER M 228 39.16 -162.60 11.45
N SER M 229 37.97 -163.19 11.55
CA SER M 229 37.55 -164.07 12.64
C SER M 229 37.41 -163.53 14.06
N SER M 230 37.32 -162.21 14.22
CA SER M 230 36.63 -161.65 15.38
C SER M 230 35.27 -161.09 14.94
N LEU M 231 35.15 -160.82 13.64
CA LEU M 231 33.95 -160.27 13.07
C LEU M 231 33.01 -161.43 12.78
N GLU M 232 33.51 -162.59 12.33
CA GLU M 232 32.70 -163.79 12.16
C GLU M 232 32.07 -164.28 13.46
N LYS M 233 30.83 -164.72 13.36
CA LYS M 233 30.27 -165.40 14.50
C LYS M 233 29.72 -166.74 14.08
N SER M 234 30.16 -167.77 14.78
CA SER M 234 29.70 -169.13 14.54
C SER M 234 28.23 -169.33 14.93
N TYR M 235 27.55 -170.35 14.36
CA TYR M 235 26.13 -170.53 14.62
C TYR M 235 25.69 -171.99 14.65
N GLU M 236 25.19 -172.46 15.79
CA GLU M 236 24.62 -173.80 15.84
C GLU M 236 23.17 -173.73 15.36
N LEU M 237 22.79 -174.69 14.52
CA LEU M 237 21.44 -174.73 14.00
C LEU M 237 20.52 -175.42 15.01
N PRO M 238 19.18 -175.43 14.89
CA PRO M 238 18.30 -176.19 15.78
C PRO M 238 18.59 -177.69 15.75
N ASP M 239 18.88 -178.16 14.54
CA ASP M 239 19.56 -179.42 14.32
C ASP M 239 20.50 -179.05 13.17
N GLY M 240 21.79 -179.17 13.39
CA GLY M 240 22.76 -179.04 12.31
C GLY M 240 24.06 -178.42 12.77
N GLN M 241 25.05 -178.62 11.87
CA GLN M 241 26.42 -178.19 12.04
C GLN M 241 26.59 -176.70 12.33
N VAL M 242 27.60 -176.38 13.13
CA VAL M 242 27.98 -175.01 13.38
C VAL M 242 28.48 -174.40 12.07
N ILE M 243 27.81 -173.32 11.66
CA ILE M 243 28.26 -172.57 10.50
C ILE M 243 29.11 -171.36 10.92
N THR M 244 29.64 -170.58 9.98
CA THR M 244 30.35 -169.36 10.33
C THR M 244 29.94 -168.35 9.27
N ILE M 245 29.51 -167.18 9.73
CA ILE M 245 29.12 -166.10 8.85
C ILE M 245 29.86 -164.86 9.30
N GLY M 246 30.51 -164.26 8.32
CA GLY M 246 31.37 -163.13 8.59
C GLY M 246 30.94 -161.87 7.86
N ASN M 247 31.30 -161.84 6.57
CA ASN M 247 31.26 -160.64 5.75
C ASN M 247 29.82 -160.13 5.63
N GLU M 248 28.92 -161.13 5.66
CA GLU M 248 27.48 -161.03 5.70
C GLU M 248 26.94 -159.95 6.63
N ARG M 249 27.40 -159.97 7.89
CA ARG M 249 26.69 -159.37 9.01
C ARG M 249 26.42 -157.86 8.90
N PHE M 250 27.30 -157.17 8.16
CA PHE M 250 27.12 -155.78 7.80
C PHE M 250 26.62 -155.63 6.36
N ARG M 251 27.12 -156.48 5.45
CA ARG M 251 26.74 -156.47 4.03
C ARG M 251 25.24 -156.42 3.74
N CYS M 252 24.48 -157.30 4.41
CA CYS M 252 23.04 -157.16 4.35
C CYS M 252 22.44 -155.90 4.96
N PRO M 253 22.63 -155.35 6.17
CA PRO M 253 21.96 -154.12 6.59
C PRO M 253 22.39 -152.85 5.87
N GLU M 254 23.64 -152.84 5.37
CA GLU M 254 24.17 -151.78 4.50
C GLU M 254 23.22 -151.48 3.34
N ALA M 255 22.69 -152.61 2.86
CA ALA M 255 21.72 -152.64 1.78
C ALA M 255 20.39 -151.98 2.07
N LEU M 256 20.10 -151.40 3.25
CA LEU M 256 19.03 -150.40 3.42
C LEU M 256 19.41 -149.03 2.85
N PHE M 257 20.70 -148.74 3.00
CA PHE M 257 21.31 -147.51 2.51
C PHE M 257 21.75 -147.69 1.07
N GLN M 258 22.03 -148.95 0.71
CA GLN M 258 22.43 -149.38 -0.64
C GLN M 258 21.45 -150.31 -1.36
N PRO M 259 20.66 -149.81 -2.30
CA PRO M 259 19.85 -150.67 -3.16
C PRO M 259 20.56 -151.51 -4.22
N SER M 260 21.78 -151.19 -4.66
CA SER M 260 22.51 -151.93 -5.68
C SER M 260 22.74 -153.40 -5.39
N PHE M 261 22.90 -153.76 -4.11
CA PHE M 261 23.08 -155.15 -3.69
C PHE M 261 21.85 -156.01 -3.92
N LEU M 262 20.69 -155.44 -3.58
CA LEU M 262 19.40 -156.07 -3.79
C LEU M 262 19.08 -156.04 -5.28
N GLY M 263 19.65 -155.06 -5.98
CA GLY M 263 19.53 -154.90 -7.40
C GLY M 263 18.31 -154.04 -7.67
N MET M 264 18.14 -152.96 -6.90
CA MET M 264 16.93 -152.17 -7.01
C MET M 264 17.08 -150.67 -7.17
N GLU M 265 16.00 -150.20 -7.80
CA GLU M 265 15.93 -148.80 -8.13
C GLU M 265 15.45 -147.96 -6.95
N SER M 266 16.26 -147.78 -5.90
CA SER M 266 15.79 -147.08 -4.72
C SER M 266 16.81 -146.18 -4.05
N CYS M 267 16.22 -145.33 -3.23
CA CYS M 267 16.98 -144.36 -2.47
C CYS M 267 17.41 -145.06 -1.18
N GLY M 268 18.26 -144.43 -0.39
CA GLY M 268 18.81 -145.13 0.77
C GLY M 268 18.05 -144.65 2.00
N ILE M 269 17.91 -145.49 3.01
CA ILE M 269 17.23 -145.10 4.25
C ILE M 269 17.56 -143.71 4.81
N HIS M 270 18.83 -143.27 4.73
CA HIS M 270 19.21 -141.87 4.86
C HIS M 270 18.56 -140.87 3.89
N GLU M 271 18.57 -141.07 2.56
CA GLU M 271 18.12 -140.05 1.61
C GLU M 271 16.63 -139.84 1.43
N THR M 272 15.85 -140.92 1.43
CA THR M 272 14.38 -140.85 1.44
C THR M 272 13.84 -140.01 2.59
N THR M 273 14.58 -140.04 3.70
CA THR M 273 14.30 -139.25 4.89
C THR M 273 14.57 -137.78 4.64
N PHE M 274 15.68 -137.51 3.93
CA PHE M 274 16.00 -136.16 3.51
C PHE M 274 14.87 -135.65 2.62
N ASN M 275 14.53 -136.40 1.57
CA ASN M 275 13.50 -135.98 0.63
C ASN M 275 12.10 -135.95 1.25
N SER M 276 11.84 -136.70 2.33
CA SER M 276 10.64 -136.51 3.12
C SER M 276 10.69 -135.16 3.82
N ILE M 277 11.77 -134.84 4.56
CA ILE M 277 11.86 -133.59 5.33
C ILE M 277 11.73 -132.32 4.47
N MET M 278 12.41 -132.25 3.31
CA MET M 278 12.38 -131.08 2.43
C MET M 278 10.99 -130.67 1.94
N LYS M 279 10.17 -131.70 1.69
CA LYS M 279 8.76 -131.49 1.40
C LYS M 279 7.94 -130.95 2.57
N CYS M 280 8.51 -130.94 3.78
CA CYS M 280 7.94 -130.23 4.89
C CYS M 280 8.43 -128.80 5.08
N ASP M 281 7.59 -128.11 5.85
CA ASP M 281 7.69 -126.70 6.16
C ASP M 281 9.08 -126.37 6.64
N VAL M 282 9.62 -125.40 5.91
CA VAL M 282 10.98 -124.89 6.11
C VAL M 282 11.38 -124.65 7.56
N ASP M 283 10.41 -124.24 8.37
CA ASP M 283 10.64 -123.92 9.77
C ASP M 283 10.66 -125.17 10.59
N ILE M 284 9.64 -126.02 10.42
CA ILE M 284 9.46 -127.16 11.32
C ILE M 284 10.62 -128.14 11.22
N ARG M 285 11.17 -128.18 9.98
CA ARG M 285 12.36 -128.94 9.61
C ARG M 285 13.49 -128.98 10.62
N LYS M 286 13.79 -127.88 11.34
CA LYS M 286 14.96 -127.83 12.20
C LYS M 286 14.99 -128.94 13.26
N ASP M 287 13.81 -129.18 13.82
CA ASP M 287 13.59 -130.24 14.79
C ASP M 287 12.90 -131.49 14.27
N LEU M 288 12.77 -131.59 12.95
CA LEU M 288 12.53 -132.88 12.32
C LEU M 288 13.91 -133.52 12.20
N TYR M 289 14.89 -132.77 11.69
CA TYR M 289 16.29 -133.20 11.72
C TYR M 289 16.76 -133.57 13.11
N ALA M 290 16.66 -132.61 14.03
CA ALA M 290 17.09 -132.79 15.40
C ALA M 290 16.30 -133.80 16.23
N ASN M 291 15.25 -134.41 15.67
CA ASN M 291 14.53 -135.50 16.31
C ASN M 291 14.08 -136.58 15.32
N THR M 292 14.98 -137.08 14.49
CA THR M 292 14.74 -138.35 13.79
C THR M 292 14.73 -139.47 14.80
N VAL M 293 13.64 -140.22 14.76
CA VAL M 293 13.40 -141.38 15.58
C VAL M 293 13.40 -142.61 14.68
N LEU M 294 13.85 -143.76 15.19
CA LEU M 294 13.69 -145.05 14.53
C LEU M 294 12.75 -145.99 15.28
N SER M 295 11.97 -146.80 14.57
CA SER M 295 10.90 -147.59 15.15
C SER M 295 10.65 -148.78 14.24
N GLY M 296 9.80 -149.76 14.55
CA GLY M 296 9.68 -150.94 13.72
C GLY M 296 10.85 -151.90 13.90
N GLY M 297 10.66 -153.17 13.53
CA GLY M 297 11.59 -154.24 13.88
C GLY M 297 12.88 -154.23 13.07
N THR M 298 12.79 -153.92 11.78
CA THR M 298 13.91 -154.01 10.83
C THR M 298 14.83 -152.79 10.91
N THR M 299 14.61 -151.90 11.87
CA THR M 299 15.64 -150.94 12.24
C THR M 299 16.68 -151.58 13.16
N MET M 300 16.35 -152.72 13.80
CA MET M 300 17.07 -153.20 14.99
C MET M 300 18.52 -153.67 14.86
N TYR M 301 19.07 -153.54 13.66
CA TYR M 301 20.39 -154.03 13.38
C TYR M 301 21.37 -153.10 14.10
N PRO M 302 22.22 -153.62 15.00
CA PRO M 302 23.16 -152.84 15.78
C PRO M 302 24.04 -151.93 14.92
N GLY M 303 24.44 -150.80 15.52
CA GLY M 303 25.27 -149.82 14.83
C GLY M 303 24.47 -148.77 14.07
N ILE M 304 23.16 -148.99 13.86
CA ILE M 304 22.38 -148.13 12.99
C ILE M 304 22.32 -146.66 13.41
N ALA M 305 22.34 -146.41 14.73
CA ALA M 305 22.18 -145.09 15.30
C ALA M 305 23.36 -144.16 15.03
N ASP M 306 24.58 -144.60 15.38
CA ASP M 306 25.79 -143.86 15.05
C ASP M 306 25.92 -143.75 13.55
N ARG M 307 25.66 -144.87 12.85
CA ARG M 307 25.58 -144.88 11.39
C ARG M 307 24.66 -143.80 10.82
N MET M 308 23.39 -143.72 11.22
CA MET M 308 22.38 -142.83 10.64
C MET M 308 22.56 -141.36 10.98
N GLN M 309 23.11 -141.02 12.16
CA GLN M 309 23.47 -139.65 12.52
C GLN M 309 24.50 -139.07 11.55
N LYS M 310 25.54 -139.86 11.31
CA LYS M 310 26.52 -139.58 10.27
C LYS M 310 25.87 -139.52 8.89
N GLU M 311 25.05 -140.53 8.58
CA GLU M 311 24.43 -140.65 7.25
C GLU M 311 23.51 -139.49 6.88
N ILE M 312 22.72 -138.96 7.80
CA ILE M 312 21.98 -137.73 7.53
C ILE M 312 22.91 -136.52 7.48
N THR M 313 24.02 -136.52 8.22
CA THR M 313 24.97 -135.42 8.19
C THR M 313 25.75 -135.39 6.87
N ALA M 314 25.79 -136.49 6.11
CA ALA M 314 26.29 -136.45 4.73
C ALA M 314 25.37 -135.66 3.80
N LEU M 315 24.08 -135.59 4.16
CA LEU M 315 23.05 -135.04 3.28
C LEU M 315 22.48 -133.68 3.68
N ALA M 316 22.41 -133.38 4.97
CA ALA M 316 21.76 -132.17 5.45
C ALA M 316 22.71 -131.00 5.65
N PRO M 317 22.28 -129.73 5.48
CA PRO M 317 23.09 -128.55 5.80
C PRO M 317 23.60 -128.54 7.24
N SER M 318 24.78 -127.95 7.42
CA SER M 318 25.45 -127.90 8.71
C SER M 318 24.76 -127.08 9.79
N THR M 319 23.80 -126.22 9.47
CA THR M 319 23.19 -125.40 10.49
C THR M 319 22.07 -126.03 11.32
N MET M 320 21.96 -127.36 11.40
CA MET M 320 20.89 -127.99 12.17
C MET M 320 21.33 -129.22 12.94
N LYS M 321 21.08 -129.26 14.24
CA LYS M 321 21.66 -130.27 15.11
C LYS M 321 21.12 -131.68 15.00
N ILE M 322 21.65 -132.44 14.03
CA ILE M 322 21.28 -133.84 13.77
C ILE M 322 21.40 -134.72 15.02
N LYS M 323 20.39 -135.52 15.36
CA LYS M 323 20.38 -136.27 16.61
C LYS M 323 19.43 -137.48 16.55
N ILE M 324 19.88 -138.63 16.04
CA ILE M 324 18.98 -139.76 15.83
C ILE M 324 18.66 -140.51 17.12
N ILE M 325 17.42 -140.36 17.57
CA ILE M 325 16.90 -141.13 18.69
C ILE M 325 16.42 -142.45 18.13
N ALA M 326 16.95 -143.55 18.65
CA ALA M 326 16.37 -144.87 18.40
C ALA M 326 16.09 -145.53 19.73
N PRO M 327 14.84 -145.81 20.13
CA PRO M 327 14.49 -146.48 21.37
C PRO M 327 14.91 -147.95 21.42
N PRO M 328 15.29 -148.50 22.58
CA PRO M 328 15.59 -149.93 22.73
C PRO M 328 14.42 -150.84 22.40
N GLU M 329 13.19 -150.44 22.69
CA GLU M 329 12.05 -151.25 22.30
C GLU M 329 11.35 -150.66 21.07
N ARG M 330 11.85 -151.01 19.90
CA ARG M 330 11.24 -150.49 18.68
C ARG M 330 10.37 -151.47 17.90
N LYS M 331 9.95 -152.54 18.57
CA LYS M 331 8.84 -153.33 18.08
C LYS M 331 7.57 -152.82 18.76
N TYR M 332 7.57 -152.74 20.09
CA TYR M 332 6.34 -152.38 20.79
C TYR M 332 5.95 -150.92 20.81
N SER M 333 6.86 -150.04 20.34
CA SER M 333 6.61 -148.59 20.37
C SER M 333 5.25 -148.08 19.90
N VAL M 334 4.63 -148.67 18.87
CA VAL M 334 3.31 -148.30 18.39
C VAL M 334 2.16 -148.64 19.36
N TRP M 335 2.22 -149.77 20.06
CA TRP M 335 1.24 -150.02 21.12
C TRP M 335 1.57 -149.16 22.33
N ILE M 336 2.86 -148.90 22.61
CA ILE M 336 3.26 -148.08 23.76
C ILE M 336 2.72 -146.68 23.56
N GLY M 337 3.08 -146.03 22.45
CA GLY M 337 2.54 -144.73 22.09
C GLY M 337 1.01 -144.72 22.08
N GLY M 338 0.46 -145.83 21.55
CA GLY M 338 -0.96 -146.13 21.65
C GLY M 338 -1.50 -145.97 23.06
N SER M 339 -0.94 -146.75 24.00
CA SER M 339 -1.29 -146.74 25.40
C SER M 339 -1.05 -145.36 26.00
N ILE M 340 -0.05 -144.58 25.52
CA ILE M 340 0.17 -143.24 26.04
C ILE M 340 -1.05 -142.40 25.69
N LEU M 341 -1.39 -142.29 24.40
CA LEU M 341 -2.59 -141.61 23.97
C LEU M 341 -3.87 -142.13 24.64
N ALA M 342 -4.02 -143.45 24.74
CA ALA M 342 -5.15 -144.07 25.40
C ALA M 342 -5.20 -143.85 26.91
N SER M 343 -4.10 -143.50 27.55
CA SER M 343 -4.15 -143.07 28.94
C SER M 343 -4.32 -141.56 29.11
N LEU M 344 -4.64 -140.83 28.03
CA LEU M 344 -4.83 -139.37 28.10
C LEU M 344 -6.25 -138.86 27.82
N SER M 345 -6.97 -138.42 28.86
CA SER M 345 -8.36 -137.99 28.77
C SER M 345 -8.73 -136.83 27.85
N THR M 346 -7.73 -136.10 27.36
CA THR M 346 -7.97 -135.04 26.38
C THR M 346 -8.46 -135.62 25.06
N PHE M 347 -7.95 -136.82 24.74
CA PHE M 347 -8.37 -137.63 23.62
C PHE M 347 -9.68 -138.36 23.90
N GLN M 348 -10.12 -138.46 25.16
CA GLN M 348 -11.49 -138.84 25.47
C GLN M 348 -12.41 -137.72 25.00
N GLN M 349 -12.05 -136.46 25.25
CA GLN M 349 -12.83 -135.35 24.72
C GLN M 349 -12.35 -135.00 23.28
N MET M 350 -12.28 -136.00 22.38
CA MET M 350 -11.63 -135.83 21.07
C MET M 350 -11.71 -137.07 20.16
N TRP M 351 -11.78 -138.28 20.70
CA TRP M 351 -11.93 -139.47 19.87
C TRP M 351 -13.28 -139.62 19.18
N ILE M 352 -13.38 -140.48 18.15
CA ILE M 352 -14.65 -140.69 17.47
C ILE M 352 -15.65 -141.45 18.35
N SER M 353 -16.65 -140.71 18.83
CA SER M 353 -17.76 -141.24 19.60
C SER M 353 -18.80 -141.82 18.64
N LYS M 354 -19.50 -142.88 19.07
CA LYS M 354 -20.59 -143.51 18.32
C LYS M 354 -21.58 -142.48 17.78
N GLN M 355 -21.90 -141.49 18.63
CA GLN M 355 -22.86 -140.45 18.28
C GLN M 355 -22.37 -139.64 17.11
N GLU M 356 -21.05 -139.47 16.95
CA GLU M 356 -20.50 -138.71 15.84
C GLU M 356 -20.54 -139.54 14.57
N TYR M 357 -20.54 -140.88 14.67
CA TYR M 357 -20.88 -141.73 13.55
C TYR M 357 -22.39 -141.68 13.28
N ASP M 358 -23.24 -141.52 14.30
CA ASP M 358 -24.67 -141.34 14.09
C ASP M 358 -24.98 -140.00 13.43
N GLU M 359 -24.12 -139.00 13.66
CA GLU M 359 -24.19 -137.76 12.91
C GLU M 359 -23.52 -137.89 11.54
N SER M 360 -22.19 -138.02 11.48
CA SER M 360 -21.43 -137.93 10.23
C SER M 360 -21.36 -139.20 9.40
N GLY M 361 -21.57 -140.37 10.02
CA GLY M 361 -21.40 -141.63 9.32
C GLY M 361 -19.96 -141.91 8.88
N PRO M 362 -19.71 -142.80 7.90
CA PRO M 362 -18.37 -143.20 7.46
C PRO M 362 -17.31 -142.11 7.29
N SER M 363 -17.77 -140.96 6.78
CA SER M 363 -17.00 -139.73 6.67
C SER M 363 -16.22 -139.25 7.90
N ILE M 364 -16.53 -139.72 9.11
CA ILE M 364 -16.00 -139.16 10.33
C ILE M 364 -14.51 -139.44 10.59
N VAL M 365 -13.71 -140.03 9.69
CA VAL M 365 -12.38 -140.56 10.05
C VAL M 365 -11.22 -139.74 9.43
N THR N 1 28.49 -172.51 -34.59
CA THR N 1 27.18 -172.42 -33.98
C THR N 1 27.30 -172.84 -32.51
N ALA N 2 26.80 -171.97 -31.63
CA ALA N 2 26.91 -172.09 -30.17
C ALA N 2 25.72 -172.83 -29.58
N LEU N 3 25.66 -173.14 -28.29
CA LEU N 3 24.64 -174.03 -27.72
C LEU N 3 23.74 -173.25 -26.79
N VAL N 4 22.47 -173.62 -26.67
CA VAL N 4 21.54 -173.02 -25.73
C VAL N 4 20.79 -174.15 -25.05
N CYS N 5 20.65 -174.12 -23.73
CA CYS N 5 20.01 -175.16 -22.96
C CYS N 5 19.14 -174.60 -21.84
N ASP N 6 17.83 -174.63 -22.09
CA ASP N 6 16.82 -174.45 -21.07
C ASP N 6 16.48 -175.76 -20.33
N ASN N 7 17.19 -176.02 -19.25
CA ASN N 7 16.89 -177.16 -18.39
C ASN N 7 15.69 -176.86 -17.50
N GLY N 8 14.97 -177.89 -17.07
CA GLY N 8 13.90 -177.71 -16.10
C GLY N 8 13.86 -178.89 -15.17
N SER N 9 12.80 -178.85 -14.36
CA SER N 9 12.49 -179.86 -13.37
C SER N 9 12.24 -181.19 -14.08
N GLY N 10 11.22 -181.07 -14.94
CA GLY N 10 10.86 -182.10 -15.89
C GLY N 10 11.49 -181.86 -17.25
N LEU N 11 11.59 -180.66 -17.83
CA LEU N 11 12.10 -180.55 -19.19
C LEU N 11 13.34 -179.73 -19.48
N VAL N 12 14.32 -180.42 -20.07
CA VAL N 12 15.50 -179.85 -20.72
C VAL N 12 15.12 -179.44 -22.14
N LYS N 13 15.65 -178.33 -22.62
CA LYS N 13 15.47 -177.85 -23.99
C LYS N 13 16.87 -177.40 -24.39
N ALA N 14 17.38 -177.86 -25.53
CA ALA N 14 18.74 -177.54 -25.90
C ALA N 14 19.00 -177.52 -27.38
N GLY N 15 20.07 -176.89 -27.81
CA GLY N 15 20.53 -177.06 -29.16
C GLY N 15 21.59 -176.05 -29.45
N PHE N 16 21.48 -175.56 -30.68
CA PHE N 16 22.38 -174.55 -31.15
C PHE N 16 21.74 -173.18 -31.11
N ALA N 17 22.55 -172.17 -31.38
CA ALA N 17 22.08 -170.81 -31.46
C ALA N 17 21.35 -170.66 -32.79
N GLY N 18 20.30 -169.83 -32.79
CA GLY N 18 19.63 -169.44 -34.02
C GLY N 18 18.69 -170.47 -34.64
N ASP N 19 18.75 -171.75 -34.25
CA ASP N 19 17.75 -172.72 -34.67
C ASP N 19 16.42 -172.30 -34.09
N ASP N 20 15.41 -172.20 -34.94
CA ASP N 20 14.05 -171.84 -34.56
C ASP N 20 13.44 -172.72 -33.46
N ALA N 21 13.60 -174.03 -33.61
CA ALA N 21 13.07 -175.02 -32.69
C ALA N 21 14.25 -175.76 -32.08
N PRO N 22 14.23 -176.19 -30.81
CA PRO N 22 15.34 -176.87 -30.16
C PRO N 22 15.75 -178.26 -30.65
N ARG N 23 17.03 -178.57 -30.44
CA ARG N 23 17.59 -179.87 -30.79
C ARG N 23 17.37 -180.91 -29.70
N ALA N 24 17.84 -180.76 -28.47
CA ALA N 24 17.58 -181.74 -27.42
C ALA N 24 16.35 -181.29 -26.64
N VAL N 25 15.35 -182.12 -26.34
CA VAL N 25 14.16 -181.65 -25.64
C VAL N 25 13.57 -182.77 -24.78
N PHE N 26 14.09 -182.89 -23.55
CA PHE N 26 13.98 -184.16 -22.87
C PHE N 26 13.81 -184.10 -21.36
N PRO N 27 12.98 -185.02 -20.82
CA PRO N 27 12.76 -185.16 -19.41
C PRO N 27 14.01 -185.31 -18.56
N SER N 28 14.18 -184.38 -17.63
CA SER N 28 15.20 -184.49 -16.62
C SER N 28 14.82 -185.66 -15.73
N ILE N 29 15.08 -186.90 -16.13
CA ILE N 29 15.12 -188.00 -15.20
C ILE N 29 16.46 -188.66 -15.40
N VAL N 30 17.03 -189.06 -14.27
CA VAL N 30 18.08 -190.05 -14.16
C VAL N 30 17.40 -191.31 -13.60
N GLY N 31 17.81 -192.51 -14.01
CA GLY N 31 17.10 -193.70 -13.60
C GLY N 31 18.00 -194.88 -13.25
N ARG N 32 17.80 -195.42 -12.06
CA ARG N 32 18.62 -196.53 -11.56
C ARG N 32 18.00 -197.92 -11.74
N PRO N 33 18.74 -198.92 -12.22
CA PRO N 33 18.30 -200.30 -12.32
C PRO N 33 17.88 -200.87 -10.97
N ARG N 34 16.77 -201.63 -10.98
CA ARG N 34 16.29 -202.30 -9.79
C ARG N 34 16.96 -203.65 -9.58
N HIS N 35 17.73 -204.10 -10.58
CA HIS N 35 18.65 -205.23 -10.45
C HIS N 35 19.86 -204.96 -11.34
N GLN N 36 21.02 -205.52 -10.99
CA GLN N 36 22.15 -205.63 -11.90
C GLN N 36 21.69 -206.46 -13.09
N GLY N 37 21.98 -206.05 -14.33
CA GLY N 37 21.55 -206.82 -15.48
C GLY N 37 21.99 -206.21 -16.80
N VAL N 38 22.33 -207.13 -17.70
CA VAL N 38 22.72 -206.80 -19.06
C VAL N 38 22.05 -207.88 -19.93
N MET N 39 21.45 -207.49 -21.06
CA MET N 39 20.63 -208.43 -21.80
C MET N 39 21.17 -208.83 -23.16
N VAL N 40 21.21 -207.91 -24.13
CA VAL N 40 21.68 -208.19 -25.48
C VAL N 40 22.06 -206.85 -26.10
N GLY N 41 23.06 -206.89 -27.00
CA GLY N 41 23.40 -205.75 -27.83
C GLY N 41 24.29 -204.73 -27.13
N MET N 42 23.79 -204.19 -26.02
CA MET N 42 24.48 -203.16 -25.29
C MET N 42 24.86 -203.66 -23.90
N GLY N 43 26.10 -203.33 -23.54
CA GLY N 43 26.62 -203.56 -22.20
C GLY N 43 25.90 -202.71 -21.16
N GLN N 44 26.07 -203.07 -19.89
CA GLN N 44 25.36 -202.46 -18.77
C GLN N 44 25.76 -201.01 -18.49
N LYS N 45 24.73 -200.16 -18.41
CA LYS N 45 24.83 -198.80 -17.88
C LYS N 45 24.32 -198.63 -16.45
N ASP N 46 24.83 -197.59 -15.78
CA ASP N 46 24.64 -197.37 -14.35
C ASP N 46 23.35 -196.60 -14.06
N SER N 47 23.02 -195.70 -14.99
CA SER N 47 21.78 -194.97 -14.93
C SER N 47 21.24 -194.75 -16.32
N TYR N 48 19.96 -194.41 -16.44
CA TYR N 48 19.41 -194.06 -17.74
C TYR N 48 18.85 -192.65 -17.63
N VAL N 49 19.06 -191.82 -18.66
CA VAL N 49 18.63 -190.44 -18.58
C VAL N 49 17.65 -190.05 -19.67
N GLY N 50 16.79 -189.06 -19.42
CA GLY N 50 15.88 -188.53 -20.42
C GLY N 50 14.82 -189.49 -20.94
N ASP N 51 14.78 -189.57 -22.26
CA ASP N 51 13.97 -190.52 -23.02
C ASP N 51 14.32 -192.00 -22.77
N GLU N 52 15.65 -192.26 -22.62
CA GLU N 52 16.18 -193.58 -22.28
C GLU N 52 15.51 -194.02 -20.99
N ALA N 53 15.62 -193.11 -20.01
CA ALA N 53 15.02 -193.31 -18.70
C ALA N 53 13.51 -193.47 -18.77
N GLN N 54 12.85 -192.71 -19.67
CA GLN N 54 11.40 -192.78 -19.79
C GLN N 54 10.96 -194.14 -20.33
N SER N 55 11.62 -194.69 -21.35
CA SER N 55 11.36 -196.06 -21.77
C SER N 55 11.77 -197.12 -20.72
N LYS N 56 12.92 -196.97 -20.07
CA LYS N 56 13.36 -197.96 -19.08
C LYS N 56 12.58 -198.00 -17.77
N ARG N 57 11.80 -196.94 -17.48
CA ARG N 57 10.99 -196.76 -16.27
C ARG N 57 10.61 -197.88 -15.34
N GLY N 58 10.11 -199.01 -15.86
CA GLY N 58 9.57 -200.08 -15.04
C GLY N 58 10.69 -200.82 -14.34
N ILE N 59 11.77 -201.05 -15.08
CA ILE N 59 12.93 -201.70 -14.50
C ILE N 59 13.83 -200.64 -13.85
N LEU N 60 13.38 -199.38 -13.73
CA LEU N 60 14.12 -198.39 -12.99
C LEU N 60 13.42 -197.94 -11.72
N THR N 61 14.18 -197.15 -10.96
CA THR N 61 13.61 -196.06 -10.18
C THR N 61 14.03 -194.79 -10.90
N LEU N 62 13.10 -193.83 -10.98
CA LEU N 62 13.33 -192.58 -11.66
C LEU N 62 13.64 -191.52 -10.62
N LYS N 63 14.61 -190.65 -10.90
CA LYS N 63 14.91 -189.56 -10.02
C LYS N 63 15.22 -188.35 -10.88
N TYR N 64 14.50 -187.30 -10.50
CA TYR N 64 14.61 -185.96 -11.05
C TYR N 64 15.68 -185.20 -10.27
N PRO N 65 16.54 -184.36 -10.86
CA PRO N 65 17.52 -183.53 -10.14
C PRO N 65 17.23 -182.04 -9.91
N ILE N 66 16.36 -181.49 -10.73
CA ILE N 66 15.99 -180.10 -10.57
C ILE N 66 14.65 -180.22 -9.90
N GLU N 67 14.51 -179.48 -8.81
CA GLU N 67 13.22 -179.32 -8.17
C GLU N 67 13.06 -177.84 -7.97
N HIS N 68 11.82 -177.38 -8.14
CA HIS N 68 11.42 -176.01 -7.86
C HIS N 68 12.18 -174.89 -8.58
N GLY N 69 12.86 -175.22 -9.69
CA GLY N 69 13.64 -174.26 -10.45
C GLY N 69 15.11 -174.20 -10.07
N ILE N 70 15.49 -175.03 -9.10
CA ILE N 70 16.81 -175.07 -8.47
C ILE N 70 17.34 -176.46 -8.78
N ILE N 71 18.64 -176.62 -9.01
CA ILE N 71 19.20 -177.93 -9.28
C ILE N 71 19.65 -178.46 -7.92
N THR N 72 19.02 -179.49 -7.36
CA THR N 72 19.35 -179.94 -6.01
C THR N 72 20.68 -180.68 -6.00
N ASN N 73 20.81 -181.60 -6.96
CA ASN N 73 21.94 -182.50 -7.04
C ASN N 73 22.60 -182.30 -8.40
N TRP N 74 23.93 -182.24 -8.35
CA TRP N 74 24.72 -181.97 -9.53
C TRP N 74 25.15 -183.25 -10.24
N ASP N 75 25.29 -184.35 -9.51
CA ASP N 75 25.70 -185.63 -10.09
C ASP N 75 24.77 -186.08 -11.20
N ASP N 76 23.50 -186.05 -10.78
CA ASP N 76 22.38 -186.30 -11.68
C ASP N 76 22.33 -185.31 -12.83
N MET N 77 22.59 -184.03 -12.55
CA MET N 77 22.64 -183.02 -13.58
C MET N 77 23.72 -183.31 -14.60
N GLU N 78 24.93 -183.74 -14.23
CA GLU N 78 25.97 -184.06 -15.22
C GLU N 78 25.58 -185.16 -16.19
N LYS N 79 24.98 -186.22 -15.61
CA LYS N 79 24.41 -187.30 -16.41
C LYS N 79 23.41 -186.76 -17.44
N ILE N 80 22.69 -185.70 -17.09
CA ILE N 80 21.83 -185.04 -18.07
C ILE N 80 22.61 -184.18 -19.06
N TRP N 81 23.59 -183.40 -18.59
CA TRP N 81 24.39 -182.57 -19.49
C TRP N 81 25.37 -183.35 -20.36
N HIS N 82 25.47 -184.65 -20.06
CA HIS N 82 26.04 -185.62 -20.97
C HIS N 82 25.01 -186.01 -22.03
N HIS N 83 23.78 -186.33 -21.58
CA HIS N 83 22.74 -186.78 -22.50
C HIS N 83 22.39 -185.71 -23.52
N THR N 84 22.50 -184.41 -23.23
CA THR N 84 22.43 -183.39 -24.26
C THR N 84 23.57 -183.51 -25.28
N PHE N 85 24.73 -182.94 -24.96
CA PHE N 85 25.78 -182.61 -25.91
C PHE N 85 26.37 -183.80 -26.64
N TYR N 86 26.35 -184.95 -25.95
CA TYR N 86 26.80 -186.17 -26.59
C TYR N 86 25.66 -186.89 -27.26
N ASN N 87 24.65 -187.31 -26.48
CA ASN N 87 23.59 -188.13 -27.04
C ASN N 87 22.66 -187.38 -27.97
N GLU N 88 21.99 -186.33 -27.49
CA GLU N 88 21.01 -185.63 -28.30
C GLU N 88 21.69 -184.74 -29.34
N LEU N 89 22.53 -183.80 -28.91
CA LEU N 89 23.14 -182.82 -29.80
C LEU N 89 24.18 -183.37 -30.77
N ARG N 90 24.71 -184.57 -30.47
CA ARG N 90 25.64 -185.31 -31.33
C ARG N 90 26.84 -184.55 -31.91
N VAL N 91 27.55 -183.93 -30.97
CA VAL N 91 28.72 -183.11 -31.24
C VAL N 91 29.80 -183.40 -30.20
N ALA N 92 30.81 -182.54 -30.10
CA ALA N 92 31.77 -182.58 -29.01
C ALA N 92 31.80 -181.18 -28.37
N PRO N 93 31.47 -181.01 -27.08
CA PRO N 93 31.35 -179.71 -26.40
C PRO N 93 32.49 -178.70 -26.58
N GLU N 94 33.66 -179.30 -26.84
CA GLU N 94 34.94 -178.69 -27.16
C GLU N 94 34.89 -177.56 -28.17
N GLU N 95 34.23 -177.74 -29.31
CA GLU N 95 34.13 -176.67 -30.30
C GLU N 95 33.10 -175.61 -29.91
N HIS N 96 32.28 -175.81 -28.87
CA HIS N 96 30.97 -175.16 -28.85
C HIS N 96 30.65 -174.34 -27.62
N PRO N 97 30.62 -172.99 -27.69
CA PRO N 97 30.12 -172.14 -26.60
C PRO N 97 28.72 -172.53 -26.16
N THR N 98 28.33 -172.52 -24.89
CA THR N 98 27.09 -173.10 -24.42
C THR N 98 26.37 -172.06 -23.59
N LEU N 99 25.05 -171.98 -23.69
CA LEU N 99 24.25 -171.17 -22.79
C LEU N 99 23.33 -172.12 -22.03
N LEU N 100 23.23 -172.05 -20.71
CA LEU N 100 22.26 -172.76 -19.90
C LEU N 100 21.26 -171.73 -19.37
N THR N 101 20.07 -172.19 -19.03
CA THR N 101 19.07 -171.34 -18.42
C THR N 101 19.33 -171.10 -16.94
N GLU N 102 18.61 -170.19 -16.26
CA GLU N 102 18.55 -170.28 -14.80
C GLU N 102 17.26 -169.75 -14.20
N ALA N 103 17.08 -170.06 -12.91
CA ALA N 103 15.87 -169.66 -12.21
C ALA N 103 15.90 -168.16 -11.93
N PRO N 104 14.78 -167.45 -12.05
CA PRO N 104 14.64 -166.12 -11.45
C PRO N 104 14.99 -166.26 -9.98
N LEU N 105 16.02 -165.49 -9.60
CA LEU N 105 16.60 -165.48 -8.26
C LEU N 105 17.15 -166.83 -7.82
N ASN N 106 18.17 -167.34 -8.53
CA ASN N 106 18.91 -168.51 -8.07
C ASN N 106 20.08 -168.13 -7.17
N PRO N 107 20.30 -168.81 -6.03
CA PRO N 107 21.52 -168.75 -5.26
C PRO N 107 22.87 -168.87 -5.99
N LYS N 108 23.83 -168.12 -5.43
CA LYS N 108 25.12 -167.92 -6.08
C LYS N 108 25.97 -169.16 -6.32
N ALA N 109 26.29 -169.93 -5.26
CA ALA N 109 26.92 -171.23 -5.41
C ALA N 109 26.36 -172.13 -6.51
N ASN N 110 25.03 -172.18 -6.66
CA ASN N 110 24.36 -173.00 -7.68
C ASN N 110 24.73 -172.63 -9.09
N ARG N 111 24.75 -171.31 -9.27
CA ARG N 111 25.04 -170.73 -10.57
C ARG N 111 26.49 -171.05 -10.87
N GLU N 112 27.38 -170.75 -9.92
CA GLU N 112 28.79 -171.03 -10.12
C GLU N 112 29.13 -172.51 -10.14
N LYS N 113 28.22 -173.34 -9.65
CA LYS N 113 28.34 -174.76 -9.89
C LYS N 113 28.12 -175.06 -11.36
N MET N 114 27.17 -174.41 -12.04
CA MET N 114 27.01 -174.59 -13.49
C MET N 114 28.29 -174.22 -14.22
N THR N 115 28.81 -173.05 -13.86
CA THR N 115 30.06 -172.56 -14.42
C THR N 115 31.28 -173.40 -14.11
N GLN N 116 31.38 -173.97 -12.91
CA GLN N 116 32.47 -174.91 -12.64
C GLN N 116 32.35 -176.10 -13.60
N ILE N 117 31.21 -176.80 -13.52
CA ILE N 117 31.02 -178.06 -14.23
C ILE N 117 31.16 -177.95 -15.75
N MET N 118 30.53 -176.94 -16.36
CA MET N 118 30.54 -176.85 -17.82
C MET N 118 31.91 -176.49 -18.37
N PHE N 119 32.73 -175.82 -17.56
CA PHE N 119 34.10 -175.57 -17.98
C PHE N 119 35.06 -176.71 -17.70
N GLU N 120 34.86 -177.46 -16.62
CA GLU N 120 35.69 -178.63 -16.32
C GLU N 120 35.29 -179.88 -17.12
N THR N 121 34.11 -180.41 -16.81
CA THR N 121 33.62 -181.70 -17.31
C THR N 121 33.28 -181.64 -18.80
N PHE N 122 32.53 -180.62 -19.21
CA PHE N 122 32.15 -180.46 -20.61
C PHE N 122 33.07 -179.51 -21.37
N ASN N 123 33.89 -178.76 -20.62
CA ASN N 123 35.08 -178.08 -21.13
C ASN N 123 34.89 -177.11 -22.30
N VAL N 124 33.64 -176.62 -22.41
CA VAL N 124 33.21 -175.76 -23.50
C VAL N 124 34.04 -174.48 -23.60
N PRO N 125 34.36 -173.93 -24.78
CA PRO N 125 35.17 -172.71 -24.91
C PRO N 125 34.51 -171.46 -24.34
N ALA N 126 33.20 -171.49 -24.16
CA ALA N 126 32.48 -170.39 -23.55
C ALA N 126 31.14 -170.90 -23.05
N MET N 127 30.75 -170.33 -21.91
CA MET N 127 29.41 -170.56 -21.40
C MET N 127 28.67 -169.29 -20.97
N TYR N 128 27.34 -169.38 -20.99
CA TYR N 128 26.50 -168.34 -20.40
C TYR N 128 25.36 -169.03 -19.66
N VAL N 129 24.93 -168.38 -18.60
CA VAL N 129 23.74 -168.81 -17.86
C VAL N 129 22.73 -167.67 -17.99
N ALA N 130 21.43 -167.94 -18.27
CA ALA N 130 20.43 -166.87 -18.39
C ALA N 130 19.03 -167.10 -17.83
N ILE N 131 18.52 -166.06 -17.16
CA ILE N 131 17.30 -166.13 -16.34
C ILE N 131 15.99 -166.32 -17.11
N GLN N 132 15.41 -167.52 -17.02
CA GLN N 132 14.22 -167.97 -17.76
C GLN N 132 13.12 -167.00 -18.20
N ALA N 133 12.47 -166.38 -17.20
CA ALA N 133 11.39 -165.43 -17.44
C ALA N 133 11.81 -164.27 -18.33
N VAL N 134 13.06 -163.81 -18.18
CA VAL N 134 13.51 -162.62 -18.91
C VAL N 134 13.64 -162.96 -20.39
N LEU N 135 14.27 -164.12 -20.65
CA LEU N 135 14.46 -164.64 -22.00
C LEU N 135 13.15 -164.90 -22.71
N SER N 136 12.09 -165.18 -21.96
CA SER N 136 10.77 -165.31 -22.56
C SER N 136 10.31 -163.94 -23.02
N LEU N 137 10.49 -162.93 -22.17
CA LEU N 137 10.06 -161.56 -22.48
C LEU N 137 10.77 -161.03 -23.72
N TYR N 138 12.06 -161.38 -23.82
CA TYR N 138 12.84 -161.17 -25.02
C TYR N 138 12.26 -161.84 -26.24
N ALA N 139 12.07 -163.17 -26.23
CA ALA N 139 11.38 -163.87 -27.31
C ALA N 139 10.02 -163.28 -27.69
N SER N 140 9.30 -162.73 -26.72
CA SER N 140 8.04 -162.04 -26.97
C SER N 140 8.16 -160.58 -27.40
N GLY N 141 9.37 -160.12 -27.74
CA GLY N 141 9.65 -158.82 -28.32
C GLY N 141 9.52 -157.62 -27.38
N ARG N 142 9.78 -157.75 -26.07
CA ARG N 142 9.52 -156.67 -25.12
C ARG N 142 10.69 -156.27 -24.23
N THR N 143 10.74 -155.05 -23.69
CA THR N 143 11.79 -154.72 -22.75
C THR N 143 11.33 -154.77 -21.30
N THR N 144 10.27 -154.00 -21.03
CA THR N 144 9.53 -153.97 -19.78
C THR N 144 8.36 -154.95 -19.76
N GLY N 145 7.80 -155.35 -18.61
CA GLY N 145 6.59 -156.18 -18.56
C GLY N 145 6.60 -157.13 -17.38
N ILE N 146 5.53 -157.89 -17.12
CA ILE N 146 5.57 -158.95 -16.12
C ILE N 146 5.16 -160.31 -16.71
N VAL N 147 6.04 -161.24 -16.40
CA VAL N 147 5.94 -162.64 -16.79
C VAL N 147 5.32 -163.51 -15.70
N LEU N 148 4.60 -164.55 -16.15
CA LEU N 148 4.27 -165.70 -15.34
C LEU N 148 4.90 -166.83 -16.13
N ASP N 149 5.90 -167.48 -15.55
CA ASP N 149 6.63 -168.58 -16.17
C ASP N 149 6.41 -169.73 -15.22
N SER N 150 5.64 -170.75 -15.61
CA SER N 150 5.31 -171.84 -14.72
C SER N 150 5.58 -173.18 -15.36
N GLY N 151 6.19 -174.12 -14.66
CA GLY N 151 6.51 -175.42 -15.22
C GLY N 151 6.08 -176.50 -14.25
N ASP N 152 6.79 -177.62 -14.23
CA ASP N 152 6.42 -178.73 -13.36
C ASP N 152 6.85 -178.44 -11.92
N GLY N 153 7.85 -177.58 -11.77
CA GLY N 153 8.42 -177.25 -10.47
C GLY N 153 7.99 -175.91 -9.91
N VAL N 154 7.88 -174.85 -10.72
CA VAL N 154 7.69 -173.50 -10.24
C VAL N 154 7.03 -172.63 -11.27
N THR N 155 6.35 -171.72 -10.60
CA THR N 155 5.69 -170.59 -11.18
C THR N 155 6.49 -169.39 -10.65
N HIS N 156 6.92 -168.45 -11.50
CA HIS N 156 7.48 -167.18 -11.02
C HIS N 156 6.68 -165.99 -11.48
N ASN N 157 6.85 -164.85 -10.81
CA ASN N 157 6.44 -163.55 -11.32
C ASN N 157 7.67 -162.68 -11.19
N VAL N 158 8.06 -162.02 -12.29
CA VAL N 158 9.30 -161.27 -12.36
C VAL N 158 8.91 -159.98 -13.08
N PRO N 159 8.75 -158.83 -12.42
CA PRO N 159 8.49 -157.55 -13.06
C PRO N 159 9.72 -156.98 -13.76
N ILE N 160 9.65 -156.54 -15.02
CA ILE N 160 10.86 -156.19 -15.74
C ILE N 160 10.75 -154.73 -16.18
N TYR N 161 11.71 -153.88 -15.80
CA TYR N 161 11.80 -152.56 -16.44
C TYR N 161 13.10 -152.51 -17.23
N GLU N 162 12.90 -152.28 -18.52
CA GLU N 162 13.95 -152.08 -19.51
C GLU N 162 15.02 -153.16 -19.50
N GLY N 163 14.62 -154.41 -19.76
CA GLY N 163 15.55 -155.54 -19.82
C GLY N 163 16.17 -155.91 -18.47
N TYR N 164 15.58 -155.40 -17.39
CA TYR N 164 16.02 -155.70 -16.05
C TYR N 164 14.84 -156.10 -15.20
N ALA N 165 15.12 -157.15 -14.43
CA ALA N 165 14.18 -157.68 -13.46
C ALA N 165 14.31 -156.91 -12.13
N LEU N 166 13.17 -156.70 -11.49
CA LEU N 166 13.16 -156.15 -10.15
C LEU N 166 13.06 -157.26 -9.09
N PRO N 167 14.18 -157.75 -8.54
CA PRO N 167 14.27 -158.97 -7.72
C PRO N 167 13.36 -158.97 -6.50
N HIS N 168 13.31 -157.79 -5.87
CA HIS N 168 12.52 -157.55 -4.67
C HIS N 168 11.05 -157.94 -4.72
N ALA N 169 10.53 -158.05 -5.96
CA ALA N 169 9.12 -158.31 -6.17
C ALA N 169 8.85 -159.65 -6.83
N ILE N 170 9.90 -160.45 -7.08
CA ILE N 170 9.73 -161.79 -7.61
C ILE N 170 8.93 -162.65 -6.64
N MET N 171 7.87 -163.26 -7.15
CA MET N 171 7.15 -164.29 -6.43
C MET N 171 7.64 -165.61 -6.99
N ARG N 172 7.91 -166.57 -6.11
CA ARG N 172 8.32 -167.90 -6.51
C ARG N 172 7.30 -168.76 -5.78
N LEU N 173 6.30 -169.28 -6.47
CA LEU N 173 5.17 -169.94 -5.81
C LEU N 173 5.47 -171.41 -5.98
N ASP N 174 5.57 -172.23 -4.93
CA ASP N 174 5.97 -173.61 -5.10
C ASP N 174 4.88 -174.60 -5.49
N LEU N 175 3.90 -174.13 -6.27
CA LEU N 175 2.74 -174.88 -6.68
C LEU N 175 2.77 -174.79 -8.20
N ALA N 176 2.82 -175.93 -8.87
CA ALA N 176 3.00 -176.00 -10.32
C ALA N 176 2.73 -177.41 -10.82
N GLY N 177 3.34 -177.82 -11.94
CA GLY N 177 2.97 -179.02 -12.70
C GLY N 177 2.99 -180.33 -11.93
N ARG N 178 4.03 -180.67 -11.16
CA ARG N 178 4.05 -181.85 -10.31
C ARG N 178 2.85 -181.82 -9.35
N ASP N 179 2.68 -180.74 -8.59
CA ASP N 179 1.50 -180.55 -7.74
C ASP N 179 0.18 -180.67 -8.51
N LEU N 180 0.15 -180.25 -9.78
CA LEU N 180 -1.06 -180.43 -10.57
C LEU N 180 -1.28 -181.81 -11.20
N THR N 181 -0.22 -182.61 -11.38
CA THR N 181 -0.33 -184.01 -11.81
C THR N 181 -0.80 -184.97 -10.72
N ASP N 182 -0.27 -184.88 -9.50
CA ASP N 182 -0.60 -185.83 -8.42
C ASP N 182 -1.99 -185.58 -7.80
N TYR N 183 -2.36 -184.31 -7.91
CA TYR N 183 -3.72 -183.91 -7.69
C TYR N 183 -4.65 -184.49 -8.76
N LEU N 184 -4.34 -184.34 -10.06
CA LEU N 184 -5.17 -184.94 -11.10
C LEU N 184 -5.30 -186.45 -10.94
N MET N 185 -4.18 -187.14 -10.70
CA MET N 185 -4.24 -188.49 -10.15
C MET N 185 -5.22 -188.62 -8.98
N LYS N 186 -5.05 -187.89 -7.87
CA LYS N 186 -5.94 -187.98 -6.71
C LYS N 186 -7.41 -187.77 -7.04
N ILE N 187 -7.75 -186.82 -7.92
CA ILE N 187 -9.15 -186.58 -8.24
C ILE N 187 -9.75 -187.49 -9.29
N LEU N 188 -8.94 -188.24 -10.06
CA LEU N 188 -9.47 -189.22 -11.00
C LEU N 188 -9.81 -190.52 -10.30
N THR N 189 -8.93 -190.82 -9.34
CA THR N 189 -9.25 -191.69 -8.21
C THR N 189 -10.54 -191.23 -7.52
N GLU N 190 -10.66 -189.96 -7.08
CA GLU N 190 -11.92 -189.44 -6.55
C GLU N 190 -13.05 -189.26 -7.59
N ARG N 191 -12.83 -189.63 -8.85
CA ARG N 191 -13.95 -190.09 -9.66
C ARG N 191 -14.23 -191.59 -9.44
N GLY N 192 -13.30 -192.50 -9.77
CA GLY N 192 -13.52 -193.91 -9.54
C GLY N 192 -12.74 -194.79 -10.51
N TYR N 193 -11.42 -194.58 -10.55
CA TYR N 193 -10.50 -195.35 -11.37
C TYR N 193 -9.28 -195.53 -10.47
N SER N 194 -8.69 -196.72 -10.48
CA SER N 194 -7.60 -197.03 -9.58
C SER N 194 -6.23 -196.75 -10.17
N PHE N 195 -5.64 -195.58 -9.93
CA PHE N 195 -4.28 -195.29 -10.41
C PHE N 195 -3.20 -195.78 -9.45
N VAL N 196 -2.15 -196.43 -9.98
CA VAL N 196 -1.11 -197.03 -9.15
C VAL N 196 0.30 -196.46 -9.29
N THR N 197 0.90 -196.39 -10.49
CA THR N 197 2.34 -196.23 -10.65
C THR N 197 2.78 -194.84 -11.13
N THR N 198 4.07 -194.53 -11.03
CA THR N 198 4.66 -193.32 -11.56
C THR N 198 4.64 -193.25 -13.09
N ALA N 199 4.36 -194.39 -13.72
CA ALA N 199 3.97 -194.45 -15.12
C ALA N 199 2.54 -193.94 -15.30
N GLU N 200 1.65 -194.20 -14.35
CA GLU N 200 0.28 -193.70 -14.43
C GLU N 200 0.20 -192.22 -14.08
N ARG N 201 1.27 -191.74 -13.45
CA ARG N 201 1.59 -190.31 -13.47
C ARG N 201 1.79 -189.71 -14.86
N GLU N 202 2.14 -190.51 -15.88
CA GLU N 202 2.22 -189.97 -17.24
C GLU N 202 0.84 -189.93 -17.83
N ILE N 203 0.07 -191.00 -17.57
CA ILE N 203 -1.33 -191.08 -17.96
C ILE N 203 -2.09 -189.85 -17.47
N VAL N 204 -1.95 -189.49 -16.19
CA VAL N 204 -2.60 -188.27 -15.73
C VAL N 204 -2.02 -187.00 -16.36
N ARG N 205 -0.70 -186.82 -16.51
CA ARG N 205 -0.21 -185.56 -17.06
C ARG N 205 -0.64 -185.40 -18.52
N ASP N 206 -0.87 -186.54 -19.20
CA ASP N 206 -1.47 -186.57 -20.52
C ASP N 206 -2.90 -186.02 -20.54
N ILE N 207 -3.75 -186.47 -19.62
CA ILE N 207 -5.13 -185.98 -19.47
C ILE N 207 -5.16 -184.49 -19.12
N LYS N 208 -4.18 -184.14 -18.29
CA LYS N 208 -3.86 -182.76 -17.92
C LYS N 208 -3.57 -181.90 -19.14
N GLU N 209 -2.63 -182.29 -20.01
CA GLU N 209 -2.38 -181.58 -21.26
C GLU N 209 -3.55 -181.63 -22.26
N LYS N 210 -4.15 -182.80 -22.51
CA LYS N 210 -5.17 -182.92 -23.54
C LYS N 210 -6.59 -182.51 -23.18
N LEU N 211 -7.13 -182.92 -22.03
CA LEU N 211 -8.56 -182.77 -21.77
C LEU N 211 -8.96 -181.61 -20.89
N CYS N 212 -8.00 -181.13 -20.08
CA CYS N 212 -8.23 -180.08 -19.11
C CYS N 212 -8.43 -178.68 -19.69
N TYR N 213 -9.08 -177.86 -18.88
CA TYR N 213 -9.37 -176.47 -19.20
C TYR N 213 -9.39 -175.67 -17.91
N VAL N 214 -8.68 -174.54 -17.84
CA VAL N 214 -8.81 -173.65 -16.70
C VAL N 214 -10.21 -173.09 -16.72
N ALA N 215 -10.97 -173.61 -15.75
CA ALA N 215 -12.34 -173.16 -15.45
C ALA N 215 -12.48 -171.67 -15.66
N LEU N 216 -13.28 -171.28 -16.66
CA LEU N 216 -13.50 -169.88 -16.99
C LEU N 216 -14.18 -169.13 -15.85
N ASP N 217 -14.99 -169.87 -15.10
CA ASP N 217 -15.52 -169.45 -13.82
C ASP N 217 -15.59 -170.75 -13.03
N PHE N 218 -15.47 -170.71 -11.70
CA PHE N 218 -15.50 -171.96 -10.95
C PHE N 218 -16.93 -172.40 -10.65
N GLU N 219 -17.76 -171.45 -10.21
CA GLU N 219 -19.05 -171.81 -9.65
C GLU N 219 -20.07 -172.12 -10.73
N ASN N 220 -20.07 -171.31 -11.80
CA ASN N 220 -20.94 -171.54 -12.96
C ASN N 220 -20.72 -172.91 -13.59
N GLU N 221 -19.43 -173.29 -13.60
CA GLU N 221 -19.03 -174.57 -14.14
C GLU N 221 -19.54 -175.71 -13.28
N MET N 222 -19.34 -175.69 -11.95
CA MET N 222 -19.78 -176.78 -11.08
C MET N 222 -21.27 -177.07 -11.18
N ALA N 223 -22.04 -176.00 -11.36
CA ALA N 223 -23.47 -176.08 -11.62
C ALA N 223 -23.77 -176.87 -12.89
N THR N 224 -23.13 -176.54 -14.02
CA THR N 224 -23.38 -177.26 -15.27
C THR N 224 -22.81 -178.69 -15.26
N ALA N 225 -21.64 -178.90 -14.65
CA ALA N 225 -21.09 -180.23 -14.37
C ALA N 225 -22.06 -181.13 -13.61
N ALA N 226 -22.66 -180.66 -12.51
CA ALA N 226 -23.71 -181.42 -11.83
C ALA N 226 -24.93 -181.69 -12.71
N SER N 227 -25.34 -180.67 -13.47
CA SER N 227 -26.49 -180.83 -14.34
C SER N 227 -26.28 -181.69 -15.58
N SER N 228 -25.09 -181.81 -16.16
CA SER N 228 -25.00 -182.55 -17.41
C SER N 228 -23.62 -183.07 -17.70
N SER N 229 -23.67 -184.35 -18.08
CA SER N 229 -22.54 -185.03 -18.67
C SER N 229 -21.96 -184.30 -19.89
N SER N 230 -22.67 -183.34 -20.51
CA SER N 230 -22.13 -182.45 -21.53
C SER N 230 -20.67 -181.97 -21.43
N LEU N 231 -20.13 -181.87 -20.19
CA LEU N 231 -18.74 -181.47 -19.94
C LEU N 231 -17.66 -182.57 -19.95
N GLU N 232 -18.12 -183.83 -19.95
CA GLU N 232 -17.30 -185.02 -19.92
C GLU N 232 -16.51 -185.34 -21.19
N LYS N 233 -15.27 -185.75 -20.97
CA LYS N 233 -14.41 -186.24 -22.03
C LYS N 233 -14.09 -187.69 -21.78
N SER N 234 -14.25 -188.50 -22.82
CA SER N 234 -13.92 -189.92 -22.71
C SER N 234 -12.41 -190.09 -22.86
N TYR N 235 -11.82 -191.14 -22.30
CA TYR N 235 -10.38 -191.33 -22.45
C TYR N 235 -10.06 -192.81 -22.50
N GLU N 236 -9.47 -193.16 -23.62
CA GLU N 236 -8.94 -194.48 -23.85
C GLU N 236 -7.60 -194.55 -23.12
N LEU N 237 -7.59 -195.29 -22.01
CA LEU N 237 -6.33 -195.66 -21.38
C LEU N 237 -5.56 -196.59 -22.32
N PRO N 238 -4.23 -196.80 -22.25
CA PRO N 238 -3.52 -197.76 -23.10
C PRO N 238 -4.02 -199.21 -23.00
N ASP N 239 -4.81 -199.42 -21.95
CA ASP N 239 -5.57 -200.63 -21.68
C ASP N 239 -6.70 -200.86 -22.68
N GLY N 240 -7.36 -199.80 -23.12
CA GLY N 240 -8.60 -199.90 -23.89
C GLY N 240 -9.84 -199.57 -23.07
N GLN N 241 -9.68 -199.62 -21.73
CA GLN N 241 -10.74 -199.20 -20.82
C GLN N 241 -10.96 -197.70 -20.92
N VAL N 242 -12.02 -197.40 -21.67
CA VAL N 242 -12.47 -196.03 -21.84
C VAL N 242 -13.07 -195.54 -20.53
N ILE N 243 -12.34 -194.58 -19.97
CA ILE N 243 -12.76 -193.85 -18.80
C ILE N 243 -13.47 -192.54 -19.19
N THR N 244 -13.80 -191.77 -18.16
CA THR N 244 -14.56 -190.53 -18.26
C THR N 244 -13.70 -189.49 -17.54
N ILE N 245 -13.80 -188.18 -17.86
CA ILE N 245 -13.35 -187.12 -16.96
C ILE N 245 -14.36 -185.97 -17.11
N GLY N 246 -14.76 -185.34 -16.01
CA GLY N 246 -15.82 -184.36 -16.02
C GLY N 246 -15.46 -183.16 -15.16
N ASN N 247 -15.80 -183.16 -13.86
CA ASN N 247 -15.73 -181.92 -13.07
C ASN N 247 -14.31 -181.57 -12.64
N GLU N 248 -13.50 -182.62 -12.63
CA GLU N 248 -12.09 -182.62 -12.30
C GLU N 248 -11.28 -181.92 -13.39
N ARG N 249 -11.83 -181.84 -14.61
CA ARG N 249 -11.14 -181.26 -15.75
C ARG N 249 -10.81 -179.78 -15.61
N PHE N 250 -11.60 -179.13 -14.75
CA PHE N 250 -11.30 -177.82 -14.23
C PHE N 250 -10.77 -177.81 -12.78
N ARG N 251 -11.28 -178.68 -11.89
CA ARG N 251 -10.70 -178.84 -10.54
C ARG N 251 -9.18 -178.98 -10.47
N CYS N 252 -8.57 -179.66 -11.46
CA CYS N 252 -7.13 -179.75 -11.57
C CYS N 252 -6.50 -178.41 -11.94
N PRO N 253 -6.53 -177.75 -13.12
CA PRO N 253 -5.82 -176.48 -13.33
C PRO N 253 -6.13 -175.33 -12.37
N GLU N 254 -7.34 -175.38 -11.77
CA GLU N 254 -7.81 -174.43 -10.77
C GLU N 254 -6.88 -174.20 -9.59
N THR N 255 -6.13 -175.24 -9.24
CA THR N 255 -5.20 -175.17 -8.13
C THR N 255 -4.11 -174.12 -8.27
N LEU N 256 -3.88 -173.64 -9.49
CA LEU N 256 -3.01 -172.48 -9.72
C LEU N 256 -3.57 -171.21 -9.09
N PHE N 257 -4.89 -171.04 -9.16
CA PHE N 257 -5.55 -169.87 -8.60
C PHE N 257 -5.94 -170.06 -7.14
N GLN N 258 -6.09 -171.30 -6.69
CA GLN N 258 -6.45 -171.57 -5.33
C GLN N 258 -5.55 -172.66 -4.76
N PRO N 259 -4.51 -172.33 -3.98
CA PRO N 259 -3.69 -173.30 -3.23
C PRO N 259 -4.41 -173.99 -2.08
N SER N 260 -5.57 -173.41 -1.71
CA SER N 260 -6.48 -173.93 -0.70
C SER N 260 -6.82 -175.40 -0.91
N PHE N 261 -7.13 -175.72 -2.17
CA PHE N 261 -7.61 -177.03 -2.58
C PHE N 261 -6.72 -178.19 -2.18
N ILE N 262 -5.42 -178.01 -2.42
CA ILE N 262 -4.44 -178.98 -2.00
C ILE N 262 -4.00 -178.72 -0.56
N GLY N 263 -3.38 -177.57 -0.28
CA GLY N 263 -2.44 -177.53 0.83
C GLY N 263 -2.10 -176.18 1.41
N MET N 264 -1.64 -175.23 0.61
CA MET N 264 -0.98 -174.06 1.19
C MET N 264 -1.95 -172.96 1.54
N GLU N 265 -1.48 -172.09 2.44
CA GLU N 265 -2.19 -170.87 2.84
C GLU N 265 -2.00 -169.72 1.84
N SER N 266 -1.04 -169.89 0.93
CA SER N 266 -0.66 -168.84 -0.01
C SER N 266 -1.70 -168.37 -1.01
N ALA N 267 -1.37 -167.22 -1.59
CA ALA N 267 -2.12 -166.61 -2.67
C ALA N 267 -2.12 -167.44 -3.96
N GLY N 268 -3.25 -167.40 -4.66
CA GLY N 268 -3.31 -168.01 -5.98
C GLY N 268 -2.69 -167.08 -6.99
N ILE N 269 -2.27 -167.60 -8.14
CA ILE N 269 -1.60 -166.83 -9.19
C ILE N 269 -2.06 -165.39 -9.43
N HIS N 270 -3.36 -165.15 -9.54
CA HIS N 270 -3.93 -163.80 -9.66
C HIS N 270 -3.52 -162.80 -8.57
N GLU N 271 -3.36 -163.31 -7.35
CA GLU N 271 -2.98 -162.50 -6.21
C GLU N 271 -1.49 -162.24 -6.31
N THR N 272 -0.63 -163.25 -6.55
CA THR N 272 0.80 -163.04 -6.73
C THR N 272 1.16 -162.12 -7.89
N THR N 273 0.49 -162.16 -9.06
CA THR N 273 0.71 -161.15 -10.09
C THR N 273 0.52 -159.73 -9.54
N TYR N 274 -0.72 -159.51 -9.09
CA TYR N 274 -1.11 -158.23 -8.52
C TYR N 274 -0.23 -157.79 -7.33
N ASN N 275 0.11 -158.75 -6.49
CA ASN N 275 0.84 -158.48 -5.27
C ASN N 275 2.24 -158.06 -5.59
N SER N 276 2.93 -158.76 -6.51
CA SER N 276 4.30 -158.42 -6.90
C SER N 276 4.44 -157.02 -7.47
N ILE N 277 3.33 -156.50 -8.05
CA ILE N 277 3.32 -155.18 -8.64
C ILE N 277 3.05 -154.12 -7.57
N MET N 278 2.34 -154.48 -6.49
CA MET N 278 2.26 -153.63 -5.31
C MET N 278 3.62 -153.34 -4.70
N LYS N 279 4.50 -154.37 -4.73
CA LYS N 279 5.92 -154.23 -4.43
C LYS N 279 6.75 -153.55 -5.53
N CYS N 280 6.07 -153.02 -6.56
CA CYS N 280 6.71 -152.34 -7.66
C CYS N 280 6.24 -150.91 -7.87
N ASP N 281 7.04 -150.18 -8.63
CA ASP N 281 6.80 -148.77 -8.90
C ASP N 281 5.54 -148.49 -9.72
N ILE N 282 4.87 -147.38 -9.37
CA ILE N 282 3.56 -146.98 -9.90
C ILE N 282 3.61 -146.62 -11.37
N ASP N 283 4.62 -145.85 -11.76
CA ASP N 283 4.82 -145.38 -13.12
C ASP N 283 4.90 -146.55 -14.07
N ILE N 284 5.59 -147.59 -13.59
CA ILE N 284 5.90 -148.71 -14.45
C ILE N 284 4.81 -149.76 -14.35
N ARG N 285 4.04 -149.82 -13.25
CA ARG N 285 2.90 -150.73 -13.09
C ARG N 285 2.05 -150.86 -14.33
N LYS N 286 1.70 -149.69 -14.88
CA LYS N 286 1.02 -149.60 -16.16
C LYS N 286 1.73 -150.37 -17.26
N ASP N 287 3.06 -150.27 -17.46
CA ASP N 287 3.80 -150.95 -18.52
C ASP N 287 4.06 -152.42 -18.21
N LEU N 288 4.00 -152.73 -16.91
CA LEU N 288 4.02 -154.10 -16.43
C LEU N 288 2.72 -154.79 -16.80
N TYR N 289 1.53 -154.32 -16.36
CA TYR N 289 0.25 -154.95 -16.69
C TYR N 289 -0.10 -154.91 -18.18
N ALA N 290 0.28 -153.82 -18.88
CA ALA N 290 0.07 -153.69 -20.31
C ALA N 290 0.61 -154.86 -21.13
N ASN N 291 1.61 -155.52 -20.57
CA ASN N 291 2.32 -156.57 -21.24
C ASN N 291 2.60 -157.75 -20.35
N ASN N 292 1.63 -158.31 -19.61
CA ASN N 292 1.86 -159.59 -18.95
C ASN N 292 2.26 -160.65 -19.98
N VAL N 293 3.20 -161.57 -19.72
CA VAL N 293 3.67 -162.58 -20.69
C VAL N 293 3.77 -163.94 -19.99
N MET N 294 3.41 -165.04 -20.65
CA MET N 294 3.42 -166.36 -20.04
C MET N 294 4.38 -167.30 -20.73
N SER N 295 5.02 -168.18 -19.96
CA SER N 295 5.88 -169.25 -20.50
C SER N 295 5.98 -170.51 -19.65
N GLY N 296 6.73 -171.52 -20.13
CA GLY N 296 6.94 -172.75 -19.40
C GLY N 296 5.97 -173.86 -19.81
N GLY N 297 5.56 -174.67 -18.84
CA GLY N 297 4.63 -175.75 -19.06
C GLY N 297 3.25 -175.40 -18.55
N THR N 298 3.11 -175.04 -17.27
CA THR N 298 1.80 -175.02 -16.63
C THR N 298 1.00 -173.74 -16.95
N THR N 299 1.48 -172.98 -17.94
CA THR N 299 0.73 -171.91 -18.56
C THR N 299 -0.08 -172.44 -19.73
N MET N 300 0.25 -173.62 -20.29
CA MET N 300 -0.22 -174.00 -21.62
C MET N 300 -1.71 -174.26 -21.86
N TYR N 301 -2.45 -174.29 -20.75
CA TYR N 301 -3.86 -174.66 -20.67
C TYR N 301 -4.88 -173.82 -21.45
N PRO N 302 -6.02 -174.38 -21.85
CA PRO N 302 -7.20 -173.63 -22.29
C PRO N 302 -7.78 -172.76 -21.19
N GLY N 303 -8.36 -171.61 -21.53
CA GLY N 303 -9.01 -170.75 -20.57
C GLY N 303 -8.05 -169.87 -19.77
N ILE N 304 -6.79 -170.26 -19.59
CA ILE N 304 -5.90 -169.64 -18.62
C ILE N 304 -5.59 -168.16 -18.89
N ALA N 305 -5.47 -167.74 -20.15
CA ALA N 305 -5.24 -166.35 -20.47
C ALA N 305 -6.51 -165.53 -20.23
N ASP N 306 -7.65 -166.09 -20.65
CA ASP N 306 -8.94 -165.44 -20.55
C ASP N 306 -9.28 -165.21 -19.08
N ARG N 307 -9.02 -166.27 -18.32
CA ARG N 307 -9.08 -166.26 -16.87
C ARG N 307 -8.12 -165.23 -16.27
N MET N 308 -6.82 -165.28 -16.65
CA MET N 308 -5.81 -164.39 -16.11
C MET N 308 -6.11 -162.89 -16.29
N GLN N 309 -6.89 -162.52 -17.30
CA GLN N 309 -7.36 -161.13 -17.40
C GLN N 309 -8.42 -160.91 -16.32
N LYS N 310 -9.62 -161.48 -16.55
CA LYS N 310 -10.82 -161.25 -15.72
C LYS N 310 -10.57 -161.27 -14.22
N GLU N 311 -9.81 -162.28 -13.78
CA GLU N 311 -9.57 -162.52 -12.36
C GLU N 311 -8.88 -161.34 -11.68
N ILE N 312 -7.85 -160.83 -12.36
CA ILE N 312 -7.15 -159.62 -11.93
C ILE N 312 -8.05 -158.43 -12.18
N THR N 313 -8.85 -158.40 -13.25
CA THR N 313 -9.63 -157.23 -13.65
C THR N 313 -10.77 -157.03 -12.65
N ALA N 314 -10.34 -156.42 -11.54
CA ALA N 314 -11.02 -156.34 -10.25
C ALA N 314 -10.03 -155.91 -9.16
N LEU N 315 -8.73 -155.79 -9.44
CA LEU N 315 -7.70 -155.62 -8.43
C LEU N 315 -6.69 -154.51 -8.70
N ALA N 316 -6.27 -154.26 -9.95
CA ALA N 316 -5.10 -153.40 -10.19
C ALA N 316 -5.31 -151.90 -9.93
N PRO N 317 -4.31 -151.02 -9.83
CA PRO N 317 -4.53 -149.58 -9.73
C PRO N 317 -5.24 -148.95 -10.92
N SER N 318 -6.17 -148.08 -10.57
CA SER N 318 -7.05 -147.30 -11.43
C SER N 318 -6.77 -146.92 -12.89
N THR N 319 -5.57 -147.03 -13.48
CA THR N 319 -5.32 -146.72 -14.89
C THR N 319 -4.74 -147.90 -15.66
N MET N 320 -4.38 -148.91 -14.88
CA MET N 320 -3.50 -149.96 -15.33
C MET N 320 -4.16 -151.05 -16.15
N LYS N 321 -4.46 -150.73 -17.41
CA LYS N 321 -5.01 -151.67 -18.37
C LYS N 321 -4.10 -152.88 -18.57
N ILE N 322 -4.74 -154.05 -18.55
CA ILE N 322 -4.04 -155.34 -18.52
C ILE N 322 -4.15 -156.00 -19.90
N LYS N 323 -3.22 -156.91 -20.21
CA LYS N 323 -3.28 -157.77 -21.39
C LYS N 323 -2.28 -158.88 -21.18
N ILE N 324 -2.80 -160.12 -21.19
CA ILE N 324 -2.05 -161.32 -20.84
C ILE N 324 -1.60 -162.04 -22.10
N ILE N 325 -0.31 -161.92 -22.40
CA ILE N 325 0.27 -162.51 -23.60
C ILE N 325 0.79 -163.88 -23.19
N ALA N 326 0.13 -164.90 -23.73
CA ALA N 326 0.65 -166.24 -23.60
C ALA N 326 1.01 -166.67 -25.02
N PRO N 327 2.22 -166.39 -25.54
CA PRO N 327 2.65 -166.74 -26.90
C PRO N 327 2.32 -168.20 -27.16
N PRO N 328 1.56 -168.60 -28.19
CA PRO N 328 1.12 -169.98 -28.40
C PRO N 328 2.22 -171.03 -28.38
N GLU N 329 3.40 -170.64 -28.85
CA GLU N 329 4.62 -171.43 -28.76
C GLU N 329 5.27 -171.43 -27.38
N ARG N 330 4.60 -170.91 -26.35
CA ARG N 330 5.23 -170.57 -25.06
C ARG N 330 6.26 -171.48 -24.39
N LYS N 331 6.18 -172.81 -24.51
CA LYS N 331 7.11 -173.71 -23.83
C LYS N 331 8.52 -173.38 -24.28
N TYR N 332 8.67 -173.21 -25.61
CA TYR N 332 9.96 -172.93 -26.21
C TYR N 332 10.43 -171.48 -26.15
N SER N 333 9.55 -170.58 -25.66
CA SER N 333 9.83 -169.14 -25.59
C SER N 333 11.20 -168.78 -25.03
N VAL N 334 11.57 -169.37 -23.88
CA VAL N 334 12.78 -169.03 -23.15
C VAL N 334 13.99 -169.32 -24.04
N TRP N 335 13.82 -170.40 -24.81
CA TRP N 335 14.88 -170.95 -25.61
C TRP N 335 15.02 -170.15 -26.90
N ILE N 336 13.89 -169.73 -27.48
CA ILE N 336 13.86 -168.81 -28.61
C ILE N 336 14.53 -167.49 -28.21
N GLY N 337 14.19 -167.05 -26.99
CA GLY N 337 14.82 -165.89 -26.38
C GLY N 337 16.31 -166.10 -26.23
N GLY N 338 16.75 -167.30 -25.80
CA GLY N 338 18.16 -167.67 -25.71
C GLY N 338 18.90 -167.82 -27.05
N SER N 339 18.48 -168.75 -27.90
CA SER N 339 19.01 -168.95 -29.25
C SER N 339 19.33 -167.72 -30.09
N ILE N 340 18.37 -166.79 -30.22
CA ILE N 340 18.56 -165.59 -31.01
C ILE N 340 19.59 -164.67 -30.36
N LEU N 341 19.44 -164.38 -29.05
CA LEU N 341 20.41 -163.62 -28.28
C LEU N 341 21.83 -164.19 -28.38
N ALA N 342 21.90 -165.51 -28.26
CA ALA N 342 23.15 -166.26 -28.41
C ALA N 342 23.69 -166.21 -29.83
N SER N 343 22.86 -166.01 -30.85
CA SER N 343 23.38 -165.77 -32.20
C SER N 343 23.71 -164.31 -32.47
N LEU N 344 23.38 -163.38 -31.57
CA LEU N 344 23.54 -161.97 -31.88
C LEU N 344 24.99 -161.58 -32.05
N SER N 345 25.28 -160.99 -33.21
CA SER N 345 26.61 -160.51 -33.57
C SER N 345 27.24 -159.58 -32.53
N THR N 346 26.39 -158.94 -31.73
CA THR N 346 26.78 -158.24 -30.53
C THR N 346 27.29 -159.17 -29.45
N PHE N 347 26.52 -160.20 -29.07
CA PHE N 347 26.68 -161.01 -27.85
C PHE N 347 28.04 -161.63 -27.52
N GLN N 348 29.04 -161.52 -28.37
CA GLN N 348 30.34 -162.13 -28.18
C GLN N 348 31.18 -161.50 -27.06
N GLN N 349 30.74 -160.33 -26.57
CA GLN N 349 31.31 -159.75 -25.36
C GLN N 349 30.46 -160.01 -24.10
N MET N 350 29.41 -160.82 -24.24
CA MET N 350 28.53 -161.16 -23.15
C MET N 350 28.75 -162.57 -22.62
N TRP N 351 29.16 -163.55 -23.45
CA TRP N 351 29.61 -164.87 -22.97
C TRP N 351 30.71 -164.83 -21.91
N ILE N 352 30.81 -165.88 -21.07
CA ILE N 352 32.01 -166.08 -20.27
C ILE N 352 32.91 -167.02 -21.08
N THR N 353 34.16 -166.66 -21.36
CA THR N 353 35.09 -167.56 -22.04
C THR N 353 35.73 -168.55 -21.06
N LYS N 354 36.16 -169.71 -21.56
CA LYS N 354 36.97 -170.66 -20.81
C LYS N 354 38.22 -170.04 -20.20
N GLN N 355 38.86 -169.15 -20.96
CA GLN N 355 39.99 -168.37 -20.47
C GLN N 355 39.62 -167.56 -19.23
N GLU N 356 38.62 -166.67 -19.30
CA GLU N 356 38.02 -166.02 -18.14
C GLU N 356 37.79 -166.93 -16.93
N TYR N 357 37.40 -168.19 -17.17
CA TYR N 357 37.33 -169.17 -16.09
C TYR N 357 38.71 -169.55 -15.56
N ASP N 358 39.67 -169.83 -16.43
CA ASP N 358 40.97 -170.30 -15.98
C ASP N 358 41.80 -169.19 -15.33
N GLU N 359 41.53 -167.93 -15.67
CA GLU N 359 42.04 -166.80 -14.91
C GLU N 359 41.32 -166.59 -13.60
N ALA N 360 40.00 -166.38 -13.67
CA ALA N 360 39.26 -165.86 -12.55
C ALA N 360 38.44 -166.84 -11.73
N GLY N 361 38.08 -168.01 -12.26
CA GLY N 361 37.29 -168.99 -11.51
C GLY N 361 35.78 -168.75 -11.49
N PRO N 362 34.98 -169.67 -10.89
CA PRO N 362 33.52 -169.75 -11.04
C PRO N 362 32.65 -168.54 -10.66
N SER N 363 33.13 -167.72 -9.72
CA SER N 363 32.41 -166.58 -9.18
C SER N 363 32.21 -165.41 -10.16
N ILE N 364 32.73 -165.58 -11.38
CA ILE N 364 32.46 -164.73 -12.52
C ILE N 364 31.05 -164.88 -13.10
N VAL N 365 30.29 -165.93 -12.73
CA VAL N 365 28.92 -166.13 -13.21
C VAL N 365 27.83 -165.08 -12.87
#